data_7EIZ
#
_entry.id   7EIZ
#
loop_
_entity.id
_entity.type
_entity.pdbx_description
1 polymer 'RNA-directed RNA polymerase'
2 polymer 'Non-structural protein 8'
3 polymer 'Non-structural protein 7'
4 polymer 'Non-structural protein 9'
5 polymer 'Non-structural protein 10'
6 polymer primer
7 polymer template
8 polymer 'Proofreading exoribonuclease'
9 polymer Helicase
10 non-polymer 'ZINC ION'
11 non-polymer 'MAGNESIUM ION'
#
loop_
_entity_poly.entity_id
_entity_poly.type
_entity_poly.pdbx_seq_one_letter_code
_entity_poly.pdbx_strand_id
1 'polypeptide(L)'
;SADAQSFLNRVCGVSAARLTPCGTGTSTDVVYRAFDIYNDKVAGFAKFLKTNCCRFQEKDEDDNLIDSYFVVKRHTFSNY
QHEETIYNLLKDCPAVAKHDFFKFRIDGDMVPHISRQRLTKYTMADLVYALRHFDEGNCDTLKEILVTYNCCDDDYFNKK
DWYDFVENPDILRVYANLGERVRQALLKTVQFCDAMRNAGIVGVLTLDNQDLNGNWYDFGDFIQTTPGSGVPVVDSYYSL
LMPILTLTRALTAESHVDTDLTKPYIKWDLLKYDFTEERLKLFDRYFKYWDQTYHPNCVNCLDDRCILHCANFNVLFSTV
FPPTSFGPLVRKIFVDGVPFVVSTGYHFRELGVVHNQDVNLHSSRLSFKELLVYAADPAMHAASGNLLLDKRTTCFSVAA
LTNNVAFQTVKPGNFNKDFYDFAVSKGFFKEGSSVELKHFFFAQDGNAAISDYDYYRYNLPTMCDIRQLLFVVEVVDKYF
DCYDGGCINANQVIVNNLDKSAGFPFNKWGKARLYYDSMSYEDQDALFAYTKRNVIPTITQMNLKYAISAKNRARTVAGV
SICSTMTNRQFHQKLLKSIAATRGATVVIGTSKFYGGWHNMLKTVYSDVENPHLMGWDYPKCDRAMPNMLRIMASLVLAR
KHTTCCSLSHRFYRLANECAQVLSEMVMCGGSLYVKPGGTSSGDATTAYANSVFNICQAVTANVNALLSTDGNKIADKYV
RNLQHRLYECLYRNRDVDTDFVNEFYAYLRKHFSMMILSDDAVVCFNSTYASQGLVASIKNFKSVLYYQNNVFMSEAKCW
TETDLTKGPHEFCSQHTMLVKQGDDYVYLPYPDPSRILGAGCFVDDIVKTDGTLMIERFVSLAIDAYPLTKHPNQEYADV
FHLYLQYIRKLHDELTGHMLDMYSVMLTNDNTSRYWEPEFYEAMYTPHT
;
A
2 'polypeptide(L)'
;AIASEFSSLPSYAAFATAQEAYEQAVANGDSEVVLKKLKKSLNVAKSEFDRDAAMQRKLEKMADQAMTQMYKQARSEDKR
AKVTSAMQTMLFTMLRKLDNDALNNIINNARDGCVPLNIIPLTTAAKLMVVIPDYNTYKNTCDGTTFTYASALWEIQQVV
DADSKIVQLSEISMDNSPNLAWPLIVTALRANSAVKLQ
;
B,D
3 'polypeptide(L)'
;SKMSDVKCTSVVLLSVLQQLRVESSSKLWAQCVQLHNDILLAKDTTEAFEKMVSLLSVLLSMQGAVDINKLCEEMLDNRA
TLQ
;
C
4 'polypeptide(L)'
;NNELSPVALRQMSCAAGTTQTACTDDNALAYYNTTKGGRFVLALLSDLQDLKWARFPKSDGTGTIYTELEPPCRFVTDTP
KGPKVKYLYFIKGLNNLNRGMVLGSLAATVRLQ
;
G
5 'polypeptide(L)'
;AGNATEVPANSTVLSFCAFAVDAAKAYKDYLASGGQPITNCVKMLCTHTGTGQAITVTPEANMDQESFGGASCCLYCRCH
IDHPNPKGFCDLKGKYVQIPTTCANDPVGFTLKNTVCTVCGMWKGYGCSCDQLREPMLQ
;
H
6 'polyribonucleotide' GCGGUAGUAGCAUGCUAGGGAGCAG I
7 'polyribonucleotide' UGACUGCUCCCUAGCAUGCUACUACCG J
8 'polypeptide(L)'
;AENVTGLFKDCSKVITGLHPTQAPTHLSVDTKFKTEGLCVDIPGIPKDMTYRRLISMMGFKMNYQVNGYPNMFITREEAI
RHVRAWIGFDVEGCHATREAVGTNLPLQLGFSTGVNLVAVPTGYVDTPNNTDFSRVSAKPPPGDQFKHLIPLMYKGLPWN
VVRIKIVQMLSDTLKNLSDRVVFVLWAHGFELTSMKYFVKIGPERTCCLCDRRATCFSTASDTYACWHHSIGFDYVYNPF
MIDVQQWGFTGNLQSNHDLYCQVHGNAHVASCDAIMTRCLAVHECFVKRVDWTIEYPIIGDELKINAACRKVQHMVVKAA
LLADKFPVLHDIGNPKAIKCVPQADVEWKFYDAQPCSDKAYKIEELFYSYATHSDKFTDGVCLFWNCNVDRYPANSIVCR
FDTRVLSNLNLPGCDGGSLYVNKHAFHTPAFDKSAFVNLKQLPFFYYSDSPCESHGKQVVSDIDYVPLKSATCITRCNLG
GAVCRHHANEYRLYLDAYNMMISAGFSLWVYKQFDTYNLWNTFTRLQ
;
K
9 'polypeptide(L)'
;AVGACVLCNSQTSLRCGACIRRPFLCCKCCYDHVISTSHKLVLSVNPYVCNAPGCDVTDVTQLYLGGMSYYCKSHKPPIS
FPLCANGQVFGLYKNTCVGSDNVTDFNAIATCDWTNAGDYILANTCTERLKLFAAETLKATEETFKLSYGIATVREVLSD
RELHLSWEVGKPRPPLNRNYVFTGYRVTKNSKVQIGEYTFEKGDYGDAVVYRGTTTYKLNVGDYFVLTSHTVMPLSAPTL
VPQEHYVRITGLYPTLNISDEFSSNVANYQKVGMQKYSTLQGPPGTGKSHFAIGLALYYPSARIVYTACSHAAVDALCEK
ALKYLPIDKCSRIIPARARVECFDKFKVNSTLEQYVFCTVNALPETTADIVVFDEISMATNYDLSVVNARLRAKHYVYIG
DPAQLPAPRTLLTKGTLEPEYFNSVCRLMKTIGPDMFLGTCRRCPAEIVDTVSALVYDNKLKAHKDKSAQCFKMFYKGVI
THDVSSAINRPQIGVVREFLTRNPAWRKAVFISPYNSQNAVASKILGLPTQTVDSSQGSEYDYVIFTQTTETAHSCNVNR
FNVAITRAKVGILCIMSDRDLYDKLQFTSLEIPRRNVATLQ
;
E,F
#
# COMPACT_ATOMS: atom_id res chain seq x y z
N ALA A 4 63.78 26.00 -24.03
CA ALA A 4 62.44 25.42 -23.95
C ALA A 4 61.41 26.50 -23.71
N GLN A 5 61.77 27.40 -22.81
CA GLN A 5 60.82 28.32 -22.18
C GLN A 5 60.04 29.15 -23.16
N SER A 6 60.67 29.64 -24.21
CA SER A 6 59.98 30.52 -25.16
C SER A 6 58.62 29.94 -25.48
N PHE A 7 58.57 28.64 -25.78
CA PHE A 7 57.30 27.93 -25.83
C PHE A 7 56.51 28.15 -24.55
N LEU A 8 56.97 27.56 -23.45
CA LEU A 8 56.27 27.74 -22.18
C LEU A 8 55.90 29.18 -21.97
N ASN A 9 56.83 30.08 -22.23
CA ASN A 9 56.43 31.45 -22.33
C ASN A 9 55.29 31.59 -23.32
N ARG A 10 55.51 31.22 -24.56
CA ARG A 10 54.56 31.59 -25.59
C ARG A 10 53.25 30.94 -25.43
N VAL A 11 53.02 30.02 -24.51
CA VAL A 11 51.68 29.55 -24.23
C VAL A 11 51.14 30.14 -22.94
N CYS A 12 51.96 30.87 -22.21
CA CYS A 12 51.36 31.68 -21.17
C CYS A 12 50.71 32.92 -21.75
N GLY A 13 50.55 32.96 -23.08
CA GLY A 13 49.78 33.98 -23.75
C GLY A 13 49.97 35.37 -23.19
N VAL A 14 48.94 35.88 -22.52
CA VAL A 14 48.98 37.21 -21.92
C VAL A 14 48.71 37.21 -20.44
N SER A 15 48.31 36.11 -19.81
CA SER A 15 47.71 36.18 -18.48
C SER A 15 48.57 35.45 -17.47
N ALA A 16 48.54 35.93 -16.23
CA ALA A 16 49.08 35.28 -15.04
C ALA A 16 50.29 34.41 -15.30
N ALA A 17 51.36 35.01 -15.79
CA ALA A 17 52.57 34.24 -16.10
C ALA A 17 53.20 33.67 -14.83
N ARG A 18 52.62 32.61 -14.28
CA ARG A 18 53.12 32.01 -13.07
C ARG A 18 53.31 30.53 -13.27
N LEU A 19 53.40 30.12 -14.52
CA LEU A 19 53.27 28.71 -14.85
C LEU A 19 54.44 27.89 -14.34
N THR A 20 54.28 26.58 -14.46
CA THR A 20 55.13 25.60 -13.82
C THR A 20 54.78 24.24 -14.38
N PRO A 21 55.47 23.80 -15.42
CA PRO A 21 55.02 22.62 -16.14
C PRO A 21 55.22 21.38 -15.30
N CYS A 22 54.13 20.90 -14.71
CA CYS A 22 54.15 19.59 -14.07
C CYS A 22 54.14 18.49 -15.13
N GLY A 23 54.30 18.86 -16.39
CA GLY A 23 54.53 17.89 -17.43
C GLY A 23 55.96 17.38 -17.38
N THR A 24 56.68 17.49 -18.50
CA THR A 24 58.02 16.94 -18.62
C THR A 24 58.94 18.03 -19.18
N GLY A 25 58.89 18.29 -20.49
CA GLY A 25 59.68 19.36 -21.08
C GLY A 25 58.87 20.08 -22.13
N THR A 26 58.94 19.62 -23.37
CA THR A 26 58.02 20.02 -24.41
C THR A 26 57.30 18.83 -25.00
N SER A 27 57.34 17.71 -24.31
CA SER A 27 56.62 16.52 -24.69
C SER A 27 55.25 16.51 -24.04
N THR A 28 54.43 15.57 -24.47
CA THR A 28 53.07 15.49 -23.96
C THR A 28 53.07 14.94 -22.54
N ASP A 29 51.92 14.43 -22.15
CA ASP A 29 51.73 13.86 -20.83
C ASP A 29 51.00 12.54 -20.99
N VAL A 30 50.87 11.81 -19.89
CA VAL A 30 50.17 10.54 -19.88
C VAL A 30 49.27 10.51 -18.65
N VAL A 31 47.98 10.46 -18.87
CA VAL A 31 47.00 10.59 -17.81
C VAL A 31 46.10 9.38 -17.86
N TYR A 32 45.64 8.96 -16.70
CA TYR A 32 44.74 7.83 -16.61
C TYR A 32 43.36 8.38 -16.33
N ARG A 33 42.62 8.67 -17.39
CA ARG A 33 41.39 9.43 -17.23
C ARG A 33 40.22 8.62 -17.75
N ALA A 34 39.06 8.85 -17.15
CA ALA A 34 37.90 7.99 -17.36
C ALA A 34 36.90 8.66 -18.28
N PHE A 35 36.94 8.28 -19.55
CA PHE A 35 36.16 8.92 -20.59
C PHE A 35 34.80 8.28 -20.67
N ASP A 36 33.94 8.97 -21.38
CA ASP A 36 32.77 8.41 -22.03
C ASP A 36 33.03 8.45 -23.52
N ILE A 37 33.18 7.29 -24.14
CA ILE A 37 33.68 7.20 -25.51
C ILE A 37 32.69 6.39 -26.32
N TYR A 38 32.55 6.71 -27.59
CA TYR A 38 31.77 5.88 -28.50
C TYR A 38 32.07 6.26 -29.93
N ASN A 39 33.12 5.69 -30.50
CA ASN A 39 33.41 5.89 -31.90
C ASN A 39 32.51 4.99 -32.71
N ASP A 40 33.07 4.37 -33.74
CA ASP A 40 32.31 3.37 -34.47
C ASP A 40 32.63 1.97 -34.01
N LYS A 41 33.81 1.77 -33.43
CA LYS A 41 34.27 0.44 -33.07
C LYS A 41 34.21 0.16 -31.58
N VAL A 42 34.69 1.06 -30.74
CA VAL A 42 34.65 0.83 -29.30
C VAL A 42 33.48 1.59 -28.74
N ALA A 43 33.25 1.42 -27.44
CA ALA A 43 32.16 2.13 -26.78
C ALA A 43 32.30 1.91 -25.29
N GLY A 44 31.74 2.81 -24.52
CA GLY A 44 31.57 2.56 -23.12
C GLY A 44 31.87 3.78 -22.28
N PHE A 45 31.95 3.53 -20.98
CA PHE A 45 32.21 4.54 -19.96
C PHE A 45 33.38 4.00 -19.18
N ALA A 46 34.60 4.23 -19.65
CA ALA A 46 35.67 3.43 -19.09
C ALA A 46 36.92 4.27 -19.03
N LYS A 47 37.92 3.74 -18.36
CA LYS A 47 39.05 4.53 -17.91
C LYS A 47 40.24 4.26 -18.79
N PHE A 48 40.49 5.15 -19.73
CA PHE A 48 41.55 4.92 -20.68
C PHE A 48 42.79 5.64 -20.22
N LEU A 49 43.83 5.51 -21.03
CA LEU A 49 45.10 6.19 -20.84
C LEU A 49 45.20 7.18 -21.98
N LYS A 50 45.03 8.45 -21.67
CA LYS A 50 45.05 9.47 -22.71
C LYS A 50 46.36 10.23 -22.66
N THR A 51 46.78 10.76 -23.81
CA THR A 51 48.13 11.30 -23.88
C THR A 51 48.34 12.40 -24.91
N ASN A 52 47.35 12.79 -25.69
CA ASN A 52 47.54 13.90 -26.62
C ASN A 52 47.23 15.22 -25.91
N CYS A 53 48.13 15.61 -25.01
CA CYS A 53 47.96 16.87 -24.30
C CYS A 53 49.25 17.21 -23.58
N CYS A 54 49.62 18.48 -23.60
CA CYS A 54 50.61 19.04 -22.70
C CYS A 54 49.87 19.80 -21.61
N ARG A 55 50.32 19.68 -20.38
CA ARG A 55 49.55 20.11 -19.23
C ARG A 55 50.37 21.03 -18.34
N PHE A 56 49.85 22.22 -18.07
CA PHE A 56 50.56 23.20 -17.25
C PHE A 56 49.73 23.52 -16.03
N GLN A 57 50.34 23.42 -14.86
CA GLN A 57 49.69 23.82 -13.62
C GLN A 57 50.00 25.27 -13.34
N GLU A 58 49.00 26.11 -13.44
CA GLU A 58 49.19 27.52 -13.16
C GLU A 58 49.35 27.70 -11.67
N LYS A 59 50.37 28.46 -11.30
CA LYS A 59 50.66 28.73 -9.91
C LYS A 59 50.08 30.07 -9.50
N ASP A 60 50.39 30.45 -8.29
CA ASP A 60 49.76 31.57 -7.63
C ASP A 60 50.83 32.53 -7.15
N GLU A 61 50.44 33.79 -6.95
CA GLU A 61 51.27 34.69 -6.19
C GLU A 61 51.60 34.04 -4.86
N ASP A 62 52.77 34.37 -4.33
CA ASP A 62 53.37 33.71 -3.17
C ASP A 62 53.85 32.31 -3.52
N ASP A 63 53.55 31.86 -4.74
CA ASP A 63 54.22 30.72 -5.36
C ASP A 63 53.82 29.40 -4.72
N ASN A 64 52.56 29.35 -4.32
CA ASN A 64 51.79 28.17 -3.98
C ASN A 64 51.05 27.66 -5.21
N LEU A 65 50.79 26.36 -5.24
CA LEU A 65 49.98 25.85 -6.34
C LEU A 65 48.53 26.28 -6.16
N ILE A 66 47.77 26.15 -7.24
CA ILE A 66 46.41 26.66 -7.27
C ILE A 66 45.67 26.01 -8.42
N ASP A 67 44.45 25.57 -8.14
CA ASP A 67 43.69 24.70 -9.01
C ASP A 67 43.21 25.45 -10.23
N SER A 68 44.07 25.51 -11.23
CA SER A 68 43.70 26.01 -12.54
C SER A 68 44.72 25.45 -13.48
N TYR A 69 44.42 25.43 -14.77
CA TYR A 69 45.29 24.69 -15.65
C TYR A 69 45.27 25.29 -17.02
N PHE A 70 46.36 25.12 -17.74
CA PHE A 70 46.35 25.36 -19.17
C PHE A 70 46.63 24.04 -19.86
N VAL A 71 45.67 23.57 -20.62
CA VAL A 71 45.79 22.30 -21.29
C VAL A 71 45.95 22.59 -22.76
N VAL A 72 47.09 22.21 -23.34
CA VAL A 72 47.38 22.52 -24.73
C VAL A 72 47.44 21.23 -25.53
N LYS A 73 46.57 21.13 -26.51
CA LYS A 73 46.48 19.94 -27.34
C LYS A 73 47.05 20.23 -28.71
N ARG A 74 47.51 19.17 -29.36
CA ARG A 74 48.19 19.25 -30.64
C ARG A 74 47.61 18.23 -31.60
N HIS A 75 46.96 18.70 -32.65
CA HIS A 75 46.36 17.73 -33.56
C HIS A 75 46.35 18.24 -34.99
N THR A 76 45.47 17.72 -35.82
CA THR A 76 45.61 17.91 -37.25
C THR A 76 45.35 19.34 -37.67
N PHE A 77 46.08 19.76 -38.69
CA PHE A 77 45.85 21.07 -39.26
C PHE A 77 44.40 21.25 -39.67
N SER A 78 43.89 20.36 -40.51
CA SER A 78 42.50 20.46 -40.93
C SER A 78 41.58 20.61 -39.73
N ASN A 79 41.72 19.71 -38.76
CA ASN A 79 40.91 19.80 -37.57
C ASN A 79 41.19 21.10 -36.83
N TYR A 80 42.41 21.58 -36.90
CA TYR A 80 42.71 22.87 -36.32
C TYR A 80 41.80 23.95 -36.90
N GLN A 81 41.58 23.93 -38.20
CA GLN A 81 40.67 24.88 -38.80
C GLN A 81 39.23 24.73 -38.36
N HIS A 82 38.73 23.51 -38.32
CA HIS A 82 37.36 23.27 -37.93
C HIS A 82 37.17 23.85 -36.56
N GLU A 83 38.04 23.48 -35.63
CA GLU A 83 37.88 23.94 -34.28
C GLU A 83 37.91 25.43 -34.28
N GLU A 84 38.74 26.00 -35.13
CA GLU A 84 38.85 27.43 -35.19
C GLU A 84 37.56 28.05 -35.61
N THR A 85 37.13 27.75 -36.82
CA THR A 85 35.93 28.42 -37.30
C THR A 85 34.78 28.21 -36.34
N ILE A 86 34.68 27.02 -35.74
CA ILE A 86 33.62 26.84 -34.75
C ILE A 86 33.81 27.80 -33.60
N TYR A 87 34.94 27.71 -32.90
CA TYR A 87 35.18 28.60 -31.77
C TYR A 87 34.91 30.04 -32.15
N ASN A 88 35.31 30.41 -33.37
CA ASN A 88 35.11 31.79 -33.79
C ASN A 88 33.64 32.09 -33.96
N LEU A 89 32.82 31.06 -34.17
CA LEU A 89 31.39 31.33 -34.24
C LEU A 89 30.80 31.56 -32.86
N LEU A 90 31.40 30.97 -31.85
CA LEU A 90 30.70 30.74 -30.60
C LEU A 90 31.43 31.27 -29.37
N LYS A 91 32.25 32.30 -29.52
CA LYS A 91 33.05 32.75 -28.39
C LYS A 91 32.25 33.63 -27.44
N ASP A 92 31.04 33.24 -27.10
CA ASP A 92 30.16 34.15 -26.38
C ASP A 92 29.50 33.55 -25.15
N CYS A 93 28.72 32.50 -25.30
CA CYS A 93 27.97 32.00 -24.17
C CYS A 93 28.92 31.59 -23.07
N PRO A 94 28.94 32.30 -21.94
CA PRO A 94 30.05 32.19 -20.98
C PRO A 94 30.38 30.79 -20.53
N ALA A 95 29.59 29.80 -20.86
CA ALA A 95 30.00 28.47 -20.43
C ALA A 95 31.11 27.88 -21.28
N VAL A 96 31.84 28.68 -22.03
CA VAL A 96 32.89 28.20 -22.92
C VAL A 96 34.25 28.59 -22.36
N ALA A 97 35.07 27.61 -22.07
CA ALA A 97 36.43 27.89 -21.65
C ALA A 97 37.15 28.64 -22.74
N LYS A 98 37.76 29.75 -22.37
CA LYS A 98 38.30 30.67 -23.37
C LYS A 98 39.50 30.04 -24.04
N HIS A 99 39.32 29.55 -25.25
CA HIS A 99 40.40 28.92 -25.96
C HIS A 99 41.37 29.97 -26.47
N ASP A 100 42.47 29.48 -27.02
CA ASP A 100 43.38 30.31 -27.80
C ASP A 100 44.17 29.43 -28.72
N PHE A 101 44.14 29.73 -30.01
CA PHE A 101 44.83 28.95 -31.01
C PHE A 101 46.21 29.52 -31.25
N PHE A 102 47.09 28.73 -31.84
CA PHE A 102 48.28 29.30 -32.45
C PHE A 102 49.01 28.23 -33.24
N LYS A 103 50.03 28.67 -33.96
CA LYS A 103 50.97 27.80 -34.63
C LYS A 103 52.31 27.95 -33.98
N PHE A 104 52.92 26.84 -33.61
CA PHE A 104 54.24 26.93 -33.00
C PHE A 104 55.14 25.92 -33.67
N ARG A 105 56.43 26.12 -33.50
CA ARG A 105 57.43 25.25 -34.09
C ARG A 105 58.04 24.38 -33.01
N ILE A 106 58.21 23.10 -33.31
CA ILE A 106 58.91 22.21 -32.41
C ILE A 106 60.33 22.08 -32.89
N ASP A 107 60.51 21.65 -34.13
CA ASP A 107 61.84 21.48 -34.68
C ASP A 107 61.94 22.30 -35.96
N GLY A 108 61.71 21.65 -37.09
CA GLY A 108 61.49 22.40 -38.30
C GLY A 108 60.00 22.33 -38.57
N ASP A 109 59.30 21.72 -37.64
CA ASP A 109 57.89 21.41 -37.80
C ASP A 109 57.07 22.58 -37.28
N MET A 110 56.19 23.10 -38.12
CA MET A 110 55.20 24.05 -37.65
C MET A 110 53.95 23.31 -37.19
N VAL A 111 53.99 22.80 -35.98
CA VAL A 111 52.88 22.07 -35.37
C VAL A 111 51.85 23.05 -34.83
N PRO A 112 50.55 22.82 -35.09
CA PRO A 112 49.54 23.69 -34.49
C PRO A 112 49.39 23.37 -33.02
N HIS A 113 48.67 24.24 -32.34
CA HIS A 113 48.43 24.03 -30.92
C HIS A 113 47.18 24.76 -30.55
N ILE A 114 46.35 24.13 -29.74
CA ILE A 114 45.22 24.80 -29.15
C ILE A 114 45.44 24.84 -27.67
N SER A 115 45.05 25.92 -27.04
CA SER A 115 45.34 26.20 -25.66
C SER A 115 44.04 26.47 -24.96
N ARG A 116 43.54 25.49 -24.26
CA ARG A 116 42.38 25.66 -23.42
C ARG A 116 42.85 26.27 -22.11
N GLN A 117 42.23 27.38 -21.73
CA GLN A 117 42.75 28.25 -20.69
C GLN A 117 41.93 28.11 -19.41
N ARG A 118 42.61 27.90 -18.30
CA ARG A 118 41.98 27.83 -16.98
C ARG A 118 40.85 26.82 -16.95
N LEU A 119 41.20 25.57 -16.73
CA LEU A 119 40.20 24.52 -16.68
C LEU A 119 40.06 24.02 -15.26
N THR A 120 40.15 22.71 -15.06
CA THR A 120 40.21 22.14 -13.73
C THR A 120 40.84 20.77 -13.84
N LYS A 121 41.63 20.43 -12.84
CA LYS A 121 42.44 19.22 -12.94
C LYS A 121 41.61 18.03 -13.37
N TYR A 122 40.38 17.94 -12.89
CA TYR A 122 39.49 16.84 -13.21
C TYR A 122 38.43 17.29 -14.19
N THR A 123 37.40 16.48 -14.32
CA THR A 123 36.26 16.77 -15.16
C THR A 123 35.05 16.10 -14.56
N MET A 124 33.86 16.45 -15.04
CA MET A 124 32.67 15.84 -14.46
C MET A 124 32.73 14.34 -14.59
N ALA A 125 33.39 13.84 -15.62
CA ALA A 125 33.60 12.42 -15.73
C ALA A 125 34.17 11.84 -14.45
N ASP A 126 35.43 12.14 -14.14
CA ASP A 126 36.03 11.53 -12.96
C ASP A 126 35.11 11.56 -11.77
N LEU A 127 34.35 12.62 -11.59
CA LEU A 127 33.38 12.60 -10.52
C LEU A 127 32.39 11.46 -10.69
N VAL A 128 31.50 11.58 -11.68
CA VAL A 128 30.41 10.62 -11.79
C VAL A 128 30.94 9.20 -11.84
N TYR A 129 31.98 8.99 -12.61
CA TYR A 129 32.52 7.65 -12.67
C TYR A 129 32.97 7.19 -11.31
N ALA A 130 34.02 7.80 -10.76
CA ALA A 130 34.53 7.26 -9.53
C ALA A 130 33.60 7.52 -8.37
N LEU A 131 32.34 7.84 -8.65
CA LEU A 131 31.36 7.69 -7.60
C LEU A 131 30.39 6.55 -7.85
N ARG A 132 30.09 6.22 -9.10
CA ARG A 132 29.28 5.05 -9.37
C ARG A 132 30.04 3.76 -9.15
N HIS A 133 31.32 3.73 -9.46
CA HIS A 133 32.09 2.51 -9.47
C HIS A 133 33.04 2.52 -8.29
N PHE A 134 32.49 2.83 -7.14
CA PHE A 134 33.26 2.95 -5.93
C PHE A 134 33.99 1.64 -5.64
N ASP A 135 35.00 1.71 -4.79
CA ASP A 135 35.65 0.52 -4.27
C ASP A 135 36.68 0.91 -3.24
N GLU A 136 36.33 0.83 -1.96
CA GLU A 136 37.10 1.49 -0.91
C GLU A 136 38.57 1.15 -0.93
N GLY A 137 38.97 0.04 -1.55
CA GLY A 137 40.37 -0.28 -1.57
C GLY A 137 41.24 0.73 -2.26
N ASN A 138 40.65 1.57 -3.10
CA ASN A 138 41.40 2.50 -3.92
C ASN A 138 40.45 3.51 -4.55
N CYS A 139 39.96 4.44 -3.75
CA CYS A 139 38.96 5.36 -4.26
C CYS A 139 39.55 6.75 -4.32
N ASP A 140 40.89 6.83 -4.34
CA ASP A 140 41.57 8.06 -3.93
C ASP A 140 41.01 9.30 -4.60
N THR A 141 40.80 9.28 -5.92
CA THR A 141 40.37 10.49 -6.59
C THR A 141 39.19 11.10 -5.89
N LEU A 142 38.34 10.27 -5.31
CA LEU A 142 37.33 10.79 -4.41
C LEU A 142 37.97 11.57 -3.29
N LYS A 143 39.00 11.00 -2.66
CA LYS A 143 39.61 11.73 -1.56
C LYS A 143 40.11 13.06 -2.03
N GLU A 144 40.76 13.09 -3.17
CA GLU A 144 41.45 14.29 -3.58
C GLU A 144 40.48 15.35 -4.04
N ILE A 145 39.37 14.95 -4.65
CA ILE A 145 38.35 15.95 -4.94
C ILE A 145 37.79 16.50 -3.65
N LEU A 146 37.31 15.62 -2.79
CA LEU A 146 36.57 16.09 -1.62
C LEU A 146 37.42 17.01 -0.76
N VAL A 147 38.73 16.81 -0.72
CA VAL A 147 39.49 17.81 0.00
C VAL A 147 39.70 19.03 -0.87
N THR A 148 39.74 18.87 -2.20
CA THR A 148 40.03 20.01 -3.04
C THR A 148 38.93 21.06 -2.94
N TYR A 149 37.68 20.64 -2.82
CA TYR A 149 36.57 21.58 -2.70
C TYR A 149 36.08 21.71 -1.26
N ASN A 150 36.99 21.63 -0.30
CA ASN A 150 36.70 21.98 1.09
C ASN A 150 35.49 21.26 1.63
N CYS A 151 35.15 20.12 1.07
CA CYS A 151 34.02 19.39 1.60
C CYS A 151 34.38 18.80 2.97
N CYS A 152 35.59 18.31 3.12
CA CYS A 152 36.12 18.02 4.44
C CYS A 152 37.63 17.88 4.40
N ASP A 153 38.23 18.08 5.56
CA ASP A 153 39.67 18.13 5.71
C ASP A 153 40.21 16.72 5.83
N ASP A 154 41.47 16.56 5.43
CA ASP A 154 41.99 15.22 5.17
C ASP A 154 41.81 14.27 6.34
N ASP A 155 42.03 14.76 7.55
CA ASP A 155 41.97 13.89 8.72
C ASP A 155 40.78 12.95 8.70
N TYR A 156 39.65 13.37 8.13
CA TYR A 156 38.44 12.58 8.22
C TYR A 156 38.67 11.20 7.66
N PHE A 157 39.42 11.11 6.58
CA PHE A 157 39.47 9.89 5.80
C PHE A 157 40.16 8.77 6.52
N ASN A 158 41.04 9.06 7.46
CA ASN A 158 41.68 8.00 8.20
C ASN A 158 40.79 7.41 9.28
N LYS A 159 39.78 8.13 9.73
CA LYS A 159 38.81 7.50 10.61
C LYS A 159 38.06 6.44 9.82
N LYS A 160 38.42 5.18 9.99
CA LYS A 160 37.84 4.17 9.11
C LYS A 160 36.35 4.06 9.33
N ASP A 161 35.68 3.45 8.35
CA ASP A 161 34.26 3.66 8.13
C ASP A 161 33.95 5.10 7.83
N TRP A 162 34.74 5.72 7.00
CA TRP A 162 34.31 7.01 6.52
C TRP A 162 33.40 6.87 5.31
N TYR A 163 33.52 5.78 4.55
CA TYR A 163 32.71 5.61 3.34
C TYR A 163 31.35 5.00 3.59
N ASP A 164 31.02 4.70 4.81
CA ASP A 164 29.87 3.84 5.03
C ASP A 164 28.57 4.59 4.80
N PHE A 165 27.51 4.05 5.37
CA PHE A 165 26.18 4.63 5.29
C PHE A 165 25.30 4.16 6.42
N VAL A 166 25.13 2.85 6.54
CA VAL A 166 24.51 2.30 7.74
C VAL A 166 25.34 2.66 8.95
N GLU A 167 26.62 2.89 8.73
CA GLU A 167 27.53 3.36 9.74
C GLU A 167 27.96 4.77 9.39
N ASN A 168 28.28 5.56 10.40
CA ASN A 168 28.86 6.86 10.11
C ASN A 168 27.96 7.68 9.19
N PRO A 169 26.64 7.61 9.33
CA PRO A 169 25.76 8.22 8.32
C PRO A 169 25.92 9.71 8.19
N ASP A 170 26.61 10.34 9.12
CA ASP A 170 27.06 11.70 8.91
C ASP A 170 27.81 11.86 7.60
N ILE A 171 28.36 10.78 7.04
CA ILE A 171 28.98 10.85 5.73
C ILE A 171 28.12 11.61 4.78
N LEU A 172 26.80 11.50 4.91
CA LEU A 172 25.90 12.22 4.01
C LEU A 172 26.25 13.68 3.90
N ARG A 173 26.28 14.36 5.05
CA ARG A 173 26.53 15.78 5.03
C ARG A 173 27.81 16.09 4.26
N VAL A 174 28.83 15.24 4.39
CA VAL A 174 30.06 15.48 3.63
C VAL A 174 29.75 15.58 2.15
N TYR A 175 29.16 14.54 1.58
CA TYR A 175 28.75 14.63 0.19
C TYR A 175 27.92 15.87 -0.03
N ALA A 176 27.01 16.15 0.89
CA ALA A 176 26.12 17.26 0.67
C ALA A 176 26.87 18.53 0.39
N ASN A 177 28.05 18.72 0.98
CA ASN A 177 28.76 19.98 0.85
C ASN A 177 29.14 20.28 -0.59
N LEU A 178 29.25 19.25 -1.39
CA LEU A 178 29.58 19.34 -2.80
C LEU A 178 28.40 19.78 -3.62
N GLY A 179 27.21 19.41 -3.18
CA GLY A 179 26.05 19.46 -4.05
C GLY A 179 25.95 20.74 -4.83
N GLU A 180 25.96 21.87 -4.13
CA GLU A 180 25.69 23.14 -4.78
C GLU A 180 26.51 23.27 -6.06
N ARG A 181 27.77 22.90 -6.04
CA ARG A 181 28.60 23.15 -7.20
C ARG A 181 28.13 22.34 -8.40
N VAL A 182 27.72 21.09 -8.18
CA VAL A 182 27.04 20.34 -9.22
C VAL A 182 25.91 21.14 -9.82
N ARG A 183 25.00 21.66 -8.98
CA ARG A 183 23.92 22.46 -9.51
C ARG A 183 24.45 23.51 -10.45
N GLN A 184 25.54 24.14 -10.06
CA GLN A 184 26.09 25.20 -10.88
C GLN A 184 26.31 24.69 -12.29
N ALA A 185 27.01 23.57 -12.44
CA ALA A 185 27.21 22.99 -13.76
C ALA A 185 25.94 23.00 -14.57
N LEU A 186 24.88 22.36 -14.06
CA LEU A 186 23.65 22.26 -14.83
C LEU A 186 23.31 23.58 -15.47
N LEU A 187 23.24 24.63 -14.66
CA LEU A 187 22.78 25.89 -15.19
C LEU A 187 23.63 26.32 -16.36
N LYS A 188 24.96 26.34 -16.19
CA LYS A 188 25.78 26.80 -17.30
C LYS A 188 25.51 26.00 -18.55
N THR A 189 25.36 24.69 -18.42
CA THR A 189 25.11 23.88 -19.59
C THR A 189 23.89 24.37 -20.35
N VAL A 190 22.81 24.69 -19.64
CA VAL A 190 21.63 25.18 -20.34
C VAL A 190 21.98 26.41 -21.16
N GLN A 191 22.64 27.39 -20.54
CA GLN A 191 23.10 28.54 -21.32
C GLN A 191 23.80 28.04 -22.56
N PHE A 192 24.76 27.16 -22.35
CA PHE A 192 25.49 26.57 -23.46
C PHE A 192 24.54 26.05 -24.52
N CYS A 193 23.65 25.13 -24.15
CA CYS A 193 22.80 24.52 -25.16
C CYS A 193 22.12 25.58 -25.98
N ASP A 194 21.60 26.61 -25.33
CA ASP A 194 20.88 27.62 -26.09
C ASP A 194 21.77 28.25 -27.13
N ALA A 195 22.97 28.67 -26.74
CA ALA A 195 23.87 29.21 -27.75
C ALA A 195 24.06 28.22 -28.86
N MET A 196 24.41 26.98 -28.51
CA MET A 196 24.72 26.01 -29.54
C MET A 196 23.52 25.72 -30.41
N ARG A 197 22.33 26.15 -29.99
CA ARG A 197 21.18 26.02 -30.88
C ARG A 197 21.11 27.20 -31.84
N ASN A 198 21.14 28.41 -31.31
CA ASN A 198 20.82 29.55 -32.14
C ASN A 198 21.93 29.81 -33.13
N ALA A 199 23.16 29.66 -32.72
CA ALA A 199 24.22 29.70 -33.69
C ALA A 199 24.12 28.58 -34.70
N GLY A 200 23.24 27.60 -34.47
CA GLY A 200 23.00 26.56 -35.44
C GLY A 200 24.08 25.52 -35.59
N ILE A 201 24.38 24.80 -34.51
CA ILE A 201 25.41 23.79 -34.52
C ILE A 201 24.76 22.45 -34.25
N VAL A 202 25.50 21.37 -34.47
CA VAL A 202 25.00 20.04 -34.20
C VAL A 202 26.13 19.24 -33.58
N GLY A 203 25.79 18.37 -32.67
CA GLY A 203 26.79 17.55 -32.02
C GLY A 203 26.19 17.01 -30.75
N VAL A 204 27.00 16.38 -29.94
CA VAL A 204 26.48 15.79 -28.72
C VAL A 204 27.36 16.21 -27.56
N LEU A 205 26.76 16.37 -26.40
CA LEU A 205 27.50 16.73 -25.22
C LEU A 205 27.84 15.48 -24.43
N THR A 206 29.08 15.38 -24.00
CA THR A 206 29.52 14.27 -23.20
C THR A 206 30.22 14.78 -21.96
N LEU A 207 30.23 13.96 -20.92
CA LEU A 207 30.73 14.44 -19.66
C LEU A 207 32.19 14.85 -19.75
N ASP A 208 33.04 14.00 -20.31
CA ASP A 208 34.46 14.37 -20.30
C ASP A 208 34.76 15.52 -21.25
N ASN A 209 33.83 16.44 -21.40
CA ASN A 209 34.10 17.80 -21.80
C ASN A 209 33.42 18.73 -20.84
N GLN A 210 34.04 18.99 -19.71
CA GLN A 210 33.37 19.74 -18.67
C GLN A 210 34.37 20.02 -17.57
N ASP A 211 35.02 21.16 -17.59
CA ASP A 211 35.79 21.51 -16.43
C ASP A 211 34.87 21.56 -15.22
N LEU A 212 35.41 21.30 -14.06
CA LEU A 212 34.52 20.86 -13.00
C LEU A 212 33.71 22.05 -12.50
N ASN A 213 34.11 23.26 -12.88
CA ASN A 213 33.29 24.42 -12.57
C ASN A 213 32.01 24.45 -13.36
N GLY A 214 32.08 24.46 -14.68
CA GLY A 214 30.91 24.63 -15.50
C GLY A 214 31.18 24.88 -16.96
N ASN A 215 32.34 25.40 -17.32
CA ASN A 215 32.60 25.75 -18.71
C ASN A 215 32.57 24.50 -19.59
N TRP A 216 32.80 24.66 -20.88
CA TRP A 216 33.01 23.52 -21.75
C TRP A 216 34.28 23.69 -22.54
N TYR A 217 34.60 22.70 -23.37
CA TYR A 217 35.62 22.99 -24.37
C TYR A 217 35.63 22.08 -25.59
N ASP A 218 35.95 20.81 -25.46
CA ASP A 218 36.57 20.05 -26.56
C ASP A 218 35.63 20.00 -27.76
N PHE A 219 35.72 21.03 -28.60
CA PHE A 219 34.72 21.37 -29.60
C PHE A 219 34.86 20.61 -30.90
N GLY A 220 35.48 19.44 -30.85
CA GLY A 220 35.91 18.80 -32.08
C GLY A 220 34.78 18.56 -33.07
N ASP A 221 33.99 17.54 -32.83
CA ASP A 221 33.22 16.89 -33.89
C ASP A 221 31.97 17.66 -34.24
N PHE A 222 31.78 18.85 -33.69
CA PHE A 222 30.54 19.51 -34.08
C PHE A 222 30.61 19.82 -35.56
N ILE A 223 29.44 20.03 -36.16
CA ILE A 223 29.37 20.37 -37.56
C ILE A 223 28.40 21.51 -37.76
N GLN A 224 28.53 22.18 -38.89
CA GLN A 224 27.85 23.41 -39.15
C GLN A 224 26.40 23.16 -39.51
N THR A 225 25.60 24.22 -39.49
CA THR A 225 24.20 24.15 -39.87
C THR A 225 23.70 25.57 -40.10
N THR A 226 22.50 25.69 -40.66
CA THR A 226 21.77 26.93 -40.61
C THR A 226 21.74 27.48 -39.18
N PRO A 227 21.77 28.80 -39.02
CA PRO A 227 21.53 29.36 -37.69
C PRO A 227 20.11 29.10 -37.28
N GLY A 228 19.82 29.41 -36.02
CA GLY A 228 18.47 29.28 -35.51
C GLY A 228 17.90 27.89 -35.64
N SER A 229 18.72 26.88 -35.85
CA SER A 229 18.21 25.52 -35.99
C SER A 229 19.21 24.48 -35.57
N GLY A 230 20.06 24.80 -34.60
CA GLY A 230 21.10 23.90 -34.14
C GLY A 230 20.57 22.95 -33.09
N VAL A 231 20.99 21.70 -33.18
CA VAL A 231 20.47 20.68 -32.26
C VAL A 231 21.60 20.16 -31.38
N PRO A 232 21.36 20.02 -30.10
CA PRO A 232 22.26 19.26 -29.25
C PRO A 232 21.74 17.86 -29.07
N VAL A 233 22.49 17.03 -28.37
CA VAL A 233 22.09 15.66 -28.09
C VAL A 233 22.33 15.37 -26.62
N VAL A 234 21.32 15.58 -25.79
CA VAL A 234 21.56 15.41 -24.37
C VAL A 234 20.84 14.21 -23.83
N ASP A 235 21.33 13.01 -24.15
CA ASP A 235 20.79 11.85 -23.48
C ASP A 235 21.88 10.92 -22.98
N SER A 236 23.13 11.17 -23.33
CA SER A 236 24.18 10.56 -22.53
C SER A 236 24.42 11.37 -21.28
N TYR A 237 24.37 12.69 -21.41
CA TYR A 237 24.76 13.58 -20.34
C TYR A 237 23.89 13.40 -19.12
N TYR A 238 22.68 13.93 -19.15
CA TYR A 238 21.81 13.73 -18.01
C TYR A 238 21.73 12.27 -17.64
N SER A 239 21.34 11.43 -18.59
CA SER A 239 21.00 10.06 -18.25
C SER A 239 22.17 9.36 -17.59
N LEU A 240 23.36 9.96 -17.61
CA LEU A 240 24.40 9.45 -16.73
C LEU A 240 24.41 10.21 -15.42
N LEU A 241 24.19 11.52 -15.48
CA LEU A 241 24.27 12.34 -14.28
C LEU A 241 23.12 12.06 -13.34
N MET A 242 22.28 11.14 -13.66
CA MET A 242 21.06 11.10 -12.88
C MET A 242 21.25 10.81 -11.40
N PRO A 243 21.92 9.73 -10.98
CA PRO A 243 21.86 9.38 -9.54
C PRO A 243 22.70 10.25 -8.61
N ILE A 244 23.81 10.80 -9.10
CA ILE A 244 24.49 11.84 -8.36
C ILE A 244 23.52 12.93 -7.95
N LEU A 245 22.52 13.18 -8.77
CA LEU A 245 21.67 14.33 -8.54
C LEU A 245 20.85 14.17 -7.28
N THR A 246 20.87 13.01 -6.66
CA THR A 246 20.36 12.96 -5.30
C THR A 246 21.20 12.10 -4.39
N LEU A 247 22.48 11.91 -4.70
CA LEU A 247 23.41 11.79 -3.58
C LEU A 247 23.70 13.17 -3.01
N THR A 248 24.19 14.09 -3.82
CA THR A 248 24.65 15.35 -3.32
C THR A 248 23.56 16.38 -3.15
N ARG A 249 22.34 16.06 -3.50
CA ARG A 249 21.21 16.96 -3.31
C ARG A 249 21.41 18.28 -4.03
N ALA A 250 21.57 18.20 -5.33
CA ALA A 250 21.91 19.41 -6.05
C ALA A 250 20.69 20.29 -6.26
N LEU A 251 19.61 19.95 -5.65
CA LEU A 251 18.45 20.84 -5.78
C LEU A 251 18.15 21.59 -4.55
N THR A 252 18.92 21.44 -3.48
CA THR A 252 18.50 22.03 -2.22
C THR A 252 18.57 23.54 -2.24
N ALA A 253 19.40 24.14 -3.09
CA ALA A 253 19.43 25.59 -3.13
C ALA A 253 18.21 26.14 -3.83
N GLU A 254 17.11 25.40 -3.87
CA GLU A 254 15.95 25.85 -4.59
C GLU A 254 14.75 26.04 -3.70
N SER A 255 14.90 25.84 -2.40
CA SER A 255 13.80 26.15 -1.51
C SER A 255 14.00 27.46 -0.77
N HIS A 256 15.13 28.12 -0.96
CA HIS A 256 15.36 29.33 -0.19
C HIS A 256 14.66 30.50 -0.82
N VAL A 257 14.57 31.58 -0.03
CA VAL A 257 13.69 32.69 -0.33
C VAL A 257 14.01 33.26 -1.69
N ASP A 258 15.19 32.97 -2.20
CA ASP A 258 15.45 33.20 -3.62
C ASP A 258 16.65 32.39 -4.07
N THR A 259 16.54 31.06 -4.00
CA THR A 259 17.57 30.20 -4.54
C THR A 259 18.94 30.66 -4.09
N ASP A 260 19.00 31.14 -2.87
CA ASP A 260 20.18 31.77 -2.28
C ASP A 260 20.43 31.05 -0.98
N LEU A 261 21.63 30.52 -0.80
CA LEU A 261 21.92 29.84 0.44
C LEU A 261 21.71 30.70 1.66
N THR A 262 21.88 32.01 1.54
CA THR A 262 21.81 32.83 2.73
C THR A 262 20.40 32.93 3.27
N LYS A 263 19.47 33.37 2.45
CA LYS A 263 18.12 33.61 2.90
C LYS A 263 17.53 32.35 3.51
N PRO A 264 16.48 32.48 4.27
CA PRO A 264 15.93 31.30 4.92
C PRO A 264 15.23 30.35 3.96
N TYR A 265 13.91 30.25 4.08
CA TYR A 265 13.13 29.38 3.22
C TYR A 265 11.92 30.11 2.69
N ILE A 266 11.39 29.62 1.58
CA ILE A 266 10.03 29.96 1.25
C ILE A 266 9.11 29.27 2.24
N LYS A 267 7.89 29.76 2.38
CA LYS A 267 6.93 29.08 3.23
C LYS A 267 5.62 28.92 2.47
N TRP A 268 5.49 27.78 1.84
CA TRP A 268 4.28 27.44 1.12
C TRP A 268 3.13 27.47 2.11
N ASP A 269 2.08 28.21 1.79
CA ASP A 269 0.99 28.25 2.75
C ASP A 269 0.43 26.87 2.96
N LEU A 270 0.11 26.56 4.21
CA LEU A 270 -0.18 25.19 4.61
C LEU A 270 -1.19 24.53 3.69
N LEU A 271 -2.05 25.30 3.07
CA LEU A 271 -3.16 24.69 2.34
C LEU A 271 -2.81 24.29 0.93
N LYS A 272 -1.69 24.73 0.39
CA LYS A 272 -1.45 24.45 -1.01
C LYS A 272 -0.96 23.04 -1.19
N TYR A 273 -1.84 22.19 -1.72
CA TYR A 273 -1.48 20.82 -2.02
C TYR A 273 -1.19 20.60 -3.49
N ASP A 274 -1.70 21.44 -4.37
CA ASP A 274 -1.64 21.16 -5.80
C ASP A 274 -0.20 21.05 -6.28
N PHE A 275 0.49 22.17 -6.39
CA PHE A 275 1.85 22.17 -6.87
C PHE A 275 1.94 21.60 -8.27
N THR A 276 1.82 22.40 -9.31
CA THR A 276 2.17 21.79 -10.58
C THR A 276 3.11 22.68 -11.36
N GLU A 277 2.63 23.83 -11.81
CA GLU A 277 3.46 24.74 -12.58
C GLU A 277 4.79 24.97 -11.91
N GLU A 278 4.88 24.82 -10.60
CA GLU A 278 6.18 24.70 -9.97
C GLU A 278 6.95 23.55 -10.60
N ARG A 279 6.52 22.32 -10.33
CA ARG A 279 7.18 21.15 -10.90
C ARG A 279 7.58 21.39 -12.33
N LEU A 280 6.65 21.84 -13.15
CA LEU A 280 6.96 21.94 -14.56
C LEU A 280 7.95 23.06 -14.81
N LYS A 281 7.97 24.08 -13.96
CA LYS A 281 8.88 25.19 -14.15
C LYS A 281 10.32 24.81 -13.81
N LEU A 282 10.51 24.22 -12.63
CA LEU A 282 11.79 23.61 -12.34
C LEU A 282 12.27 22.80 -13.52
N PHE A 283 11.42 21.93 -14.04
CA PHE A 283 11.87 21.08 -15.12
C PHE A 283 12.29 21.90 -16.32
N ASP A 284 11.55 22.95 -16.63
CA ASP A 284 11.87 23.68 -17.86
C ASP A 284 13.06 24.58 -17.67
N ARG A 285 13.45 24.85 -16.43
CA ARG A 285 14.64 25.64 -16.23
C ARG A 285 15.87 24.76 -16.20
N TYR A 286 15.72 23.51 -15.78
CA TYR A 286 16.90 22.65 -15.70
C TYR A 286 17.01 21.65 -16.83
N PHE A 287 16.10 20.70 -16.92
CA PHE A 287 16.19 19.67 -17.93
C PHE A 287 15.48 20.09 -19.20
N LYS A 288 15.81 21.24 -19.75
CA LYS A 288 14.99 21.72 -20.85
C LYS A 288 15.13 20.87 -22.08
N TYR A 289 16.35 20.59 -22.52
CA TYR A 289 16.54 19.97 -23.82
C TYR A 289 16.35 18.47 -23.79
N TRP A 290 15.78 17.94 -22.73
CA TRP A 290 15.38 16.54 -22.70
C TRP A 290 14.47 16.24 -23.88
N ASP A 291 14.40 14.98 -24.25
CA ASP A 291 13.72 14.60 -25.49
C ASP A 291 12.65 13.53 -25.29
N GLN A 292 11.74 13.77 -24.36
CA GLN A 292 10.42 13.16 -24.39
C GLN A 292 9.57 13.85 -23.36
N THR A 293 8.32 14.04 -23.68
CA THR A 293 7.49 14.96 -22.95
C THR A 293 7.45 14.62 -21.47
N TYR A 294 7.08 15.57 -20.62
CA TYR A 294 6.97 15.29 -19.19
C TYR A 294 5.64 15.81 -18.79
N HIS A 295 4.90 15.06 -17.97
CA HIS A 295 3.53 15.44 -17.61
C HIS A 295 3.27 15.15 -16.16
N PRO A 296 3.72 16.03 -15.27
CA PRO A 296 3.61 15.86 -13.84
C PRO A 296 2.73 14.78 -13.33
N ASN A 297 1.45 15.06 -13.19
CA ASN A 297 0.54 14.09 -12.66
C ASN A 297 0.63 12.86 -13.50
N CYS A 298 1.10 11.76 -12.95
CA CYS A 298 1.31 10.57 -13.75
C CYS A 298 0.06 9.98 -14.27
N VAL A 299 -1.09 10.43 -13.81
CA VAL A 299 -2.34 9.98 -14.37
C VAL A 299 -2.31 10.10 -15.88
N ASN A 300 -1.80 11.21 -16.37
CA ASN A 300 -1.81 11.41 -17.78
C ASN A 300 -0.86 10.51 -18.56
N CYS A 301 -0.09 9.64 -17.92
CA CYS A 301 0.88 8.84 -18.65
C CYS A 301 0.20 7.69 -19.38
N LEU A 302 0.93 7.14 -20.35
CA LEU A 302 0.47 6.13 -21.28
C LEU A 302 0.88 4.74 -20.84
N ASP A 303 1.47 3.98 -21.73
CA ASP A 303 1.98 2.66 -21.43
C ASP A 303 3.06 2.81 -20.39
N ASP A 304 3.00 1.97 -19.36
CA ASP A 304 3.71 2.23 -18.11
C ASP A 304 5.06 2.91 -18.32
N ARG A 305 5.79 2.55 -19.36
CA ARG A 305 7.13 3.09 -19.48
C ARG A 305 7.14 4.60 -19.42
N CYS A 306 6.12 5.25 -19.94
CA CYS A 306 6.05 6.67 -19.65
C CYS A 306 5.82 6.91 -18.17
N ILE A 307 5.23 5.96 -17.45
CA ILE A 307 5.07 6.15 -16.02
C ILE A 307 6.40 6.06 -15.31
N LEU A 308 7.32 5.27 -15.81
CA LEU A 308 8.65 5.33 -15.23
C LEU A 308 9.31 6.65 -15.56
N HIS A 309 9.28 7.04 -16.82
CA HIS A 309 10.01 8.23 -17.21
C HIS A 309 9.40 9.49 -16.62
N CYS A 310 8.28 9.38 -15.94
CA CYS A 310 7.88 10.55 -15.19
C CYS A 310 7.91 10.31 -13.68
N ALA A 311 7.91 9.07 -13.24
CA ALA A 311 8.04 8.83 -11.81
C ALA A 311 9.42 9.21 -11.32
N ASN A 312 10.44 9.09 -12.15
CA ASN A 312 11.72 9.64 -11.71
C ASN A 312 11.61 11.13 -11.41
N PHE A 313 11.48 11.93 -12.46
CA PHE A 313 11.44 13.36 -12.29
C PHE A 313 10.59 13.76 -11.11
N ASN A 314 9.57 12.99 -10.80
CA ASN A 314 8.88 13.36 -9.58
C ASN A 314 9.66 12.98 -8.34
N VAL A 315 10.36 11.84 -8.35
CA VAL A 315 11.05 11.50 -7.11
C VAL A 315 12.18 12.47 -6.88
N LEU A 316 12.50 13.24 -7.88
CA LEU A 316 13.48 14.30 -7.67
C LEU A 316 12.78 15.59 -7.23
N PHE A 317 11.91 16.16 -8.06
CA PHE A 317 11.26 17.40 -7.69
C PHE A 317 10.48 17.26 -6.40
N SER A 318 10.44 16.10 -5.80
CA SER A 318 9.68 16.09 -4.57
C SER A 318 10.56 16.19 -3.33
N THR A 319 11.85 16.44 -3.47
CA THR A 319 12.64 16.83 -2.31
C THR A 319 12.91 18.32 -2.31
N VAL A 320 11.88 19.11 -2.55
CA VAL A 320 11.96 20.56 -2.54
C VAL A 320 10.68 21.17 -2.00
N PHE A 321 9.62 20.43 -2.07
CA PHE A 321 8.34 20.79 -1.53
C PHE A 321 8.26 20.31 -0.08
N PRO A 322 7.26 20.73 0.68
CA PRO A 322 7.30 20.49 2.10
C PRO A 322 6.61 19.17 2.44
N PRO A 323 7.08 18.50 3.49
CA PRO A 323 6.54 17.19 3.82
C PRO A 323 5.29 17.22 4.66
N THR A 324 4.51 18.27 4.61
CA THR A 324 3.16 18.16 5.14
C THR A 324 2.14 17.97 4.05
N SER A 325 2.23 18.72 2.97
CA SER A 325 1.26 18.64 1.90
C SER A 325 1.40 17.37 1.09
N PHE A 326 1.94 16.32 1.66
CA PHE A 326 1.99 15.02 1.02
C PHE A 326 1.10 14.06 1.79
N GLY A 327 0.34 13.26 1.08
CA GLY A 327 -0.52 12.31 1.74
C GLY A 327 -1.96 12.50 1.33
N PRO A 328 -2.88 11.88 2.07
CA PRO A 328 -4.28 11.93 1.67
C PRO A 328 -4.81 13.35 1.62
N LEU A 329 -5.87 13.54 0.86
CA LEU A 329 -6.58 14.81 0.78
C LEU A 329 -7.99 14.57 1.26
N VAL A 330 -8.27 14.97 2.49
CA VAL A 330 -9.56 14.74 3.07
C VAL A 330 -10.54 15.75 2.50
N ARG A 331 -11.82 15.53 2.82
CA ARG A 331 -12.81 16.59 2.65
C ARG A 331 -14.07 16.18 3.41
N LYS A 332 -14.89 17.18 3.73
CA LYS A 332 -16.05 16.99 4.58
C LYS A 332 -17.25 16.64 3.72
N ILE A 333 -17.93 15.56 4.08
CA ILE A 333 -19.15 15.14 3.42
C ILE A 333 -20.27 15.13 4.44
N PHE A 334 -21.43 14.70 3.98
CA PHE A 334 -22.60 14.61 4.83
C PHE A 334 -23.27 13.26 4.67
N VAL A 335 -23.14 12.42 5.68
CA VAL A 335 -23.98 11.25 5.79
C VAL A 335 -25.29 11.69 6.39
N ASP A 336 -26.34 11.64 5.58
CA ASP A 336 -27.66 12.18 5.87
C ASP A 336 -27.59 13.35 6.84
N GLY A 337 -27.06 14.48 6.36
CA GLY A 337 -27.02 15.68 7.17
C GLY A 337 -26.10 15.60 8.36
N VAL A 338 -25.02 14.84 8.25
CA VAL A 338 -24.11 14.59 9.36
C VAL A 338 -22.70 14.79 8.84
N PRO A 339 -21.92 15.69 9.40
CA PRO A 339 -20.62 16.00 8.82
C PRO A 339 -19.64 14.87 9.05
N PHE A 340 -18.98 14.48 7.97
CA PHE A 340 -17.89 13.53 7.98
C PHE A 340 -16.67 14.11 7.30
N VAL A 341 -15.55 13.42 7.46
CA VAL A 341 -14.33 13.77 6.79
C VAL A 341 -13.77 12.49 6.19
N VAL A 342 -13.60 12.46 4.88
CA VAL A 342 -13.15 11.23 4.24
C VAL A 342 -12.13 11.58 3.18
N SER A 343 -11.27 10.61 2.89
CA SER A 343 -10.13 10.84 2.03
C SER A 343 -10.51 10.70 0.57
N THR A 344 -10.67 11.83 -0.10
CA THR A 344 -11.16 11.82 -1.45
C THR A 344 -10.05 11.79 -2.48
N GLY A 345 -8.82 11.58 -2.07
CA GLY A 345 -7.75 11.59 -3.05
C GLY A 345 -6.45 11.22 -2.40
N TYR A 346 -5.37 11.56 -3.09
CA TYR A 346 -4.06 11.27 -2.58
C TYR A 346 -3.06 12.06 -3.38
N HIS A 347 -1.87 12.19 -2.84
CA HIS A 347 -0.87 13.09 -3.41
C HIS A 347 0.50 12.50 -3.09
N PHE A 348 0.87 11.45 -3.80
CA PHE A 348 2.10 10.74 -3.51
C PHE A 348 3.29 11.62 -3.75
N ARG A 349 4.45 11.09 -3.45
CA ARG A 349 5.67 11.83 -3.73
C ARG A 349 6.08 11.75 -5.18
N GLU A 350 5.70 10.69 -5.88
CA GLU A 350 5.89 10.61 -7.33
C GLU A 350 4.63 10.89 -8.09
N LEU A 351 3.61 10.05 -7.91
CA LEU A 351 2.43 10.07 -8.73
C LEU A 351 1.59 11.31 -8.50
N GLY A 352 2.21 12.47 -8.57
CA GLY A 352 1.47 13.70 -8.66
C GLY A 352 0.25 13.71 -7.78
N VAL A 353 -0.84 14.22 -8.32
CA VAL A 353 -2.11 14.28 -7.63
C VAL A 353 -2.98 13.19 -8.20
N VAL A 354 -3.78 12.55 -7.36
CA VAL A 354 -4.71 11.54 -7.82
C VAL A 354 -6.02 11.74 -7.08
N HIS A 355 -7.11 11.74 -7.82
CA HIS A 355 -8.41 12.05 -7.26
C HIS A 355 -9.33 10.86 -7.41
N ASN A 356 -10.14 10.62 -6.39
CA ASN A 356 -11.15 9.58 -6.53
C ASN A 356 -12.02 9.85 -7.74
N GLN A 357 -12.81 8.86 -8.08
CA GLN A 357 -13.59 9.04 -9.29
C GLN A 357 -15.06 8.76 -9.06
N ASP A 358 -15.39 7.97 -8.06
CA ASP A 358 -16.77 7.76 -7.62
C ASP A 358 -16.89 8.30 -6.22
N VAL A 359 -17.09 9.60 -6.12
CA VAL A 359 -17.29 10.25 -4.84
C VAL A 359 -18.71 10.79 -4.83
N ASN A 360 -19.28 10.94 -3.65
CA ASN A 360 -20.71 11.22 -3.55
C ASN A 360 -21.03 11.79 -2.18
N LEU A 361 -21.47 13.04 -2.16
CA LEU A 361 -21.85 13.69 -0.92
C LEU A 361 -23.31 13.41 -0.62
N HIS A 362 -23.72 13.75 0.60
CA HIS A 362 -25.12 13.68 0.97
C HIS A 362 -25.70 12.31 0.70
N SER A 363 -25.42 11.36 1.58
CA SER A 363 -26.04 10.05 1.50
C SER A 363 -26.73 9.75 2.82
N SER A 364 -27.85 9.05 2.71
CA SER A 364 -28.66 8.70 3.87
C SER A 364 -28.06 7.49 4.58
N ARG A 365 -28.44 6.30 4.18
CA ARG A 365 -27.98 5.08 4.82
C ARG A 365 -26.94 4.42 3.94
N LEU A 366 -25.81 4.09 4.55
CA LEU A 366 -24.65 3.54 3.85
C LEU A 366 -24.46 2.09 4.21
N SER A 367 -24.23 1.26 3.19
CA SER A 367 -24.22 -0.18 3.32
C SER A 367 -22.89 -0.67 3.88
N PHE A 368 -22.78 -2.00 3.95
CA PHE A 368 -21.62 -2.65 4.53
C PHE A 368 -20.35 -2.25 3.83
N LYS A 369 -20.35 -2.32 2.50
CA LYS A 369 -19.15 -2.01 1.74
C LYS A 369 -18.56 -0.67 2.17
N GLU A 370 -19.27 0.42 1.92
CA GLU A 370 -18.70 1.73 2.19
C GLU A 370 -18.50 1.94 3.68
N LEU A 371 -19.35 1.33 4.50
CA LEU A 371 -19.09 1.36 5.93
C LEU A 371 -17.67 0.91 6.21
N LEU A 372 -17.35 -0.29 5.75
CA LEU A 372 -15.99 -0.80 5.88
C LEU A 372 -15.00 0.22 5.36
N VAL A 373 -15.12 0.60 4.09
CA VAL A 373 -14.09 1.43 3.51
C VAL A 373 -14.00 2.76 4.22
N TYR A 374 -14.91 3.06 5.14
CA TYR A 374 -14.75 4.28 5.92
C TYR A 374 -14.05 4.00 7.23
N ALA A 375 -14.26 2.84 7.82
CA ALA A 375 -13.63 2.63 9.11
C ALA A 375 -12.13 2.39 8.99
N ALA A 376 -11.61 2.17 7.79
CA ALA A 376 -10.18 1.93 7.63
C ALA A 376 -9.43 3.13 7.10
N ASP A 377 -10.10 4.22 6.77
CA ASP A 377 -9.39 5.40 6.36
C ASP A 377 -8.88 6.13 7.59
N PRO A 378 -7.63 6.60 7.56
CA PRO A 378 -7.13 7.38 8.69
C PRO A 378 -7.71 8.76 8.79
N ALA A 379 -8.45 9.22 7.78
CA ALA A 379 -9.07 10.53 7.87
C ALA A 379 -9.90 10.65 9.15
N MET A 380 -10.83 9.73 9.34
CA MET A 380 -11.66 9.76 10.53
C MET A 380 -10.83 9.58 11.79
N HIS A 381 -9.84 8.69 11.75
CA HIS A 381 -9.09 8.35 12.95
C HIS A 381 -8.29 9.54 13.45
N ALA A 382 -7.41 10.07 12.61
CA ALA A 382 -6.51 11.12 13.09
C ALA A 382 -7.18 12.47 13.09
N ALA A 383 -8.21 12.68 12.27
CA ALA A 383 -8.90 13.95 12.32
C ALA A 383 -9.42 14.26 13.72
N SER A 384 -9.67 13.22 14.52
CA SER A 384 -10.05 13.39 15.91
C SER A 384 -9.07 12.70 16.85
N GLY A 385 -7.92 13.31 17.10
CA GLY A 385 -6.98 12.80 18.05
C GLY A 385 -6.05 13.90 18.53
N ASN A 386 -5.39 13.62 19.64
CA ASN A 386 -4.46 14.56 20.21
C ASN A 386 -3.24 14.71 19.32
N LEU A 387 -2.90 15.95 19.01
CA LEU A 387 -1.65 16.21 18.33
C LEU A 387 -0.49 15.59 19.09
N LEU A 388 0.49 15.10 18.36
CA LEU A 388 1.63 14.43 18.97
C LEU A 388 2.91 15.07 18.47
N LEU A 389 3.97 14.85 19.21
CA LEU A 389 5.31 15.27 18.83
C LEU A 389 6.25 14.32 19.53
N ASP A 390 7.06 13.61 18.75
CA ASP A 390 7.94 12.61 19.32
C ASP A 390 9.39 13.00 19.08
N LYS A 391 10.17 12.96 20.14
CA LYS A 391 11.59 13.25 20.07
C LYS A 391 12.43 12.00 20.22
N ARG A 392 11.89 10.83 19.89
CA ARG A 392 12.72 9.64 19.87
C ARG A 392 13.06 9.19 18.47
N THR A 393 12.27 9.56 17.48
CA THR A 393 12.58 9.17 16.12
C THR A 393 12.98 10.39 15.32
N THR A 394 12.91 10.26 14.01
CA THR A 394 12.87 11.38 13.11
C THR A 394 11.68 11.30 12.18
N CYS A 395 11.15 10.11 11.98
CA CYS A 395 10.02 9.94 11.08
C CYS A 395 8.89 10.85 11.52
N PHE A 396 8.41 11.60 10.56
CA PHE A 396 7.47 12.66 10.84
C PHE A 396 6.21 12.09 11.47
N SER A 397 6.05 12.24 12.78
CA SER A 397 4.85 11.76 13.44
C SER A 397 3.62 12.48 12.94
N VAL A 398 2.45 12.07 13.41
CA VAL A 398 1.26 12.75 12.94
C VAL A 398 0.22 12.96 14.03
N ALA A 399 -0.25 11.88 14.64
CA ALA A 399 -1.34 12.04 15.57
C ALA A 399 -1.16 11.04 16.70
N ALA A 400 -1.95 11.22 17.74
CA ALA A 400 -2.02 10.25 18.82
C ALA A 400 -3.43 9.72 18.87
N LEU A 401 -3.68 8.84 19.81
CA LEU A 401 -5.02 8.31 19.92
C LEU A 401 -5.45 8.15 21.37
N THR A 402 -4.65 7.46 22.17
CA THR A 402 -4.97 7.25 23.56
C THR A 402 -4.62 8.51 24.33
N ASN A 403 -4.31 8.34 25.58
CA ASN A 403 -3.87 9.40 26.43
C ASN A 403 -2.75 9.02 27.23
N ASN A 404 -2.06 8.04 26.67
CA ASN A 404 -0.87 7.47 27.27
C ASN A 404 -0.36 6.41 26.32
N VAL A 405 0.90 6.48 26.02
CA VAL A 405 1.49 5.57 25.05
C VAL A 405 1.61 4.21 25.70
N ALA A 406 1.78 3.19 24.86
CA ALA A 406 1.95 1.83 25.34
C ALA A 406 3.38 1.40 25.15
N PHE A 407 3.89 0.60 26.08
CA PHE A 407 5.26 0.14 26.05
C PHE A 407 5.25 -1.37 25.87
N GLN A 408 6.21 -1.88 25.10
CA GLN A 408 6.27 -3.30 24.79
C GLN A 408 7.41 -3.98 25.53
N THR A 409 7.29 -5.29 25.70
CA THR A 409 8.35 -6.09 26.26
C THR A 409 8.25 -7.50 25.72
N VAL A 410 9.36 -8.21 25.68
CA VAL A 410 9.41 -9.51 25.04
C VAL A 410 10.02 -10.50 26.00
N LYS A 411 9.18 -11.25 26.69
CA LYS A 411 9.62 -12.10 27.78
C LYS A 411 10.72 -13.03 27.34
N PRO A 412 11.43 -13.62 28.29
CA PRO A 412 12.41 -14.64 27.98
C PRO A 412 11.75 -15.88 27.37
N GLY A 413 12.57 -16.79 26.91
CA GLY A 413 12.11 -18.12 26.65
C GLY A 413 12.15 -18.89 27.94
N ASN A 414 11.55 -20.07 27.92
CA ASN A 414 11.50 -20.89 29.11
C ASN A 414 12.22 -22.20 28.85
N PHE A 415 12.81 -22.73 29.90
CA PHE A 415 13.77 -23.79 29.82
C PHE A 415 13.01 -25.09 29.66
N ASN A 416 13.74 -26.18 29.41
CA ASN A 416 13.15 -27.49 29.16
C ASN A 416 14.02 -28.51 29.86
N LYS A 417 14.19 -28.32 31.17
CA LYS A 417 15.35 -28.89 31.84
C LYS A 417 15.65 -30.28 31.40
N ASP A 418 14.65 -31.14 31.48
CA ASP A 418 14.91 -32.57 31.32
C ASP A 418 15.73 -32.84 30.07
N PHE A 419 15.19 -32.50 28.90
CA PHE A 419 15.93 -32.81 27.69
C PHE A 419 17.37 -32.40 27.84
N TYR A 420 17.61 -31.26 28.46
CA TYR A 420 18.98 -30.85 28.64
C TYR A 420 19.71 -31.79 29.58
N ASP A 421 19.01 -32.29 30.58
CA ASP A 421 19.67 -33.18 31.53
C ASP A 421 20.02 -34.50 30.87
N PHE A 422 19.06 -35.04 30.13
CA PHE A 422 19.39 -36.08 29.17
C PHE A 422 20.65 -35.72 28.41
N ALA A 423 20.65 -34.59 27.74
CA ALA A 423 21.74 -34.26 26.84
C ALA A 423 23.06 -34.35 27.53
N VAL A 424 23.21 -33.74 28.70
CA VAL A 424 24.48 -33.89 29.36
C VAL A 424 24.71 -35.32 29.79
N SER A 425 23.66 -36.10 30.02
CA SER A 425 23.89 -37.46 30.47
C SER A 425 24.49 -38.32 29.37
N LYS A 426 24.26 -37.95 28.12
CA LYS A 426 24.88 -38.63 27.00
C LYS A 426 26.25 -38.08 26.66
N GLY A 427 26.87 -37.38 27.59
CA GLY A 427 28.19 -36.84 27.33
C GLY A 427 28.12 -35.80 26.26
N PHE A 428 27.39 -34.74 26.52
CA PHE A 428 27.35 -33.59 25.66
C PHE A 428 27.81 -32.36 26.43
N PHE A 429 28.07 -31.29 25.68
CA PHE A 429 28.44 -30.00 26.26
C PHE A 429 29.65 -30.10 27.16
N LYS A 430 30.24 -31.29 27.20
CA LYS A 430 31.55 -31.47 27.77
C LYS A 430 32.54 -30.54 27.07
N GLU A 431 33.24 -29.74 27.88
CA GLU A 431 33.87 -28.53 27.38
C GLU A 431 34.75 -28.81 26.18
N GLY A 432 34.89 -27.81 25.34
CA GLY A 432 35.59 -28.00 24.09
C GLY A 432 34.77 -28.69 23.02
N SER A 433 33.48 -28.85 23.21
CA SER A 433 32.69 -29.46 22.16
C SER A 433 32.69 -28.56 20.93
N SER A 434 32.44 -29.17 19.77
CA SER A 434 32.27 -28.40 18.54
C SER A 434 30.79 -28.18 18.25
N VAL A 435 29.93 -28.68 19.12
CA VAL A 435 28.56 -28.21 19.16
C VAL A 435 28.26 -27.64 20.54
N GLU A 436 27.67 -26.46 20.55
CA GLU A 436 27.46 -25.68 21.76
C GLU A 436 26.35 -24.69 21.51
N LEU A 437 25.49 -24.48 22.49
CA LEU A 437 24.30 -23.66 22.32
C LEU A 437 24.71 -22.36 21.68
N LYS A 438 23.90 -21.87 20.76
CA LYS A 438 24.20 -20.60 20.12
C LYS A 438 22.99 -19.79 19.74
N HIS A 439 21.80 -20.38 19.69
CA HIS A 439 20.58 -19.64 19.40
C HIS A 439 19.75 -19.59 20.65
N PHE A 440 19.13 -18.46 20.92
CA PHE A 440 18.45 -18.32 22.19
C PHE A 440 17.25 -17.43 22.03
N PHE A 441 16.43 -17.34 23.06
CA PHE A 441 15.29 -16.45 23.09
C PHE A 441 15.74 -15.15 23.75
N PHE A 442 16.15 -14.18 22.96
CA PHE A 442 16.63 -12.95 23.56
C PHE A 442 15.44 -12.16 24.08
N ALA A 443 15.69 -11.35 25.10
CA ALA A 443 14.65 -10.56 25.76
C ALA A 443 14.85 -9.09 25.44
N GLN A 444 13.75 -8.35 25.39
CA GLN A 444 13.80 -6.96 24.97
C GLN A 444 13.03 -6.09 25.93
N ASP A 445 13.61 -4.95 26.25
CA ASP A 445 13.08 -4.05 27.26
C ASP A 445 11.95 -3.21 26.73
N GLY A 446 11.77 -2.04 27.31
CA GLY A 446 10.60 -1.24 27.06
C GLY A 446 10.48 -0.72 25.65
N ASN A 447 11.14 0.39 25.37
CA ASN A 447 11.02 0.99 24.05
C ASN A 447 11.67 0.08 23.01
N ALA A 448 10.97 -1.00 22.70
CA ALA A 448 11.53 -1.82 21.65
C ALA A 448 11.08 -1.36 20.28
N ALA A 449 9.77 -1.27 20.08
CA ALA A 449 9.26 -0.96 18.75
C ALA A 449 9.86 0.30 18.19
N ILE A 450 9.48 1.46 18.73
CA ILE A 450 9.85 2.69 18.07
C ILE A 450 11.35 2.82 17.97
N SER A 451 12.07 2.36 18.97
CA SER A 451 13.50 2.28 18.87
C SER A 451 13.97 1.39 17.75
N ASP A 452 13.07 0.62 17.14
CA ASP A 452 13.38 -0.09 15.92
C ASP A 452 12.83 0.57 14.68
N TYR A 453 11.52 0.79 14.64
CA TYR A 453 10.92 1.45 13.50
C TYR A 453 11.69 2.69 13.12
N ASP A 454 12.49 3.23 14.03
CA ASP A 454 13.37 4.31 13.64
C ASP A 454 14.18 4.01 12.40
N TYR A 455 14.52 2.76 12.15
CA TYR A 455 15.44 2.44 11.07
C TYR A 455 15.04 2.90 9.80
N TYR A 456 13.85 3.40 9.51
CA TYR A 456 13.62 3.80 8.14
C TYR A 456 14.46 4.98 7.76
N ARG A 457 15.05 5.68 8.72
CA ARG A 457 15.98 6.74 8.39
C ARG A 457 17.16 6.23 7.62
N TYR A 458 17.33 4.92 7.52
CA TYR A 458 18.31 4.38 6.59
C TYR A 458 17.83 4.43 5.16
N ASN A 459 16.58 4.82 4.92
CA ASN A 459 15.99 4.85 3.60
C ASN A 459 16.00 6.27 3.09
N LEU A 460 16.49 6.45 1.88
CA LEU A 460 16.71 7.73 1.25
C LEU A 460 15.71 7.91 0.11
N PRO A 461 15.64 9.08 -0.49
CA PRO A 461 15.09 9.14 -1.83
C PRO A 461 16.17 8.64 -2.75
N THR A 462 15.83 8.43 -4.00
CA THR A 462 16.87 8.16 -4.98
C THR A 462 16.32 8.46 -6.35
N MET A 463 17.18 8.91 -7.23
CA MET A 463 16.93 8.83 -8.65
C MET A 463 17.82 7.74 -9.21
N CYS A 464 17.21 6.75 -9.86
CA CYS A 464 17.94 5.69 -10.54
C CYS A 464 17.97 6.00 -12.01
N ASP A 465 19.15 5.92 -12.61
CA ASP A 465 19.35 6.29 -13.99
C ASP A 465 18.20 5.81 -14.84
N ILE A 466 17.72 6.61 -15.79
CA ILE A 466 16.43 6.25 -16.35
C ILE A 466 16.58 5.36 -17.58
N ARG A 467 17.64 5.50 -18.35
CA ARG A 467 17.71 4.70 -19.57
C ARG A 467 18.01 3.25 -19.25
N GLN A 468 19.10 3.00 -18.57
CA GLN A 468 19.43 1.61 -18.32
C GLN A 468 18.36 0.96 -17.47
N LEU A 469 17.60 1.74 -16.71
CA LEU A 469 16.45 1.13 -16.06
C LEU A 469 15.39 0.77 -17.08
N LEU A 470 15.02 1.71 -17.94
CA LEU A 470 14.05 1.39 -18.96
C LEU A 470 14.50 0.27 -19.87
N PHE A 471 15.68 -0.26 -19.65
CA PHE A 471 16.06 -1.45 -20.41
C PHE A 471 16.08 -2.71 -19.54
N VAL A 472 16.78 -2.67 -18.42
CA VAL A 472 16.84 -3.91 -17.66
C VAL A 472 15.49 -4.25 -17.09
N VAL A 473 14.53 -3.33 -17.11
CA VAL A 473 13.19 -3.81 -16.82
C VAL A 473 12.73 -4.73 -17.93
N GLU A 474 13.16 -4.49 -19.17
CA GLU A 474 12.72 -5.38 -20.24
C GLU A 474 13.38 -6.74 -20.12
N VAL A 475 14.67 -6.77 -19.86
CA VAL A 475 15.30 -8.08 -19.72
C VAL A 475 14.68 -8.85 -18.57
N VAL A 476 14.59 -8.25 -17.39
CA VAL A 476 13.91 -8.95 -16.31
C VAL A 476 12.55 -9.44 -16.76
N ASP A 477 11.81 -8.60 -17.46
CA ASP A 477 10.53 -9.05 -17.99
C ASP A 477 10.69 -10.35 -18.72
N LYS A 478 11.69 -10.44 -19.59
CA LYS A 478 11.88 -11.66 -20.34
C LYS A 478 12.06 -12.84 -19.42
N TYR A 479 12.64 -12.63 -18.26
CA TYR A 479 12.75 -13.79 -17.37
C TYR A 479 11.40 -14.35 -16.96
N PHE A 480 10.30 -13.67 -17.21
CA PHE A 480 8.97 -14.06 -16.74
C PHE A 480 8.01 -14.20 -17.90
N ASP A 481 8.29 -15.07 -18.83
CA ASP A 481 7.41 -15.26 -19.95
C ASP A 481 6.83 -16.66 -19.95
N CYS A 482 6.90 -17.32 -18.80
CA CYS A 482 6.43 -18.68 -18.70
C CYS A 482 5.42 -18.85 -17.58
N TYR A 483 4.51 -17.93 -17.43
CA TYR A 483 3.49 -18.02 -16.41
C TYR A 483 2.22 -17.41 -16.98
N ASP A 484 1.25 -17.16 -16.11
CA ASP A 484 -0.01 -16.61 -16.56
C ASP A 484 -0.80 -16.14 -15.36
N GLY A 485 -1.55 -15.05 -15.54
CA GLY A 485 -2.31 -14.49 -14.45
C GLY A 485 -3.30 -13.47 -14.98
N GLY A 486 -4.16 -13.05 -14.09
CA GLY A 486 -5.19 -12.08 -14.41
C GLY A 486 -6.18 -11.98 -13.28
N CYS A 487 -7.10 -11.04 -13.41
CA CYS A 487 -8.13 -10.91 -12.42
C CYS A 487 -8.89 -12.22 -12.29
N ILE A 488 -9.34 -12.53 -11.08
CA ILE A 488 -10.16 -13.71 -10.85
C ILE A 488 -11.47 -13.27 -10.21
N ASN A 489 -12.18 -14.21 -9.62
CA ASN A 489 -13.40 -13.88 -8.92
C ASN A 489 -13.40 -14.47 -7.52
N ALA A 490 -14.34 -14.02 -6.70
CA ALA A 490 -14.34 -14.39 -5.30
C ALA A 490 -14.17 -15.89 -5.12
N ASN A 491 -14.98 -16.70 -5.81
CA ASN A 491 -14.95 -18.13 -5.61
C ASN A 491 -13.73 -18.79 -6.20
N GLN A 492 -12.60 -18.11 -6.23
CA GLN A 492 -11.39 -18.71 -6.72
C GLN A 492 -10.17 -18.33 -5.92
N VAL A 493 -10.21 -17.28 -5.12
CA VAL A 493 -9.15 -17.05 -4.16
C VAL A 493 -9.11 -18.23 -3.22
N ILE A 494 -7.96 -18.46 -2.61
CA ILE A 494 -7.78 -19.57 -1.69
C ILE A 494 -6.97 -19.04 -0.52
N VAL A 495 -7.54 -19.14 0.67
CA VAL A 495 -6.91 -18.65 1.89
C VAL A 495 -6.44 -19.84 2.70
N ASN A 496 -5.30 -19.71 3.34
CA ASN A 496 -4.84 -20.73 4.26
C ASN A 496 -4.89 -20.20 5.67
N ASN A 497 -5.25 -21.06 6.60
CA ASN A 497 -5.33 -20.69 8.00
C ASN A 497 -6.13 -19.41 8.15
N LEU A 498 -7.34 -19.39 7.60
CA LEU A 498 -8.12 -18.17 7.58
C LEU A 498 -8.47 -17.86 9.02
N ASP A 499 -7.50 -17.36 9.76
CA ASP A 499 -7.71 -17.18 11.18
C ASP A 499 -6.68 -16.24 11.78
N LYS A 500 -5.88 -15.62 10.94
CA LYS A 500 -4.78 -14.79 11.39
C LYS A 500 -5.30 -13.45 11.88
N SER A 501 -4.42 -12.48 12.01
CA SER A 501 -4.83 -11.15 12.45
C SER A 501 -5.52 -10.41 11.32
N ALA A 502 -6.08 -9.26 11.68
CA ALA A 502 -6.75 -8.40 10.72
C ALA A 502 -6.45 -6.93 10.97
N GLY A 503 -5.22 -6.62 11.30
CA GLY A 503 -4.75 -5.26 11.29
C GLY A 503 -5.55 -4.33 12.17
N PHE A 504 -5.68 -3.12 11.68
CA PHE A 504 -6.29 -2.31 12.69
C PHE A 504 -7.22 -1.31 12.04
N PRO A 505 -8.39 -1.05 12.63
CA PRO A 505 -8.94 -1.51 13.90
C PRO A 505 -9.74 -2.80 13.87
N PHE A 506 -9.80 -3.45 12.72
CA PHE A 506 -10.66 -4.62 12.60
C PHE A 506 -10.31 -5.68 13.62
N ASN A 507 -9.15 -5.58 14.23
CA ASN A 507 -8.82 -6.54 15.25
C ASN A 507 -9.50 -6.28 16.57
N LYS A 508 -10.43 -5.35 16.64
CA LYS A 508 -11.21 -5.24 17.87
C LYS A 508 -12.45 -6.09 17.83
N TRP A 509 -12.56 -7.01 16.90
CA TRP A 509 -13.82 -7.67 16.63
C TRP A 509 -13.63 -9.11 16.19
N GLY A 510 -12.41 -9.51 15.91
CA GLY A 510 -12.13 -10.89 15.57
C GLY A 510 -11.31 -11.02 14.30
N LYS A 511 -10.95 -12.26 14.02
CA LYS A 511 -10.03 -12.58 12.95
C LYS A 511 -10.68 -12.37 11.59
N ALA A 512 -10.11 -12.96 10.57
CA ALA A 512 -10.69 -12.79 9.25
C ALA A 512 -11.87 -13.70 9.03
N ARG A 513 -12.17 -14.59 9.97
CA ARG A 513 -13.37 -15.42 9.84
C ARG A 513 -14.57 -14.54 9.54
N LEU A 514 -14.73 -13.48 10.30
CA LEU A 514 -15.90 -12.62 10.16
C LEU A 514 -15.92 -11.97 8.79
N TYR A 515 -14.89 -11.20 8.46
CA TYR A 515 -14.96 -10.38 7.27
C TYR A 515 -14.93 -11.22 6.00
N TYR A 516 -14.12 -12.26 5.96
CA TYR A 516 -14.31 -13.21 4.88
C TYR A 516 -15.62 -13.94 4.96
N ASP A 517 -16.29 -13.87 6.10
CA ASP A 517 -17.56 -14.55 6.26
C ASP A 517 -18.75 -13.60 6.12
N SER A 518 -18.70 -12.44 6.76
CA SER A 518 -19.83 -11.54 6.74
C SER A 518 -19.98 -10.81 5.42
N MET A 519 -19.55 -11.39 4.31
CA MET A 519 -19.66 -10.74 3.02
C MET A 519 -19.96 -11.77 1.95
N SER A 520 -20.92 -11.44 1.10
CA SER A 520 -21.20 -12.25 -0.06
C SER A 520 -20.00 -12.26 -0.99
N TYR A 521 -20.14 -12.99 -2.10
CA TYR A 521 -19.16 -12.82 -3.16
C TYR A 521 -19.36 -11.51 -3.87
N GLU A 522 -20.61 -11.10 -4.02
CA GLU A 522 -20.88 -9.85 -4.72
C GLU A 522 -20.35 -8.68 -3.94
N ASP A 523 -20.38 -8.79 -2.62
CA ASP A 523 -19.71 -7.79 -1.80
C ASP A 523 -18.27 -7.62 -2.26
N GLN A 524 -17.54 -8.72 -2.30
CA GLN A 524 -16.13 -8.65 -2.61
C GLN A 524 -15.91 -8.18 -4.03
N ASP A 525 -16.81 -8.50 -4.93
CA ASP A 525 -16.61 -8.07 -6.30
C ASP A 525 -16.90 -6.59 -6.47
N ALA A 526 -17.93 -6.09 -5.78
CA ALA A 526 -18.09 -4.65 -5.73
C ALA A 526 -16.82 -4.00 -5.24
N LEU A 527 -16.24 -4.53 -4.17
CA LEU A 527 -15.01 -3.95 -3.66
C LEU A 527 -13.93 -3.91 -4.72
N PHE A 528 -13.52 -5.08 -5.18
CA PHE A 528 -12.49 -5.16 -6.19
C PHE A 528 -12.78 -4.21 -7.34
N ALA A 529 -13.80 -4.52 -8.15
CA ALA A 529 -14.06 -3.70 -9.32
C ALA A 529 -14.46 -2.28 -8.93
N TYR A 530 -14.42 -1.97 -7.65
CA TYR A 530 -14.46 -0.58 -7.25
C TYR A 530 -13.07 0.01 -7.25
N THR A 531 -12.14 -0.59 -6.51
CA THR A 531 -10.85 0.05 -6.43
C THR A 531 -10.16 0.12 -7.78
N LYS A 532 -10.73 -0.44 -8.81
CA LYS A 532 -10.15 -0.10 -10.08
C LYS A 532 -10.54 1.27 -10.54
N ARG A 533 -11.06 2.13 -9.66
CA ARG A 533 -11.25 3.53 -10.04
C ARG A 533 -11.13 4.51 -8.88
N ASN A 534 -10.48 4.17 -7.78
CA ASN A 534 -10.47 5.02 -6.60
C ASN A 534 -9.25 4.67 -5.76
N VAL A 535 -9.12 5.31 -4.62
CA VAL A 535 -8.00 5.12 -3.73
C VAL A 535 -8.53 4.85 -2.33
N ILE A 536 -7.82 4.03 -1.57
CA ILE A 536 -8.23 3.63 -0.24
C ILE A 536 -7.00 3.62 0.66
N PRO A 537 -6.58 4.75 1.17
CA PRO A 537 -5.47 4.76 2.11
C PRO A 537 -5.78 3.91 3.32
N THR A 538 -4.77 3.23 3.84
CA THR A 538 -5.00 2.30 4.94
C THR A 538 -4.05 2.61 6.07
N ILE A 539 -4.10 1.76 7.08
CA ILE A 539 -3.17 1.78 8.21
C ILE A 539 -2.39 0.48 8.16
N THR A 540 -1.92 0.03 9.31
CA THR A 540 -0.93 -1.02 9.41
C THR A 540 -0.54 -1.11 10.86
N GLN A 541 -0.17 -2.28 11.32
CA GLN A 541 0.34 -2.39 12.66
C GLN A 541 1.75 -2.94 12.60
N MET A 542 2.53 -2.70 13.64
CA MET A 542 3.83 -3.31 13.77
C MET A 542 3.75 -4.34 14.87
N ASN A 543 4.34 -5.51 14.65
CA ASN A 543 4.35 -6.55 15.65
C ASN A 543 5.77 -6.95 15.99
N LEU A 544 5.95 -7.40 17.21
CA LEU A 544 7.22 -7.90 17.71
C LEU A 544 7.25 -9.41 17.61
N LYS A 545 8.22 -9.94 16.86
CA LYS A 545 8.29 -11.38 16.80
C LYS A 545 8.89 -11.93 18.08
N TYR A 546 8.56 -13.18 18.36
CA TYR A 546 9.00 -13.84 19.59
C TYR A 546 9.40 -15.25 19.20
N ALA A 547 10.66 -15.43 18.84
CA ALA A 547 11.12 -16.72 18.40
C ALA A 547 12.63 -16.72 18.39
N ILE A 548 13.21 -17.91 18.28
CA ILE A 548 14.63 -18.08 18.51
C ILE A 548 15.43 -17.23 17.56
N SER A 549 16.66 -16.96 17.92
CA SER A 549 17.44 -15.99 17.15
C SER A 549 18.90 -16.33 17.29
N ALA A 550 19.72 -15.31 17.04
CA ALA A 550 21.15 -15.38 17.26
C ALA A 550 21.75 -14.00 17.37
N LYS A 551 20.95 -12.95 17.18
CA LYS A 551 21.40 -11.58 17.33
C LYS A 551 20.35 -10.77 18.06
N ASN A 552 20.78 -10.05 19.08
CA ASN A 552 19.91 -9.52 20.11
C ASN A 552 19.10 -8.32 19.66
N ARG A 553 19.06 -8.04 18.37
CA ARG A 553 18.31 -6.89 17.90
C ARG A 553 16.82 -7.13 18.09
N ALA A 554 16.02 -6.26 17.51
CA ALA A 554 14.57 -6.46 17.55
C ALA A 554 14.12 -7.16 16.28
N ARG A 555 12.84 -7.45 16.23
CA ARG A 555 12.23 -7.91 15.01
C ARG A 555 10.87 -7.26 14.90
N THR A 556 10.45 -6.95 13.68
CA THR A 556 9.12 -6.45 13.49
C THR A 556 8.53 -7.03 12.22
N VAL A 557 7.22 -7.10 12.20
CA VAL A 557 6.48 -7.60 11.06
C VAL A 557 5.20 -6.79 10.93
N ALA A 558 4.94 -6.29 9.74
CA ALA A 558 3.90 -5.32 9.55
C ALA A 558 2.59 -6.00 9.25
N GLY A 559 1.75 -6.13 10.26
CA GLY A 559 0.45 -6.76 10.05
C GLY A 559 -0.48 -5.83 9.29
N VAL A 560 -0.94 -6.24 8.13
CA VAL A 560 -1.61 -5.33 7.22
C VAL A 560 -3.11 -5.43 7.42
N SER A 561 -3.83 -4.35 7.11
CA SER A 561 -5.25 -4.30 7.36
C SER A 561 -6.02 -4.98 6.23
N ILE A 562 -7.19 -5.50 6.57
CA ILE A 562 -7.80 -6.55 5.77
C ILE A 562 -8.20 -6.05 4.39
N CYS A 563 -8.55 -4.77 4.26
CA CYS A 563 -9.03 -4.29 2.98
C CYS A 563 -7.93 -4.23 1.94
N SER A 564 -6.71 -4.59 2.30
CA SER A 564 -5.69 -4.64 1.29
C SER A 564 -5.55 -6.05 0.76
N THR A 565 -5.13 -6.98 1.62
CA THR A 565 -5.04 -8.37 1.20
C THR A 565 -6.32 -8.80 0.49
N MET A 566 -7.47 -8.46 1.04
CA MET A 566 -8.74 -8.92 0.48
C MET A 566 -8.94 -8.44 -0.94
N THR A 567 -8.05 -7.65 -1.48
CA THR A 567 -8.12 -7.34 -2.90
C THR A 567 -6.89 -7.79 -3.65
N ASN A 568 -5.72 -7.52 -3.09
CA ASN A 568 -4.50 -7.88 -3.80
C ASN A 568 -4.47 -9.37 -4.09
N ARG A 569 -5.02 -10.17 -3.18
CA ARG A 569 -5.24 -11.56 -3.54
C ARG A 569 -5.98 -11.65 -4.86
N GLN A 570 -7.25 -11.26 -4.86
CA GLN A 570 -8.06 -11.35 -6.06
C GLN A 570 -7.31 -10.88 -7.27
N PHE A 571 -6.42 -9.93 -7.10
CA PHE A 571 -5.82 -9.35 -8.29
C PHE A 571 -4.59 -10.12 -8.74
N HIS A 572 -3.95 -10.87 -7.86
CA HIS A 572 -2.70 -11.53 -8.26
C HIS A 572 -2.72 -13.04 -8.19
N GLN A 573 -3.75 -13.63 -7.61
CA GLN A 573 -3.63 -15.03 -7.23
C GLN A 573 -3.24 -15.91 -8.39
N LYS A 574 -3.81 -15.68 -9.57
CA LYS A 574 -3.54 -16.60 -10.66
C LYS A 574 -2.06 -16.72 -10.92
N LEU A 575 -1.40 -15.58 -11.11
CA LEU A 575 0.04 -15.61 -11.27
C LEU A 575 0.69 -16.27 -10.08
N LEU A 576 0.46 -15.72 -8.89
CA LEU A 576 1.21 -16.21 -7.74
C LEU A 576 1.22 -17.73 -7.69
N LYS A 577 0.08 -18.35 -7.95
CA LYS A 577 0.14 -19.79 -8.13
C LYS A 577 1.07 -20.17 -9.27
N SER A 578 0.78 -19.68 -10.48
CA SER A 578 1.50 -20.16 -11.66
C SER A 578 2.99 -20.18 -11.43
N ILE A 579 3.51 -19.23 -10.67
CA ILE A 579 4.91 -19.28 -10.27
C ILE A 579 5.12 -20.37 -9.23
N ALA A 580 4.31 -20.37 -8.18
CA ALA A 580 4.53 -21.28 -7.08
C ALA A 580 4.65 -22.70 -7.52
N ALA A 581 3.87 -23.11 -8.51
CA ALA A 581 3.83 -24.50 -8.92
C ALA A 581 4.38 -24.72 -10.31
N THR A 582 5.65 -24.44 -10.55
CA THR A 582 6.31 -24.84 -11.77
C THR A 582 7.69 -25.32 -11.44
N ARG A 583 8.09 -26.44 -12.02
CA ARG A 583 9.32 -27.08 -11.65
C ARG A 583 10.39 -26.88 -12.72
N GLY A 584 11.55 -26.39 -12.28
CA GLY A 584 12.65 -26.22 -13.19
C GLY A 584 12.72 -24.87 -13.87
N ALA A 585 13.06 -23.83 -13.14
CA ALA A 585 13.21 -22.52 -13.76
C ALA A 585 14.16 -21.67 -12.92
N THR A 586 14.13 -20.35 -13.13
CA THR A 586 14.93 -19.46 -12.32
C THR A 586 14.36 -19.35 -10.92
N VAL A 587 13.24 -18.65 -10.77
CA VAL A 587 12.64 -18.50 -9.45
C VAL A 587 12.28 -19.88 -8.91
N VAL A 588 12.72 -20.17 -7.69
CA VAL A 588 12.40 -21.47 -7.15
C VAL A 588 11.64 -21.33 -5.84
N ILE A 589 10.60 -20.52 -5.84
CA ILE A 589 9.71 -20.51 -4.70
C ILE A 589 8.82 -21.74 -4.77
N GLY A 590 8.90 -22.58 -3.77
CA GLY A 590 7.99 -23.70 -3.75
C GLY A 590 8.49 -24.93 -4.46
N THR A 591 9.61 -25.47 -4.04
CA THR A 591 10.03 -26.76 -4.55
C THR A 591 10.70 -27.48 -3.39
N SER A 592 10.09 -28.54 -2.91
CA SER A 592 10.54 -29.15 -1.67
C SER A 592 11.99 -29.55 -1.78
N LYS A 593 12.65 -29.58 -0.64
CA LYS A 593 13.98 -30.14 -0.60
C LYS A 593 13.97 -31.61 -0.20
N PHE A 594 12.79 -32.22 -0.13
CA PHE A 594 12.66 -33.63 0.23
C PHE A 594 12.61 -34.48 -1.01
N TYR A 595 12.77 -35.78 -0.82
CA TYR A 595 12.69 -36.70 -1.93
C TYR A 595 13.56 -36.22 -3.07
N GLY A 596 14.83 -35.97 -2.80
CA GLY A 596 15.75 -35.53 -3.82
C GLY A 596 15.22 -34.47 -4.76
N GLY A 597 14.44 -33.51 -4.27
CA GLY A 597 14.16 -32.35 -5.08
C GLY A 597 15.27 -31.31 -4.99
N TRP A 598 15.95 -31.30 -3.85
CA TRP A 598 17.09 -30.41 -3.68
C TRP A 598 18.18 -30.71 -4.69
N HIS A 599 18.64 -31.94 -4.71
CA HIS A 599 19.62 -32.37 -5.70
C HIS A 599 19.21 -31.95 -7.10
N ASN A 600 17.92 -32.03 -7.40
CA ASN A 600 17.49 -31.60 -8.72
C ASN A 600 17.66 -30.11 -8.88
N MET A 601 17.34 -29.35 -7.85
CA MET A 601 17.57 -27.91 -7.95
C MET A 601 19.00 -27.65 -8.36
N LEU A 602 19.94 -28.32 -7.73
CA LEU A 602 21.32 -28.01 -8.06
C LEU A 602 21.66 -28.45 -9.47
N LYS A 603 21.36 -29.69 -9.81
CA LYS A 603 21.75 -30.15 -11.13
C LYS A 603 21.03 -29.37 -12.21
N THR A 604 20.03 -28.59 -11.82
CA THR A 604 19.61 -27.55 -12.72
C THR A 604 20.64 -26.43 -12.72
N VAL A 605 20.72 -25.69 -11.63
CA VAL A 605 21.39 -24.39 -11.67
C VAL A 605 22.86 -24.56 -11.99
N TYR A 606 23.30 -25.77 -12.24
CA TYR A 606 24.59 -25.93 -12.90
C TYR A 606 24.38 -25.74 -14.38
N SER A 607 24.16 -26.81 -15.11
CA SER A 607 23.68 -26.76 -16.48
C SER A 607 24.69 -26.13 -17.42
N ASP A 608 25.90 -26.69 -17.40
CA ASP A 608 26.88 -26.43 -18.44
C ASP A 608 27.21 -24.96 -18.65
N VAL A 609 27.87 -24.37 -17.67
CA VAL A 609 28.60 -23.15 -17.88
C VAL A 609 30.05 -23.52 -17.70
N GLU A 610 30.87 -23.13 -18.66
CA GLU A 610 32.15 -23.78 -18.92
C GLU A 610 33.04 -23.88 -17.69
N ASN A 611 33.46 -22.76 -17.17
CA ASN A 611 34.46 -22.70 -16.12
C ASN A 611 33.75 -22.16 -14.90
N PRO A 612 33.25 -23.03 -14.05
CA PRO A 612 32.20 -22.62 -13.13
C PRO A 612 32.74 -22.29 -11.76
N HIS A 613 32.34 -21.15 -11.25
CA HIS A 613 32.49 -20.85 -9.84
C HIS A 613 31.15 -20.47 -9.27
N LEU A 614 31.01 -20.64 -7.97
CA LEU A 614 29.74 -20.40 -7.32
C LEU A 614 29.84 -19.18 -6.44
N MET A 615 28.85 -18.31 -6.52
CA MET A 615 28.92 -17.24 -5.55
C MET A 615 27.53 -16.88 -5.12
N GLY A 616 27.40 -16.58 -3.83
CA GLY A 616 26.18 -16.05 -3.31
C GLY A 616 26.32 -14.58 -2.97
N TRP A 617 25.46 -14.07 -2.12
CA TRP A 617 25.65 -12.78 -1.48
C TRP A 617 24.47 -12.55 -0.54
N ASP A 618 24.29 -11.32 -0.09
CA ASP A 618 23.26 -11.04 0.89
C ASP A 618 23.03 -9.55 0.98
N TYR A 619 21.86 -9.18 1.31
CA TYR A 619 21.60 -7.77 1.19
C TYR A 619 21.59 -7.14 2.54
N PRO A 620 22.42 -6.13 2.78
CA PRO A 620 22.51 -5.54 4.11
C PRO A 620 21.31 -4.65 4.36
N LYS A 621 20.48 -5.05 5.32
CA LYS A 621 19.20 -4.40 5.58
C LYS A 621 18.39 -4.32 4.30
N CYS A 622 17.73 -5.42 3.97
CA CYS A 622 17.17 -5.55 2.63
C CYS A 622 15.87 -4.79 2.50
N ASP A 623 15.04 -4.81 3.53
CA ASP A 623 13.67 -4.34 3.35
C ASP A 623 13.41 -2.97 3.94
N ARG A 624 14.40 -2.32 4.53
CA ARG A 624 14.27 -0.91 4.85
C ARG A 624 14.80 -0.04 3.74
N ALA A 625 15.94 -0.40 3.17
CA ALA A 625 16.73 0.47 2.33
C ALA A 625 16.38 0.39 0.86
N MET A 626 15.52 -0.50 0.48
CA MET A 626 15.10 -0.60 -0.91
C MET A 626 14.42 0.67 -1.35
N PRO A 627 14.98 1.43 -2.28
CA PRO A 627 14.36 2.69 -2.65
C PRO A 627 13.01 2.42 -3.27
N ASN A 628 12.26 3.48 -3.53
CA ASN A 628 10.90 3.30 -3.99
C ASN A 628 10.85 2.85 -5.44
N MET A 629 11.55 3.57 -6.31
CA MET A 629 11.55 3.25 -7.73
C MET A 629 11.60 1.75 -7.97
N LEU A 630 12.45 1.04 -7.24
CA LEU A 630 12.56 -0.38 -7.48
C LEU A 630 11.33 -1.10 -7.00
N ARG A 631 10.68 -0.60 -5.97
CA ARG A 631 9.43 -1.24 -5.58
C ARG A 631 8.38 -1.07 -6.65
N ILE A 632 8.27 0.12 -7.23
CA ILE A 632 7.32 0.29 -8.32
C ILE A 632 7.70 -0.61 -9.48
N MET A 633 8.99 -0.77 -9.72
CA MET A 633 9.38 -1.63 -10.82
C MET A 633 8.90 -3.05 -10.58
N ALA A 634 9.02 -3.53 -9.35
CA ALA A 634 8.49 -4.86 -9.08
C ALA A 634 7.01 -4.93 -9.35
N SER A 635 6.24 -3.98 -8.82
CA SER A 635 4.80 -4.08 -9.00
C SER A 635 4.42 -4.01 -10.48
N LEU A 636 5.18 -3.27 -11.27
CA LEU A 636 4.88 -3.16 -12.68
C LEU A 636 5.18 -4.45 -13.41
N VAL A 637 6.32 -5.06 -13.14
CA VAL A 637 6.64 -6.29 -13.83
C VAL A 637 5.62 -7.37 -13.49
N LEU A 638 5.11 -7.37 -12.27
CA LEU A 638 4.06 -8.33 -11.98
C LEU A 638 2.81 -8.03 -12.76
N ALA A 639 2.36 -6.78 -12.75
CA ALA A 639 1.11 -6.50 -13.43
C ALA A 639 1.20 -6.62 -14.94
N ARG A 640 2.40 -6.71 -15.50
CA ARG A 640 2.53 -6.78 -16.95
C ARG A 640 1.63 -7.81 -17.59
N LYS A 641 1.37 -8.94 -16.94
CA LYS A 641 0.64 -10.03 -17.57
C LYS A 641 -0.86 -9.87 -17.48
N HIS A 642 -1.34 -8.68 -17.18
CA HIS A 642 -2.74 -8.50 -16.88
C HIS A 642 -3.47 -7.88 -18.06
N THR A 643 -2.95 -8.08 -19.25
CA THR A 643 -3.24 -7.22 -20.38
C THR A 643 -4.67 -7.30 -20.86
N THR A 644 -5.45 -8.26 -20.37
CA THR A 644 -6.82 -8.42 -20.84
C THR A 644 -7.86 -8.20 -19.77
N CYS A 645 -7.76 -8.93 -18.66
CA CYS A 645 -8.64 -8.69 -17.53
C CYS A 645 -8.74 -7.20 -17.23
N CYS A 646 -7.61 -6.54 -17.11
CA CYS A 646 -7.59 -5.12 -16.82
C CYS A 646 -7.83 -4.31 -18.09
N SER A 647 -7.35 -3.08 -18.08
CA SER A 647 -7.46 -2.16 -19.21
C SER A 647 -6.28 -1.20 -19.20
N LEU A 648 -6.59 0.08 -18.91
CA LEU A 648 -5.58 1.03 -18.48
C LEU A 648 -5.89 1.61 -17.13
N SER A 649 -6.80 2.58 -17.10
CA SER A 649 -7.06 3.29 -15.86
C SER A 649 -7.35 2.31 -14.75
N HIS A 650 -7.93 1.16 -15.08
CA HIS A 650 -8.04 0.11 -14.08
C HIS A 650 -6.68 -0.20 -13.48
N ARG A 651 -5.73 -0.59 -14.32
CA ARG A 651 -4.40 -0.83 -13.78
C ARG A 651 -3.92 0.36 -13.00
N PHE A 652 -3.86 1.52 -13.63
CA PHE A 652 -3.22 2.65 -12.97
C PHE A 652 -3.80 2.90 -11.59
N TYR A 653 -5.11 2.81 -11.42
CA TYR A 653 -5.60 2.97 -10.07
C TYR A 653 -5.24 1.77 -9.23
N ARG A 654 -5.03 0.62 -9.83
CA ARG A 654 -4.69 -0.54 -9.01
C ARG A 654 -3.28 -0.43 -8.47
N LEU A 655 -2.34 -0.08 -9.33
CA LEU A 655 -1.01 0.30 -8.87
C LEU A 655 -1.09 1.37 -7.81
N ALA A 656 -1.95 2.37 -8.00
CA ALA A 656 -2.00 3.43 -7.01
C ALA A 656 -2.47 2.91 -5.68
N ASN A 657 -3.46 2.03 -5.69
CA ASN A 657 -3.95 1.48 -4.44
C ASN A 657 -2.87 0.68 -3.74
N GLU A 658 -2.05 -0.05 -4.52
CA GLU A 658 -0.99 -0.80 -3.88
C GLU A 658 0.08 0.13 -3.30
N CYS A 659 0.48 1.14 -4.06
CA CYS A 659 1.52 2.03 -3.59
C CYS A 659 1.05 2.84 -2.39
N ALA A 660 -0.26 3.01 -2.26
CA ALA A 660 -0.75 3.63 -1.03
C ALA A 660 -0.87 2.65 0.10
N GLN A 661 -1.01 1.37 -0.18
CA GLN A 661 -1.25 0.43 0.89
C GLN A 661 0.00 -0.28 1.40
N VAL A 662 1.10 -0.30 0.66
CA VAL A 662 2.27 -1.00 1.18
C VAL A 662 3.50 -0.13 1.13
N LEU A 663 3.58 0.77 0.18
CA LEU A 663 4.79 1.54 0.11
C LEU A 663 4.87 2.61 1.19
N SER A 664 4.04 3.63 1.16
CA SER A 664 4.26 4.74 2.08
C SER A 664 3.00 5.24 2.78
N GLU A 665 2.39 4.42 3.61
CA GLU A 665 1.22 4.85 4.36
C GLU A 665 1.46 4.67 5.85
N MET A 666 0.55 5.21 6.63
CA MET A 666 0.79 5.40 8.04
C MET A 666 0.98 4.09 8.75
N VAL A 667 1.53 4.13 9.94
CA VAL A 667 2.06 2.96 10.60
C VAL A 667 1.72 3.02 12.08
N MET A 668 0.68 2.33 12.48
CA MET A 668 0.14 2.49 13.81
C MET A 668 1.09 1.94 14.86
N CYS A 669 2.35 2.31 14.75
CA CYS A 669 3.36 1.77 15.64
C CYS A 669 3.15 2.24 17.07
N GLY A 670 2.71 1.32 17.92
CA GLY A 670 2.74 1.57 19.36
C GLY A 670 1.47 2.10 19.99
N GLY A 671 1.11 3.34 19.68
CA GLY A 671 -0.14 3.90 20.12
C GLY A 671 -0.29 5.27 19.54
N SER A 672 -0.12 5.37 18.23
CA SER A 672 0.14 6.63 17.56
C SER A 672 0.35 6.38 16.08
N LEU A 673 0.46 7.43 15.29
CA LEU A 673 0.59 7.27 13.87
C LEU A 673 1.81 8.02 13.36
N TYR A 674 2.54 7.39 12.48
CA TYR A 674 3.68 8.03 11.88
C TYR A 674 3.48 8.04 10.40
N VAL A 675 4.57 8.14 9.66
CA VAL A 675 4.53 7.98 8.23
C VAL A 675 5.68 7.05 7.87
N LYS A 676 5.50 6.30 6.83
CA LYS A 676 6.52 5.39 6.41
C LYS A 676 7.14 5.92 5.14
N PRO A 677 8.28 6.55 5.20
CA PRO A 677 8.72 7.37 4.07
C PRO A 677 8.95 6.56 2.83
N GLY A 678 9.30 5.30 3.00
CA GLY A 678 9.57 4.46 1.86
C GLY A 678 9.87 3.04 2.26
N GLY A 679 10.58 2.35 1.40
CA GLY A 679 10.98 1.01 1.72
C GLY A 679 9.81 0.06 1.67
N THR A 680 10.07 -1.22 1.47
CA THR A 680 8.99 -2.17 1.40
C THR A 680 8.41 -2.42 2.78
N SER A 681 7.72 -3.54 2.91
CA SER A 681 6.95 -3.82 4.12
C SER A 681 6.62 -5.30 4.13
N SER A 682 7.33 -6.06 4.94
CA SER A 682 7.30 -7.51 4.80
C SER A 682 6.04 -8.16 5.34
N GLY A 683 4.87 -7.81 4.81
CA GLY A 683 3.69 -8.49 5.30
C GLY A 683 2.50 -8.45 4.38
N ASP A 684 2.64 -7.86 3.20
CA ASP A 684 1.50 -7.74 2.31
C ASP A 684 1.22 -9.03 1.55
N ALA A 685 0.62 -8.91 0.37
CA ALA A 685 0.19 -10.11 -0.36
C ALA A 685 1.20 -10.59 -1.37
N THR A 686 2.19 -9.77 -1.70
CA THR A 686 3.03 -10.01 -2.86
C THR A 686 4.50 -9.84 -2.53
N THR A 687 4.93 -10.31 -1.35
CA THR A 687 6.32 -10.08 -1.00
C THR A 687 7.24 -11.02 -1.72
N ALA A 688 7.46 -12.21 -1.15
CA ALA A 688 8.58 -13.05 -1.54
C ALA A 688 8.79 -13.01 -3.05
N TYR A 689 7.69 -12.94 -3.78
CA TYR A 689 7.78 -12.75 -5.20
C TYR A 689 8.45 -11.43 -5.53
N ALA A 690 7.94 -10.32 -5.00
CA ALA A 690 8.49 -9.02 -5.37
C ALA A 690 9.94 -8.92 -4.94
N ASN A 691 10.27 -9.46 -3.78
CA ASN A 691 11.67 -9.43 -3.39
C ASN A 691 12.52 -10.16 -4.40
N SER A 692 12.08 -11.34 -4.83
CA SER A 692 12.86 -12.05 -5.82
C SER A 692 13.07 -11.22 -7.07
N VAL A 693 12.00 -10.58 -7.56
CA VAL A 693 12.13 -9.81 -8.79
C VAL A 693 13.16 -8.72 -8.63
N PHE A 694 12.97 -7.88 -7.62
CA PHE A 694 13.96 -6.87 -7.31
C PHE A 694 15.36 -7.44 -7.32
N ASN A 695 15.52 -8.61 -6.71
CA ASN A 695 16.86 -9.18 -6.60
C ASN A 695 17.44 -9.43 -7.97
N ILE A 696 16.64 -9.98 -8.86
CA ILE A 696 17.11 -10.23 -10.21
C ILE A 696 17.49 -8.92 -10.87
N CYS A 697 16.74 -7.87 -10.58
CA CYS A 697 17.05 -6.59 -11.16
C CYS A 697 18.44 -6.14 -10.75
N GLN A 698 18.79 -6.39 -9.50
CA GLN A 698 20.14 -6.04 -9.09
C GLN A 698 21.17 -6.86 -9.82
N ALA A 699 20.96 -8.18 -9.91
CA ALA A 699 21.98 -9.01 -10.55
C ALA A 699 22.22 -8.57 -12.00
N VAL A 700 21.14 -8.36 -12.75
CA VAL A 700 21.33 -7.88 -14.11
C VAL A 700 22.09 -6.57 -14.12
N THR A 701 21.58 -5.54 -13.44
CA THR A 701 22.24 -4.25 -13.53
C THR A 701 23.72 -4.38 -13.26
N ALA A 702 24.08 -5.23 -12.32
CA ALA A 702 25.48 -5.47 -12.08
C ALA A 702 26.16 -5.98 -13.34
N ASN A 703 25.53 -6.90 -14.05
CA ASN A 703 26.22 -7.41 -15.23
C ASN A 703 26.32 -6.37 -16.33
N VAL A 704 25.28 -5.56 -16.51
CA VAL A 704 25.34 -4.52 -17.53
C VAL A 704 26.55 -3.63 -17.27
N ASN A 705 26.65 -3.13 -16.04
CA ASN A 705 27.81 -2.31 -15.72
C ASN A 705 29.10 -3.06 -15.99
N ALA A 706 29.17 -4.31 -15.56
CA ALA A 706 30.41 -5.06 -15.72
C ALA A 706 30.77 -5.17 -17.18
N LEU A 707 29.77 -5.23 -18.04
CA LEU A 707 30.09 -5.24 -19.45
C LEU A 707 30.65 -3.90 -19.89
N LEU A 708 29.79 -2.89 -19.93
CA LEU A 708 30.22 -1.59 -20.43
C LEU A 708 31.50 -1.10 -19.79
N SER A 709 31.60 -1.18 -18.48
CA SER A 709 32.76 -0.68 -17.76
C SER A 709 34.06 -1.19 -18.32
N THR A 710 34.05 -2.34 -18.97
CA THR A 710 35.27 -2.94 -19.47
C THR A 710 35.82 -2.06 -20.59
N ASP A 711 37.13 -2.11 -20.77
CA ASP A 711 37.74 -1.39 -21.87
C ASP A 711 37.15 -1.85 -23.19
N GLY A 712 37.60 -1.25 -24.27
CA GLY A 712 37.04 -1.62 -25.55
C GLY A 712 37.92 -2.52 -26.37
N ASN A 713 39.22 -2.24 -26.41
CA ASN A 713 40.05 -2.88 -27.42
C ASN A 713 40.90 -3.99 -26.82
N LYS A 714 40.40 -4.67 -25.80
CA LYS A 714 41.06 -5.87 -25.35
C LYS A 714 40.15 -7.07 -25.46
N ILE A 715 38.85 -6.83 -25.60
CA ILE A 715 37.91 -7.89 -25.93
C ILE A 715 38.39 -8.62 -27.16
N ALA A 716 38.49 -9.95 -27.07
CA ALA A 716 39.02 -10.73 -28.18
C ALA A 716 37.91 -11.27 -29.07
N ASP A 717 36.97 -11.99 -28.49
CA ASP A 717 35.89 -12.54 -29.29
C ASP A 717 35.16 -11.42 -30.02
N LYS A 718 35.47 -11.27 -31.29
CA LYS A 718 34.87 -10.19 -32.05
C LYS A 718 33.37 -10.23 -31.92
N TYR A 719 32.81 -11.40 -31.71
CA TYR A 719 31.39 -11.47 -31.47
C TYR A 719 31.00 -10.67 -30.23
N VAL A 720 31.69 -10.89 -29.11
CA VAL A 720 31.26 -10.19 -27.91
C VAL A 720 31.54 -8.71 -28.00
N ARG A 721 32.63 -8.33 -28.63
CA ARG A 721 32.84 -6.91 -28.82
C ARG A 721 31.69 -6.31 -29.59
N ASN A 722 31.21 -7.02 -30.59
CA ASN A 722 30.11 -6.43 -31.33
C ASN A 722 28.84 -6.47 -30.53
N LEU A 723 28.75 -7.42 -29.61
CA LEU A 723 27.67 -7.33 -28.64
C LEU A 723 27.75 -6.01 -27.91
N GLN A 724 28.72 -5.87 -27.03
CA GLN A 724 28.85 -4.67 -26.20
C GLN A 724 28.54 -3.42 -26.99
N HIS A 725 29.16 -3.29 -28.15
CA HIS A 725 28.91 -2.10 -28.95
C HIS A 725 27.43 -1.98 -29.28
N ARG A 726 26.85 -3.06 -29.79
CA ARG A 726 25.44 -3.02 -30.06
C ARG A 726 24.64 -2.69 -28.83
N LEU A 727 25.12 -3.11 -27.66
CA LEU A 727 24.40 -2.90 -26.43
C LEU A 727 24.30 -1.43 -26.13
N TYR A 728 25.45 -0.78 -26.06
CA TYR A 728 25.43 0.66 -25.84
C TYR A 728 24.47 1.33 -26.79
N GLU A 729 24.58 1.00 -28.07
CA GLU A 729 23.73 1.66 -29.06
C GLU A 729 22.26 1.51 -28.72
N CYS A 730 21.84 0.27 -28.47
CA CYS A 730 20.45 0.05 -28.10
C CYS A 730 20.09 0.75 -26.82
N LEU A 731 21.07 1.05 -25.99
CA LEU A 731 20.73 1.50 -24.66
C LEU A 731 20.50 3.00 -24.61
N TYR A 732 21.43 3.78 -25.15
CA TYR A 732 21.32 5.25 -25.15
C TYR A 732 20.83 5.83 -26.45
N ARG A 733 21.53 5.56 -27.53
CA ARG A 733 21.12 6.11 -28.80
C ARG A 733 19.68 5.73 -29.11
N ASN A 734 19.37 4.45 -28.99
CA ASN A 734 18.05 4.03 -29.42
C ASN A 734 16.99 4.59 -28.49
N ARG A 735 15.74 4.35 -28.87
CA ARG A 735 14.63 4.86 -28.09
C ARG A 735 13.70 3.71 -27.75
N ASP A 736 13.59 2.73 -28.65
CA ASP A 736 12.61 1.68 -28.45
C ASP A 736 13.26 0.32 -28.65
N VAL A 737 12.54 -0.70 -28.19
CA VAL A 737 13.15 -1.98 -27.87
C VAL A 737 13.67 -2.68 -29.13
N ASP A 738 14.66 -3.54 -28.92
CA ASP A 738 15.30 -4.32 -29.98
C ASP A 738 15.11 -5.78 -29.59
N THR A 739 13.88 -6.25 -29.76
CA THR A 739 13.54 -7.60 -29.31
C THR A 739 14.57 -8.61 -29.77
N ASP A 740 15.08 -8.46 -30.98
CA ASP A 740 16.20 -9.30 -31.38
C ASP A 740 17.32 -9.19 -30.37
N PHE A 741 17.70 -7.97 -30.02
CA PHE A 741 18.81 -7.83 -29.12
C PHE A 741 18.47 -8.36 -27.75
N VAL A 742 17.26 -8.10 -27.28
CA VAL A 742 16.94 -8.49 -25.93
C VAL A 742 16.96 -10.01 -25.80
N ASN A 743 16.34 -10.71 -26.75
CA ASN A 743 16.42 -12.17 -26.74
C ASN A 743 17.87 -12.60 -26.81
N GLU A 744 18.65 -11.94 -27.66
CA GLU A 744 20.05 -12.27 -27.73
C GLU A 744 20.72 -12.19 -26.38
N PHE A 745 20.50 -11.10 -25.67
CA PHE A 745 21.14 -10.92 -24.39
C PHE A 745 20.71 -12.00 -23.42
N TYR A 746 19.42 -12.06 -23.13
CA TYR A 746 18.90 -13.08 -22.24
C TYR A 746 19.55 -14.42 -22.51
N ALA A 747 19.69 -14.81 -23.77
CA ALA A 747 20.37 -16.07 -24.02
C ALA A 747 21.82 -16.00 -23.58
N TYR A 748 22.48 -14.88 -23.84
CA TYR A 748 23.88 -14.77 -23.45
C TYR A 748 24.02 -15.00 -21.97
N LEU A 749 23.15 -14.40 -21.18
CA LEU A 749 23.20 -14.63 -19.74
C LEU A 749 22.99 -16.09 -19.41
N ARG A 750 21.88 -16.67 -19.86
CA ARG A 750 21.66 -18.08 -19.53
C ARG A 750 22.84 -18.93 -19.89
N LYS A 751 23.61 -18.54 -20.88
CA LYS A 751 24.76 -19.34 -21.20
C LYS A 751 25.92 -19.09 -20.25
N HIS A 752 26.15 -17.86 -19.79
CA HIS A 752 27.34 -17.64 -18.98
C HIS A 752 27.12 -17.10 -17.58
N PHE A 753 25.93 -17.18 -17.03
CA PHE A 753 25.66 -16.61 -15.72
C PHE A 753 24.32 -17.13 -15.24
N SER A 754 24.25 -18.41 -14.89
CA SER A 754 22.96 -18.95 -14.54
C SER A 754 22.68 -18.69 -13.07
N MET A 755 21.41 -18.60 -12.71
CA MET A 755 21.09 -18.16 -11.37
C MET A 755 19.83 -18.77 -10.82
N MET A 756 19.89 -19.11 -9.54
CA MET A 756 18.75 -19.61 -8.79
C MET A 756 18.42 -18.61 -7.70
N ILE A 757 17.15 -18.34 -7.50
CA ILE A 757 16.68 -17.21 -6.70
C ILE A 757 15.60 -17.69 -5.78
N LEU A 758 15.76 -17.45 -4.49
CA LEU A 758 14.62 -17.42 -3.59
C LEU A 758 14.38 -15.98 -3.21
N SER A 759 13.30 -15.72 -2.51
CA SER A 759 12.98 -14.33 -2.21
C SER A 759 14.13 -13.70 -1.49
N ASP A 760 14.92 -12.92 -2.20
CA ASP A 760 16.05 -12.22 -1.62
C ASP A 760 17.10 -13.20 -1.09
N ASP A 761 17.50 -14.17 -1.88
CA ASP A 761 18.52 -15.13 -1.43
C ASP A 761 18.99 -15.93 -2.62
N ALA A 762 20.18 -15.64 -3.11
CA ALA A 762 20.54 -16.08 -4.44
C ALA A 762 21.67 -17.09 -4.41
N VAL A 763 21.88 -17.72 -5.55
CA VAL A 763 23.11 -18.45 -5.85
C VAL A 763 23.32 -18.34 -7.35
N VAL A 764 24.53 -18.03 -7.75
CA VAL A 764 24.83 -17.82 -9.15
C VAL A 764 25.98 -18.73 -9.51
N CYS A 765 25.88 -19.39 -10.64
CA CYS A 765 26.96 -20.21 -11.14
C CYS A 765 27.44 -19.57 -12.43
N PHE A 766 28.73 -19.26 -12.50
CA PHE A 766 29.17 -18.38 -13.56
C PHE A 766 30.50 -18.80 -14.14
N ASN A 767 30.70 -18.33 -15.36
CA ASN A 767 31.77 -18.77 -16.24
C ASN A 767 33.08 -18.11 -15.87
N SER A 768 33.96 -18.87 -15.25
CA SER A 768 35.08 -18.28 -14.52
C SER A 768 35.89 -17.30 -15.33
N THR A 769 36.67 -17.76 -16.30
CA THR A 769 37.65 -16.85 -16.93
C THR A 769 36.99 -15.61 -17.49
N TYR A 770 35.72 -15.68 -17.85
CA TYR A 770 34.99 -14.46 -18.13
C TYR A 770 35.08 -13.48 -16.98
N ALA A 771 34.73 -13.93 -15.78
CA ALA A 771 34.81 -13.04 -14.63
C ALA A 771 36.12 -12.30 -14.62
N SER A 772 37.22 -13.02 -14.61
CA SER A 772 38.51 -12.37 -14.65
C SER A 772 38.63 -11.44 -15.84
N GLN A 773 37.91 -11.74 -16.92
CA GLN A 773 37.92 -10.78 -18.02
C GLN A 773 36.82 -9.75 -17.85
N GLY A 774 36.02 -9.89 -16.82
CA GLY A 774 35.15 -8.79 -16.47
C GLY A 774 33.88 -8.72 -17.28
N LEU A 775 33.58 -9.73 -18.07
CA LEU A 775 32.34 -9.73 -18.79
C LEU A 775 31.22 -10.44 -18.06
N VAL A 776 31.37 -10.64 -16.77
CA VAL A 776 30.29 -11.11 -15.90
C VAL A 776 30.56 -10.53 -14.52
N ALA A 777 29.53 -9.98 -13.91
CA ALA A 777 29.67 -9.17 -12.73
C ALA A 777 30.15 -9.98 -11.55
N SER A 778 31.46 -10.04 -11.38
CA SER A 778 31.96 -10.59 -10.15
C SER A 778 31.70 -9.61 -9.01
N ILE A 779 32.11 -9.98 -7.81
CA ILE A 779 31.58 -9.35 -6.61
C ILE A 779 31.73 -7.84 -6.63
N LYS A 780 32.91 -7.37 -7.01
CA LYS A 780 33.18 -5.94 -6.86
C LYS A 780 32.11 -5.12 -7.52
N ASN A 781 31.50 -5.64 -8.59
CA ASN A 781 30.40 -4.88 -9.15
C ASN A 781 29.23 -4.88 -8.22
N PHE A 782 29.05 -5.92 -7.43
CA PHE A 782 27.95 -5.84 -6.50
C PHE A 782 28.19 -4.76 -5.49
N LYS A 783 29.43 -4.65 -4.98
CA LYS A 783 29.69 -3.51 -4.11
C LYS A 783 29.25 -2.24 -4.79
N SER A 784 29.65 -2.05 -6.04
CA SER A 784 29.38 -0.78 -6.68
C SER A 784 27.90 -0.50 -6.85
N VAL A 785 27.11 -1.51 -7.19
CA VAL A 785 25.68 -1.24 -7.40
C VAL A 785 24.97 -1.02 -6.10
N LEU A 786 25.12 -1.94 -5.15
CA LEU A 786 24.50 -1.70 -3.86
C LEU A 786 24.82 -0.30 -3.39
N TYR A 787 26.03 0.17 -3.67
CA TYR A 787 26.32 1.57 -3.37
C TYR A 787 25.43 2.49 -4.16
N TYR A 788 25.71 2.66 -5.43
CA TYR A 788 25.15 3.84 -6.08
C TYR A 788 23.67 3.76 -6.34
N GLN A 789 22.98 2.70 -5.97
CA GLN A 789 21.54 2.77 -6.10
C GLN A 789 20.79 1.91 -5.10
N ASN A 790 21.49 1.28 -4.16
CA ASN A 790 20.86 1.02 -2.88
C ASN A 790 21.50 1.77 -1.75
N ASN A 791 22.45 2.65 -2.03
CA ASN A 791 23.09 3.50 -1.03
C ASN A 791 23.13 2.85 0.34
N VAL A 792 23.63 1.63 0.38
CA VAL A 792 24.23 1.05 1.57
C VAL A 792 25.50 0.35 1.12
N PHE A 793 26.24 -0.16 2.06
CA PHE A 793 27.54 -0.71 1.75
C PHE A 793 27.57 -2.18 2.11
N MET A 794 27.60 -3.04 1.09
CA MET A 794 27.57 -4.48 1.29
C MET A 794 28.97 -4.98 1.57
N SER A 795 29.30 -5.17 2.84
CA SER A 795 30.62 -5.63 3.19
C SER A 795 30.98 -6.90 2.44
N GLU A 796 32.27 -7.11 2.26
CA GLU A 796 32.69 -8.36 1.64
C GLU A 796 33.00 -9.43 2.66
N ALA A 797 32.43 -9.34 3.85
CA ALA A 797 32.60 -10.45 4.77
C ALA A 797 31.42 -11.39 4.73
N LYS A 798 30.57 -11.30 3.73
CA LYS A 798 29.33 -12.06 3.71
C LYS A 798 29.06 -12.76 2.40
N CYS A 799 29.84 -12.52 1.37
CA CYS A 799 29.60 -13.12 0.06
C CYS A 799 30.65 -14.17 -0.21
N TRP A 800 30.36 -15.40 0.16
CA TRP A 800 31.24 -16.53 -0.09
C TRP A 800 31.56 -16.65 -1.57
N THR A 801 32.45 -17.57 -1.90
CA THR A 801 32.75 -17.86 -3.30
C THR A 801 33.43 -19.20 -3.37
N GLU A 802 33.16 -19.94 -4.43
CA GLU A 802 33.46 -21.36 -4.49
C GLU A 802 34.03 -21.74 -5.84
N THR A 803 35.12 -22.50 -5.84
CA THR A 803 35.78 -22.90 -7.05
C THR A 803 35.55 -24.35 -7.39
N ASP A 804 35.60 -25.23 -6.40
CA ASP A 804 35.16 -26.60 -6.59
C ASP A 804 33.64 -26.61 -6.59
N LEU A 805 33.05 -27.48 -7.38
CA LEU A 805 31.61 -27.53 -7.47
C LEU A 805 31.03 -28.78 -6.87
N THR A 806 31.86 -29.77 -6.60
CA THR A 806 31.38 -30.99 -5.97
C THR A 806 30.67 -30.72 -4.67
N LYS A 807 31.39 -30.36 -3.62
CA LYS A 807 30.79 -30.20 -2.30
C LYS A 807 29.97 -28.93 -2.28
N GLY A 808 29.39 -28.61 -3.42
CA GLY A 808 28.24 -27.74 -3.49
C GLY A 808 28.48 -26.36 -2.95
N PRO A 809 27.45 -25.57 -2.86
CA PRO A 809 27.62 -24.19 -2.45
C PRO A 809 27.95 -24.12 -0.98
N HIS A 810 27.81 -22.96 -0.39
CA HIS A 810 28.27 -22.84 0.98
C HIS A 810 27.10 -22.80 1.94
N GLU A 811 26.01 -22.18 1.53
CA GLU A 811 24.89 -21.93 2.40
C GLU A 811 23.80 -21.24 1.61
N PHE A 812 22.69 -21.93 1.39
CA PHE A 812 21.59 -21.32 0.68
C PHE A 812 20.33 -21.67 1.45
N CYS A 813 19.51 -20.68 1.75
CA CYS A 813 18.40 -20.86 2.66
C CYS A 813 18.86 -21.52 3.95
N SER A 814 20.05 -21.20 4.37
CA SER A 814 20.56 -21.62 5.67
C SER A 814 20.63 -23.14 5.80
N GLN A 815 21.14 -23.80 4.78
CA GLN A 815 21.58 -25.16 4.91
C GLN A 815 22.93 -25.32 4.24
N HIS A 816 23.78 -26.11 4.84
CA HIS A 816 24.99 -26.46 4.15
C HIS A 816 24.70 -27.70 3.33
N THR A 817 25.53 -27.95 2.33
CA THR A 817 25.23 -28.99 1.37
C THR A 817 26.32 -30.03 1.30
N MET A 818 26.03 -31.24 1.74
CA MET A 818 27.03 -32.29 1.65
C MET A 818 26.67 -33.13 0.45
N LEU A 819 27.66 -33.76 -0.15
CA LEU A 819 27.47 -34.67 -1.27
C LEU A 819 27.84 -36.05 -0.77
N VAL A 820 26.88 -36.95 -0.74
CA VAL A 820 27.12 -38.26 -0.15
C VAL A 820 26.46 -39.34 -0.97
N LYS A 821 26.84 -40.57 -0.68
CA LYS A 821 26.49 -41.73 -1.50
C LYS A 821 25.22 -42.36 -0.99
N GLN A 822 24.21 -42.40 -1.82
CA GLN A 822 22.94 -43.01 -1.48
C GLN A 822 22.70 -44.19 -2.38
N GLY A 823 22.45 -45.35 -1.78
CA GLY A 823 22.16 -46.54 -2.53
C GLY A 823 23.37 -46.98 -3.32
N ASP A 824 23.60 -46.29 -4.43
CA ASP A 824 24.73 -46.57 -5.31
C ASP A 824 25.34 -45.29 -5.87
N ASP A 825 24.55 -44.23 -5.99
CA ASP A 825 24.97 -43.03 -6.66
C ASP A 825 25.19 -41.93 -5.64
N TYR A 826 25.27 -40.71 -6.12
CA TYR A 826 25.82 -39.61 -5.35
C TYR A 826 24.84 -38.45 -5.38
N VAL A 827 24.43 -37.98 -4.22
CA VAL A 827 23.39 -37.00 -4.17
C VAL A 827 23.74 -35.95 -3.13
N TYR A 828 23.09 -34.80 -3.24
CA TYR A 828 23.29 -33.68 -2.34
C TYR A 828 22.22 -33.62 -1.29
N LEU A 829 22.63 -33.76 -0.04
CA LEU A 829 21.70 -33.62 1.04
C LEU A 829 21.99 -32.31 1.75
N PRO A 830 21.00 -31.56 2.02
CA PRO A 830 21.21 -30.34 2.78
C PRO A 830 21.00 -30.56 4.25
N TYR A 831 21.94 -30.13 5.08
CA TYR A 831 21.88 -30.35 6.50
C TYR A 831 22.06 -29.05 7.25
N PRO A 832 21.54 -28.96 8.46
CA PRO A 832 21.44 -27.67 9.13
C PRO A 832 22.42 -27.49 10.28
N ASP A 833 22.73 -26.25 10.60
CA ASP A 833 23.69 -25.88 11.64
C ASP A 833 23.30 -26.54 12.95
N PRO A 834 24.02 -27.57 13.40
CA PRO A 834 23.53 -28.37 14.52
C PRO A 834 23.10 -27.57 15.72
N SER A 835 23.87 -26.56 16.08
CA SER A 835 23.48 -25.78 17.22
C SER A 835 22.06 -25.32 17.11
N ARG A 836 21.58 -25.08 15.91
CA ARG A 836 20.19 -24.69 15.77
C ARG A 836 19.27 -25.79 16.25
N ILE A 837 19.53 -27.02 15.84
CA ILE A 837 18.65 -28.10 16.24
C ILE A 837 18.65 -28.26 17.75
N LEU A 838 19.81 -28.37 18.37
CA LEU A 838 19.82 -28.47 19.81
C LEU A 838 19.12 -27.28 20.45
N GLY A 839 19.70 -26.09 20.29
CA GLY A 839 19.18 -24.94 20.97
C GLY A 839 17.77 -24.62 20.54
N ALA A 840 17.20 -25.46 19.68
CA ALA A 840 15.76 -25.41 19.49
C ALA A 840 15.10 -26.52 20.26
N GLY A 841 15.85 -27.53 20.63
CA GLY A 841 15.28 -28.55 21.49
C GLY A 841 15.06 -28.04 22.89
N CYS A 842 16.00 -27.26 23.42
CA CYS A 842 15.96 -26.99 24.85
C CYS A 842 15.17 -25.75 25.29
N PHE A 843 14.77 -24.85 24.39
CA PHE A 843 14.13 -23.58 24.75
C PHE A 843 12.84 -23.39 23.98
N VAL A 844 11.79 -22.95 24.67
CA VAL A 844 10.47 -22.95 24.06
C VAL A 844 9.56 -21.86 24.59
N ASP A 845 8.34 -21.79 24.07
CA ASP A 845 7.28 -21.14 24.82
C ASP A 845 6.85 -22.11 25.90
N ASP A 846 5.62 -22.04 26.40
CA ASP A 846 5.52 -22.96 27.52
C ASP A 846 5.18 -24.39 27.13
N ILE A 847 3.90 -24.74 27.09
CA ILE A 847 3.55 -26.14 26.96
C ILE A 847 4.06 -26.70 25.64
N VAL A 848 4.21 -25.85 24.62
CA VAL A 848 4.82 -26.27 23.35
C VAL A 848 6.14 -26.95 23.64
N LYS A 849 6.67 -26.74 24.83
CA LYS A 849 7.45 -27.80 25.44
C LYS A 849 7.28 -27.86 26.94
N THR A 850 8.27 -27.46 27.71
CA THR A 850 8.22 -27.53 29.17
C THR A 850 8.06 -28.97 29.62
N ASP A 851 7.42 -29.79 28.77
CA ASP A 851 7.03 -31.14 29.13
C ASP A 851 6.66 -31.93 27.89
N GLY A 852 7.64 -32.58 27.26
CA GLY A 852 7.42 -33.16 25.95
C GLY A 852 6.43 -34.28 25.92
N THR A 853 6.25 -34.99 27.05
CA THR A 853 5.46 -36.20 27.08
C THR A 853 4.10 -36.03 26.43
N LEU A 854 3.58 -34.81 26.44
CA LEU A 854 2.34 -34.57 25.71
C LEU A 854 2.60 -34.40 24.23
N MET A 855 3.82 -34.06 23.84
CA MET A 855 4.07 -33.51 22.51
C MET A 855 4.66 -34.54 21.55
N ILE A 856 5.92 -34.90 21.73
CA ILE A 856 6.58 -35.86 20.85
C ILE A 856 6.61 -35.39 19.41
N GLU A 857 5.43 -35.26 18.80
CA GLU A 857 5.35 -34.85 17.40
C GLU A 857 6.41 -33.83 17.03
N ARG A 858 6.67 -32.88 17.91
CA ARG A 858 7.81 -32.02 17.65
C ARG A 858 9.06 -32.84 17.46
N PHE A 859 9.45 -33.59 18.48
CA PHE A 859 10.70 -34.32 18.40
C PHE A 859 10.78 -35.16 17.13
N VAL A 860 9.67 -35.73 16.68
CA VAL A 860 9.70 -36.34 15.36
C VAL A 860 10.19 -35.33 14.35
N SER A 861 9.41 -34.29 14.11
CA SER A 861 9.76 -33.37 13.04
C SER A 861 11.21 -32.92 13.14
N LEU A 862 11.67 -32.64 14.34
CA LEU A 862 13.06 -32.22 14.47
C LEU A 862 13.99 -33.32 13.99
N ALA A 863 13.73 -34.55 14.35
CA ALA A 863 14.67 -35.56 13.92
C ALA A 863 14.63 -35.73 12.42
N ILE A 864 13.44 -35.67 11.83
CA ILE A 864 13.33 -35.82 10.37
C ILE A 864 14.09 -34.70 9.70
N ASP A 865 14.32 -33.61 10.42
CA ASP A 865 15.02 -32.48 9.84
C ASP A 865 16.51 -32.55 10.07
N ALA A 866 16.94 -33.19 11.13
CA ALA A 866 18.34 -33.38 11.36
C ALA A 866 18.79 -34.79 11.07
N TYR A 867 18.13 -35.47 10.19
CA TYR A 867 18.70 -36.71 9.65
C TYR A 867 20.00 -36.53 8.89
N PRO A 868 20.10 -35.65 7.91
CA PRO A 868 21.29 -35.65 7.06
C PRO A 868 22.58 -35.62 7.83
N LEU A 869 22.48 -35.28 9.10
CA LEU A 869 23.67 -35.22 9.92
C LEU A 869 24.19 -36.58 10.26
N THR A 870 23.55 -37.63 9.81
CA THR A 870 24.11 -38.93 10.09
C THR A 870 25.26 -39.22 9.16
N LYS A 871 25.35 -38.50 8.04
CA LYS A 871 26.38 -38.76 7.06
C LYS A 871 27.66 -37.99 7.30
N HIS A 872 27.74 -37.28 8.38
CA HIS A 872 28.79 -36.28 8.46
C HIS A 872 30.09 -36.89 8.94
N PRO A 873 31.22 -36.48 8.37
CA PRO A 873 32.50 -37.06 8.80
C PRO A 873 32.93 -36.59 10.16
N ASN A 874 32.45 -35.46 10.63
CA ASN A 874 32.73 -35.08 11.99
C ASN A 874 32.02 -36.05 12.89
N GLN A 875 32.28 -35.99 14.18
CA GLN A 875 31.54 -36.92 15.01
C GLN A 875 30.32 -36.27 15.62
N GLU A 876 30.51 -35.49 16.68
CA GLU A 876 29.40 -35.01 17.51
C GLU A 876 28.18 -34.69 16.68
N TYR A 877 28.39 -34.19 15.47
CA TYR A 877 27.30 -34.08 14.52
C TYR A 877 26.44 -35.33 14.52
N ALA A 878 26.94 -36.44 13.96
CA ALA A 878 26.10 -37.62 13.83
C ALA A 878 25.49 -38.02 15.15
N ASP A 879 26.22 -37.80 16.23
CA ASP A 879 25.62 -38.07 17.51
C ASP A 879 24.28 -37.39 17.59
N VAL A 880 24.21 -36.09 17.29
CA VAL A 880 22.99 -35.35 17.62
C VAL A 880 21.78 -36.08 17.06
N PHE A 881 21.94 -36.73 15.92
CA PHE A 881 20.87 -37.60 15.51
C PHE A 881 20.66 -38.68 16.55
N HIS A 882 21.68 -39.49 16.81
CA HIS A 882 21.37 -40.65 17.65
C HIS A 882 20.82 -40.25 19.00
N LEU A 883 21.20 -39.09 19.49
CA LEU A 883 20.46 -38.55 20.61
C LEU A 883 18.98 -38.48 20.29
N TYR A 884 18.60 -37.58 19.37
CA TYR A 884 17.19 -37.37 19.15
C TYR A 884 16.44 -38.67 19.06
N LEU A 885 17.07 -39.67 18.50
CA LEU A 885 16.41 -40.97 18.45
C LEU A 885 16.20 -41.52 19.85
N GLN A 886 17.27 -41.98 20.51
CA GLN A 886 17.09 -42.68 21.78
C GLN A 886 16.21 -41.88 22.71
N TYR A 887 16.28 -40.56 22.60
CA TYR A 887 15.31 -39.75 23.30
C TYR A 887 13.90 -40.16 22.92
N ILE A 888 13.47 -39.87 21.69
CA ILE A 888 12.08 -40.11 21.31
C ILE A 888 11.63 -41.44 21.84
N ARG A 889 12.52 -42.41 21.77
CA ARG A 889 12.19 -43.75 22.24
C ARG A 889 11.86 -43.74 23.73
N LYS A 890 12.78 -43.27 24.55
CA LYS A 890 12.52 -43.36 25.98
C LYS A 890 11.29 -42.56 26.36
N LEU A 891 11.14 -41.39 25.76
CA LEU A 891 9.97 -40.58 26.03
C LEU A 891 8.71 -41.40 25.86
N HIS A 892 8.55 -41.95 24.67
CA HIS A 892 7.36 -42.71 24.36
C HIS A 892 7.15 -43.83 25.36
N ASP A 893 8.25 -44.49 25.73
CA ASP A 893 8.15 -45.58 26.70
C ASP A 893 7.48 -45.10 27.98
N GLU A 894 7.94 -43.98 28.52
CA GLU A 894 7.31 -43.55 29.76
C GLU A 894 5.87 -43.17 29.53
N LEU A 895 5.52 -42.73 28.32
CA LEU A 895 4.12 -42.38 28.14
C LEU A 895 3.24 -43.59 28.33
N THR A 896 3.54 -44.67 27.62
CA THR A 896 2.70 -45.86 27.80
C THR A 896 2.86 -46.41 29.20
N GLY A 897 4.02 -46.19 29.82
CA GLY A 897 4.18 -46.57 31.21
C GLY A 897 3.16 -45.91 32.09
N HIS A 898 2.98 -44.61 31.94
CA HIS A 898 1.98 -43.91 32.75
C HIS A 898 0.58 -44.40 32.41
N MET A 899 0.24 -44.42 31.13
CA MET A 899 -1.11 -44.84 30.77
C MET A 899 -1.33 -46.31 31.07
N LEU A 900 -0.29 -47.00 31.53
CA LEU A 900 -0.46 -48.36 32.05
C LEU A 900 -0.39 -48.36 33.56
N ASP A 901 0.12 -47.28 34.14
CA ASP A 901 0.47 -47.28 35.56
C ASP A 901 -0.60 -46.60 36.39
N MET A 902 -0.84 -45.30 36.16
CA MET A 902 -1.95 -44.65 36.86
C MET A 902 -3.25 -45.34 36.51
N TYR A 903 -3.67 -45.20 35.27
CA TYR A 903 -4.86 -45.85 34.77
C TYR A 903 -4.34 -47.00 33.94
N SER A 904 -4.57 -48.22 34.40
CA SER A 904 -3.84 -49.34 33.82
C SER A 904 -4.08 -49.47 32.33
N VAL A 905 -4.85 -48.56 31.74
CA VAL A 905 -5.26 -48.66 30.36
C VAL A 905 -4.03 -48.77 29.46
N MET A 906 -3.43 -49.95 29.48
CA MET A 906 -2.37 -50.33 28.56
C MET A 906 -2.85 -50.08 27.14
N LEU A 907 -2.03 -49.40 26.36
CA LEU A 907 -2.36 -49.18 24.96
C LEU A 907 -2.00 -50.41 24.13
N THR A 908 -2.97 -50.88 23.34
CA THR A 908 -3.07 -52.29 22.99
C THR A 908 -2.14 -52.70 21.84
N ASN A 909 -1.47 -51.77 21.18
CA ASN A 909 -0.60 -52.19 20.08
C ASN A 909 0.49 -51.16 19.84
N ASP A 910 1.44 -51.54 18.99
CA ASP A 910 2.62 -50.71 18.73
C ASP A 910 2.50 -49.89 17.46
N ASN A 911 3.04 -50.39 16.35
CA ASN A 911 3.17 -49.63 15.10
C ASN A 911 4.26 -48.56 15.21
N THR A 912 4.32 -47.85 16.32
CA THR A 912 5.23 -46.72 16.47
C THR A 912 6.67 -47.07 16.18
N SER A 913 7.09 -48.27 16.52
CA SER A 913 8.50 -48.61 16.54
C SER A 913 9.23 -48.17 15.29
N ARG A 914 8.52 -47.90 14.20
CA ARG A 914 9.21 -47.27 13.09
C ARG A 914 9.81 -45.93 13.46
N TYR A 915 9.23 -45.23 14.42
CA TYR A 915 9.78 -43.94 14.81
C TYR A 915 11.16 -44.07 15.40
N TRP A 916 11.31 -44.80 16.49
CA TRP A 916 12.60 -44.95 17.14
C TRP A 916 13.51 -45.91 16.36
N GLU A 917 13.36 -45.96 15.06
CA GLU A 917 14.27 -46.69 14.23
C GLU A 917 14.47 -45.85 12.98
N PRO A 918 15.64 -45.77 12.48
CA PRO A 918 15.97 -44.70 11.54
C PRO A 918 15.31 -44.86 10.20
N GLU A 919 14.92 -46.08 9.86
CA GLU A 919 14.49 -46.32 8.51
C GLU A 919 13.30 -45.49 8.08
N PHE A 920 12.38 -45.19 8.99
CA PHE A 920 11.30 -44.31 8.61
C PHE A 920 11.82 -43.00 8.06
N TYR A 921 12.89 -42.45 8.65
CA TYR A 921 13.39 -41.18 8.15
C TYR A 921 14.01 -41.32 6.79
N GLU A 922 15.21 -41.87 6.74
CA GLU A 922 16.03 -41.83 5.53
C GLU A 922 15.23 -42.09 4.27
N ALA A 923 14.19 -42.90 4.34
CA ALA A 923 13.27 -42.98 3.23
C ALA A 923 12.90 -41.59 2.76
N MET A 924 12.90 -40.62 3.66
CA MET A 924 12.57 -39.27 3.25
C MET A 924 13.46 -38.80 2.14
N TYR A 925 14.75 -38.72 2.36
CA TYR A 925 15.61 -38.13 1.37
C TYR A 925 15.90 -39.09 0.23
N THR A 926 14.94 -39.32 -0.65
CA THR A 926 15.07 -40.35 -1.66
C THR A 926 13.93 -40.26 -2.66
N PRO A 927 14.24 -40.24 -3.92
CA PRO A 927 13.21 -39.90 -4.89
C PRO A 927 12.18 -40.97 -4.99
N HIS A 928 10.92 -40.58 -4.95
CA HIS A 928 9.81 -41.48 -5.23
C HIS A 928 8.54 -40.69 -5.10
N THR A 929 7.67 -41.12 -4.21
CA THR A 929 6.42 -40.42 -3.98
C THR A 929 6.67 -39.03 -3.44
N PHE B 6 -35.89 -47.51 11.52
CA PHE B 6 -35.98 -48.23 10.26
C PHE B 6 -36.76 -49.52 10.43
N SER B 7 -37.77 -49.47 11.29
CA SER B 7 -38.64 -50.62 11.48
C SER B 7 -40.04 -50.28 10.98
N SER B 8 -40.46 -49.04 11.18
CA SER B 8 -41.79 -48.60 10.78
C SER B 8 -41.80 -48.51 9.26
N LEU B 9 -41.46 -49.62 8.61
CA LEU B 9 -41.32 -49.67 7.19
C LEU B 9 -42.33 -50.69 6.68
N PRO B 10 -43.03 -50.39 5.59
CA PRO B 10 -43.95 -51.39 5.04
C PRO B 10 -43.22 -52.66 4.65
N SER B 11 -42.04 -52.49 4.05
CA SER B 11 -41.16 -53.61 3.81
C SER B 11 -40.93 -54.42 5.07
N TYR B 12 -40.94 -53.77 6.23
CA TYR B 12 -40.77 -54.54 7.45
C TYR B 12 -41.96 -55.43 7.70
N ALA B 13 -43.17 -54.92 7.48
CA ALA B 13 -44.33 -55.78 7.57
C ALA B 13 -44.21 -56.97 6.63
N ALA B 14 -43.79 -56.71 5.39
CA ALA B 14 -43.74 -57.78 4.40
C ALA B 14 -42.68 -58.82 4.75
N PHE B 15 -41.47 -58.37 5.10
CA PHE B 15 -40.44 -59.32 5.48
C PHE B 15 -40.83 -60.06 6.76
N ALA B 16 -41.47 -59.36 7.70
CA ALA B 16 -41.85 -59.99 8.95
C ALA B 16 -42.89 -61.08 8.71
N THR B 17 -43.84 -60.82 7.82
CA THR B 17 -44.84 -61.86 7.55
C THR B 17 -44.25 -62.97 6.70
N ALA B 18 -43.31 -62.64 5.82
CA ALA B 18 -42.63 -63.68 5.06
C ALA B 18 -41.92 -64.65 6.01
N GLN B 19 -41.24 -64.11 7.03
CA GLN B 19 -40.74 -64.96 8.09
C GLN B 19 -41.88 -65.75 8.71
N GLU B 20 -42.88 -65.04 9.24
CA GLU B 20 -43.99 -65.71 9.93
C GLU B 20 -44.42 -66.97 9.19
N ALA B 21 -44.68 -66.83 7.89
CA ALA B 21 -45.03 -68.00 7.09
C ALA B 21 -43.87 -68.97 6.95
N TYR B 22 -42.63 -68.47 6.92
CA TYR B 22 -41.48 -69.34 6.72
C TYR B 22 -41.27 -70.25 7.92
N GLU B 23 -41.34 -69.68 9.11
CA GLU B 23 -41.26 -70.48 10.31
C GLU B 23 -42.53 -71.29 10.52
N GLN B 24 -43.65 -70.83 9.95
CA GLN B 24 -44.87 -71.63 10.01
C GLN B 24 -44.70 -72.93 9.24
N ALA B 25 -44.27 -72.84 7.99
CA ALA B 25 -44.05 -74.00 7.14
C ALA B 25 -42.67 -74.62 7.33
N VAL B 26 -41.87 -74.09 8.24
CA VAL B 26 -40.58 -74.67 8.55
C VAL B 26 -40.60 -75.42 9.88
N ALA B 27 -41.12 -74.82 10.94
CA ALA B 27 -41.52 -75.59 12.10
C ALA B 27 -42.38 -76.77 11.69
N ASN B 28 -43.34 -76.53 10.80
CA ASN B 28 -44.05 -77.59 10.11
C ASN B 28 -43.34 -77.80 8.79
N GLY B 29 -42.09 -78.27 8.86
CA GLY B 29 -41.27 -78.44 7.68
C GLY B 29 -41.81 -79.47 6.70
N ASP B 30 -42.19 -79.02 5.51
CA ASP B 30 -42.86 -79.87 4.54
C ASP B 30 -41.98 -80.26 3.37
N SER B 31 -42.32 -79.81 2.16
CA SER B 31 -41.72 -80.37 0.96
C SER B 31 -40.75 -79.35 0.37
N GLU B 32 -40.00 -79.81 -0.64
CA GLU B 32 -39.07 -78.93 -1.32
C GLU B 32 -39.76 -77.73 -1.90
N VAL B 33 -41.04 -77.85 -2.27
CA VAL B 33 -41.79 -76.71 -2.79
C VAL B 33 -42.15 -75.76 -1.65
N VAL B 34 -42.48 -76.32 -0.49
CA VAL B 34 -42.68 -75.48 0.68
C VAL B 34 -41.40 -74.71 0.99
N LEU B 35 -40.29 -75.42 1.06
CA LEU B 35 -39.01 -74.77 1.21
C LEU B 35 -38.77 -73.75 0.12
N LYS B 36 -39.27 -74.02 -1.09
CA LYS B 36 -39.02 -73.15 -2.22
C LYS B 36 -39.77 -71.84 -2.09
N LYS B 37 -41.07 -71.92 -1.86
CA LYS B 37 -41.85 -70.73 -1.52
C LYS B 37 -41.20 -69.95 -0.40
N LEU B 38 -40.78 -70.67 0.64
CA LEU B 38 -40.21 -69.99 1.80
C LEU B 38 -38.95 -69.23 1.41
N LYS B 39 -37.96 -69.92 0.88
CA LYS B 39 -36.72 -69.27 0.51
C LYS B 39 -36.95 -68.16 -0.49
N LYS B 40 -37.89 -68.34 -1.42
CA LYS B 40 -38.14 -67.32 -2.41
C LYS B 40 -38.68 -66.06 -1.75
N SER B 41 -39.75 -66.20 -0.97
CA SER B 41 -40.30 -65.06 -0.26
C SER B 41 -39.23 -64.38 0.56
N LEU B 42 -38.39 -65.15 1.24
CA LEU B 42 -37.43 -64.54 2.13
C LEU B 42 -36.35 -63.82 1.35
N ASN B 43 -35.93 -64.39 0.23
CA ASN B 43 -34.95 -63.71 -0.61
C ASN B 43 -35.51 -62.39 -1.12
N VAL B 44 -36.77 -62.39 -1.56
CA VAL B 44 -37.26 -61.16 -2.16
C VAL B 44 -37.63 -60.13 -1.09
N ALA B 45 -38.09 -60.55 0.08
CA ALA B 45 -38.36 -59.58 1.12
C ALA B 45 -37.07 -59.08 1.74
N LYS B 46 -36.04 -59.92 1.76
CA LYS B 46 -34.72 -59.37 1.89
C LYS B 46 -34.52 -58.24 0.91
N SER B 47 -34.86 -58.48 -0.36
CA SER B 47 -34.60 -57.47 -1.38
C SER B 47 -35.35 -56.19 -1.08
N GLU B 48 -36.54 -56.30 -0.51
CA GLU B 48 -37.26 -55.09 -0.11
C GLU B 48 -36.52 -54.39 1.01
N PHE B 49 -36.02 -55.15 1.98
CA PHE B 49 -35.29 -54.55 3.07
C PHE B 49 -34.01 -53.89 2.65
N ASP B 50 -33.36 -54.41 1.62
CA ASP B 50 -32.07 -53.85 1.30
C ASP B 50 -32.20 -52.39 0.97
N ARG B 51 -33.00 -52.05 -0.03
CA ARG B 51 -33.06 -50.68 -0.51
C ARG B 51 -33.68 -49.75 0.53
N ASP B 52 -34.77 -50.14 1.16
CA ASP B 52 -35.28 -49.32 2.24
C ASP B 52 -34.23 -49.07 3.29
N ALA B 53 -33.69 -50.11 3.90
CA ALA B 53 -32.63 -49.93 4.86
C ALA B 53 -31.36 -49.42 4.21
N ALA B 54 -31.34 -49.31 2.89
CA ALA B 54 -30.28 -48.58 2.23
C ALA B 54 -30.56 -47.09 2.15
N MET B 55 -31.39 -46.67 1.20
CA MET B 55 -31.51 -45.25 0.92
C MET B 55 -31.84 -44.46 2.17
N GLN B 56 -32.60 -45.05 3.08
CA GLN B 56 -32.97 -44.33 4.28
C GLN B 56 -31.76 -43.82 5.02
N ARG B 57 -30.68 -44.61 5.09
CA ARG B 57 -29.48 -44.09 5.70
C ARG B 57 -29.01 -42.83 5.03
N LYS B 58 -29.07 -42.81 3.71
CA LYS B 58 -28.59 -41.65 2.98
C LYS B 58 -29.45 -40.43 3.29
N LEU B 59 -30.76 -40.62 3.23
CA LEU B 59 -31.67 -39.55 3.57
C LEU B 59 -31.34 -38.98 4.94
N GLU B 60 -31.09 -39.85 5.92
CA GLU B 60 -30.90 -39.37 7.28
C GLU B 60 -29.60 -38.59 7.40
N LYS B 61 -28.49 -39.19 6.99
CA LYS B 61 -27.22 -38.50 7.11
C LYS B 61 -27.27 -37.16 6.38
N MET B 62 -27.96 -37.11 5.25
CA MET B 62 -27.94 -35.87 4.48
C MET B 62 -28.81 -34.81 5.14
N ALA B 63 -29.96 -35.22 5.68
CA ALA B 63 -30.71 -34.33 6.53
C ALA B 63 -29.80 -33.70 7.57
N ASP B 64 -29.05 -34.52 8.28
CA ASP B 64 -28.26 -33.98 9.36
C ASP B 64 -27.24 -32.98 8.87
N GLN B 65 -26.52 -33.32 7.81
CA GLN B 65 -25.53 -32.35 7.36
C GLN B 65 -26.20 -31.05 6.93
N ALA B 66 -27.42 -31.14 6.42
CA ALA B 66 -28.13 -29.93 6.05
C ALA B 66 -28.41 -29.07 7.27
N MET B 67 -28.89 -29.69 8.35
CA MET B 67 -29.14 -28.93 9.57
C MET B 67 -27.88 -28.24 10.04
N THR B 68 -26.75 -28.95 9.97
CA THR B 68 -25.50 -28.34 10.36
C THR B 68 -25.22 -27.09 9.56
N GLN B 69 -25.14 -27.24 8.24
CA GLN B 69 -24.75 -26.09 7.44
C GLN B 69 -25.72 -24.94 7.63
N MET B 70 -26.99 -25.25 7.91
CA MET B 70 -27.94 -24.18 8.05
C MET B 70 -27.71 -23.40 9.33
N TYR B 71 -27.50 -24.10 10.45
CA TYR B 71 -27.07 -23.41 11.65
C TYR B 71 -25.91 -22.49 11.32
N LYS B 72 -24.94 -23.00 10.56
CA LYS B 72 -23.74 -22.22 10.33
C LYS B 72 -24.04 -20.94 9.58
N GLN B 73 -24.79 -21.03 8.50
CA GLN B 73 -25.20 -19.84 7.78
C GLN B 73 -25.86 -18.83 8.73
N ALA B 74 -26.76 -19.32 9.58
CA ALA B 74 -27.45 -18.42 10.48
C ALA B 74 -26.48 -17.68 11.38
N ARG B 75 -25.56 -18.40 12.00
CA ARG B 75 -24.66 -17.74 12.94
C ARG B 75 -23.81 -16.71 12.22
N SER B 76 -23.40 -17.05 10.99
CA SER B 76 -22.63 -16.11 10.20
C SER B 76 -23.37 -14.79 10.05
N GLU B 77 -24.60 -14.85 9.56
CA GLU B 77 -25.28 -13.57 9.35
C GLU B 77 -25.49 -12.84 10.67
N ASP B 78 -25.73 -13.57 11.74
CA ASP B 78 -26.03 -12.88 12.99
C ASP B 78 -24.81 -12.09 13.46
N LYS B 79 -23.65 -12.71 13.41
CA LYS B 79 -22.46 -11.96 13.78
C LYS B 79 -22.21 -10.83 12.81
N ARG B 80 -22.62 -10.97 11.54
CA ARG B 80 -22.49 -9.82 10.66
C ARG B 80 -23.29 -8.65 11.22
N ALA B 81 -24.46 -8.95 11.77
CA ALA B 81 -25.24 -7.86 12.32
C ALA B 81 -24.49 -7.21 13.46
N LYS B 82 -23.94 -8.03 14.34
CA LYS B 82 -23.23 -7.47 15.49
C LYS B 82 -22.08 -6.58 15.04
N VAL B 83 -21.33 -7.03 14.04
CA VAL B 83 -20.20 -6.22 13.60
C VAL B 83 -20.67 -4.91 13.03
N THR B 84 -21.68 -4.92 12.18
CA THR B 84 -22.15 -3.65 11.62
C THR B 84 -22.52 -2.69 12.75
N SER B 85 -23.21 -3.20 13.76
CA SER B 85 -23.55 -2.35 14.88
C SER B 85 -22.31 -1.72 15.50
N ALA B 86 -21.42 -2.56 16.02
CA ALA B 86 -20.25 -2.03 16.72
C ALA B 86 -19.48 -1.06 15.84
N MET B 87 -19.45 -1.34 14.55
CA MET B 87 -18.72 -0.48 13.63
C MET B 87 -19.30 0.91 13.64
N GLN B 88 -20.60 1.01 13.36
CA GLN B 88 -21.14 2.35 13.25
C GLN B 88 -21.04 3.08 14.58
N THR B 89 -21.19 2.36 15.69
CA THR B 89 -21.19 3.09 16.95
C THR B 89 -19.81 3.63 17.27
N MET B 90 -18.76 2.84 17.00
CA MET B 90 -17.42 3.40 17.15
C MET B 90 -17.25 4.59 16.25
N LEU B 91 -17.79 4.50 15.04
CA LEU B 91 -17.62 5.60 14.11
C LEU B 91 -18.21 6.88 14.69
N PHE B 92 -19.39 6.79 15.27
CA PHE B 92 -20.05 8.01 15.70
C PHE B 92 -19.46 8.54 17.00
N THR B 93 -19.02 7.64 17.87
CA THR B 93 -18.35 8.13 19.06
C THR B 93 -17.03 8.77 18.71
N MET B 94 -16.42 8.37 17.61
CA MET B 94 -15.28 9.12 17.12
C MET B 94 -15.71 10.46 16.57
N LEU B 95 -16.82 10.47 15.84
CA LEU B 95 -17.24 11.68 15.15
C LEU B 95 -17.53 12.80 16.12
N ARG B 96 -18.42 12.59 17.06
CA ARG B 96 -18.89 13.79 17.75
C ARG B 96 -17.87 14.39 18.66
N LYS B 97 -16.60 14.41 18.32
CA LYS B 97 -15.59 15.09 19.10
C LYS B 97 -14.73 16.01 18.25
N LEU B 98 -15.17 16.37 17.06
CA LEU B 98 -14.30 17.01 16.11
C LEU B 98 -14.89 18.25 15.46
N ASP B 99 -16.21 18.41 15.44
CA ASP B 99 -16.83 19.40 14.57
C ASP B 99 -16.59 20.82 15.07
N ASN B 100 -15.41 21.06 15.65
CA ASN B 100 -15.03 22.41 16.03
C ASN B 100 -15.28 23.37 14.89
N ASP B 101 -15.74 24.55 15.24
CA ASP B 101 -15.82 25.59 14.23
C ASP B 101 -14.51 25.73 13.49
N ALA B 102 -13.39 25.76 14.22
CA ALA B 102 -12.10 26.02 13.60
C ALA B 102 -11.89 25.19 12.36
N LEU B 103 -12.28 23.92 12.40
CA LEU B 103 -12.23 23.12 11.19
C LEU B 103 -13.07 23.76 10.11
N ASN B 104 -14.38 23.85 10.34
CA ASN B 104 -15.29 24.37 9.32
C ASN B 104 -14.73 25.64 8.71
N ASN B 105 -14.16 26.49 9.54
CA ASN B 105 -13.32 27.57 9.04
C ASN B 105 -12.31 27.04 8.04
N ILE B 106 -11.39 26.20 8.50
CA ILE B 106 -10.24 25.84 7.68
C ILE B 106 -10.66 25.20 6.37
N ILE B 107 -11.84 24.61 6.32
CA ILE B 107 -12.28 23.95 5.10
C ILE B 107 -12.96 24.96 4.17
N ASN B 108 -13.67 25.94 4.73
CA ASN B 108 -14.17 27.01 3.87
C ASN B 108 -13.01 27.71 3.20
N ASN B 109 -11.97 28.00 3.95
CA ASN B 109 -10.79 28.64 3.44
C ASN B 109 -10.11 27.84 2.37
N ALA B 110 -10.56 26.62 2.11
CA ALA B 110 -9.92 25.79 1.11
C ALA B 110 -10.08 26.43 -0.25
N ARG B 111 -9.23 26.00 -1.19
CA ARG B 111 -9.40 26.45 -2.56
C ARG B 111 -10.53 25.72 -3.25
N ASP B 112 -10.93 24.58 -2.70
CA ASP B 112 -11.77 23.63 -3.41
C ASP B 112 -12.53 22.71 -2.46
N GLY B 113 -12.23 22.75 -1.19
CA GLY B 113 -12.71 21.76 -0.26
C GLY B 113 -11.80 20.57 -0.10
N CYS B 114 -10.53 20.69 -0.48
CA CYS B 114 -9.56 19.62 -0.31
C CYS B 114 -8.36 20.17 0.43
N VAL B 115 -8.04 19.57 1.56
CA VAL B 115 -6.85 19.92 2.32
C VAL B 115 -6.10 18.64 2.61
N PRO B 116 -4.79 18.64 2.47
CA PRO B 116 -4.02 17.46 2.81
C PRO B 116 -4.17 17.17 4.28
N LEU B 117 -4.08 15.91 4.63
CA LEU B 117 -4.43 15.54 5.99
C LEU B 117 -3.42 16.04 7.00
N ASN B 118 -2.16 16.14 6.62
CA ASN B 118 -1.14 16.38 7.63
C ASN B 118 -1.19 17.75 8.27
N ILE B 119 -2.13 18.61 7.88
CA ILE B 119 -2.24 19.91 8.52
C ILE B 119 -3.57 20.10 9.19
N ILE B 120 -4.34 19.04 9.36
CA ILE B 120 -5.57 19.15 10.12
C ILE B 120 -5.32 18.92 11.61
N PRO B 121 -4.81 17.77 12.05
CA PRO B 121 -4.53 17.63 13.48
C PRO B 121 -3.52 18.61 13.97
N LEU B 122 -2.68 19.12 13.09
CA LEU B 122 -1.69 20.07 13.52
C LEU B 122 -2.31 21.41 13.90
N THR B 123 -3.15 21.98 13.06
CA THR B 123 -3.67 23.31 13.31
C THR B 123 -4.94 23.29 14.14
N THR B 124 -5.86 22.38 13.83
CA THR B 124 -7.15 22.46 14.46
C THR B 124 -7.21 21.75 15.79
N ALA B 125 -6.36 20.77 16.04
CA ALA B 125 -6.55 19.95 17.21
C ALA B 125 -6.10 20.68 18.45
N ALA B 126 -6.51 20.16 19.59
CA ALA B 126 -6.23 20.79 20.86
C ALA B 126 -5.16 20.09 21.66
N LYS B 127 -5.58 19.27 22.62
CA LYS B 127 -4.68 18.70 23.61
C LYS B 127 -3.46 18.08 22.94
N LEU B 128 -2.28 18.50 23.39
CA LEU B 128 -1.04 18.04 22.81
C LEU B 128 -0.39 17.06 23.75
N MET B 129 0.13 15.97 23.19
CA MET B 129 1.00 15.07 23.93
C MET B 129 2.39 15.32 23.41
N VAL B 130 3.39 15.08 24.23
CA VAL B 130 4.76 15.12 23.77
C VAL B 130 5.52 14.02 24.48
N VAL B 131 6.39 13.34 23.76
CA VAL B 131 7.31 12.38 24.34
C VAL B 131 8.64 13.08 24.47
N ILE B 132 9.43 12.70 25.46
CA ILE B 132 10.77 13.24 25.65
C ILE B 132 11.69 12.14 26.14
N PRO B 133 12.87 11.99 25.56
CA PRO B 133 13.75 10.92 25.99
C PRO B 133 14.76 11.34 27.03
N ASP B 134 15.12 12.62 27.07
CA ASP B 134 16.28 13.01 27.85
C ASP B 134 15.94 14.26 28.66
N TYR B 135 16.80 14.59 29.61
CA TYR B 135 16.66 15.87 30.30
C TYR B 135 17.07 17.01 29.40
N ASN B 136 18.13 16.81 28.63
CA ASN B 136 18.58 17.88 27.76
C ASN B 136 17.47 18.33 26.84
N THR B 137 16.89 17.40 26.08
CA THR B 137 15.82 17.77 25.17
C THR B 137 14.66 18.41 25.92
N TYR B 138 14.39 17.94 27.11
CA TYR B 138 13.43 18.61 27.97
C TYR B 138 13.73 20.08 28.11
N LYS B 139 14.91 20.41 28.61
CA LYS B 139 15.19 21.81 28.94
C LYS B 139 15.44 22.62 27.69
N ASN B 140 15.50 21.96 26.54
CA ASN B 140 15.70 22.73 25.33
C ASN B 140 14.40 22.91 24.57
N THR B 141 13.39 22.12 24.87
CA THR B 141 12.21 22.19 24.03
C THR B 141 10.90 22.37 24.77
N CYS B 142 10.81 21.98 26.04
CA CYS B 142 9.58 22.20 26.79
C CYS B 142 9.98 22.71 28.16
N ASP B 143 10.85 23.69 28.18
CA ASP B 143 11.32 24.27 29.41
C ASP B 143 10.46 25.46 29.78
N GLY B 144 10.36 25.72 31.07
CA GLY B 144 9.40 26.70 31.54
C GLY B 144 8.07 26.01 31.75
N THR B 145 7.02 26.81 31.85
CA THR B 145 5.68 26.29 32.02
C THR B 145 4.87 26.34 30.74
N THR B 146 5.43 26.90 29.69
CA THR B 146 4.69 26.98 28.44
C THR B 146 5.66 27.18 27.30
N PHE B 147 5.12 27.14 26.10
CA PHE B 147 5.97 27.31 24.93
C PHE B 147 5.08 27.42 23.70
N THR B 148 5.62 28.04 22.67
CA THR B 148 4.97 27.98 21.37
C THR B 148 5.63 26.89 20.58
N TYR B 149 4.92 26.41 19.57
CA TYR B 149 5.38 25.35 18.70
C TYR B 149 4.31 25.13 17.65
N ALA B 150 4.74 24.91 16.41
CA ALA B 150 3.87 24.99 15.25
C ALA B 150 3.21 26.36 15.19
N SER B 151 3.88 27.36 15.76
CA SER B 151 3.41 28.74 15.77
C SER B 151 2.08 28.89 16.51
N ALA B 152 2.06 28.44 17.76
CA ALA B 152 0.91 28.63 18.63
C ALA B 152 1.34 28.25 20.03
N LEU B 153 0.68 28.84 21.01
CA LEU B 153 1.06 28.68 22.41
C LEU B 153 0.49 27.40 22.98
N TRP B 154 1.18 26.85 23.98
CA TRP B 154 0.79 25.61 24.62
C TRP B 154 1.16 25.70 26.09
N GLU B 155 0.31 25.11 26.94
CA GLU B 155 0.44 25.14 28.39
C GLU B 155 0.66 23.74 28.92
N ILE B 156 1.64 23.59 29.81
CA ILE B 156 1.87 22.30 30.42
C ILE B 156 0.74 22.01 31.40
N GLN B 157 0.27 20.77 31.41
CA GLN B 157 -0.61 20.31 32.47
C GLN B 157 0.10 19.38 33.43
N GLN B 158 0.25 18.12 33.08
CA GLN B 158 0.98 17.22 33.95
C GLN B 158 2.08 16.56 33.15
N VAL B 159 3.10 16.15 33.86
CA VAL B 159 4.24 15.51 33.25
C VAL B 159 4.38 14.14 33.87
N VAL B 160 3.79 13.15 33.22
CA VAL B 160 3.80 11.79 33.73
C VAL B 160 5.04 11.12 33.19
N ASP B 161 5.37 9.96 33.74
CA ASP B 161 6.57 9.34 33.25
C ASP B 161 6.27 7.95 32.71
N ALA B 162 7.26 7.06 32.76
CA ALA B 162 7.07 5.74 32.19
C ALA B 162 6.10 4.92 33.00
N ASP B 163 6.23 4.95 34.33
CA ASP B 163 5.30 4.20 35.15
C ASP B 163 4.02 4.96 35.43
N SER B 164 3.73 6.01 34.68
CA SER B 164 2.58 6.89 34.91
C SER B 164 2.53 7.37 36.36
N LYS B 165 3.65 7.93 36.80
CA LYS B 165 3.73 8.59 38.09
C LYS B 165 3.78 10.09 37.84
N ILE B 166 2.78 10.80 38.34
CA ILE B 166 2.76 12.24 38.18
C ILE B 166 4.06 12.81 38.69
N VAL B 167 4.63 13.74 37.93
CA VAL B 167 5.91 14.33 38.28
C VAL B 167 5.78 15.83 38.06
N GLN B 168 5.95 16.60 39.12
CA GLN B 168 5.84 18.04 39.02
C GLN B 168 6.93 18.60 38.12
N LEU B 169 6.71 19.83 37.69
CA LEU B 169 7.71 20.49 36.88
C LEU B 169 8.89 20.97 37.71
N SER B 170 9.03 20.47 38.94
CA SER B 170 10.14 20.89 39.78
C SER B 170 11.25 19.85 39.76
N GLU B 171 10.90 18.61 40.08
CA GLU B 171 11.89 17.56 40.26
C GLU B 171 12.85 17.45 39.10
N ILE B 172 12.44 17.85 37.91
CA ILE B 172 13.26 17.65 36.73
C ILE B 172 14.44 18.59 36.78
N SER B 173 15.34 18.38 37.73
CA SER B 173 16.56 19.14 37.65
C SER B 173 17.45 18.52 36.60
N MET B 174 18.58 19.17 36.38
CA MET B 174 19.65 18.47 35.70
C MET B 174 20.07 17.24 36.48
N ASP B 175 20.02 17.28 37.81
CA ASP B 175 20.66 16.23 38.58
C ASP B 175 19.70 15.37 39.38
N ASN B 176 18.43 15.74 39.44
CA ASN B 176 17.45 14.75 39.85
C ASN B 176 17.08 13.84 38.70
N SER B 177 17.57 14.15 37.49
CA SER B 177 17.25 13.34 36.32
C SER B 177 17.69 11.89 36.43
N PRO B 178 18.90 11.55 36.84
CA PRO B 178 19.31 10.14 36.82
C PRO B 178 18.59 9.31 37.86
N ASN B 179 17.39 9.73 38.22
CA ASN B 179 16.54 9.00 39.13
C ASN B 179 15.14 8.87 38.57
N LEU B 180 14.99 8.92 37.26
CA LEU B 180 13.70 9.00 36.62
C LEU B 180 13.61 7.92 35.54
N ALA B 181 12.42 7.42 35.32
CA ALA B 181 12.23 6.58 34.14
C ALA B 181 12.25 7.50 32.93
N TRP B 182 13.05 7.22 31.94
CA TRP B 182 13.22 8.32 31.02
C TRP B 182 12.55 8.15 29.67
N PRO B 183 11.32 8.47 29.58
CA PRO B 183 10.80 8.98 28.32
C PRO B 183 9.61 9.88 28.58
N LEU B 184 9.75 10.85 29.47
CA LEU B 184 8.64 11.54 30.10
C LEU B 184 7.63 12.05 29.09
N ILE B 185 6.36 11.99 29.47
CA ILE B 185 5.26 12.38 28.63
C ILE B 185 4.70 13.67 29.19
N VAL B 186 4.74 14.72 28.38
CA VAL B 186 4.24 16.03 28.77
C VAL B 186 2.90 16.19 28.13
N THR B 187 1.87 16.49 28.91
CA THR B 187 0.55 16.65 28.33
C THR B 187 0.15 18.11 28.31
N ALA B 188 0.53 18.81 27.25
CA ALA B 188 0.29 20.22 27.18
C ALA B 188 -1.04 20.46 26.48
N LEU B 189 -1.38 21.73 26.35
CA LEU B 189 -2.73 22.06 25.94
C LEU B 189 -2.72 23.21 24.95
N ARG B 190 -3.74 23.25 24.10
CA ARG B 190 -3.83 24.28 23.07
C ARG B 190 -3.99 25.63 23.71
N ALA B 191 -2.86 26.25 24.05
CA ALA B 191 -2.99 27.47 24.81
C ALA B 191 -3.63 28.56 23.95
N ASN B 192 -4.60 29.22 24.55
CA ASN B 192 -5.26 30.36 23.93
C ASN B 192 -6.15 31.09 24.94
N LYS C 2 30.18 -26.64 31.16
CA LYS C 2 29.98 -25.88 32.38
C LYS C 2 29.15 -24.66 32.11
N MET C 3 29.84 -23.57 31.72
CA MET C 3 29.20 -22.29 31.51
C MET C 3 27.81 -22.43 30.89
N SER C 4 27.65 -23.40 29.99
CA SER C 4 26.34 -23.62 29.37
C SER C 4 25.23 -23.67 30.41
N ASP C 5 25.49 -24.30 31.55
CA ASP C 5 24.48 -24.28 32.58
C ASP C 5 24.28 -22.88 33.13
N VAL C 6 25.33 -22.06 33.10
CA VAL C 6 25.17 -20.68 33.53
C VAL C 6 24.17 -19.97 32.66
N LYS C 7 24.34 -20.07 31.35
CA LYS C 7 23.35 -19.47 30.47
C LYS C 7 21.95 -19.99 30.77
N CYS C 8 21.83 -21.30 30.97
CA CYS C 8 20.51 -21.84 31.25
C CYS C 8 19.92 -21.24 32.51
N THR C 9 20.62 -21.42 33.62
CA THR C 9 20.19 -20.84 34.89
C THR C 9 19.75 -19.41 34.72
N SER C 10 20.48 -18.64 33.94
CA SER C 10 20.03 -17.27 33.72
C SER C 10 18.68 -17.21 33.07
N VAL C 11 18.41 -18.09 32.11
CA VAL C 11 17.10 -18.03 31.45
C VAL C 11 16.00 -18.32 32.47
N VAL C 12 16.15 -19.42 33.19
CA VAL C 12 15.19 -19.69 34.26
C VAL C 12 15.00 -18.47 35.11
N LEU C 13 16.10 -17.80 35.44
CA LEU C 13 16.06 -16.80 36.49
C LEU C 13 15.31 -15.58 36.03
N LEU C 14 15.66 -15.07 34.86
CA LEU C 14 14.92 -13.93 34.38
C LEU C 14 13.46 -14.28 34.18
N SER C 15 13.16 -15.52 33.83
CA SER C 15 11.76 -15.85 33.76
C SER C 15 11.09 -15.68 35.11
N VAL C 16 11.77 -16.09 36.17
CA VAL C 16 11.21 -15.90 37.50
C VAL C 16 10.94 -14.43 37.75
N LEU C 17 11.98 -13.60 37.63
CA LEU C 17 11.83 -12.18 37.94
C LEU C 17 10.74 -11.55 37.10
N GLN C 18 10.56 -12.05 35.88
CA GLN C 18 9.39 -11.68 35.13
C GLN C 18 8.14 -11.98 35.92
N GLN C 19 7.90 -13.24 36.19
CA GLN C 19 6.57 -13.54 36.69
C GLN C 19 6.31 -12.97 38.08
N LEU C 20 7.34 -12.57 38.80
CA LEU C 20 7.14 -11.85 40.05
C LEU C 20 6.66 -10.43 39.85
N ARG C 21 6.13 -10.10 38.68
CA ARG C 21 5.67 -8.74 38.41
C ARG C 21 6.74 -7.71 38.68
N VAL C 22 7.94 -7.87 38.15
CA VAL C 22 8.94 -6.84 38.33
C VAL C 22 8.83 -5.81 37.24
N GLU C 23 8.12 -6.11 36.17
CA GLU C 23 8.13 -5.15 35.09
C GLU C 23 7.26 -3.94 35.35
N SER C 24 6.65 -3.82 36.53
CA SER C 24 5.93 -2.59 36.84
C SER C 24 6.88 -1.43 36.96
N SER C 25 8.04 -1.67 37.54
CA SER C 25 9.14 -0.74 37.37
C SER C 25 9.39 -0.51 35.89
N SER C 26 10.23 0.47 35.60
CA SER C 26 10.90 0.39 34.33
C SER C 26 12.36 0.10 34.53
N LYS C 27 13.10 1.07 35.07
CA LYS C 27 14.54 0.96 35.16
C LYS C 27 15.01 -0.42 35.60
N LEU C 28 14.27 -1.09 36.48
CA LEU C 28 14.56 -2.48 36.75
C LEU C 28 14.59 -3.28 35.47
N TRP C 29 13.43 -3.46 34.85
CA TRP C 29 13.37 -4.23 33.63
C TRP C 29 14.49 -3.86 32.67
N ALA C 30 14.89 -2.60 32.64
CA ALA C 30 16.03 -2.25 31.79
C ALA C 30 17.29 -2.96 32.25
N GLN C 31 17.71 -2.75 33.50
CA GLN C 31 18.99 -3.31 33.91
C GLN C 31 18.96 -4.83 33.81
N CYS C 32 17.83 -5.44 34.16
CA CYS C 32 17.75 -6.88 34.02
C CYS C 32 17.90 -7.29 32.56
N VAL C 33 17.01 -6.83 31.69
CA VAL C 33 17.06 -7.30 30.32
C VAL C 33 18.44 -7.10 29.74
N GLN C 34 19.16 -6.11 30.24
CA GLN C 34 20.54 -5.95 29.78
C GLN C 34 21.40 -7.10 30.26
N LEU C 35 21.35 -7.42 31.54
CA LEU C 35 22.20 -8.49 32.03
C LEU C 35 21.90 -9.79 31.31
N HIS C 36 20.63 -10.08 31.14
CA HIS C 36 20.23 -11.25 30.36
C HIS C 36 20.87 -11.20 28.98
N ASN C 37 20.41 -10.29 28.14
CA ASN C 37 20.95 -10.20 26.80
C ASN C 37 22.45 -10.26 26.77
N ASP C 38 23.11 -9.97 27.87
CA ASP C 38 24.55 -10.07 27.78
C ASP C 38 25.03 -11.48 28.00
N ILE C 39 24.83 -12.03 29.20
CA ILE C 39 25.41 -13.36 29.42
C ILE C 39 24.99 -14.30 28.33
N LEU C 40 23.81 -14.07 27.74
CA LEU C 40 23.50 -14.89 26.59
C LEU C 40 24.35 -14.51 25.38
N LEU C 41 25.47 -13.83 25.57
CA LEU C 41 26.53 -13.75 24.58
C LEU C 41 27.90 -13.91 25.21
N ALA C 42 27.98 -14.57 26.35
CA ALA C 42 29.19 -14.57 27.14
C ALA C 42 30.34 -15.20 26.38
N LYS C 43 31.47 -15.30 27.06
CA LYS C 43 32.63 -15.99 26.51
C LYS C 43 33.53 -16.62 27.55
N ASP C 44 33.46 -16.21 28.81
CA ASP C 44 34.34 -16.76 29.82
C ASP C 44 33.68 -16.72 31.18
N THR C 45 33.66 -17.88 31.83
CA THR C 45 32.84 -18.08 33.02
C THR C 45 32.92 -16.94 34.00
N THR C 46 34.05 -16.23 34.02
CA THR C 46 34.24 -15.24 35.06
C THR C 46 33.20 -14.12 34.98
N GLU C 47 33.34 -13.21 34.01
CA GLU C 47 32.45 -12.07 33.96
C GLU C 47 31.01 -12.52 33.85
N ALA C 48 30.78 -13.71 33.33
CA ALA C 48 29.47 -14.31 33.53
C ALA C 48 29.10 -14.27 34.99
N PHE C 49 29.78 -15.07 35.81
CA PHE C 49 29.43 -15.12 37.23
C PHE C 49 29.25 -13.74 37.81
N GLU C 50 30.08 -12.80 37.38
CA GLU C 50 29.83 -11.41 37.73
C GLU C 50 28.41 -11.02 37.45
N LYS C 51 28.05 -10.92 36.18
CA LYS C 51 26.70 -10.45 35.86
C LYS C 51 25.67 -11.33 36.52
N MET C 52 26.00 -12.59 36.75
CA MET C 52 25.05 -13.49 37.38
C MET C 52 24.67 -13.00 38.76
N VAL C 53 25.65 -12.77 39.62
CA VAL C 53 25.30 -12.32 40.95
C VAL C 53 24.74 -10.92 40.90
N SER C 54 25.34 -10.07 40.08
CA SER C 54 24.85 -8.71 40.01
C SER C 54 23.42 -8.65 39.52
N LEU C 55 22.94 -9.75 38.97
CA LEU C 55 21.52 -9.90 38.81
C LEU C 55 20.89 -10.48 40.06
N LEU C 56 21.15 -11.76 40.31
CA LEU C 56 20.50 -12.50 41.39
C LEU C 56 20.15 -11.61 42.56
N SER C 57 21.09 -10.76 42.99
CA SER C 57 20.77 -9.93 44.15
C SER C 57 19.54 -9.11 43.88
N VAL C 58 19.26 -8.78 42.63
CA VAL C 58 18.02 -8.10 42.33
C VAL C 58 16.87 -8.86 42.94
N LEU C 59 16.77 -10.15 42.62
CA LEU C 59 15.72 -10.96 43.19
C LEU C 59 15.80 -11.00 44.69
N LEU C 60 17.00 -11.20 45.24
CA LEU C 60 17.12 -11.29 46.69
C LEU C 60 16.51 -10.09 47.38
N SER C 61 16.76 -8.88 46.86
CA SER C 61 16.18 -7.70 47.48
C SER C 61 14.67 -7.75 47.53
N MET C 62 14.04 -8.55 46.70
CA MET C 62 12.59 -8.72 46.77
C MET C 62 12.23 -9.46 48.03
N GLN C 63 10.94 -9.51 48.33
CA GLN C 63 10.42 -10.25 49.47
C GLN C 63 9.29 -11.19 49.09
N GLY C 64 9.16 -11.52 47.80
CA GLY C 64 8.20 -12.51 47.38
C GLY C 64 8.68 -13.91 47.69
N ALA C 65 10.00 -14.09 47.72
CA ALA C 65 10.59 -15.41 47.94
C ALA C 65 10.89 -15.57 49.43
N VAL C 66 10.59 -16.76 49.96
CA VAL C 66 10.87 -17.06 51.37
C VAL C 66 11.99 -18.09 51.37
N ASP C 67 13.14 -17.69 50.82
CA ASP C 67 14.16 -18.66 50.50
C ASP C 67 14.52 -19.52 51.70
N ILE C 68 14.34 -18.98 52.90
CA ILE C 68 14.59 -19.76 54.10
C ILE C 68 13.81 -21.06 54.07
N ASN C 69 12.73 -21.11 53.30
CA ASN C 69 12.08 -22.36 52.96
C ASN C 69 12.92 -23.13 51.96
N LYS C 70 12.96 -22.67 50.71
CA LYS C 70 13.53 -23.44 49.61
C LYS C 70 14.89 -24.01 49.94
N LEU C 71 15.66 -23.33 50.75
CA LEU C 71 16.88 -23.92 51.24
C LEU C 71 16.63 -25.00 52.27
N CYS C 72 15.56 -25.76 52.09
CA CYS C 72 15.34 -26.96 52.86
C CYS C 72 16.27 -28.09 52.46
N GLU C 73 16.73 -28.09 51.21
CA GLU C 73 17.51 -29.20 50.65
C GLU C 73 16.80 -30.53 50.84
N PHE D 6 -11.90 -60.69 20.97
CA PHE D 6 -13.29 -60.67 21.37
C PHE D 6 -13.84 -62.08 21.42
N SER D 7 -13.00 -63.03 21.82
CA SER D 7 -13.41 -64.43 21.91
C SER D 7 -14.31 -64.69 23.10
N SER D 8 -15.47 -64.03 23.16
CA SER D 8 -16.40 -64.22 24.26
C SER D 8 -17.75 -63.60 23.94
N LEU D 9 -18.29 -63.90 22.76
CA LEU D 9 -19.55 -63.32 22.34
C LEU D 9 -20.50 -64.39 21.86
N PRO D 10 -21.81 -64.13 21.83
CA PRO D 10 -22.74 -65.17 21.39
C PRO D 10 -22.41 -65.72 20.02
N SER D 11 -22.22 -64.82 19.05
CA SER D 11 -21.82 -65.26 17.73
C SER D 11 -20.56 -66.12 17.79
N TYR D 12 -19.66 -65.83 18.73
CA TYR D 12 -18.52 -66.71 18.91
C TYR D 12 -18.99 -68.12 19.27
N ALA D 13 -19.96 -68.22 20.17
CA ALA D 13 -20.46 -69.53 20.57
C ALA D 13 -21.04 -70.28 19.39
N ALA D 14 -21.95 -69.65 18.66
CA ALA D 14 -22.58 -70.31 17.54
C ALA D 14 -21.53 -70.71 16.50
N PHE D 15 -20.58 -69.82 16.24
CA PHE D 15 -19.47 -70.15 15.36
C PHE D 15 -18.79 -71.42 15.81
N ALA D 16 -18.50 -71.52 17.09
CA ALA D 16 -17.80 -72.71 17.59
C ALA D 16 -18.63 -73.96 17.36
N THR D 17 -19.92 -73.91 17.69
CA THR D 17 -20.76 -75.10 17.54
C THR D 17 -20.80 -75.55 16.09
N ALA D 18 -21.07 -74.62 15.18
CA ALA D 18 -21.18 -74.98 13.77
C ALA D 18 -19.84 -75.50 13.27
N GLN D 19 -18.75 -74.89 13.69
CA GLN D 19 -17.44 -75.40 13.32
C GLN D 19 -17.26 -76.83 13.82
N GLU D 20 -17.69 -77.08 15.05
CA GLU D 20 -17.55 -78.42 15.62
C GLU D 20 -18.30 -79.44 14.77
N ALA D 21 -19.53 -79.12 14.40
CA ALA D 21 -20.33 -80.04 13.62
C ALA D 21 -19.70 -80.30 12.26
N TYR D 22 -19.28 -79.24 11.57
CA TYR D 22 -18.74 -79.40 10.22
C TYR D 22 -17.43 -80.17 10.25
N GLU D 23 -16.61 -79.94 11.28
CA GLU D 23 -15.38 -80.70 11.43
C GLU D 23 -15.66 -82.15 11.73
N GLN D 24 -16.66 -82.43 12.57
CA GLN D 24 -17.06 -83.81 12.82
C GLN D 24 -17.47 -84.50 11.53
N ALA D 25 -18.35 -83.86 10.76
CA ALA D 25 -18.79 -84.43 9.50
C ALA D 25 -17.61 -84.71 8.59
N VAL D 26 -16.92 -83.66 8.13
CA VAL D 26 -15.79 -83.88 7.22
C VAL D 26 -14.71 -84.73 7.87
N ALA D 27 -14.86 -85.06 9.14
CA ALA D 27 -14.04 -86.07 9.76
C ALA D 27 -14.67 -87.45 9.70
N ASN D 28 -16.00 -87.52 9.75
CA ASN D 28 -16.68 -88.80 9.69
C ASN D 28 -16.88 -89.28 8.26
N GLY D 29 -16.77 -88.39 7.27
CA GLY D 29 -17.00 -88.77 5.90
C GLY D 29 -18.49 -88.92 5.62
N ASP D 30 -19.01 -88.12 4.70
CA ASP D 30 -20.44 -88.14 4.43
C ASP D 30 -20.73 -87.55 3.04
N SER D 31 -22.00 -87.22 2.81
CA SER D 31 -22.48 -86.86 1.49
C SER D 31 -21.99 -85.47 1.10
N GLU D 32 -21.72 -85.31 -0.20
CA GLU D 32 -21.41 -83.99 -0.73
C GLU D 32 -22.51 -83.00 -0.39
N VAL D 33 -23.74 -83.48 -0.22
CA VAL D 33 -24.87 -82.60 0.02
C VAL D 33 -24.91 -82.03 1.44
N VAL D 34 -24.70 -82.87 2.46
CA VAL D 34 -24.68 -82.33 3.81
C VAL D 34 -23.51 -81.38 3.97
N LEU D 35 -22.43 -81.62 3.23
CA LEU D 35 -21.33 -80.68 3.16
C LEU D 35 -21.83 -79.30 2.76
N LYS D 36 -22.68 -79.21 1.74
CA LYS D 36 -23.18 -77.92 1.33
C LYS D 36 -24.09 -77.30 2.38
N LYS D 37 -24.91 -78.12 3.05
CA LYS D 37 -25.74 -77.58 4.13
C LYS D 37 -24.90 -76.92 5.19
N LEU D 38 -24.02 -77.68 5.82
CA LEU D 38 -23.24 -77.13 6.90
C LEU D 38 -22.32 -76.02 6.43
N LYS D 39 -21.81 -76.11 5.21
CA LYS D 39 -20.92 -75.08 4.68
C LYS D 39 -21.64 -73.77 4.49
N LYS D 40 -22.88 -73.80 4.02
CA LYS D 40 -23.70 -72.62 4.08
C LYS D 40 -23.86 -72.15 5.52
N SER D 41 -24.21 -73.07 6.41
CA SER D 41 -24.40 -72.68 7.81
C SER D 41 -23.14 -72.04 8.37
N LEU D 42 -22.00 -72.67 8.14
CA LEU D 42 -20.74 -72.11 8.60
C LEU D 42 -20.51 -70.74 8.03
N ASN D 43 -20.71 -70.57 6.72
CA ASN D 43 -20.62 -69.25 6.14
C ASN D 43 -21.47 -68.25 6.88
N VAL D 44 -22.68 -68.65 7.26
CA VAL D 44 -23.54 -67.71 7.93
C VAL D 44 -22.93 -67.31 9.26
N ALA D 45 -22.64 -68.29 10.11
CA ALA D 45 -22.16 -67.97 11.44
C ALA D 45 -20.93 -67.10 11.35
N LYS D 46 -19.98 -67.48 10.50
CA LYS D 46 -18.83 -66.64 10.29
C LYS D 46 -19.25 -65.24 9.89
N SER D 47 -19.78 -65.08 8.68
CA SER D 47 -19.99 -63.77 8.13
C SER D 47 -21.03 -62.95 8.88
N GLU D 48 -21.46 -63.39 10.05
CA GLU D 48 -22.01 -62.38 10.95
C GLU D 48 -21.15 -62.16 12.18
N PHE D 49 -20.63 -63.23 12.75
CA PHE D 49 -19.82 -63.13 13.95
C PHE D 49 -18.65 -62.21 13.71
N ASP D 50 -18.00 -62.37 12.58
CA ASP D 50 -16.84 -61.55 12.29
C ASP D 50 -17.22 -60.08 12.24
N ARG D 51 -18.41 -59.78 11.74
CA ARG D 51 -18.82 -58.39 11.62
C ARG D 51 -19.00 -57.78 12.99
N ASP D 52 -19.71 -58.49 13.86
CA ASP D 52 -19.88 -57.94 15.19
C ASP D 52 -18.54 -57.72 15.85
N ALA D 53 -17.63 -58.69 15.73
CA ALA D 53 -16.35 -58.54 16.41
C ALA D 53 -15.56 -57.38 15.83
N ALA D 54 -15.66 -57.15 14.52
CA ALA D 54 -14.98 -56.03 13.91
C ALA D 54 -15.48 -54.73 14.50
N MET D 55 -16.79 -54.52 14.49
CA MET D 55 -17.31 -53.27 14.99
C MET D 55 -17.01 -53.11 16.47
N GLN D 56 -16.98 -54.24 17.20
CA GLN D 56 -16.66 -54.17 18.61
C GLN D 56 -15.25 -53.64 18.83
N ARG D 57 -14.25 -54.28 18.22
CA ARG D 57 -12.91 -53.76 18.41
C ARG D 57 -12.80 -52.33 17.91
N LYS D 58 -13.62 -51.96 16.93
CA LYS D 58 -13.66 -50.56 16.51
C LYS D 58 -14.06 -49.65 17.67
N LEU D 59 -15.22 -49.93 18.27
CA LEU D 59 -15.67 -49.10 19.37
C LEU D 59 -14.65 -49.10 20.50
N GLU D 60 -14.06 -50.26 20.76
CA GLU D 60 -12.99 -50.34 21.74
C GLU D 60 -11.90 -49.31 21.43
N LYS D 61 -11.48 -49.23 20.18
CA LYS D 61 -10.40 -48.32 19.89
C LYS D 61 -10.84 -46.88 20.02
N MET D 62 -12.07 -46.57 19.62
CA MET D 62 -12.53 -45.20 19.80
C MET D 62 -12.45 -44.80 21.26
N ALA D 63 -12.93 -45.69 22.13
CA ALA D 63 -12.84 -45.40 23.55
C ALA D 63 -11.41 -45.14 23.96
N ASP D 64 -10.48 -46.00 23.58
CA ASP D 64 -9.13 -45.80 24.08
C ASP D 64 -8.55 -44.49 23.57
N GLN D 65 -8.86 -44.12 22.33
CA GLN D 65 -8.29 -42.89 21.81
C GLN D 65 -8.82 -41.69 22.57
N ALA D 66 -10.12 -41.64 22.81
CA ALA D 66 -10.64 -40.48 23.53
C ALA D 66 -10.06 -40.44 24.93
N MET D 67 -9.89 -41.60 25.56
CA MET D 67 -9.36 -41.58 26.91
C MET D 67 -7.95 -40.99 26.94
N THR D 68 -7.10 -41.44 26.03
CA THR D 68 -5.72 -40.98 26.13
C THR D 68 -5.61 -39.51 25.73
N GLN D 69 -6.43 -39.06 24.79
CA GLN D 69 -6.47 -37.63 24.52
C GLN D 69 -6.84 -36.87 25.78
N MET D 70 -7.86 -37.33 26.48
CA MET D 70 -8.29 -36.65 27.69
C MET D 70 -7.16 -36.53 28.69
N TYR D 71 -6.45 -37.62 28.94
CA TYR D 71 -5.34 -37.54 29.89
C TYR D 71 -4.37 -36.48 29.46
N LYS D 72 -3.96 -36.52 28.20
CA LYS D 72 -3.06 -35.49 27.70
C LYS D 72 -3.55 -34.12 28.14
N GLN D 73 -4.78 -33.81 27.78
CA GLN D 73 -5.28 -32.47 28.00
C GLN D 73 -5.27 -32.10 29.46
N ALA D 74 -5.72 -33.02 30.31
CA ALA D 74 -5.87 -32.68 31.72
C ALA D 74 -4.52 -32.40 32.37
N ARG D 75 -3.57 -33.31 32.18
CA ARG D 75 -2.27 -33.06 32.79
C ARG D 75 -1.66 -31.79 32.24
N SER D 76 -1.79 -31.58 30.94
CA SER D 76 -1.36 -30.32 30.34
C SER D 76 -1.83 -29.13 31.15
N GLU D 77 -3.13 -28.90 31.12
CA GLU D 77 -3.65 -27.69 31.76
C GLU D 77 -3.19 -27.59 33.20
N ASP D 78 -3.26 -28.67 33.98
CA ASP D 78 -2.96 -28.42 35.38
C ASP D 78 -1.51 -28.02 35.56
N LYS D 79 -0.60 -28.59 34.76
CA LYS D 79 0.77 -28.09 34.80
C LYS D 79 0.82 -26.61 34.49
N ARG D 80 0.07 -26.17 33.49
CA ARG D 80 -0.02 -24.74 33.23
C ARG D 80 -0.46 -23.98 34.47
N ALA D 81 -1.09 -24.66 35.43
CA ALA D 81 -1.57 -23.93 36.60
C ALA D 81 -0.55 -23.82 37.74
N LYS D 82 0.47 -24.70 37.80
CA LYS D 82 1.43 -24.68 38.91
C LYS D 82 2.79 -24.17 38.47
N VAL D 83 2.78 -23.38 37.40
CA VAL D 83 3.99 -22.91 36.79
C VAL D 83 4.87 -22.22 37.81
N THR D 84 4.28 -21.47 38.73
CA THR D 84 5.07 -20.65 39.64
C THR D 84 5.97 -21.48 40.54
N SER D 85 5.41 -22.17 41.51
CA SER D 85 6.22 -22.99 42.38
C SER D 85 7.15 -23.91 41.62
N ALA D 86 6.69 -24.46 40.48
CA ALA D 86 7.62 -25.25 39.69
C ALA D 86 8.87 -24.44 39.37
N MET D 87 8.69 -23.23 38.87
CA MET D 87 9.83 -22.43 38.46
C MET D 87 10.80 -22.26 39.60
N GLN D 88 10.32 -21.81 40.74
CA GLN D 88 11.24 -21.45 41.81
C GLN D 88 12.02 -22.65 42.30
N THR D 89 11.33 -23.77 42.54
CA THR D 89 12.09 -24.89 43.05
C THR D 89 13.11 -25.32 42.02
N MET D 90 12.75 -25.25 40.75
CA MET D 90 13.71 -25.55 39.70
C MET D 90 14.92 -24.65 39.82
N LEU D 91 14.68 -23.38 40.04
CA LEU D 91 15.78 -22.43 40.09
C LEU D 91 16.73 -22.78 41.22
N PHE D 92 16.20 -22.98 42.41
CA PHE D 92 17.14 -23.13 43.52
C PHE D 92 17.89 -24.44 43.46
N THR D 93 17.22 -25.51 43.03
CA THR D 93 18.02 -26.71 42.85
C THR D 93 19.08 -26.46 41.81
N MET D 94 18.75 -25.70 40.77
CA MET D 94 19.75 -25.46 39.76
C MET D 94 20.92 -24.70 40.33
N LEU D 95 20.65 -23.78 41.25
CA LEU D 95 21.71 -22.92 41.77
C LEU D 95 22.66 -23.70 42.64
N ARG D 96 22.14 -24.31 43.69
CA ARG D 96 23.04 -25.09 44.52
C ARG D 96 23.67 -26.21 43.71
N LYS D 97 23.06 -26.54 42.57
CA LYS D 97 23.75 -27.42 41.64
C LYS D 97 24.96 -26.75 41.05
N LEU D 98 24.82 -25.48 40.68
CA LEU D 98 25.92 -24.79 40.03
C LEU D 98 27.08 -24.64 40.99
N ASP D 99 26.76 -24.37 42.25
CA ASP D 99 27.74 -24.35 43.32
C ASP D 99 28.77 -23.27 43.08
N ASN D 100 28.56 -22.08 43.64
CA ASN D 100 29.65 -21.14 43.71
C ASN D 100 29.63 -20.37 45.02
N ASP D 101 30.78 -20.41 45.66
CA ASP D 101 30.94 -19.85 47.00
C ASP D 101 30.70 -18.35 47.00
N ALA D 102 30.82 -17.70 45.85
CA ALA D 102 30.28 -16.35 45.76
C ALA D 102 28.75 -16.39 45.80
N LEU D 103 28.17 -17.20 44.93
CA LEU D 103 26.74 -17.44 44.93
C LEU D 103 26.30 -17.98 46.28
N ASN D 104 26.99 -19.01 46.76
CA ASN D 104 26.67 -19.54 48.07
C ASN D 104 26.82 -18.49 49.14
N ASN D 105 27.88 -17.69 49.04
CA ASN D 105 28.14 -16.63 49.98
C ASN D 105 26.89 -15.78 50.15
N ILE D 106 26.51 -15.10 49.08
CA ILE D 106 25.35 -14.24 49.20
C ILE D 106 24.12 -15.04 49.60
N ILE D 107 23.95 -16.27 49.11
CA ILE D 107 22.67 -16.94 49.33
C ILE D 107 22.50 -17.32 50.79
N ASN D 108 23.46 -18.06 51.32
CA ASN D 108 23.45 -18.33 52.75
C ASN D 108 23.22 -17.05 53.51
N ASN D 109 24.03 -16.03 53.25
CA ASN D 109 23.89 -14.79 54.00
C ASN D 109 22.48 -14.25 53.91
N ALA D 110 21.86 -14.33 52.75
CA ALA D 110 20.54 -13.78 52.60
C ALA D 110 19.54 -14.56 53.39
N ARG D 111 19.75 -15.87 53.51
CA ARG D 111 18.89 -16.64 54.39
C ARG D 111 19.17 -16.29 55.83
N ASP D 112 20.36 -15.76 56.12
CA ASP D 112 20.74 -15.47 57.48
C ASP D 112 20.02 -14.24 57.98
N GLY D 113 20.13 -13.13 57.24
CA GLY D 113 19.45 -11.90 57.60
C GLY D 113 19.83 -10.76 56.69
N CYS D 114 21.09 -10.71 56.26
CA CYS D 114 21.60 -9.59 55.48
C CYS D 114 21.13 -9.72 54.05
N VAL D 115 20.53 -8.66 53.52
CA VAL D 115 20.11 -8.61 52.12
C VAL D 115 20.41 -7.22 51.60
N PRO D 116 20.90 -7.07 50.39
CA PRO D 116 21.13 -5.73 49.86
C PRO D 116 19.83 -5.11 49.41
N LEU D 117 19.88 -3.78 49.27
CA LEU D 117 18.70 -2.96 49.01
C LEU D 117 18.74 -2.33 47.63
N ASN D 118 19.60 -2.84 46.77
CA ASN D 118 19.64 -2.42 45.38
C ASN D 118 20.63 -3.29 44.63
N ILE D 119 20.54 -3.33 43.32
CA ILE D 119 21.43 -4.11 42.49
C ILE D 119 22.83 -4.04 43.06
N ILE D 120 23.42 -5.19 43.33
CA ILE D 120 24.82 -5.21 43.73
C ILE D 120 25.65 -4.84 42.53
N PRO D 121 26.38 -3.73 42.57
CA PRO D 121 27.13 -3.29 41.39
C PRO D 121 28.51 -3.91 41.38
N LEU D 122 29.29 -3.53 40.38
CA LEU D 122 30.56 -4.21 40.14
C LEU D 122 31.77 -3.29 40.14
N THR D 123 31.61 -2.03 39.76
CA THR D 123 32.78 -1.18 39.62
C THR D 123 33.41 -0.89 40.97
N THR D 124 34.61 -0.31 40.93
CA THR D 124 35.28 0.16 42.13
C THR D 124 34.42 1.15 42.88
N ALA D 125 33.69 1.98 42.16
CA ALA D 125 32.79 2.93 42.80
C ALA D 125 31.50 2.22 43.17
N ALA D 126 30.39 2.95 43.08
CA ALA D 126 29.08 2.36 43.28
C ALA D 126 28.97 1.69 44.63
N LYS D 127 28.60 2.45 45.64
CA LYS D 127 28.40 1.92 46.98
C LYS D 127 27.29 0.89 46.94
N LEU D 128 27.13 0.16 48.03
CA LEU D 128 25.92 -0.65 48.15
C LEU D 128 25.41 -0.46 49.55
N MET D 129 24.15 -0.83 49.75
CA MET D 129 23.51 -0.77 51.04
C MET D 129 23.23 -2.19 51.52
N VAL D 130 23.71 -2.50 52.71
CA VAL D 130 23.44 -3.78 53.37
C VAL D 130 22.44 -3.50 54.46
N VAL D 131 21.62 -4.50 54.78
CA VAL D 131 20.79 -4.46 55.97
C VAL D 131 21.19 -5.61 56.88
N ILE D 132 21.87 -5.29 57.97
CA ILE D 132 22.29 -6.29 58.95
C ILE D 132 21.33 -6.22 60.11
N PRO D 133 20.89 -7.32 60.65
CA PRO D 133 19.77 -7.27 61.58
C PRO D 133 20.16 -7.42 63.05
N ASP D 134 21.42 -7.65 63.36
CA ASP D 134 21.81 -7.68 64.77
C ASP D 134 23.31 -7.45 64.88
N TYR D 135 23.75 -7.25 66.12
CA TYR D 135 25.18 -7.14 66.34
C TYR D 135 25.93 -8.36 65.85
N ASN D 136 25.55 -9.55 66.26
CA ASN D 136 26.31 -10.73 65.85
C ASN D 136 26.37 -10.80 64.33
N THR D 137 25.23 -10.64 63.68
CA THR D 137 25.21 -10.54 62.23
C THR D 137 26.17 -9.46 61.75
N TYR D 138 26.33 -8.39 62.52
CA TYR D 138 27.31 -7.38 62.18
C TYR D 138 28.73 -7.89 62.36
N LYS D 139 28.93 -8.74 63.37
CA LYS D 139 30.29 -9.06 63.80
C LYS D 139 30.91 -10.06 62.86
N ASN D 140 30.10 -10.75 62.07
CA ASN D 140 30.70 -11.79 61.28
C ASN D 140 31.32 -11.27 60.00
N THR D 141 30.75 -10.22 59.42
CA THR D 141 31.36 -9.63 58.25
C THR D 141 32.19 -8.43 58.67
N CYS D 142 31.54 -7.50 59.34
CA CYS D 142 32.17 -6.22 59.66
C CYS D 142 33.24 -6.41 60.72
N ASP D 143 34.49 -6.33 60.30
CA ASP D 143 35.64 -6.55 61.16
C ASP D 143 36.63 -5.43 60.86
N GLY D 144 36.58 -4.37 61.67
CA GLY D 144 37.19 -3.13 61.24
C GLY D 144 36.33 -2.49 60.17
N THR D 145 36.87 -1.47 59.52
CA THR D 145 36.13 -0.77 58.50
C THR D 145 36.08 -1.51 57.17
N THR D 146 36.63 -2.72 57.12
CA THR D 146 36.66 -3.53 55.90
C THR D 146 35.54 -4.56 55.95
N PHE D 147 35.32 -5.21 54.81
CA PHE D 147 34.01 -5.77 54.58
C PHE D 147 34.08 -6.83 53.49
N THR D 148 33.81 -8.07 53.83
CA THR D 148 33.72 -9.13 52.84
C THR D 148 32.25 -9.43 52.60
N TYR D 149 31.83 -9.36 51.35
CA TYR D 149 30.47 -9.73 50.97
C TYR D 149 30.45 -9.86 49.47
N ALA D 150 29.73 -10.88 49.00
CA ALA D 150 29.90 -11.32 47.63
C ALA D 150 31.37 -11.54 47.34
N SER D 151 32.10 -12.00 48.34
CA SER D 151 33.55 -12.19 48.23
C SER D 151 34.23 -10.96 47.67
N ALA D 152 33.69 -9.79 48.02
CA ALA D 152 34.25 -8.53 47.57
C ALA D 152 34.49 -7.66 48.78
N LEU D 153 35.49 -6.78 48.64
CA LEU D 153 36.01 -6.00 49.74
C LEU D 153 35.48 -4.59 49.70
N TRP D 154 34.51 -4.33 50.55
CA TRP D 154 33.91 -3.04 50.72
C TRP D 154 34.48 -2.44 52.00
N GLU D 155 34.77 -1.14 51.95
CA GLU D 155 35.14 -0.37 53.13
C GLU D 155 33.95 0.48 53.50
N ILE D 156 33.74 0.67 54.81
CA ILE D 156 32.50 1.26 55.26
C ILE D 156 32.60 2.77 55.16
N GLN D 157 31.44 3.43 55.09
CA GLN D 157 31.38 4.87 55.01
C GLN D 157 30.16 5.46 55.69
N GLN D 158 29.59 4.76 56.67
CA GLN D 158 28.39 5.19 57.37
C GLN D 158 27.96 4.03 58.22
N VAL D 159 26.96 4.25 59.08
CA VAL D 159 26.22 3.24 59.82
C VAL D 159 24.95 3.93 60.28
N VAL D 160 23.87 3.18 60.37
CA VAL D 160 22.65 3.81 60.84
C VAL D 160 21.65 2.76 61.28
N ASP D 161 20.98 3.00 62.40
CA ASP D 161 20.00 2.08 62.92
C ASP D 161 18.63 2.40 62.34
N ALA D 162 17.58 1.81 62.91
CA ALA D 162 16.27 1.81 62.27
C ALA D 162 15.76 3.23 62.02
N ASP D 163 15.70 4.06 63.05
CA ASP D 163 15.10 5.39 62.93
C ASP D 163 16.07 6.42 62.34
N SER D 164 17.04 5.97 61.56
CA SER D 164 17.89 6.85 60.75
C SER D 164 18.76 7.77 61.59
N LYS D 165 19.48 7.19 62.55
CA LYS D 165 20.46 7.93 63.33
C LYS D 165 21.85 7.49 62.92
N ILE D 166 22.62 8.40 62.32
CA ILE D 166 23.98 8.05 61.99
C ILE D 166 24.71 7.71 63.27
N VAL D 167 24.80 6.43 63.55
CA VAL D 167 25.44 5.94 64.75
C VAL D 167 26.82 5.46 64.35
N GLN D 168 27.82 5.82 65.11
CA GLN D 168 29.19 5.62 64.64
C GLN D 168 29.56 4.16 64.62
N LEU D 169 30.87 3.91 64.58
CA LEU D 169 31.39 2.61 64.18
C LEU D 169 31.39 1.68 65.38
N SER D 170 32.54 1.56 66.06
CA SER D 170 32.53 0.88 67.34
C SER D 170 31.94 1.75 68.43
N GLU D 171 31.11 2.72 68.07
CA GLU D 171 30.30 3.38 69.07
C GLU D 171 29.40 2.39 69.76
N ILE D 172 28.57 1.71 69.00
CA ILE D 172 27.83 0.56 69.51
C ILE D 172 28.83 -0.50 69.93
N SER D 173 28.47 -1.30 70.92
CA SER D 173 29.25 -2.47 71.28
C SER D 173 28.28 -3.52 71.80
N MET D 174 28.64 -4.79 71.60
CA MET D 174 27.71 -5.89 71.88
C MET D 174 27.06 -5.73 73.24
N ASP D 175 27.85 -5.42 74.25
CA ASP D 175 27.28 -5.06 75.54
C ASP D 175 26.26 -3.93 75.39
N ASN D 176 26.70 -2.78 74.86
CA ASN D 176 25.78 -1.67 74.69
C ASN D 176 24.92 -1.81 73.45
N SER D 177 24.96 -2.96 72.78
CA SER D 177 24.16 -3.14 71.58
C SER D 177 22.67 -2.97 71.82
N PRO D 178 22.06 -3.51 72.89
CA PRO D 178 20.63 -3.22 73.13
C PRO D 178 20.33 -1.75 73.22
N ASN D 179 21.38 -0.94 73.28
CA ASN D 179 21.33 0.50 73.06
C ASN D 179 20.96 0.86 71.63
N LEU D 180 20.87 -0.13 70.74
CA LEU D 180 20.70 0.18 69.34
C LEU D 180 19.58 -0.61 68.72
N ALA D 181 18.84 0.04 67.83
CA ALA D 181 17.98 -0.68 66.91
C ALA D 181 18.85 -1.48 65.96
N TRP D 182 18.63 -2.79 65.92
CA TRP D 182 19.53 -3.64 65.15
C TRP D 182 19.25 -3.70 63.66
N PRO D 183 18.10 -3.27 63.13
CA PRO D 183 18.08 -3.15 61.66
C PRO D 183 19.06 -2.10 61.14
N LEU D 184 20.34 -2.40 61.33
CA LEU D 184 21.38 -1.54 60.82
C LEU D 184 21.33 -1.48 59.30
N ILE D 185 21.45 -0.27 58.77
CA ILE D 185 21.30 0.00 57.34
C ILE D 185 22.63 0.50 56.80
N VAL D 186 23.60 -0.38 56.76
CA VAL D 186 24.98 0.00 56.55
C VAL D 186 25.19 0.32 55.09
N THR D 187 26.31 0.94 54.77
CA THR D 187 26.69 1.28 53.40
C THR D 187 28.15 0.92 53.27
N ALA D 188 28.62 0.74 52.05
CA ALA D 188 30.04 0.56 51.84
C ALA D 188 30.42 0.71 50.36
N LEU D 189 31.71 0.58 50.10
CA LEU D 189 32.23 0.78 48.75
C LEU D 189 33.28 -0.26 48.39
N ARG D 190 33.40 -0.50 47.08
CA ARG D 190 34.21 -1.61 46.60
C ARG D 190 35.69 -1.28 46.66
N ALA D 191 36.50 -2.31 46.92
CA ALA D 191 37.94 -2.20 46.83
C ALA D 191 38.38 -1.93 45.40
N ASN E 1 36.69 13.97 -28.59
CA ASN E 1 37.12 12.84 -27.79
C ASN E 1 36.04 11.74 -27.79
N ASN E 2 34.79 12.08 -28.15
CA ASN E 2 33.73 11.10 -28.40
C ASN E 2 32.99 11.40 -29.70
N GLU E 3 33.38 10.73 -30.78
CA GLU E 3 32.77 10.92 -32.09
C GLU E 3 31.38 10.31 -32.14
N LEU E 4 30.46 10.95 -32.87
CA LEU E 4 29.07 10.52 -32.82
C LEU E 4 28.75 9.30 -33.69
N SER E 5 28.55 9.46 -35.00
CA SER E 5 28.03 8.38 -35.83
C SER E 5 28.43 8.52 -37.29
N PRO E 6 29.31 7.66 -37.81
CA PRO E 6 29.44 7.52 -39.26
C PRO E 6 28.16 6.96 -39.89
N VAL E 7 27.72 7.54 -41.00
CA VAL E 7 26.31 7.52 -41.41
C VAL E 7 26.11 6.46 -42.49
N ALA E 8 24.84 6.28 -42.90
CA ALA E 8 24.46 5.49 -44.07
C ALA E 8 23.01 5.78 -44.45
N LEU E 9 22.63 7.05 -44.44
CA LEU E 9 21.23 7.47 -44.61
C LEU E 9 21.00 7.77 -46.09
N ARG E 10 20.13 6.98 -46.72
CA ARG E 10 19.88 7.14 -48.14
C ARG E 10 18.84 8.23 -48.41
N GLN E 11 18.68 8.57 -49.69
CA GLN E 11 17.80 9.61 -50.17
C GLN E 11 17.12 9.17 -51.45
N MET E 12 15.80 9.26 -51.46
CA MET E 12 15.00 8.90 -52.63
C MET E 12 14.09 10.06 -52.98
N SER E 13 13.36 9.92 -54.08
CA SER E 13 12.30 10.87 -54.45
C SER E 13 10.96 10.16 -54.43
N CYS E 14 9.93 10.86 -53.99
CA CYS E 14 8.58 10.29 -53.95
C CYS E 14 7.56 11.41 -53.79
N ALA E 15 6.45 11.09 -53.14
CA ALA E 15 5.21 11.85 -53.21
C ALA E 15 4.93 12.65 -51.96
N ALA E 16 4.56 13.91 -52.15
CA ALA E 16 4.12 14.76 -51.05
C ALA E 16 3.34 15.93 -51.63
N GLY E 17 2.52 16.53 -50.76
CA GLY E 17 1.72 17.68 -51.14
C GLY E 17 1.28 18.41 -49.90
N THR E 18 0.29 19.28 -50.08
CA THR E 18 -0.13 20.14 -48.97
C THR E 18 -1.22 19.50 -48.12
N THR E 19 -2.14 18.76 -48.74
CA THR E 19 -3.19 18.08 -48.01
C THR E 19 -3.11 16.58 -48.28
N GLN E 20 -4.03 15.82 -47.66
CA GLN E 20 -4.05 14.38 -47.83
C GLN E 20 -4.10 13.97 -49.29
N THR E 21 -4.78 14.77 -50.12
CA THR E 21 -4.97 14.44 -51.52
C THR E 21 -4.06 15.23 -52.45
N ALA E 22 -3.55 16.38 -52.00
CA ALA E 22 -2.73 17.23 -52.86
C ALA E 22 -1.38 16.63 -53.18
N CYS E 23 -1.00 15.52 -52.55
CA CYS E 23 0.33 14.95 -52.73
C CYS E 23 0.49 14.36 -54.13
N THR E 24 1.19 15.07 -55.01
CA THR E 24 1.56 14.56 -56.31
C THR E 24 2.65 13.51 -56.13
N ASP E 25 2.69 12.55 -57.06
CA ASP E 25 3.44 11.32 -56.84
C ASP E 25 4.95 11.55 -56.86
N ASP E 26 5.40 12.62 -57.52
CA ASP E 26 6.82 12.90 -57.61
C ASP E 26 7.08 14.40 -57.44
N ASN E 27 7.47 14.79 -56.21
CA ASN E 27 7.88 16.15 -55.95
C ASN E 27 8.75 16.30 -54.70
N ALA E 28 8.89 15.25 -53.88
CA ALA E 28 9.59 15.36 -52.61
C ALA E 28 10.79 14.43 -52.56
N LEU E 29 11.68 14.67 -51.60
CA LEU E 29 12.94 13.96 -51.48
C LEU E 29 13.03 13.38 -50.07
N ALA E 30 12.80 12.09 -49.93
CA ALA E 30 12.79 11.43 -48.63
C ALA E 30 14.21 11.09 -48.20
N TYR E 31 14.52 11.42 -46.94
CA TYR E 31 15.70 10.92 -46.24
C TYR E 31 15.22 9.98 -45.14
N TYR E 32 15.86 8.82 -45.03
CA TYR E 32 15.27 7.68 -44.34
C TYR E 32 16.36 6.74 -43.87
N ASN E 33 15.98 5.77 -43.03
CA ASN E 33 16.86 4.66 -42.68
C ASN E 33 16.02 3.38 -42.70
N THR E 34 16.42 2.42 -43.53
CA THR E 34 15.76 1.12 -43.56
C THR E 34 16.21 0.34 -42.32
N THR E 35 15.41 0.46 -41.27
CA THR E 35 15.70 -0.20 -40.01
C THR E 35 15.06 -1.59 -39.99
N LYS E 36 14.80 -2.10 -38.78
CA LYS E 36 14.12 -3.38 -38.65
C LYS E 36 12.75 -3.33 -39.33
N GLY E 37 12.14 -2.15 -39.40
CA GLY E 37 10.82 -2.01 -39.97
C GLY E 37 10.76 -1.30 -41.30
N GLY E 38 11.16 -1.98 -42.36
CA GLY E 38 11.13 -1.43 -43.70
C GLY E 38 12.02 -0.22 -43.85
N ARG E 39 11.85 0.46 -44.99
CA ARG E 39 12.53 1.73 -45.22
C ARG E 39 11.93 2.79 -44.30
N PHE E 40 12.34 2.76 -43.04
CA PHE E 40 11.82 3.67 -42.03
C PHE E 40 12.26 5.09 -42.39
N VAL E 41 11.30 6.01 -42.44
CA VAL E 41 11.52 7.33 -43.03
C VAL E 41 11.70 8.37 -41.93
N LEU E 42 12.54 9.37 -42.23
CA LEU E 42 12.99 10.35 -41.25
C LEU E 42 12.58 11.77 -41.59
N ALA E 43 12.92 12.26 -42.77
CA ALA E 43 12.76 13.66 -43.09
C ALA E 43 12.43 13.83 -44.56
N LEU E 44 11.93 15.01 -44.90
CA LEU E 44 11.58 15.35 -46.26
C LEU E 44 12.40 16.57 -46.69
N LEU E 45 12.71 16.62 -47.98
CA LEU E 45 13.44 17.71 -48.60
C LEU E 45 12.64 18.14 -49.82
N SER E 46 12.44 19.45 -49.99
CA SER E 46 11.65 19.89 -51.12
C SER E 46 12.09 21.29 -51.54
N ASP E 47 11.47 21.77 -52.61
CA ASP E 47 11.67 23.13 -53.08
C ASP E 47 10.40 23.97 -52.95
N LEU E 48 9.24 23.32 -52.83
CA LEU E 48 7.98 24.03 -52.75
C LEU E 48 7.85 24.78 -51.43
N GLN E 49 7.08 25.87 -51.46
CA GLN E 49 6.86 26.74 -50.32
C GLN E 49 6.33 26.00 -49.10
N ASP E 50 5.45 25.02 -49.31
CA ASP E 50 4.87 24.26 -48.20
C ASP E 50 4.35 22.92 -48.68
N LEU E 51 4.57 21.89 -47.86
CA LEU E 51 3.96 20.57 -48.04
C LEU E 51 3.66 19.98 -46.68
N LYS E 52 2.39 19.88 -46.32
CA LYS E 52 2.01 19.42 -45.00
C LYS E 52 1.68 17.93 -44.95
N TRP E 53 1.75 17.22 -46.07
CA TRP E 53 1.48 15.78 -46.09
C TRP E 53 2.34 15.12 -47.14
N ALA E 54 2.52 13.80 -47.01
CA ALA E 54 3.24 13.00 -47.98
C ALA E 54 2.62 11.61 -48.05
N ARG E 55 3.00 10.87 -49.09
CA ARG E 55 2.38 9.58 -49.40
C ARG E 55 3.44 8.67 -50.02
N PHE E 56 3.62 7.49 -49.43
CA PHE E 56 4.68 6.57 -49.82
C PHE E 56 4.13 5.16 -49.71
N PRO E 57 4.33 4.30 -50.72
CA PRO E 57 3.90 2.91 -50.59
C PRO E 57 4.58 2.22 -49.42
N LYS E 58 3.91 1.18 -48.92
CA LYS E 58 4.33 0.52 -47.69
C LYS E 58 5.60 -0.33 -47.91
N SER E 59 5.84 -1.22 -46.96
CA SER E 59 6.95 -2.15 -47.08
C SER E 59 6.79 -3.04 -48.31
N ASP E 60 5.61 -3.63 -48.48
CA ASP E 60 5.31 -4.50 -49.60
C ASP E 60 4.46 -3.81 -50.66
N GLY E 61 3.97 -2.60 -50.38
CA GLY E 61 3.14 -1.87 -51.32
C GLY E 61 1.65 -2.04 -51.13
N THR E 62 1.18 -2.22 -49.90
CA THR E 62 -0.26 -2.35 -49.65
C THR E 62 -0.95 -1.02 -49.86
N GLY E 63 -0.81 -0.12 -48.89
CA GLY E 63 -1.43 1.19 -48.99
C GLY E 63 -0.40 2.31 -49.14
N THR E 64 -0.90 3.53 -49.21
CA THR E 64 -0.03 4.71 -49.26
C THR E 64 -0.11 5.42 -47.93
N ILE E 65 1.06 5.70 -47.33
CA ILE E 65 1.11 6.36 -46.04
C ILE E 65 0.57 7.76 -46.17
N TYR E 66 0.05 8.31 -45.06
CA TYR E 66 -0.45 9.68 -45.02
C TYR E 66 0.34 10.42 -43.96
N THR E 67 1.66 10.51 -44.14
CA THR E 67 2.57 11.05 -43.14
C THR E 67 2.68 12.56 -43.33
N GLU E 68 2.20 13.31 -42.34
CA GLU E 68 2.29 14.76 -42.41
C GLU E 68 3.73 15.22 -42.18
N LEU E 69 3.97 16.51 -42.43
CA LEU E 69 5.32 17.05 -42.40
C LEU E 69 5.41 18.23 -41.43
N GLU E 70 6.65 18.62 -41.13
CA GLU E 70 6.91 19.73 -40.24
C GLU E 70 6.74 21.06 -40.97
N PRO E 71 6.53 22.14 -40.23
CA PRO E 71 6.81 23.47 -40.76
C PRO E 71 8.24 23.53 -41.25
N PRO E 72 8.46 23.51 -42.56
CA PRO E 72 9.78 23.16 -43.10
C PRO E 72 10.87 24.13 -42.65
N CYS E 73 12.10 23.61 -42.64
CA CYS E 73 13.29 24.39 -42.32
C CYS E 73 13.78 25.08 -43.58
N ARG E 74 14.14 26.35 -43.45
CA ARG E 74 14.50 27.18 -44.59
C ARG E 74 16.02 27.21 -44.77
N PHE E 75 16.46 27.13 -46.02
CA PHE E 75 17.86 27.16 -46.40
C PHE E 75 17.92 27.28 -47.92
N VAL E 76 19.12 27.52 -48.43
CA VAL E 76 19.34 27.71 -49.86
C VAL E 76 20.56 26.90 -50.26
N THR E 77 20.36 25.99 -51.21
CA THR E 77 21.49 25.31 -51.84
C THR E 77 22.00 26.14 -53.01
N ASP E 78 22.98 25.59 -53.71
CA ASP E 78 23.50 26.25 -54.89
C ASP E 78 23.38 25.31 -56.07
N THR E 79 22.90 25.85 -57.19
CA THR E 79 22.89 25.12 -58.44
C THR E 79 23.66 26.00 -59.41
N PRO E 80 24.26 25.45 -60.47
CA PRO E 80 25.11 26.28 -61.35
C PRO E 80 24.51 27.61 -61.79
N LYS E 81 23.20 27.82 -61.62
CA LYS E 81 22.61 29.13 -61.88
C LYS E 81 22.22 29.83 -60.57
N GLY E 82 23.18 29.97 -59.66
CA GLY E 82 22.99 30.76 -58.46
C GLY E 82 22.39 29.99 -57.29
N PRO E 83 21.89 30.73 -56.30
CA PRO E 83 21.24 30.09 -55.16
C PRO E 83 19.86 29.56 -55.52
N LYS E 84 19.41 28.59 -54.73
CA LYS E 84 18.13 27.94 -54.96
C LYS E 84 17.49 27.60 -53.62
N VAL E 85 16.27 28.05 -53.41
CA VAL E 85 15.57 27.88 -52.15
C VAL E 85 15.20 26.42 -51.96
N LYS E 86 15.36 25.90 -50.74
CA LYS E 86 14.95 24.55 -50.41
C LYS E 86 14.47 24.51 -48.98
N TYR E 87 13.56 23.58 -48.72
CA TYR E 87 12.95 23.39 -47.40
C TYR E 87 13.25 21.98 -46.93
N LEU E 88 13.40 21.83 -45.62
CA LEU E 88 13.60 20.52 -45.00
C LEU E 88 12.49 20.28 -43.98
N TYR E 89 11.50 19.50 -44.37
CA TYR E 89 10.44 19.08 -43.49
C TYR E 89 10.95 17.94 -42.65
N PHE E 90 10.41 17.78 -41.46
CA PHE E 90 10.67 16.61 -40.64
C PHE E 90 9.34 15.93 -40.32
N ILE E 91 9.37 14.62 -40.11
CA ILE E 91 8.15 13.93 -39.71
C ILE E 91 7.90 14.28 -38.24
N LYS E 92 6.78 14.95 -37.97
CA LYS E 92 6.60 15.64 -36.70
C LYS E 92 6.75 14.69 -35.51
N GLY E 93 7.33 15.21 -34.44
CA GLY E 93 7.59 14.42 -33.25
C GLY E 93 8.78 13.51 -33.39
N LEU E 94 9.78 13.93 -34.16
CA LEU E 94 10.99 13.16 -34.36
C LEU E 94 12.12 13.74 -33.51
N ASN E 95 12.56 12.96 -32.52
CA ASN E 95 13.44 13.47 -31.48
C ASN E 95 14.77 13.92 -32.05
N ASN E 96 15.63 14.44 -31.16
CA ASN E 96 16.84 15.13 -31.56
C ASN E 96 17.84 14.21 -32.25
N LEU E 97 17.78 12.91 -31.96
CA LEU E 97 18.79 11.98 -32.44
C LEU E 97 18.79 11.91 -33.96
N ASN E 98 17.66 11.53 -34.55
CA ASN E 98 17.58 11.36 -35.99
C ASN E 98 17.57 12.69 -36.72
N ARG E 99 16.95 13.71 -36.14
CA ARG E 99 17.14 15.05 -36.67
C ARG E 99 18.61 15.35 -36.83
N GLY E 100 19.40 15.01 -35.81
CA GLY E 100 20.83 15.29 -35.85
C GLY E 100 21.56 14.50 -36.92
N MET E 101 21.32 13.19 -36.99
CA MET E 101 22.05 12.41 -37.97
C MET E 101 21.60 12.75 -39.40
N VAL E 102 20.34 13.14 -39.56
CA VAL E 102 19.87 13.61 -40.86
C VAL E 102 20.58 14.88 -41.25
N LEU E 103 20.60 15.88 -40.35
CA LEU E 103 21.39 17.08 -40.62
C LEU E 103 22.82 16.73 -40.96
N GLY E 104 23.39 15.76 -40.25
CA GLY E 104 24.75 15.35 -40.55
C GLY E 104 24.91 14.92 -41.99
N SER E 105 24.20 13.85 -42.36
CA SER E 105 24.34 13.32 -43.72
C SER E 105 23.99 14.38 -44.75
N LEU E 106 23.01 15.23 -44.44
CA LEU E 106 22.52 16.20 -45.40
C LEU E 106 23.52 17.30 -45.64
N ALA E 107 23.85 18.08 -44.60
CA ALA E 107 24.84 19.13 -44.75
C ALA E 107 26.15 18.56 -45.30
N ALA E 108 26.44 17.29 -45.01
CA ALA E 108 27.53 16.65 -45.71
C ALA E 108 27.31 16.63 -47.22
N THR E 109 26.18 16.08 -47.67
CA THR E 109 25.86 16.01 -49.09
C THR E 109 25.77 17.39 -49.73
N VAL E 110 24.86 18.23 -49.26
CA VAL E 110 24.60 19.52 -49.86
C VAL E 110 25.40 20.59 -49.11
N ARG E 111 26.24 21.31 -49.83
CA ARG E 111 26.81 22.54 -49.30
C ARG E 111 25.84 23.69 -49.57
N LEU E 112 25.52 24.43 -48.52
CA LEU E 112 24.49 25.45 -48.54
C LEU E 112 25.00 26.71 -49.25
N GLN E 113 24.39 27.85 -48.91
CA GLN E 113 24.75 29.15 -49.47
C GLN E 113 26.25 29.41 -49.42
N ALA F 1 30.20 32.81 -50.45
CA ALA F 1 29.53 33.67 -49.48
C ALA F 1 29.83 35.14 -49.76
N GLY F 2 30.29 35.86 -48.74
CA GLY F 2 30.66 37.24 -48.92
C GLY F 2 29.47 38.15 -49.20
N ASN F 3 29.75 39.16 -50.01
CA ASN F 3 28.76 40.17 -50.37
C ASN F 3 28.67 40.26 -51.88
N ALA F 4 27.43 40.33 -52.39
CA ALA F 4 27.20 40.55 -53.80
C ALA F 4 27.83 41.87 -54.23
N THR F 5 27.95 42.05 -55.55
CA THR F 5 28.63 43.24 -56.06
C THR F 5 28.13 43.76 -57.40
N GLU F 6 28.39 43.09 -58.52
CA GLU F 6 28.22 43.66 -59.85
C GLU F 6 26.82 43.38 -60.37
N VAL F 7 26.40 44.16 -61.38
CA VAL F 7 25.16 43.93 -62.10
C VAL F 7 25.44 42.96 -63.24
N PRO F 8 24.59 41.95 -63.45
CA PRO F 8 24.82 41.03 -64.57
C PRO F 8 24.67 41.72 -65.92
N ALA F 9 23.96 42.84 -65.95
CA ALA F 9 23.75 43.56 -67.20
C ALA F 9 25.03 44.20 -67.73
N ASN F 10 25.92 44.66 -66.85
CA ASN F 10 27.21 45.18 -67.26
C ASN F 10 28.31 44.14 -67.13
N SER F 11 27.97 42.88 -66.82
CA SER F 11 28.97 41.82 -66.78
C SER F 11 29.87 41.87 -68.00
N THR F 12 29.27 41.74 -69.19
CA THR F 12 30.05 41.81 -70.43
C THR F 12 31.03 42.97 -70.40
N VAL F 13 30.56 44.16 -70.01
CA VAL F 13 31.43 45.32 -69.95
C VAL F 13 32.67 45.02 -69.13
N LEU F 14 32.47 44.67 -67.85
CA LEU F 14 33.63 44.39 -67.00
C LEU F 14 34.40 43.19 -67.52
N SER F 15 33.72 42.27 -68.22
CA SER F 15 34.43 41.17 -68.85
C SER F 15 35.50 41.69 -69.79
N PHE F 16 35.14 42.66 -70.65
CA PHE F 16 36.13 43.27 -71.53
C PHE F 16 37.23 43.97 -70.75
N CYS F 17 36.95 44.42 -69.53
CA CYS F 17 38.02 44.96 -68.71
C CYS F 17 38.57 43.97 -67.71
N ALA F 18 38.03 42.76 -67.64
CA ALA F 18 38.63 41.74 -66.80
C ALA F 18 39.76 40.99 -67.49
N PHE F 19 39.59 40.64 -68.76
CA PHE F 19 40.57 39.84 -69.50
C PHE F 19 41.49 40.67 -70.37
N ALA F 20 41.44 42.00 -70.29
CA ALA F 20 42.22 42.82 -71.20
C ALA F 20 43.56 43.21 -70.57
N VAL F 21 44.58 43.27 -71.42
CA VAL F 21 45.89 43.76 -71.02
C VAL F 21 46.20 45.14 -71.60
N ASP F 22 45.56 45.53 -72.71
CA ASP F 22 45.49 46.92 -73.18
C ASP F 22 44.04 47.36 -72.95
N ALA F 23 43.67 47.46 -71.67
CA ALA F 23 42.27 47.57 -71.30
C ALA F 23 41.74 48.99 -71.48
N ALA F 24 42.64 49.98 -71.63
CA ALA F 24 42.21 51.37 -71.68
C ALA F 24 41.64 51.71 -73.07
N LYS F 25 42.46 51.58 -74.11
CA LYS F 25 41.93 51.69 -75.48
C LYS F 25 40.86 50.65 -75.71
N ALA F 26 40.98 49.49 -75.04
CA ALA F 26 39.94 48.46 -75.12
C ALA F 26 38.59 48.99 -74.65
N TYR F 27 38.52 49.54 -73.43
CA TYR F 27 37.23 49.95 -72.89
C TYR F 27 36.73 51.23 -73.54
N LYS F 28 37.62 52.05 -74.09
CA LYS F 28 37.11 53.19 -74.85
C LYS F 28 36.53 52.74 -76.19
N ASP F 29 37.17 51.75 -76.83
CA ASP F 29 36.52 51.08 -77.95
C ASP F 29 35.21 50.41 -77.54
N TYR F 30 35.08 50.02 -76.26
CA TYR F 30 33.84 49.41 -75.80
C TYR F 30 32.74 50.44 -75.60
N LEU F 31 33.05 51.53 -74.89
CA LEU F 31 32.14 52.68 -74.84
C LEU F 31 31.67 53.05 -76.24
N ALA F 32 32.57 52.95 -77.21
CA ALA F 32 32.17 53.08 -78.60
C ALA F 32 32.16 51.75 -79.35
N SER F 33 31.53 50.70 -78.82
CA SER F 33 31.43 49.39 -79.48
C SER F 33 30.07 48.72 -79.30
N GLY F 34 28.98 49.46 -79.47
CA GLY F 34 27.64 48.89 -79.45
C GLY F 34 27.08 48.58 -78.08
N GLY F 35 27.33 49.46 -77.10
CA GLY F 35 26.90 49.23 -75.73
C GLY F 35 26.45 50.45 -74.96
N GLN F 36 25.80 50.20 -73.81
CA GLN F 36 25.35 51.27 -72.94
C GLN F 36 26.15 51.23 -71.63
N PRO F 37 26.24 52.31 -70.88
CA PRO F 37 27.36 52.49 -69.95
C PRO F 37 27.30 51.54 -68.74
N ILE F 38 28.40 51.59 -67.98
CA ILE F 38 28.53 50.82 -66.74
C ILE F 38 27.58 51.39 -65.69
N THR F 39 26.37 50.87 -65.66
CA THR F 39 25.32 51.51 -64.86
C THR F 39 25.45 51.15 -63.38
N ASN F 40 26.59 51.46 -62.77
CA ASN F 40 26.78 51.33 -61.33
C ASN F 40 27.96 52.16 -60.84
N CYS F 41 27.77 53.47 -60.72
CA CYS F 41 28.71 54.32 -60.00
C CYS F 41 28.06 54.86 -58.73
N VAL F 42 28.80 54.85 -57.63
CA VAL F 42 28.27 55.28 -56.35
C VAL F 42 27.82 56.75 -56.46
N LYS F 43 26.60 57.02 -56.04
CA LYS F 43 26.00 58.34 -56.19
C LYS F 43 26.04 59.04 -54.84
N MET F 44 26.86 60.07 -54.74
CA MET F 44 27.03 60.79 -53.49
C MET F 44 25.96 61.85 -53.35
N LEU F 45 26.08 62.68 -52.30
CA LEU F 45 25.17 63.80 -52.10
C LEU F 45 25.90 64.86 -51.28
N CYS F 46 25.78 66.11 -51.69
CA CYS F 46 26.41 67.20 -50.95
C CYS F 46 25.58 68.47 -51.16
N THR F 47 25.97 69.56 -50.47
CA THR F 47 25.32 70.84 -50.64
C THR F 47 25.72 71.54 -51.92
N HIS F 48 26.67 70.98 -52.67
CA HIS F 48 27.14 71.56 -53.93
C HIS F 48 27.84 72.90 -53.68
N THR F 49 28.38 73.06 -52.48
CA THR F 49 29.12 74.26 -52.10
C THR F 49 30.57 73.89 -51.87
N GLY F 50 31.48 74.75 -52.34
CA GLY F 50 32.91 74.54 -52.23
C GLY F 50 33.56 74.75 -53.56
N THR F 51 34.88 74.60 -53.60
CA THR F 51 35.60 74.71 -54.86
C THR F 51 35.30 73.51 -55.75
N GLY F 52 35.85 73.54 -56.96
CA GLY F 52 35.59 72.48 -57.93
C GLY F 52 36.47 71.26 -57.79
N GLN F 53 37.41 71.25 -56.83
CA GLN F 53 38.30 70.11 -56.69
C GLN F 53 37.54 68.86 -56.30
N ALA F 54 37.44 67.91 -57.23
CA ALA F 54 36.75 66.65 -56.98
C ALA F 54 37.52 65.81 -55.98
N ILE F 55 38.83 65.69 -56.17
CA ILE F 55 39.65 64.85 -55.31
C ILE F 55 39.68 65.48 -53.92
N THR F 56 38.67 65.18 -53.12
CA THR F 56 38.45 65.87 -51.86
C THR F 56 38.06 64.85 -50.79
N VAL F 57 38.47 65.14 -49.56
CA VAL F 57 38.18 64.25 -48.44
C VAL F 57 36.71 64.27 -48.06
N THR F 58 36.03 65.40 -48.24
CA THR F 58 34.63 65.59 -47.94
C THR F 58 34.10 66.45 -49.07
N PRO F 59 32.97 66.04 -49.70
CA PRO F 59 32.59 66.61 -51.01
C PRO F 59 32.74 68.11 -51.12
N GLU F 60 33.52 68.53 -52.12
CA GLU F 60 33.92 69.91 -52.34
C GLU F 60 33.45 70.25 -53.74
N ALA F 61 32.21 70.72 -53.85
CA ALA F 61 31.51 70.73 -55.13
C ALA F 61 31.03 72.13 -55.52
N ASN F 62 30.61 72.24 -56.78
CA ASN F 62 30.03 73.45 -57.37
C ASN F 62 28.52 73.28 -57.50
N MET F 63 27.85 74.36 -57.87
CA MET F 63 26.40 74.29 -58.04
C MET F 63 26.00 73.47 -59.26
N ASP F 64 26.85 73.44 -60.29
CA ASP F 64 26.55 72.75 -61.54
C ASP F 64 26.79 71.26 -61.47
N GLN F 65 27.90 70.85 -60.87
CA GLN F 65 28.38 69.49 -61.02
C GLN F 65 27.56 68.53 -60.15
N GLU F 66 28.16 67.37 -59.90
CA GLU F 66 27.57 66.39 -59.00
C GLU F 66 28.63 65.40 -58.56
N SER F 67 28.50 64.89 -57.34
CA SER F 67 29.54 64.05 -56.76
C SER F 67 29.17 62.58 -56.81
N PHE F 68 30.11 61.78 -57.28
CA PHE F 68 30.18 60.35 -57.05
C PHE F 68 31.32 60.12 -56.06
N GLY F 69 31.58 58.86 -55.74
CA GLY F 69 32.65 58.52 -54.82
C GLY F 69 34.04 58.72 -55.39
N GLY F 70 35.06 58.54 -54.56
CA GLY F 70 36.43 58.61 -55.05
C GLY F 70 36.91 57.31 -55.64
N ALA F 71 36.76 56.22 -54.89
CA ALA F 71 37.25 54.93 -55.37
C ALA F 71 36.50 54.47 -56.62
N SER F 72 35.17 54.48 -56.57
CA SER F 72 34.37 54.01 -57.68
C SER F 72 34.48 54.96 -58.87
N CYS F 73 35.69 55.19 -59.34
CA CYS F 73 35.92 56.06 -60.48
C CYS F 73 37.18 55.71 -61.26
N CYS F 74 37.80 54.57 -60.99
CA CYS F 74 38.89 54.06 -61.82
C CYS F 74 38.62 52.61 -62.20
N LEU F 75 38.48 52.36 -63.51
CA LEU F 75 38.25 50.99 -63.97
C LEU F 75 39.46 50.11 -63.70
N TYR F 76 40.67 50.69 -63.72
CA TYR F 76 41.86 49.93 -63.36
C TYR F 76 41.70 49.28 -61.98
N CYS F 77 40.99 49.96 -61.07
CA CYS F 77 40.70 49.38 -59.76
C CYS F 77 39.27 48.87 -59.66
N ARG F 78 38.38 49.35 -60.51
CA ARG F 78 37.01 48.84 -60.59
C ARG F 78 36.98 47.39 -61.06
N CYS F 79 38.06 46.91 -61.68
CA CYS F 79 38.08 45.54 -62.16
C CYS F 79 39.09 44.65 -61.43
N HIS F 80 39.73 45.15 -60.38
CA HIS F 80 40.70 44.38 -59.58
C HIS F 80 41.87 43.88 -60.44
N ILE F 81 42.03 44.49 -61.61
CA ILE F 81 43.08 44.01 -62.49
C ILE F 81 44.42 44.59 -62.10
N ASP F 82 45.46 44.16 -62.79
CA ASP F 82 46.78 44.69 -62.52
C ASP F 82 46.89 46.10 -63.04
N HIS F 83 47.86 46.83 -62.55
CA HIS F 83 47.95 48.22 -62.92
C HIS F 83 49.26 48.54 -63.60
N PRO F 84 49.25 49.53 -64.49
CA PRO F 84 50.54 49.97 -65.02
C PRO F 84 51.06 51.09 -64.12
N ASN F 85 50.41 51.37 -62.98
CA ASN F 85 50.90 52.37 -62.05
C ASN F 85 52.29 51.96 -61.54
N PRO F 86 53.23 52.86 -61.49
CA PRO F 86 54.62 52.48 -61.12
C PRO F 86 54.74 51.86 -59.75
N LYS F 87 53.93 52.31 -58.78
CA LYS F 87 54.11 51.87 -57.41
C LYS F 87 52.89 52.15 -56.54
N GLY F 88 51.80 51.42 -56.74
CA GLY F 88 51.66 50.43 -57.79
C GLY F 88 50.17 50.25 -58.03
N PHE F 89 49.42 51.21 -57.52
CA PHE F 89 47.96 51.20 -57.56
C PHE F 89 47.46 52.59 -57.92
N CYS F 90 46.15 52.77 -57.83
CA CYS F 90 45.52 54.00 -58.28
C CYS F 90 45.21 54.92 -57.10
N ASP F 91 45.30 56.23 -57.35
CA ASP F 91 45.25 57.21 -56.27
C ASP F 91 43.85 57.49 -55.74
N LEU F 92 42.85 57.64 -56.62
CA LEU F 92 41.56 58.18 -56.21
C LEU F 92 40.82 57.26 -55.25
N LYS F 93 41.37 56.10 -54.90
CA LYS F 93 40.72 55.18 -53.97
C LYS F 93 40.76 55.78 -52.56
N GLY F 94 39.64 56.33 -52.11
CA GLY F 94 39.52 56.83 -50.76
C GLY F 94 38.80 58.15 -50.61
N LYS F 95 38.65 58.90 -51.71
CA LYS F 95 38.14 60.26 -51.64
C LYS F 95 36.76 60.36 -52.30
N TYR F 96 36.55 61.43 -53.06
CA TYR F 96 35.29 61.68 -53.75
C TYR F 96 35.62 62.22 -55.14
N VAL F 97 34.62 62.26 -56.03
CA VAL F 97 34.81 62.80 -57.37
C VAL F 97 33.57 63.58 -57.78
N GLN F 98 33.67 64.92 -57.76
CA GLN F 98 32.61 65.82 -58.19
C GLN F 98 32.84 66.19 -59.65
N ILE F 99 32.13 65.53 -60.56
CA ILE F 99 32.31 65.79 -61.99
C ILE F 99 31.33 66.85 -62.43
N PRO F 100 31.75 67.85 -63.25
CA PRO F 100 30.81 68.81 -63.84
C PRO F 100 29.73 68.17 -64.72
N THR F 101 28.60 68.89 -64.84
CA THR F 101 27.34 68.29 -65.27
C THR F 101 27.44 67.56 -66.61
N THR F 102 28.21 68.10 -67.56
CA THR F 102 28.26 67.49 -68.89
C THR F 102 28.89 66.11 -68.85
N CYS F 103 30.20 66.08 -68.70
CA CYS F 103 30.94 64.86 -68.90
C CYS F 103 30.76 63.87 -67.76
N ALA F 104 29.76 64.05 -66.90
CA ALA F 104 29.65 63.23 -65.71
C ALA F 104 28.83 61.97 -65.91
N ASN F 105 28.67 61.52 -67.17
CA ASN F 105 27.93 60.29 -67.40
C ASN F 105 28.68 59.08 -66.86
N ASP F 106 29.95 58.91 -67.27
CA ASP F 106 30.79 57.83 -66.79
C ASP F 106 32.09 58.41 -66.27
N PRO F 107 32.50 58.11 -65.02
CA PRO F 107 33.76 58.65 -64.49
C PRO F 107 35.02 57.83 -64.82
N VAL F 108 34.86 56.68 -65.48
CA VAL F 108 36.00 55.86 -65.88
C VAL F 108 36.81 56.54 -66.96
N GLY F 109 36.18 56.80 -68.11
CA GLY F 109 36.86 57.54 -69.17
C GLY F 109 37.30 58.91 -68.70
N PHE F 110 36.61 59.48 -67.70
CA PHE F 110 37.02 60.77 -67.15
C PHE F 110 38.35 60.63 -66.41
N THR F 111 38.41 59.72 -65.44
CA THR F 111 39.63 59.53 -64.68
C THR F 111 40.81 59.12 -65.56
N LEU F 112 40.53 58.45 -66.69
CA LEU F 112 41.62 57.95 -67.52
C LEU F 112 42.06 58.98 -68.56
N LYS F 113 41.09 59.69 -69.14
CA LYS F 113 41.38 60.67 -70.20
C LYS F 113 41.88 61.97 -69.60
N ASN F 114 41.15 62.49 -68.61
CA ASN F 114 41.63 63.65 -67.88
C ASN F 114 42.41 63.21 -66.64
N THR F 115 43.09 64.17 -66.03
CA THR F 115 43.78 63.97 -64.76
C THR F 115 44.05 65.33 -64.14
N VAL F 116 43.92 65.39 -62.81
CA VAL F 116 43.91 66.63 -62.05
C VAL F 116 45.12 67.49 -62.42
N CYS F 117 44.89 68.80 -62.54
CA CYS F 117 45.98 69.74 -62.77
C CYS F 117 46.49 70.28 -61.45
N THR F 118 47.81 70.45 -61.35
CA THR F 118 48.42 70.83 -60.09
C THR F 118 48.11 72.28 -59.71
N VAL F 119 47.72 73.09 -60.68
CA VAL F 119 47.53 74.53 -60.45
C VAL F 119 46.24 74.78 -59.67
N CYS F 120 45.09 74.50 -60.31
CA CYS F 120 43.81 74.72 -59.65
C CYS F 120 43.22 73.46 -59.04
N GLY F 121 43.88 72.32 -59.19
CA GLY F 121 43.39 71.08 -58.59
C GLY F 121 42.13 70.52 -59.21
N MET F 122 41.56 71.20 -60.21
CA MET F 122 40.34 70.78 -60.88
C MET F 122 40.69 69.92 -62.08
N TRP F 123 39.64 69.43 -62.73
CA TRP F 123 39.81 68.73 -64.00
C TRP F 123 40.18 69.74 -65.10
N LYS F 124 41.21 69.41 -65.87
CA LYS F 124 41.80 70.35 -66.80
C LYS F 124 40.81 70.81 -67.87
N GLY F 125 40.20 71.97 -67.66
CA GLY F 125 39.27 72.56 -68.60
C GLY F 125 37.88 72.80 -68.05
N TYR F 126 37.62 72.40 -66.80
CA TYR F 126 36.27 72.41 -66.24
C TYR F 126 36.19 73.03 -64.84
N GLY F 127 36.67 74.26 -64.64
CA GLY F 127 37.37 75.06 -65.62
C GLY F 127 38.79 75.29 -65.11
N CYS F 128 39.43 76.37 -65.54
CA CYS F 128 40.80 76.66 -65.12
C CYS F 128 41.21 78.04 -65.60
N SER F 129 42.07 78.70 -64.82
CA SER F 129 42.74 79.90 -65.31
C SER F 129 44.09 79.56 -65.94
N CYS F 130 44.27 78.31 -66.37
CA CYS F 130 45.53 77.88 -66.94
C CYS F 130 45.79 78.59 -68.26
N ASP F 131 46.18 79.86 -68.17
CA ASP F 131 46.48 80.68 -69.33
C ASP F 131 45.28 80.79 -70.27
N ASN I 3 18.71 41.49 -58.97
CA ASN I 3 19.59 40.38 -59.36
C ASN I 3 21.05 40.77 -59.16
N VAL I 4 21.79 39.91 -58.46
CA VAL I 4 23.18 40.18 -58.09
C VAL I 4 24.08 39.14 -58.73
N THR I 5 25.38 39.43 -58.75
CA THR I 5 26.35 38.62 -59.48
C THR I 5 27.18 37.80 -58.51
N GLY I 6 27.46 36.56 -58.92
CA GLY I 6 28.62 35.86 -58.43
C GLY I 6 29.88 36.38 -59.07
N LEU I 7 29.74 37.06 -60.20
CA LEU I 7 30.81 37.84 -60.77
C LEU I 7 31.22 38.95 -59.81
N PHE I 8 32.50 38.94 -59.42
CA PHE I 8 33.07 39.90 -58.47
C PHE I 8 32.35 39.88 -57.13
N LYS I 9 31.62 38.80 -56.84
CA LYS I 9 31.00 38.62 -55.54
C LYS I 9 32.05 38.45 -54.45
N ASP I 10 31.91 39.22 -53.37
CA ASP I 10 32.88 39.16 -52.28
C ASP I 10 32.93 37.74 -51.71
N CYS I 11 34.10 37.39 -51.14
CA CYS I 11 34.35 36.01 -50.73
C CYS I 11 34.66 35.86 -49.25
N SER I 12 35.04 36.93 -48.54
CA SER I 12 35.29 36.80 -47.11
C SER I 12 33.99 36.90 -46.32
N LYS I 13 33.99 36.26 -45.16
CA LYS I 13 32.80 36.21 -44.31
C LYS I 13 32.45 37.53 -43.65
N VAL I 14 33.40 38.47 -43.58
CA VAL I 14 33.12 39.77 -42.95
C VAL I 14 32.01 40.47 -43.73
N ILE I 15 30.99 40.91 -43.00
CA ILE I 15 29.75 41.40 -43.60
C ILE I 15 29.67 42.92 -43.43
N THR I 16 30.61 43.48 -42.67
CA THR I 16 30.64 44.94 -42.49
C THR I 16 30.92 45.62 -43.81
N GLY I 17 29.94 46.38 -44.30
CA GLY I 17 30.08 47.06 -45.56
C GLY I 17 31.28 47.99 -45.59
N LEU I 18 31.71 48.29 -46.80
CA LEU I 18 32.85 49.16 -47.01
C LEU I 18 32.42 50.62 -46.96
N HIS I 19 33.26 51.45 -46.36
CA HIS I 19 33.07 52.88 -46.42
C HIS I 19 33.15 53.31 -47.88
N PRO I 20 32.02 53.64 -48.53
CA PRO I 20 31.95 53.61 -50.00
C PRO I 20 33.10 54.30 -50.73
N THR I 21 33.91 55.09 -50.03
CA THR I 21 35.16 55.56 -50.60
C THR I 21 36.19 54.44 -50.74
N GLN I 22 35.85 53.22 -50.31
CA GLN I 22 36.70 52.05 -50.49
C GLN I 22 35.94 50.90 -51.16
N ALA I 23 34.78 51.19 -51.75
CA ALA I 23 34.00 50.19 -52.47
C ALA I 23 33.71 50.71 -53.87
N PRO I 24 34.22 50.08 -54.92
CA PRO I 24 34.05 50.62 -56.28
C PRO I 24 32.65 50.46 -56.87
N THR I 25 31.66 50.01 -56.10
CA THR I 25 30.32 49.83 -56.66
C THR I 25 29.27 50.34 -55.69
N HIS I 26 28.11 50.69 -56.23
CA HIS I 26 27.04 51.23 -55.40
C HIS I 26 26.35 50.17 -54.55
N LEU I 27 26.70 48.90 -54.72
CA LEU I 27 26.13 47.85 -53.87
C LEU I 27 26.99 47.54 -52.65
N SER I 28 28.31 47.64 -52.77
CA SER I 28 29.21 47.33 -51.67
C SER I 28 29.25 48.45 -50.64
N VAL I 29 28.21 49.28 -50.55
CA VAL I 29 28.09 50.29 -49.52
C VAL I 29 27.14 49.79 -48.44
N ASP I 30 27.54 49.92 -47.18
CA ASP I 30 26.71 49.56 -46.05
C ASP I 30 25.47 50.46 -46.02
N THR I 31 24.40 49.96 -45.41
CA THR I 31 23.14 50.69 -45.35
C THR I 31 23.22 51.88 -44.41
N LYS I 32 24.43 52.33 -44.07
CA LYS I 32 24.60 53.55 -43.30
C LYS I 32 24.65 54.77 -44.21
N PHE I 33 24.93 54.57 -45.49
CA PHE I 33 25.02 55.68 -46.43
C PHE I 33 23.80 55.80 -47.34
N LYS I 34 23.11 54.70 -47.63
CA LYS I 34 21.99 54.73 -48.57
C LYS I 34 20.71 55.12 -47.84
N THR I 35 20.33 56.39 -47.98
CA THR I 35 19.06 56.91 -47.47
C THR I 35 18.30 57.50 -48.65
N GLU I 36 17.27 56.77 -49.12
CA GLU I 36 16.52 57.10 -50.33
C GLU I 36 17.45 57.13 -51.55
N GLY I 37 18.11 55.99 -51.77
CA GLY I 37 18.92 55.79 -52.97
C GLY I 37 20.12 56.69 -53.15
N LEU I 38 20.41 57.53 -52.16
CA LEU I 38 21.55 58.43 -52.22
C LEU I 38 22.50 58.20 -51.05
N CYS I 39 23.75 58.58 -51.24
CA CYS I 39 24.81 58.40 -50.27
C CYS I 39 25.25 59.74 -49.71
N VAL I 40 25.31 59.83 -48.37
CA VAL I 40 25.66 61.05 -47.67
C VAL I 40 26.94 60.81 -46.89
N ASP I 41 27.92 61.69 -47.09
CA ASP I 41 29.21 61.57 -46.43
C ASP I 41 29.03 61.61 -44.91
N ILE I 42 29.81 60.79 -44.21
CA ILE I 42 29.66 60.63 -42.76
C ILE I 42 30.97 60.95 -42.06
N PRO I 43 31.06 62.10 -41.36
CA PRO I 43 32.24 62.35 -40.52
C PRO I 43 32.17 61.64 -39.17
N GLY I 44 31.02 61.06 -38.84
CA GLY I 44 30.84 60.37 -37.58
C GLY I 44 31.70 59.14 -37.39
N ILE I 45 32.24 58.58 -38.48
CA ILE I 45 33.18 57.47 -38.43
C ILE I 45 34.24 57.71 -39.51
N PRO I 46 35.52 57.57 -39.21
CA PRO I 46 36.53 57.68 -40.27
C PRO I 46 36.55 56.44 -41.17
N LYS I 47 37.34 56.46 -42.22
CA LYS I 47 37.37 55.33 -43.14
C LYS I 47 38.28 54.24 -42.60
N ASP I 48 38.19 53.06 -43.19
CA ASP I 48 38.88 51.89 -42.66
C ASP I 48 40.07 51.53 -43.53
N MET I 49 41.09 50.94 -42.90
CA MET I 49 42.30 50.51 -43.57
C MET I 49 42.70 49.09 -43.21
N THR I 50 41.76 48.27 -42.73
CA THR I 50 42.10 46.93 -42.27
C THR I 50 41.05 45.96 -42.80
N TYR I 51 41.24 45.47 -44.02
CA TYR I 51 40.32 44.53 -44.63
C TYR I 51 40.99 43.91 -45.85
N ARG I 52 41.13 42.59 -45.84
CA ARG I 52 41.85 41.85 -46.88
C ARG I 52 40.98 40.68 -47.32
N ARG I 53 40.12 40.93 -48.31
CA ARG I 53 39.12 39.98 -48.75
C ARG I 53 39.36 39.57 -50.20
N LEU I 54 39.40 38.27 -50.46
CA LEU I 54 39.43 37.77 -51.83
C LEU I 54 38.07 38.01 -52.49
N ILE I 55 38.07 38.10 -53.82
CA ILE I 55 36.87 38.46 -54.58
C ILE I 55 36.65 37.42 -55.66
N SER I 56 35.39 37.05 -55.89
CA SER I 56 35.04 36.05 -56.88
C SER I 56 35.41 36.51 -58.28
N MET I 57 35.72 35.54 -59.14
CA MET I 57 36.05 35.74 -60.54
C MET I 57 35.28 34.76 -61.41
N MET I 58 33.95 34.90 -61.38
CA MET I 58 33.03 34.09 -62.15
C MET I 58 32.09 34.98 -62.95
N GLY I 59 31.06 34.37 -63.52
CA GLY I 59 30.02 35.08 -64.24
C GLY I 59 30.54 36.11 -65.24
N PHE I 60 31.27 35.66 -66.26
CA PHE I 60 31.88 36.58 -67.21
C PHE I 60 31.05 36.73 -68.48
N LYS I 61 30.89 35.65 -69.24
CA LYS I 61 30.08 35.64 -70.46
C LYS I 61 30.64 36.63 -71.48
N MET I 62 31.94 36.51 -71.75
CA MET I 62 32.68 37.48 -72.56
C MET I 62 32.22 37.34 -74.00
N ASN I 63 31.63 38.41 -74.53
CA ASN I 63 31.18 38.47 -75.91
C ASN I 63 30.83 39.91 -76.27
N TYR I 64 31.82 40.80 -76.21
CA TYR I 64 31.75 42.12 -76.80
C TYR I 64 31.56 41.96 -78.31
N GLN I 65 31.51 43.09 -79.02
CA GLN I 65 31.36 42.98 -80.47
C GLN I 65 32.14 44.12 -81.13
N VAL I 66 33.38 43.81 -81.55
CA VAL I 66 34.22 44.72 -82.32
C VAL I 66 35.03 43.88 -83.31
N ASN I 67 35.58 44.55 -84.31
CA ASN I 67 36.50 43.90 -85.23
C ASN I 67 37.96 44.06 -84.79
N GLY I 68 38.25 45.08 -83.97
CA GLY I 68 39.58 45.30 -83.45
C GLY I 68 40.13 44.20 -82.59
N TYR I 69 39.25 43.38 -82.00
CA TYR I 69 39.61 42.08 -81.47
C TYR I 69 38.79 41.02 -82.22
N PRO I 70 39.38 39.88 -82.58
CA PRO I 70 38.58 38.79 -83.14
C PRO I 70 37.93 37.98 -82.03
N ASN I 71 36.63 37.77 -82.17
CA ASN I 71 35.89 37.10 -81.11
C ASN I 71 36.45 35.70 -80.88
N MET I 72 37.19 35.56 -79.78
CA MET I 72 37.96 34.38 -79.46
C MET I 72 37.18 33.08 -79.60
N PHE I 73 35.99 33.00 -79.03
CA PHE I 73 35.17 31.80 -79.10
C PHE I 73 34.76 31.60 -80.54
N ILE I 74 35.12 30.46 -81.13
CA ILE I 74 34.73 30.14 -82.48
C ILE I 74 33.47 29.29 -82.45
N THR I 75 32.65 29.46 -83.48
CA THR I 75 31.31 28.90 -83.54
C THR I 75 31.38 27.43 -83.93
N ARG I 76 30.31 26.90 -84.54
CA ARG I 76 30.23 25.46 -84.77
C ARG I 76 31.30 24.98 -85.74
N GLU I 77 31.39 25.59 -86.92
CA GLU I 77 32.30 25.06 -87.94
C GLU I 77 33.73 25.55 -87.74
N GLU I 78 33.92 26.84 -87.44
CA GLU I 78 35.25 27.46 -87.42
C GLU I 78 36.20 26.76 -86.45
N ALA I 79 35.72 25.77 -85.71
CA ALA I 79 36.57 24.93 -84.88
C ALA I 79 36.60 23.49 -85.39
N ILE I 80 35.64 23.12 -86.24
CA ILE I 80 35.70 21.82 -86.89
C ILE I 80 36.66 21.83 -88.07
N ARG I 81 36.68 22.95 -88.81
CA ARG I 81 37.50 23.04 -90.00
C ARG I 81 38.99 22.98 -89.68
N HIS I 82 39.38 23.49 -88.52
CA HIS I 82 40.78 23.82 -88.26
C HIS I 82 41.42 22.81 -87.29
N VAL I 83 41.78 21.65 -87.82
CA VAL I 83 42.46 20.67 -86.99
C VAL I 83 43.95 21.00 -87.05
N ARG I 84 44.76 20.24 -86.31
CA ARG I 84 46.15 20.58 -85.97
C ARG I 84 46.16 21.73 -84.96
N ALA I 85 45.07 21.87 -84.22
CA ALA I 85 44.97 22.81 -83.12
C ALA I 85 44.23 22.24 -81.93
N TRP I 86 43.51 21.12 -82.09
CA TRP I 86 42.71 20.54 -81.03
C TRP I 86 43.59 20.07 -79.88
N ILE I 87 43.38 20.65 -78.70
CA ILE I 87 44.09 20.28 -77.48
C ILE I 87 43.13 20.55 -76.31
N GLY I 88 43.08 19.64 -75.35
CA GLY I 88 42.10 19.71 -74.29
C GLY I 88 42.31 20.88 -73.35
N PHE I 89 41.31 21.08 -72.48
CA PHE I 89 41.35 22.10 -71.45
C PHE I 89 40.34 21.75 -70.37
N ASP I 90 40.84 21.46 -69.16
CA ASP I 90 39.99 21.23 -68.00
C ASP I 90 40.84 21.43 -66.75
N VAL I 91 40.20 21.92 -65.69
CA VAL I 91 40.90 22.24 -64.45
C VAL I 91 40.06 21.77 -63.26
N GLU I 92 40.73 21.43 -62.18
CA GLU I 92 40.09 21.09 -60.92
C GLU I 92 40.32 22.21 -59.92
N GLY I 93 39.35 22.43 -59.04
CA GLY I 93 39.36 23.54 -58.11
C GLY I 93 38.91 23.19 -56.71
N CYS I 94 38.84 24.23 -55.88
CA CYS I 94 38.62 24.08 -54.44
C CYS I 94 38.18 25.41 -53.84
N HIS I 95 37.85 25.37 -52.55
CA HIS I 95 37.44 26.55 -51.80
C HIS I 95 38.30 26.70 -50.53
N ALA I 96 38.33 27.93 -50.00
CA ALA I 96 39.15 28.22 -48.83
C ALA I 96 38.45 27.78 -47.55
N THR I 97 39.16 27.92 -46.42
CA THR I 97 38.67 27.42 -45.14
C THR I 97 38.28 28.55 -44.19
N ARG I 98 39.25 29.08 -43.44
CA ARG I 98 38.95 29.98 -42.33
C ARG I 98 38.50 31.35 -42.83
N GLU I 99 39.44 32.20 -43.23
CA GLU I 99 39.19 33.61 -43.50
C GLU I 99 38.07 33.86 -44.51
N ALA I 100 37.79 32.92 -45.40
CA ALA I 100 36.85 33.19 -46.48
C ALA I 100 36.42 31.86 -47.09
N VAL I 101 35.40 31.95 -47.96
CA VAL I 101 34.96 30.83 -48.78
C VAL I 101 33.93 31.35 -49.74
N GLY I 102 33.75 30.65 -50.86
CA GLY I 102 32.78 31.06 -51.85
C GLY I 102 33.42 31.41 -53.19
N THR I 103 34.66 31.00 -53.38
CA THR I 103 35.41 31.27 -54.60
C THR I 103 35.94 29.97 -55.18
N ASN I 104 36.11 29.97 -56.50
CA ASN I 104 36.69 28.86 -57.22
C ASN I 104 38.06 29.25 -57.76
N LEU I 105 39.06 28.40 -57.48
CA LEU I 105 40.43 28.64 -57.85
C LEU I 105 41.09 27.34 -58.32
N PRO I 106 41.98 27.40 -59.31
CA PRO I 106 42.50 26.17 -59.92
C PRO I 106 43.60 25.52 -59.08
N LEU I 107 43.75 24.21 -59.26
CA LEU I 107 44.76 23.48 -58.51
C LEU I 107 45.54 22.52 -59.41
N GLN I 108 44.83 21.75 -60.23
CA GLN I 108 45.47 20.91 -61.24
C GLN I 108 44.84 21.17 -62.60
N LEU I 109 45.69 21.32 -63.61
CA LEU I 109 45.27 21.62 -64.97
C LEU I 109 45.65 20.49 -65.92
N GLY I 110 44.66 19.95 -66.62
CA GLY I 110 44.89 18.92 -67.62
C GLY I 110 44.35 19.28 -68.99
N PHE I 111 44.97 18.77 -70.03
CA PHE I 111 44.65 19.08 -71.43
C PHE I 111 44.49 17.79 -72.23
N SER I 112 44.78 17.89 -73.53
CA SER I 112 44.93 16.69 -74.35
C SER I 112 46.32 16.07 -74.15
N THR I 113 47.35 16.92 -74.05
CA THR I 113 48.67 16.45 -73.69
C THR I 113 48.63 15.73 -72.35
N GLY I 114 49.29 14.57 -72.28
CA GLY I 114 49.21 13.71 -71.11
C GLY I 114 49.84 14.33 -69.89
N VAL I 115 49.31 15.48 -69.45
CA VAL I 115 49.90 16.29 -68.42
C VAL I 115 48.83 16.70 -67.41
N ASN I 116 49.24 16.91 -66.16
CA ASN I 116 48.36 17.38 -65.10
C ASN I 116 49.18 18.24 -64.15
N LEU I 117 49.12 19.56 -64.33
CA LEU I 117 49.96 20.50 -63.61
C LEU I 117 49.42 20.78 -62.23
N VAL I 118 50.34 20.81 -61.25
CA VAL I 118 50.07 21.12 -59.86
C VAL I 118 50.37 22.60 -59.63
N ALA I 119 49.62 23.21 -58.72
CA ALA I 119 49.78 24.63 -58.41
C ALA I 119 49.10 24.96 -57.09
N VAL I 120 49.75 25.78 -56.29
CA VAL I 120 49.12 26.28 -55.07
C VAL I 120 48.08 27.32 -55.46
N PRO I 121 46.99 27.44 -54.72
CA PRO I 121 45.96 28.45 -55.06
C PRO I 121 46.37 29.84 -54.57
N THR I 122 46.01 30.86 -55.36
CA THR I 122 46.15 32.26 -55.00
C THR I 122 44.97 33.03 -55.60
N GLY I 123 44.75 34.26 -55.11
CA GLY I 123 43.60 35.02 -55.56
C GLY I 123 43.71 36.50 -55.29
N TYR I 124 42.81 37.26 -55.93
CA TYR I 124 42.73 38.72 -55.82
C TYR I 124 42.09 39.07 -54.49
N VAL I 125 42.91 39.40 -53.50
CA VAL I 125 42.42 39.93 -52.24
C VAL I 125 42.19 41.43 -52.44
N ASP I 126 41.08 41.93 -51.88
CA ASP I 126 40.82 43.36 -51.95
C ASP I 126 41.50 44.11 -50.81
N THR I 127 42.07 45.24 -51.16
CA THR I 127 42.88 46.06 -50.27
C THR I 127 42.48 47.51 -50.44
N PRO I 128 42.72 48.35 -49.42
CA PRO I 128 42.31 49.76 -49.53
C PRO I 128 43.01 50.54 -50.62
N ASN I 129 44.04 49.98 -51.25
CA ASN I 129 44.73 50.68 -52.34
C ASN I 129 44.40 50.08 -53.71
N ASN I 130 44.27 48.77 -53.79
CA ASN I 130 43.83 48.06 -54.98
C ASN I 130 43.48 46.64 -54.57
N THR I 131 43.77 45.69 -55.45
CA THR I 131 43.82 44.30 -55.01
C THR I 131 45.30 43.88 -54.91
N ASP I 132 45.56 42.94 -54.02
CA ASP I 132 46.82 42.24 -54.01
C ASP I 132 46.56 40.83 -54.52
N PHE I 133 47.60 40.18 -55.02
CA PHE I 133 47.48 38.81 -55.49
C PHE I 133 48.07 37.92 -54.40
N SER I 134 47.24 37.49 -53.46
CA SER I 134 47.68 36.89 -52.21
C SER I 134 47.46 35.38 -52.23
N ARG I 135 48.24 34.69 -51.41
CA ARG I 135 48.16 33.24 -51.28
C ARG I 135 47.41 32.88 -50.00
N VAL I 136 46.38 32.05 -50.13
CA VAL I 136 45.44 31.75 -49.06
C VAL I 136 45.43 30.24 -48.82
N SER I 137 45.18 29.87 -47.56
CA SER I 137 44.97 28.48 -47.19
C SER I 137 43.90 27.89 -48.09
N ALA I 138 44.05 26.60 -48.41
CA ALA I 138 43.15 25.96 -49.36
C ALA I 138 42.81 24.56 -48.86
N LYS I 139 41.64 24.08 -49.28
CA LYS I 139 41.19 22.72 -49.06
C LYS I 139 40.26 22.33 -50.19
N PRO I 140 40.30 21.09 -50.65
CA PRO I 140 39.38 20.65 -51.71
C PRO I 140 37.95 20.63 -51.21
N PRO I 141 36.96 20.41 -52.08
CA PRO I 141 35.58 20.32 -51.61
C PRO I 141 35.40 19.15 -50.67
N PRO I 142 34.44 19.21 -49.75
CA PRO I 142 34.25 18.11 -48.78
C PRO I 142 33.82 16.80 -49.39
N GLY I 143 33.51 16.74 -50.69
CA GLY I 143 33.11 15.50 -51.32
C GLY I 143 34.17 14.42 -51.19
N ASP I 144 33.75 13.21 -50.82
CA ASP I 144 34.72 12.15 -50.54
C ASP I 144 35.48 11.75 -51.79
N GLN I 145 34.86 11.88 -52.97
CA GLN I 145 35.55 11.60 -54.22
C GLN I 145 36.69 12.58 -54.47
N PHE I 146 36.82 13.60 -53.63
CA PHE I 146 37.96 14.51 -53.65
C PHE I 146 39.05 14.12 -52.67
N LYS I 147 38.99 12.91 -52.10
CA LYS I 147 40.08 12.43 -51.25
C LYS I 147 41.36 12.21 -52.06
N HIS I 148 41.22 11.97 -53.36
CA HIS I 148 42.38 11.89 -54.24
C HIS I 148 43.04 13.25 -54.32
N LEU I 149 42.26 14.31 -54.11
CA LEU I 149 42.76 15.68 -54.15
C LEU I 149 43.43 16.11 -52.87
N ILE I 150 43.55 15.22 -51.87
CA ILE I 150 44.20 15.60 -50.61
C ILE I 150 45.66 15.98 -50.83
N PRO I 151 46.52 15.14 -51.44
CA PRO I 151 47.95 15.47 -51.48
C PRO I 151 48.33 16.50 -52.54
N LEU I 152 47.46 17.47 -52.85
CA LEU I 152 47.79 18.43 -53.91
C LEU I 152 47.89 19.86 -53.40
N MET I 153 47.31 20.18 -52.24
CA MET I 153 47.27 21.56 -51.75
C MET I 153 48.56 21.99 -51.06
N TYR I 154 49.32 21.07 -50.47
CA TYR I 154 50.51 21.44 -49.72
C TYR I 154 51.78 21.35 -50.56
N LYS I 155 51.67 21.09 -51.87
CA LYS I 155 52.83 20.86 -52.72
C LYS I 155 52.78 21.61 -54.05
N GLY I 156 51.79 22.47 -54.27
CA GLY I 156 51.62 23.11 -55.56
C GLY I 156 52.69 24.13 -55.87
N LEU I 157 52.41 24.92 -56.90
CA LEU I 157 53.32 25.89 -57.51
C LEU I 157 52.66 27.24 -57.67
N PRO I 158 53.45 28.32 -57.63
CA PRO I 158 52.90 29.66 -57.91
C PRO I 158 52.54 29.80 -59.37
N TRP I 159 52.26 31.03 -59.79
CA TRP I 159 51.77 31.25 -61.14
C TRP I 159 52.89 31.49 -62.15
N ASN I 160 53.97 32.16 -61.75
CA ASN I 160 54.98 32.56 -62.75
C ASN I 160 55.63 31.35 -63.40
N VAL I 161 56.23 30.49 -62.59
CA VAL I 161 56.89 29.29 -63.13
C VAL I 161 55.89 28.42 -63.87
N VAL I 162 54.65 28.36 -63.36
CA VAL I 162 53.61 27.52 -63.97
C VAL I 162 53.28 27.99 -65.37
N ARG I 163 53.09 29.30 -65.55
CA ARG I 163 52.80 29.80 -66.89
C ARG I 163 54.01 29.66 -67.80
N ILE I 164 55.23 29.80 -67.27
CA ILE I 164 56.40 29.54 -68.11
C ILE I 164 56.37 28.11 -68.63
N LYS I 165 56.23 27.14 -67.72
CA LYS I 165 56.25 25.74 -68.12
C LYS I 165 55.09 25.41 -69.04
N ILE I 166 53.93 26.03 -68.83
CA ILE I 166 52.76 25.72 -69.64
C ILE I 166 52.93 26.29 -71.05
N VAL I 167 53.32 27.55 -71.16
CA VAL I 167 53.53 28.13 -72.48
C VAL I 167 54.69 27.43 -73.19
N GLN I 168 55.56 26.76 -72.44
CA GLN I 168 56.66 26.04 -73.07
C GLN I 168 56.28 24.63 -73.51
N MET I 169 55.47 23.93 -72.70
CA MET I 169 54.79 22.73 -73.19
C MET I 169 54.06 23.06 -74.48
N LEU I 170 53.39 24.21 -74.50
CA LEU I 170 52.86 24.74 -75.75
C LEU I 170 53.94 24.87 -76.80
N SER I 171 55.07 25.49 -76.43
CA SER I 171 56.05 25.92 -77.42
C SER I 171 56.91 24.75 -77.92
N ASP I 172 56.67 23.54 -77.42
CA ASP I 172 57.31 22.37 -78.02
C ASP I 172 56.34 21.31 -78.51
N THR I 173 55.11 21.25 -77.98
CA THR I 173 54.14 20.29 -78.47
C THR I 173 53.27 20.89 -79.56
N LEU I 174 52.76 22.11 -79.38
CA LEU I 174 51.94 22.76 -80.38
C LEU I 174 52.76 23.60 -81.35
N LYS I 175 54.04 23.84 -81.06
CA LYS I 175 54.88 24.55 -82.01
C LYS I 175 54.95 23.85 -83.36
N ASN I 176 54.72 22.54 -83.38
CA ASN I 176 54.74 21.76 -84.60
C ASN I 176 53.44 21.92 -85.39
N LEU I 177 52.42 22.54 -84.80
CA LEU I 177 51.06 22.45 -85.33
C LEU I 177 50.52 23.78 -85.88
N SER I 178 50.10 24.69 -85.00
CA SER I 178 49.33 25.86 -85.44
C SER I 178 49.82 27.15 -84.79
N ASP I 179 49.38 28.29 -85.35
CA ASP I 179 49.77 29.62 -84.89
C ASP I 179 48.75 30.22 -83.93
N ARG I 180 47.78 29.43 -83.50
CA ARG I 180 46.89 29.75 -82.38
C ARG I 180 46.84 28.51 -81.49
N VAL I 181 45.77 28.36 -80.71
CA VAL I 181 45.54 27.12 -79.98
C VAL I 181 44.07 27.02 -79.60
N VAL I 182 43.44 25.92 -79.97
CA VAL I 182 42.01 25.72 -79.77
C VAL I 182 41.84 24.62 -78.72
N PHE I 183 40.82 24.76 -77.89
CA PHE I 183 40.57 23.81 -76.81
C PHE I 183 39.15 23.25 -76.90
N VAL I 184 39.02 21.97 -76.62
CA VAL I 184 37.72 21.34 -76.39
C VAL I 184 37.31 21.63 -74.96
N LEU I 185 36.01 21.85 -74.74
CA LEU I 185 35.54 22.04 -73.38
C LEU I 185 34.10 21.56 -73.26
N TRP I 186 33.83 20.86 -72.15
CA TRP I 186 32.53 20.32 -71.82
C TRP I 186 31.77 21.35 -70.97
N ALA I 187 31.91 21.25 -69.65
CA ALA I 187 31.32 22.23 -68.74
C ALA I 187 32.13 23.52 -68.75
N HIS I 188 31.73 24.47 -69.61
CA HIS I 188 32.47 25.70 -69.87
C HIS I 188 32.78 26.51 -68.61
N GLY I 189 31.97 26.34 -67.58
CA GLY I 189 31.96 27.30 -66.47
C GLY I 189 33.25 27.31 -65.68
N PHE I 190 33.74 26.14 -65.29
CA PHE I 190 34.94 26.16 -64.48
C PHE I 190 36.17 26.55 -65.29
N GLU I 191 36.17 26.26 -66.59
CA GLU I 191 37.23 26.80 -67.44
C GLU I 191 37.18 28.33 -67.47
N LEU I 192 35.97 28.89 -67.61
CA LEU I 192 35.80 30.33 -67.51
C LEU I 192 36.43 30.88 -66.23
N THR I 193 36.13 30.24 -65.10
CA THR I 193 36.66 30.72 -63.82
C THR I 193 38.17 30.55 -63.74
N SER I 194 38.71 29.50 -64.38
CA SER I 194 40.11 29.12 -64.16
C SER I 194 41.07 29.91 -65.05
N MET I 195 40.65 30.28 -66.26
CA MET I 195 41.56 30.82 -67.27
C MET I 195 42.39 32.03 -66.81
N LYS I 196 41.77 32.98 -66.11
CA LYS I 196 42.19 34.39 -66.18
C LYS I 196 43.63 34.63 -65.74
N TYR I 197 44.29 33.67 -65.08
CA TYR I 197 45.50 34.00 -64.32
C TYR I 197 46.69 34.30 -65.22
N PHE I 198 46.97 33.45 -66.21
CA PHE I 198 48.02 33.74 -67.16
C PHE I 198 47.46 33.99 -68.57
N VAL I 199 46.28 34.57 -68.67
CA VAL I 199 45.70 34.87 -69.97
C VAL I 199 45.26 36.32 -70.00
N LYS I 200 45.40 36.93 -71.18
CA LYS I 200 45.03 38.33 -71.36
C LYS I 200 44.59 38.52 -72.80
N ILE I 201 43.54 39.32 -72.99
CA ILE I 201 43.10 39.71 -74.31
C ILE I 201 43.71 41.08 -74.62
N GLY I 202 43.48 41.55 -75.84
CA GLY I 202 43.98 42.82 -76.29
C GLY I 202 43.99 42.86 -77.79
N PRO I 203 44.85 43.69 -78.39
CA PRO I 203 44.99 43.66 -79.85
C PRO I 203 45.97 42.61 -80.33
N GLU I 204 45.43 41.60 -81.01
CA GLU I 204 46.26 40.73 -81.84
C GLU I 204 47.01 41.57 -82.87
N ARG I 205 48.28 41.28 -83.06
CA ARG I 205 49.12 42.12 -83.89
C ARG I 205 49.99 41.25 -84.78
N THR I 206 51.30 41.39 -84.59
CA THR I 206 52.30 40.58 -85.27
C THR I 206 53.39 40.15 -84.28
N CYS I 207 53.74 38.86 -84.36
CA CYS I 207 54.73 38.27 -83.46
C CYS I 207 56.08 38.96 -83.62
N CYS I 208 56.88 38.89 -82.56
CA CYS I 208 58.21 39.50 -82.55
C CYS I 208 59.14 38.69 -83.43
N LEU I 209 59.79 39.38 -84.37
CA LEU I 209 60.72 38.83 -85.36
C LEU I 209 60.19 37.58 -86.07
N CYS I 210 58.88 37.36 -86.05
CA CYS I 210 58.29 36.21 -86.72
C CYS I 210 57.01 36.64 -87.40
N ASP I 211 56.49 35.78 -88.29
CA ASP I 211 55.36 36.12 -89.13
C ASP I 211 54.03 35.55 -88.64
N ARG I 212 54.01 34.80 -87.55
CA ARG I 212 52.76 34.28 -87.02
C ARG I 212 51.96 35.39 -86.36
N ARG I 213 50.72 35.07 -86.01
CA ARG I 213 49.92 35.96 -85.16
C ARG I 213 50.34 35.79 -83.70
N ALA I 214 50.51 36.91 -83.02
CA ALA I 214 51.09 36.93 -81.69
C ALA I 214 50.14 36.32 -80.67
N THR I 215 50.51 35.13 -80.18
CA THR I 215 49.75 34.47 -79.12
C THR I 215 50.62 34.34 -77.88
N CYS I 216 51.60 35.22 -77.75
CA CYS I 216 52.38 35.28 -76.53
C CYS I 216 52.58 36.74 -76.15
N PHE I 217 52.79 36.96 -74.86
CA PHE I 217 52.76 38.28 -74.25
C PHE I 217 53.68 38.25 -73.04
N SER I 218 54.52 39.27 -72.92
CA SER I 218 55.32 39.47 -71.72
C SER I 218 54.76 40.66 -70.95
N THR I 219 54.94 40.67 -69.63
CA THR I 219 54.53 41.84 -68.84
C THR I 219 55.72 42.70 -68.43
N ALA I 220 56.91 42.10 -68.29
CA ALA I 220 58.09 42.87 -67.96
C ALA I 220 58.54 43.70 -69.16
N SER I 221 58.17 43.29 -70.37
CA SER I 221 58.64 43.96 -71.57
C SER I 221 57.54 44.27 -72.57
N ASP I 222 56.44 43.52 -72.55
CA ASP I 222 55.34 43.58 -73.52
C ASP I 222 55.80 43.09 -74.89
N THR I 223 56.22 41.83 -74.96
CA THR I 223 56.74 41.24 -76.19
C THR I 223 55.85 40.08 -76.60
N TYR I 224 55.82 39.82 -77.91
CA TYR I 224 54.81 39.03 -78.59
C TYR I 224 55.47 37.87 -79.31
N ALA I 225 55.24 36.66 -78.80
CA ALA I 225 55.97 35.52 -79.35
C ALA I 225 54.97 34.54 -79.95
N CYS I 226 55.47 33.82 -80.95
CA CYS I 226 54.69 32.79 -81.62
C CYS I 226 54.84 31.47 -80.89
N TRP I 227 55.50 30.48 -81.50
CA TRP I 227 55.63 29.18 -80.84
C TRP I 227 56.97 28.51 -81.11
N HIS I 228 57.73 29.00 -82.09
CA HIS I 228 59.12 28.59 -82.21
C HIS I 228 60.03 29.51 -81.39
N HIS I 229 59.44 30.52 -80.75
CA HIS I 229 60.20 31.59 -80.11
C HIS I 229 59.65 31.93 -78.73
N SER I 230 58.98 31.00 -78.06
CA SER I 230 58.40 31.27 -76.74
C SER I 230 59.20 30.47 -75.72
N ILE I 231 60.24 31.10 -75.17
CA ILE I 231 61.12 30.49 -74.18
C ILE I 231 61.30 31.47 -73.03
N GLY I 232 60.61 31.21 -71.91
CA GLY I 232 60.54 32.14 -70.82
C GLY I 232 59.53 33.24 -71.01
N PHE I 233 58.80 33.22 -72.11
CA PHE I 233 57.78 34.22 -72.41
C PHE I 233 56.40 33.57 -72.33
N ASP I 234 55.71 33.81 -71.21
CA ASP I 234 54.74 32.89 -70.62
C ASP I 234 53.31 33.44 -70.65
N TYR I 235 52.70 33.52 -71.83
CA TYR I 235 51.30 33.93 -71.94
C TYR I 235 50.67 33.33 -73.19
N VAL I 236 49.39 33.00 -73.07
CA VAL I 236 48.59 32.60 -74.23
C VAL I 236 47.60 33.73 -74.52
N TYR I 237 47.74 34.37 -75.69
CA TYR I 237 47.18 35.69 -75.90
C TYR I 237 45.96 35.73 -76.81
N ASN I 238 46.06 35.20 -78.03
CA ASN I 238 44.88 35.02 -78.87
C ASN I 238 44.69 33.53 -79.15
N PRO I 239 44.33 32.75 -78.15
CA PRO I 239 44.06 31.33 -78.36
C PRO I 239 42.61 31.13 -78.80
N PHE I 240 42.23 29.86 -78.97
CA PHE I 240 40.88 29.52 -79.34
C PHE I 240 40.38 28.36 -78.50
N MET I 241 39.13 27.98 -78.72
CA MET I 241 38.46 26.89 -78.02
C MET I 241 37.36 26.34 -78.92
N ILE I 242 36.88 25.13 -78.60
CA ILE I 242 35.73 24.57 -79.32
C ILE I 242 34.73 24.06 -78.30
N ASP I 243 33.50 24.57 -78.40
CA ASP I 243 32.46 24.32 -77.42
C ASP I 243 31.89 22.93 -77.71
N VAL I 244 32.32 21.94 -76.92
CA VAL I 244 31.93 20.56 -77.16
C VAL I 244 30.52 20.30 -76.63
N GLN I 245 30.21 20.85 -75.45
CA GLN I 245 28.96 20.51 -74.79
C GLN I 245 27.74 20.85 -75.63
N GLN I 246 27.57 22.11 -76.02
CA GLN I 246 26.34 22.52 -76.69
C GLN I 246 26.25 22.01 -78.12
N TRP I 247 26.76 20.82 -78.41
CA TRP I 247 26.64 20.21 -79.73
C TRP I 247 25.95 18.86 -79.72
N GLY I 248 24.77 18.75 -79.13
CA GLY I 248 24.01 17.51 -79.19
C GLY I 248 24.42 16.50 -78.15
N PHE I 249 24.14 16.78 -76.88
CA PHE I 249 24.43 15.87 -75.79
C PHE I 249 23.38 16.04 -74.69
N THR I 250 23.42 15.11 -73.73
CA THR I 250 22.47 15.09 -72.63
C THR I 250 23.17 14.80 -71.29
N GLY I 251 23.66 13.58 -71.09
CA GLY I 251 24.38 13.21 -69.90
C GLY I 251 25.77 13.82 -69.88
N ASN I 252 26.48 13.54 -68.79
CA ASN I 252 27.85 14.03 -68.64
C ASN I 252 28.74 13.43 -69.72
N LEU I 253 29.98 13.93 -69.79
CA LEU I 253 30.90 13.48 -70.82
C LEU I 253 31.41 12.07 -70.56
N GLN I 254 31.37 11.60 -69.31
CA GLN I 254 31.87 10.27 -68.98
C GLN I 254 30.99 9.17 -69.60
N SER I 255 29.70 9.18 -69.27
CA SER I 255 28.80 8.18 -69.82
C SER I 255 28.61 8.35 -71.33
N ASN I 256 28.74 9.59 -71.83
CA ASN I 256 28.65 9.81 -73.27
C ASN I 256 29.93 9.37 -73.98
N HIS I 257 31.04 9.29 -73.24
CA HIS I 257 32.23 8.60 -73.73
C HIS I 257 31.96 7.10 -73.77
N ASP I 258 31.30 6.59 -72.74
CA ASP I 258 30.87 5.19 -72.71
C ASP I 258 29.89 4.84 -73.84
N LEU I 259 29.36 5.84 -74.56
CA LEU I 259 28.55 5.57 -75.74
C LEU I 259 29.30 4.69 -76.73
N TYR I 260 30.34 5.24 -77.36
CA TYR I 260 31.14 4.52 -78.33
C TYR I 260 32.56 4.34 -77.83
N CYS I 261 33.13 5.40 -77.25
CA CYS I 261 34.53 5.37 -76.84
C CYS I 261 34.70 4.51 -75.60
N GLN I 262 35.07 3.25 -75.79
CA GLN I 262 35.21 2.30 -74.68
C GLN I 262 36.66 2.05 -74.30
N VAL I 263 37.58 2.14 -75.26
CA VAL I 263 38.99 1.84 -75.05
C VAL I 263 39.55 2.79 -74.00
N HIS I 264 39.05 4.02 -73.97
CA HIS I 264 39.47 4.96 -72.94
C HIS I 264 39.10 4.42 -71.56
N GLY I 265 40.06 3.82 -70.87
CA GLY I 265 39.85 3.43 -69.49
C GLY I 265 39.71 4.67 -68.61
N ASN I 266 39.62 4.43 -67.31
CA ASN I 266 39.43 5.53 -66.35
C ASN I 266 40.39 5.35 -65.18
N ALA I 267 41.66 5.66 -65.40
CA ALA I 267 42.60 5.83 -64.30
C ALA I 267 42.38 7.21 -63.69
N HIS I 268 42.26 7.26 -62.36
CA HIS I 268 41.81 8.46 -61.66
C HIS I 268 42.84 9.57 -61.81
N VAL I 269 42.69 10.34 -62.89
CA VAL I 269 43.49 11.55 -63.12
C VAL I 269 42.56 12.68 -63.54
N ALA I 270 43.13 13.79 -64.01
CA ALA I 270 42.35 14.92 -64.50
C ALA I 270 42.50 15.15 -65.99
N SER I 271 43.69 14.90 -66.54
CA SER I 271 43.89 15.05 -67.98
C SER I 271 42.93 14.19 -68.80
N CYS I 272 42.43 13.11 -68.19
CA CYS I 272 41.51 12.24 -68.89
C CYS I 272 40.25 12.99 -69.31
N ASP I 273 39.83 13.97 -68.50
CA ASP I 273 38.60 14.70 -68.82
C ASP I 273 38.75 15.51 -70.10
N ALA I 274 39.87 16.21 -70.27
CA ALA I 274 40.07 17.01 -71.47
C ALA I 274 40.37 16.13 -72.68
N ILE I 275 41.14 15.06 -72.49
CA ILE I 275 41.41 14.17 -73.61
C ILE I 275 40.12 13.51 -74.08
N MET I 276 39.20 13.22 -73.15
CA MET I 276 37.92 12.64 -73.54
C MET I 276 36.98 13.69 -74.11
N THR I 277 37.15 14.95 -73.69
CA THR I 277 36.42 16.04 -74.34
C THR I 277 36.78 16.13 -75.81
N ARG I 278 38.07 16.15 -76.10
CA ARG I 278 38.54 16.13 -77.48
C ARG I 278 38.04 14.88 -78.21
N CYS I 279 38.11 13.73 -77.55
CA CYS I 279 37.69 12.47 -78.16
C CYS I 279 36.22 12.51 -78.57
N LEU I 280 35.36 12.99 -77.66
CA LEU I 280 33.93 12.95 -77.91
C LEU I 280 33.50 14.05 -78.87
N ALA I 281 34.18 15.20 -78.84
CA ALA I 281 33.98 16.20 -79.88
C ALA I 281 34.37 15.66 -81.24
N VAL I 282 35.45 14.89 -81.31
CA VAL I 282 35.84 14.22 -82.55
C VAL I 282 34.71 13.32 -83.02
N HIS I 283 34.15 12.50 -82.12
CA HIS I 283 33.05 11.63 -82.52
C HIS I 283 31.89 12.44 -83.08
N GLU I 284 31.31 13.32 -82.25
CA GLU I 284 30.03 13.93 -82.59
C GLU I 284 30.11 14.86 -83.79
N CYS I 285 31.20 14.84 -84.54
CA CYS I 285 31.28 15.53 -85.81
C CYS I 285 31.91 14.70 -86.93
N PHE I 286 32.71 13.69 -86.61
CA PHE I 286 33.50 13.04 -87.65
C PHE I 286 33.31 11.53 -87.76
N VAL I 287 32.44 10.90 -86.97
CA VAL I 287 32.28 9.45 -87.06
C VAL I 287 31.42 9.10 -88.26
N LYS I 288 30.84 10.11 -88.90
CA LYS I 288 29.97 9.89 -90.05
C LYS I 288 30.81 9.74 -91.31
N ARG I 289 30.37 10.32 -92.42
CA ARG I 289 31.10 10.17 -93.67
C ARG I 289 32.16 11.26 -93.83
N VAL I 290 33.24 10.91 -94.53
CA VAL I 290 34.32 11.85 -94.82
C VAL I 290 33.81 12.90 -95.81
N ASP I 291 34.16 14.16 -95.56
CA ASP I 291 33.73 15.26 -96.42
C ASP I 291 34.84 15.63 -97.39
N TRP I 292 34.43 15.98 -98.61
CA TRP I 292 35.37 16.32 -99.68
C TRP I 292 35.50 17.82 -99.90
N THR I 293 34.66 18.63 -99.24
CA THR I 293 34.73 20.09 -99.36
C THR I 293 35.65 20.73 -98.33
N ILE I 294 36.31 19.94 -97.50
CA ILE I 294 37.17 20.48 -96.44
C ILE I 294 38.63 20.19 -96.79
N GLU I 295 39.48 21.18 -96.63
CA GLU I 295 40.91 21.07 -96.88
C GLU I 295 41.68 21.45 -95.61
N TYR I 296 43.00 21.47 -95.74
CA TYR I 296 43.89 21.77 -94.63
C TYR I 296 45.17 22.39 -95.16
N PRO I 297 45.92 23.09 -94.32
CA PRO I 297 47.33 23.35 -94.66
C PRO I 297 48.11 22.06 -94.67
N ILE I 298 49.23 22.06 -95.39
CA ILE I 298 50.08 20.89 -95.49
C ILE I 298 51.36 21.12 -94.69
N ILE I 299 51.52 20.36 -93.61
CA ILE I 299 52.70 20.45 -92.75
C ILE I 299 53.06 19.08 -92.19
N GLY I 300 53.79 18.28 -92.97
CA GLY I 300 54.29 18.67 -94.29
C GLY I 300 54.88 17.51 -95.07
N ASP I 301 55.54 17.83 -96.20
CA ASP I 301 56.19 16.85 -97.07
C ASP I 301 55.20 15.87 -97.67
N GLU I 302 53.92 16.27 -97.75
CA GLU I 302 52.86 15.29 -97.97
C GLU I 302 52.77 14.87 -99.44
N LEU I 303 53.16 15.75 -100.36
CA LEU I 303 53.02 15.42 -101.77
C LEU I 303 53.92 14.25 -102.17
N LYS I 304 55.05 14.09 -101.48
CA LYS I 304 55.89 12.91 -101.72
C LYS I 304 55.13 11.63 -101.39
N ILE I 305 54.49 11.60 -100.21
CA ILE I 305 53.70 10.43 -99.83
C ILE I 305 52.57 10.21 -100.83
N ASN I 306 51.95 11.30 -101.30
CA ASN I 306 50.84 11.18 -102.23
C ASN I 306 51.28 10.58 -103.56
N ALA I 307 52.36 11.12 -104.15
CA ALA I 307 52.84 10.63 -105.43
C ALA I 307 53.33 9.19 -105.32
N ALA I 308 54.05 8.87 -104.24
CA ALA I 308 54.50 7.50 -104.03
C ALA I 308 53.32 6.55 -103.90
N CYS I 309 52.29 6.94 -103.15
CA CYS I 309 51.11 6.10 -103.00
C CYS I 309 50.43 5.86 -104.34
N ARG I 310 50.23 6.92 -105.12
CA ARG I 310 49.59 6.77 -106.43
C ARG I 310 50.40 5.84 -107.34
N LYS I 311 51.69 6.11 -107.48
CA LYS I 311 52.51 5.34 -108.41
C LYS I 311 52.61 3.88 -107.98
N VAL I 312 52.75 3.63 -106.67
CA VAL I 312 52.88 2.26 -106.19
C VAL I 312 51.55 1.51 -106.32
N GLN I 313 50.43 2.18 -106.03
CA GLN I 313 49.13 1.53 -106.20
C GLN I 313 48.92 1.13 -107.64
N HIS I 314 49.10 2.07 -108.57
CA HIS I 314 48.98 1.75 -109.99
C HIS I 314 49.92 0.63 -110.39
N MET I 315 51.17 0.67 -109.90
CA MET I 315 52.16 -0.34 -110.28
C MET I 315 51.76 -1.73 -109.79
N VAL I 316 51.31 -1.82 -108.54
CA VAL I 316 50.97 -3.12 -107.97
C VAL I 316 49.71 -3.69 -108.63
N VAL I 317 48.73 -2.82 -108.91
CA VAL I 317 47.55 -3.29 -109.62
C VAL I 317 47.92 -3.78 -111.01
N LYS I 318 48.80 -3.05 -111.70
CA LYS I 318 49.28 -3.48 -113.01
C LYS I 318 49.95 -4.85 -112.92
N ALA I 319 50.81 -5.04 -111.92
CA ALA I 319 51.51 -6.31 -111.77
C ALA I 319 50.54 -7.47 -111.53
N ALA I 320 49.65 -7.31 -110.55
CA ALA I 320 48.70 -8.39 -110.24
C ALA I 320 47.80 -8.69 -111.43
N LEU I 321 47.34 -7.64 -112.13
CA LEU I 321 46.51 -7.85 -113.31
C LEU I 321 47.25 -8.64 -114.38
N LEU I 322 48.36 -8.09 -114.88
CA LEU I 322 49.09 -8.76 -115.95
C LEU I 322 49.57 -10.14 -115.52
N ALA I 323 49.68 -10.39 -114.21
CA ALA I 323 50.00 -11.73 -113.76
C ALA I 323 48.80 -12.66 -113.87
N ASP I 324 47.84 -12.52 -112.95
CA ASP I 324 46.81 -13.51 -112.76
C ASP I 324 45.76 -13.55 -113.87
N LYS I 325 45.72 -12.55 -114.76
CA LYS I 325 44.73 -12.43 -115.82
C LYS I 325 43.31 -12.57 -115.24
N PHE I 326 42.92 -11.52 -114.52
CA PHE I 326 41.62 -11.57 -113.87
C PHE I 326 40.51 -11.43 -114.90
N PRO I 327 39.53 -12.33 -114.90
CA PRO I 327 38.39 -12.16 -115.80
C PRO I 327 37.55 -10.95 -115.48
N VAL I 328 37.41 -10.60 -114.19
CA VAL I 328 36.58 -9.50 -113.75
C VAL I 328 37.20 -8.84 -112.53
N LEU I 329 37.22 -7.51 -112.52
CA LEU I 329 37.79 -6.71 -111.45
C LEU I 329 36.68 -5.83 -110.90
N HIS I 330 36.09 -6.26 -109.79
CA HIS I 330 34.97 -5.57 -109.15
C HIS I 330 35.53 -4.44 -108.29
N ASP I 331 35.52 -3.24 -108.86
CA ASP I 331 35.97 -2.06 -108.15
C ASP I 331 35.05 -1.79 -106.95
N ILE I 332 35.64 -1.22 -105.90
CA ILE I 332 34.90 -0.91 -104.67
C ILE I 332 35.39 0.41 -104.12
N GLY I 333 34.46 1.36 -103.96
CA GLY I 333 34.75 2.61 -103.29
C GLY I 333 35.61 3.57 -104.08
N ASN I 334 35.34 3.74 -105.37
CA ASN I 334 36.10 4.65 -106.21
C ASN I 334 35.24 5.88 -106.52
N PRO I 335 35.60 7.07 -106.02
CA PRO I 335 34.68 8.22 -106.12
C PRO I 335 34.69 8.91 -107.47
N LYS I 336 35.77 8.83 -108.25
CA LYS I 336 35.83 9.46 -109.56
C LYS I 336 36.02 8.38 -110.61
N ALA I 337 34.99 8.14 -111.42
CA ALA I 337 34.92 6.97 -112.29
C ALA I 337 35.95 7.00 -113.42
N ILE I 338 37.22 6.86 -113.09
CA ILE I 338 38.30 6.71 -114.06
C ILE I 338 39.03 5.42 -113.73
N LYS I 339 39.74 4.86 -114.71
CA LYS I 339 40.44 3.60 -114.50
C LYS I 339 41.82 3.84 -113.91
N CYS I 340 42.13 3.12 -112.83
CA CYS I 340 43.45 3.21 -112.21
C CYS I 340 44.53 2.77 -113.19
N VAL I 341 44.46 1.53 -113.64
CA VAL I 341 45.35 1.07 -114.72
C VAL I 341 44.78 1.55 -116.06
N PRO I 342 45.61 2.12 -116.94
CA PRO I 342 45.09 2.71 -118.19
C PRO I 342 44.52 1.67 -119.15
N GLN I 343 45.30 0.64 -119.47
CA GLN I 343 44.86 -0.43 -120.36
C GLN I 343 44.61 -1.69 -119.53
N ALA I 344 43.35 -2.09 -119.44
CA ALA I 344 42.97 -3.29 -118.70
C ALA I 344 41.73 -3.88 -119.36
N ASP I 345 41.89 -5.01 -120.04
CA ASP I 345 40.77 -5.66 -120.70
C ASP I 345 39.88 -6.43 -119.73
N VAL I 346 39.82 -6.00 -118.46
CA VAL I 346 39.08 -6.73 -117.45
C VAL I 346 37.67 -6.17 -117.31
N GLU I 347 36.74 -7.03 -116.87
CA GLU I 347 35.38 -6.60 -116.61
C GLU I 347 35.37 -5.59 -115.46
N TRP I 348 34.95 -4.36 -115.76
CA TRP I 348 35.15 -3.22 -114.87
C TRP I 348 33.81 -2.81 -114.27
N LYS I 349 33.74 -2.78 -112.94
CA LYS I 349 32.53 -2.38 -112.23
C LYS I 349 32.78 -1.11 -111.41
N PHE I 350 31.78 -0.74 -110.61
CA PHE I 350 31.85 0.45 -109.77
C PHE I 350 30.93 0.27 -108.58
N TYR I 351 31.51 0.21 -107.38
CA TYR I 351 30.75 0.00 -106.16
C TYR I 351 31.20 0.98 -105.09
N ASP I 352 30.31 1.23 -104.13
CA ASP I 352 30.53 2.14 -103.02
C ASP I 352 29.32 2.04 -102.08
N ALA I 353 29.53 2.43 -100.83
CA ALA I 353 28.44 2.52 -99.88
C ALA I 353 27.61 3.79 -100.06
N GLN I 354 28.12 4.77 -100.82
CA GLN I 354 27.43 6.02 -101.07
C GLN I 354 27.68 6.44 -102.51
N PRO I 355 26.69 6.24 -103.39
CA PRO I 355 26.86 6.65 -104.79
C PRO I 355 26.76 8.16 -104.95
N CYS I 356 27.03 8.64 -106.17
CA CYS I 356 26.93 10.06 -106.47
C CYS I 356 25.74 10.33 -107.40
N SER I 357 25.80 11.46 -108.08
CA SER I 357 24.73 11.87 -109.00
C SER I 357 24.96 11.29 -110.39
N ASP I 358 25.72 12.01 -111.21
CA ASP I 358 26.13 11.47 -112.50
C ASP I 358 27.03 10.26 -112.28
N LYS I 359 27.00 9.34 -113.23
CA LYS I 359 27.72 8.06 -113.19
C LYS I 359 27.32 7.21 -112.00
N ALA I 360 26.20 7.51 -111.34
CA ALA I 360 25.65 6.56 -110.38
C ALA I 360 25.16 5.30 -111.08
N TYR I 361 24.88 5.41 -112.40
CA TYR I 361 24.65 4.22 -113.20
C TYR I 361 25.88 3.32 -113.20
N LYS I 362 27.03 3.85 -112.80
CA LYS I 362 28.20 3.01 -112.58
C LYS I 362 28.25 2.52 -111.14
N ILE I 363 28.16 3.44 -110.19
CA ILE I 363 28.35 3.13 -108.77
C ILE I 363 27.05 2.50 -108.27
N GLU I 364 27.07 1.17 -108.12
CA GLU I 364 25.90 0.45 -107.63
C GLU I 364 25.77 0.58 -106.12
N GLU I 365 24.53 0.53 -105.64
CA GLU I 365 24.28 0.63 -104.21
C GLU I 365 24.58 -0.71 -103.53
N LEU I 366 25.57 -0.69 -102.63
CA LEU I 366 25.99 -1.89 -101.93
C LEU I 366 26.83 -1.52 -100.71
N PHE I 367 26.46 -2.02 -99.53
CA PHE I 367 27.28 -1.92 -98.34
C PHE I 367 27.83 -3.31 -98.04
N TYR I 368 29.14 -3.48 -98.20
CA TYR I 368 29.73 -4.79 -98.02
C TYR I 368 29.69 -5.22 -96.55
N SER I 369 29.72 -6.53 -96.34
CA SER I 369 29.77 -7.12 -95.02
C SER I 369 30.26 -8.55 -95.18
N TYR I 370 30.97 -9.05 -94.16
CA TYR I 370 31.50 -10.41 -94.24
C TYR I 370 30.40 -11.47 -94.04
N ALA I 371 29.35 -11.15 -93.29
CA ALA I 371 28.27 -12.10 -93.07
C ALA I 371 27.26 -12.07 -94.21
N THR I 372 27.26 -10.99 -94.99
CA THR I 372 26.31 -10.82 -96.08
C THR I 372 26.91 -11.26 -97.42
N HIS I 373 27.64 -10.38 -98.09
CA HIS I 373 28.23 -10.66 -99.41
C HIS I 373 29.47 -11.55 -99.35
N SER I 374 29.39 -12.79 -98.82
CA SER I 374 30.59 -13.58 -98.65
C SER I 374 30.83 -14.53 -99.83
N ASP I 375 29.79 -15.09 -100.40
CA ASP I 375 29.92 -16.15 -101.40
C ASP I 375 29.43 -15.75 -102.79
N LYS I 376 29.66 -14.51 -103.21
CA LYS I 376 29.25 -14.04 -104.53
C LYS I 376 30.43 -13.69 -105.43
N PHE I 377 31.21 -12.67 -105.08
CA PHE I 377 32.35 -12.24 -105.88
C PHE I 377 33.53 -13.19 -105.77
N THR I 378 33.35 -14.47 -106.10
CA THR I 378 34.45 -15.42 -106.09
C THR I 378 35.16 -15.40 -107.44
N ASP I 379 34.44 -14.97 -108.48
CA ASP I 379 34.96 -14.89 -109.83
C ASP I 379 35.72 -13.57 -109.99
N GLY I 380 36.92 -13.67 -110.54
CA GLY I 380 37.78 -12.51 -110.66
C GLY I 380 38.38 -12.10 -109.32
N VAL I 381 38.26 -10.81 -108.98
CA VAL I 381 38.80 -10.31 -107.73
C VAL I 381 38.19 -8.94 -107.47
N CYS I 382 38.18 -8.53 -106.20
CA CYS I 382 37.62 -7.25 -105.81
C CYS I 382 38.75 -6.25 -105.52
N LEU I 383 38.43 -5.19 -104.78
CA LEU I 383 39.40 -4.13 -104.53
C LEU I 383 39.18 -3.53 -103.15
N PHE I 384 40.20 -3.62 -102.28
CA PHE I 384 40.08 -3.21 -100.89
C PHE I 384 41.22 -2.26 -100.55
N TRP I 385 41.38 -1.22 -101.37
CA TRP I 385 42.38 -0.18 -101.13
C TRP I 385 41.76 0.86 -100.20
N ASN I 386 42.30 0.96 -98.99
CA ASN I 386 41.92 1.90 -97.94
C ASN I 386 40.48 1.73 -97.47
N CYS I 387 39.79 0.66 -97.87
CA CYS I 387 38.50 0.36 -97.27
C CYS I 387 38.70 -0.30 -95.91
N ASN I 388 37.92 0.15 -94.94
CA ASN I 388 38.11 -0.24 -93.53
C ASN I 388 36.86 -0.99 -93.08
N VAL I 389 36.69 -2.20 -93.60
CA VAL I 389 35.54 -3.05 -93.29
C VAL I 389 35.98 -4.15 -92.33
N ASP I 390 35.24 -5.25 -92.30
CA ASP I 390 35.59 -6.40 -91.47
C ASP I 390 36.59 -7.28 -92.21
N ARG I 391 36.43 -8.59 -92.10
CA ARG I 391 37.38 -9.54 -92.68
C ARG I 391 37.35 -9.49 -94.20
N TYR I 392 38.54 -9.46 -94.79
CA TYR I 392 38.68 -9.43 -96.24
C TYR I 392 38.34 -10.79 -96.83
N PRO I 393 37.68 -10.82 -97.99
CA PRO I 393 37.32 -12.11 -98.60
C PRO I 393 38.54 -12.90 -99.06
N ALA I 394 38.26 -13.99 -99.77
CA ALA I 394 39.31 -14.92 -100.19
C ALA I 394 40.32 -14.31 -101.15
N ASN I 395 39.91 -13.43 -102.04
CA ASN I 395 40.81 -12.79 -102.99
C ASN I 395 40.54 -11.30 -103.02
N SER I 396 41.61 -10.50 -103.01
CA SER I 396 41.54 -9.04 -102.98
C SER I 396 42.96 -8.50 -103.02
N ILE I 397 43.11 -7.36 -103.70
CA ILE I 397 44.36 -6.59 -103.61
C ILE I 397 44.12 -5.49 -102.59
N VAL I 398 44.82 -5.56 -101.45
CA VAL I 398 44.42 -4.80 -100.28
C VAL I 398 45.49 -3.80 -99.87
N CYS I 399 45.08 -2.84 -99.05
CA CYS I 399 45.97 -1.80 -98.52
C CYS I 399 45.21 -1.08 -97.40
N ARG I 400 45.58 -1.37 -96.16
CA ARG I 400 44.87 -0.83 -95.01
C ARG I 400 45.81 -0.01 -94.13
N PHE I 401 45.31 1.10 -93.59
CA PHE I 401 46.13 1.96 -92.75
C PHE I 401 46.37 1.29 -91.41
N ASP I 402 47.55 0.69 -91.25
CA ASP I 402 47.98 0.24 -89.93
C ASP I 402 48.08 1.45 -89.01
N THR I 403 47.12 1.58 -88.10
CA THR I 403 46.86 2.83 -87.41
C THR I 403 47.87 3.15 -86.30
N ARG I 404 48.51 2.13 -85.73
CA ARG I 404 49.37 2.34 -84.57
C ARG I 404 50.70 3.01 -84.91
N VAL I 405 50.95 3.31 -86.19
CA VAL I 405 52.24 3.83 -86.58
C VAL I 405 52.52 5.17 -85.89
N LEU I 406 53.76 5.64 -86.02
CA LEU I 406 54.14 6.97 -85.57
C LEU I 406 54.25 7.89 -86.77
N SER I 407 53.44 8.94 -86.78
CA SER I 407 53.37 9.89 -87.88
C SER I 407 52.74 11.17 -87.34
N ASN I 408 53.56 12.19 -87.14
CA ASN I 408 53.12 13.40 -86.45
C ASN I 408 51.97 14.12 -87.15
N LEU I 409 51.49 13.59 -88.27
CA LEU I 409 50.19 14.00 -88.79
C LEU I 409 49.07 13.14 -88.25
N ASN I 410 49.39 12.07 -87.53
CA ASN I 410 48.36 11.29 -86.85
C ASN I 410 47.90 12.05 -85.62
N LEU I 411 46.59 12.11 -85.43
CA LEU I 411 45.98 12.73 -84.27
C LEU I 411 44.99 11.76 -83.63
N PRO I 412 45.30 11.23 -82.46
CA PRO I 412 44.46 10.20 -81.84
C PRO I 412 43.03 10.67 -81.64
N GLY I 413 42.09 9.72 -81.63
CA GLY I 413 40.69 10.01 -81.51
C GLY I 413 39.87 8.88 -80.91
N CYS I 414 38.70 8.63 -81.49
CA CYS I 414 37.71 7.72 -80.92
C CYS I 414 37.32 6.65 -81.92
N ASP I 415 37.33 5.39 -81.48
CA ASP I 415 37.80 5.05 -80.14
C ASP I 415 39.09 4.26 -80.25
N GLY I 416 40.20 4.97 -80.30
CA GLY I 416 41.48 4.36 -80.65
C GLY I 416 41.71 4.43 -82.14
N GLY I 417 40.64 4.26 -82.92
CA GLY I 417 40.74 4.50 -84.35
C GLY I 417 41.29 5.87 -84.64
N SER I 418 42.34 5.91 -85.47
CA SER I 418 43.14 7.10 -85.63
C SER I 418 42.48 8.09 -86.59
N LEU I 419 42.82 9.36 -86.39
CA LEU I 419 42.43 10.44 -87.29
C LEU I 419 43.70 10.92 -87.98
N TYR I 420 43.84 10.58 -89.25
CA TYR I 420 44.95 11.10 -90.04
C TYR I 420 44.55 12.41 -90.69
N VAL I 421 45.46 13.37 -90.65
CA VAL I 421 45.17 14.73 -91.08
C VAL I 421 45.95 14.99 -92.37
N ASN I 422 45.39 14.57 -93.50
CA ASN I 422 45.94 14.97 -94.79
C ASN I 422 45.26 16.25 -95.24
N LYS I 423 44.69 16.23 -96.44
CA LYS I 423 43.85 17.31 -96.93
C LYS I 423 42.38 17.03 -96.63
N HIS I 424 42.02 15.75 -96.61
CA HIS I 424 40.72 15.31 -96.13
C HIS I 424 40.93 14.50 -94.86
N ALA I 425 40.28 14.91 -93.78
CA ALA I 425 40.48 14.28 -92.49
C ALA I 425 39.94 12.86 -92.50
N PHE I 426 40.82 11.88 -92.33
CA PHE I 426 40.44 10.46 -92.35
C PHE I 426 40.22 9.97 -90.94
N HIS I 427 38.96 9.80 -90.56
CA HIS I 427 38.57 9.12 -89.34
C HIS I 427 38.66 7.63 -89.59
N THR I 428 39.88 7.09 -89.54
CA THR I 428 40.05 5.72 -89.97
C THR I 428 39.98 4.76 -88.79
N PRO I 429 39.30 3.62 -88.96
CA PRO I 429 39.23 2.63 -87.88
C PRO I 429 40.59 2.04 -87.56
N ALA I 430 40.77 1.70 -86.28
CA ALA I 430 42.06 1.26 -85.78
C ALA I 430 42.47 -0.07 -86.40
N PHE I 431 43.67 -0.52 -86.06
CA PHE I 431 44.23 -1.76 -86.58
C PHE I 431 44.02 -2.91 -85.61
N ASP I 432 43.73 -4.08 -86.17
CA ASP I 432 43.76 -5.34 -85.44
C ASP I 432 44.11 -6.45 -86.41
N LYS I 433 44.30 -7.66 -85.88
CA LYS I 433 44.60 -8.82 -86.71
C LYS I 433 43.37 -9.43 -87.35
N SER I 434 42.17 -9.07 -86.88
CA SER I 434 40.95 -9.73 -87.36
C SER I 434 40.55 -9.27 -88.75
N ALA I 435 41.28 -8.33 -89.34
CA ALA I 435 40.97 -7.92 -90.70
C ALA I 435 41.61 -8.85 -91.73
N PHE I 436 42.94 -9.04 -91.66
CA PHE I 436 43.67 -9.84 -92.63
C PHE I 436 43.82 -11.30 -92.21
N VAL I 437 42.72 -12.03 -92.08
CA VAL I 437 42.81 -13.46 -91.76
C VAL I 437 42.55 -14.35 -92.98
N ASN I 438 42.61 -13.79 -94.19
CA ASN I 438 42.46 -14.57 -95.41
C ASN I 438 43.60 -14.37 -96.38
N LEU I 439 44.58 -13.53 -96.05
CA LEU I 439 45.69 -13.25 -96.96
C LEU I 439 47.03 -13.21 -96.21
N LYS I 440 48.07 -12.77 -96.90
CA LYS I 440 49.37 -12.57 -96.30
C LYS I 440 49.94 -11.24 -96.80
N GLN I 441 50.89 -10.70 -96.06
CA GLN I 441 51.44 -9.38 -96.36
C GLN I 441 52.18 -9.38 -97.69
N LEU I 442 52.50 -8.17 -98.18
CA LEU I 442 53.02 -7.97 -99.53
C LEU I 442 54.38 -8.62 -99.76
N PRO I 443 54.53 -9.46 -100.78
CA PRO I 443 55.87 -9.92 -101.17
C PRO I 443 56.47 -9.00 -102.23
N PHE I 444 57.77 -8.73 -102.10
CA PHE I 444 58.40 -7.74 -102.96
C PHE I 444 58.69 -8.31 -104.35
N PHE I 445 58.88 -7.40 -105.31
CA PHE I 445 59.13 -7.72 -106.71
C PHE I 445 59.58 -6.44 -107.40
N TYR I 446 59.70 -6.50 -108.73
CA TYR I 446 59.82 -5.30 -109.54
C TYR I 446 59.52 -5.70 -110.98
N TYR I 447 58.58 -5.00 -111.61
CA TYR I 447 58.03 -5.39 -112.91
C TYR I 447 58.22 -4.27 -113.92
N SER I 448 58.69 -4.62 -115.12
CA SER I 448 58.82 -3.69 -116.22
C SER I 448 58.79 -4.46 -117.54
N ASP I 449 58.18 -3.85 -118.55
CA ASP I 449 57.96 -4.52 -119.82
C ASP I 449 58.10 -3.49 -120.94
N SER I 450 59.32 -2.98 -121.11
CA SER I 450 59.60 -1.96 -122.11
C SER I 450 61.04 -2.13 -122.56
N PRO I 451 61.34 -1.78 -123.81
CA PRO I 451 62.72 -1.95 -124.30
C PRO I 451 63.70 -1.02 -123.59
N CYS I 452 64.97 -1.18 -123.95
CA CYS I 452 66.07 -0.44 -123.36
C CYS I 452 66.30 0.87 -124.09
N GLU I 453 67.41 1.53 -123.75
CA GLU I 453 67.75 2.84 -124.28
C GLU I 453 69.13 2.88 -124.93
N SER I 454 69.94 1.83 -124.79
CA SER I 454 71.34 1.79 -125.18
C SER I 454 71.46 1.59 -126.70
N HIS I 455 72.70 1.48 -127.20
CA HIS I 455 72.96 1.49 -128.63
C HIS I 455 72.56 0.22 -129.34
N GLY I 456 72.11 -0.80 -128.62
CA GLY I 456 71.78 -2.07 -129.23
C GLY I 456 70.52 -2.06 -130.08
N LYS I 457 69.54 -1.24 -129.69
CA LYS I 457 68.22 -1.19 -130.32
C LYS I 457 67.50 -2.54 -130.26
N GLN I 458 68.13 -3.58 -130.79
CA GLN I 458 67.46 -4.86 -130.96
C GLN I 458 67.58 -5.72 -129.70
N VAL I 459 67.98 -6.98 -129.85
CA VAL I 459 67.97 -7.92 -128.75
C VAL I 459 69.37 -8.24 -128.28
N VAL I 460 69.48 -9.06 -127.23
CA VAL I 460 70.76 -9.46 -126.66
C VAL I 460 71.59 -10.21 -127.71
N SER I 461 72.91 -9.99 -127.71
CA SER I 461 73.56 -9.11 -126.74
C SER I 461 74.21 -7.90 -127.39
N ASP I 462 73.47 -6.79 -127.42
CA ASP I 462 74.00 -5.51 -127.85
C ASP I 462 73.63 -4.39 -126.90
N ILE I 463 73.00 -4.71 -125.77
CA ILE I 463 72.55 -3.71 -124.80
C ILE I 463 73.57 -3.63 -123.67
N ASP I 464 73.81 -2.42 -123.19
CA ASP I 464 74.85 -2.18 -122.19
C ASP I 464 74.42 -2.66 -120.82
N TYR I 465 75.22 -3.50 -120.19
CA TYR I 465 75.01 -3.95 -118.82
C TYR I 465 76.09 -3.38 -117.92
N VAL I 466 75.69 -2.53 -116.99
CA VAL I 466 76.61 -1.97 -116.00
C VAL I 466 76.40 -2.75 -114.72
N PRO I 467 77.34 -2.74 -113.77
CA PRO I 467 77.21 -3.63 -112.58
C PRO I 467 75.96 -3.41 -111.74
N LEU I 468 74.96 -4.27 -111.99
CA LEU I 468 73.78 -4.39 -111.14
C LEU I 468 73.53 -5.86 -110.87
N LYS I 469 73.65 -6.27 -109.61
CA LYS I 469 73.49 -7.66 -109.21
C LYS I 469 72.35 -7.76 -108.20
N SER I 470 71.18 -8.19 -108.67
CA SER I 470 70.03 -8.42 -107.82
C SER I 470 69.06 -9.33 -108.55
N ALA I 471 68.77 -10.49 -107.94
CA ALA I 471 67.91 -11.49 -108.54
C ALA I 471 66.46 -11.39 -108.06
N THR I 472 66.08 -10.27 -107.44
CA THR I 472 64.70 -10.05 -107.03
C THR I 472 63.99 -8.97 -107.85
N CYS I 473 64.74 -8.05 -108.47
CA CYS I 473 64.12 -7.08 -109.38
C CYS I 473 63.86 -7.73 -110.73
N ILE I 474 62.75 -8.45 -110.84
CA ILE I 474 62.45 -9.21 -112.05
C ILE I 474 62.09 -8.25 -113.18
N THR I 475 63.07 -7.49 -113.66
CA THR I 475 62.90 -6.57 -114.78
C THR I 475 63.74 -7.08 -115.95
N ARG I 476 63.25 -8.11 -116.61
CA ARG I 476 63.99 -8.71 -117.71
C ARG I 476 64.21 -7.69 -118.82
N CYS I 477 65.40 -7.72 -119.44
CA CYS I 477 66.39 -8.77 -119.18
C CYS I 477 67.11 -8.62 -117.84
N ASN I 478 67.40 -9.76 -117.21
CA ASN I 478 67.97 -9.81 -115.87
C ASN I 478 68.71 -11.14 -115.68
N LEU I 479 70.03 -11.10 -115.74
CA LEU I 479 70.85 -12.30 -115.60
C LEU I 479 72.23 -12.03 -115.01
N GLY I 480 72.42 -10.92 -114.30
CA GLY I 480 73.73 -10.56 -113.81
C GLY I 480 74.01 -9.10 -114.12
N GLY I 481 73.37 -8.60 -115.18
CA GLY I 481 73.43 -7.20 -115.52
C GLY I 481 72.14 -6.47 -115.17
N ALA I 482 71.09 -6.69 -115.96
CA ALA I 482 69.77 -6.13 -115.69
C ALA I 482 69.82 -4.62 -115.45
N VAL I 483 70.06 -3.85 -116.51
CA VAL I 483 70.18 -2.41 -116.36
C VAL I 483 69.20 -1.71 -117.28
N CYS I 484 69.47 -1.75 -118.59
CA CYS I 484 68.65 -1.09 -119.60
C CYS I 484 68.48 0.39 -119.28
N ARG I 485 69.39 0.95 -118.47
CA ARG I 485 69.36 2.34 -118.10
C ARG I 485 68.02 2.70 -117.44
N HIS I 486 67.09 3.21 -118.23
CA HIS I 486 65.75 3.64 -117.81
C HIS I 486 65.11 2.71 -116.79
N HIS I 487 65.40 1.41 -116.87
CA HIS I 487 64.84 0.46 -115.91
C HIS I 487 65.60 0.48 -114.59
N ALA I 488 66.91 0.22 -114.63
CA ALA I 488 67.69 -0.01 -113.41
C ALA I 488 67.54 1.14 -112.44
N ASN I 489 68.01 2.32 -112.83
CA ASN I 489 67.87 3.51 -112.00
C ASN I 489 66.44 3.68 -111.50
N GLU I 490 65.45 3.40 -112.36
CA GLU I 490 64.05 3.50 -111.94
C GLU I 490 63.79 2.60 -110.75
N TYR I 491 64.15 1.32 -110.85
CA TYR I 491 64.08 0.44 -109.68
C TYR I 491 64.72 1.10 -108.49
N ARG I 492 65.93 1.63 -108.67
CA ARG I 492 66.57 2.49 -107.67
C ARG I 492 65.54 3.44 -107.07
N LEU I 493 65.08 4.41 -107.88
CA LEU I 493 64.03 5.32 -107.43
C LEU I 493 62.84 4.53 -106.90
N TYR I 494 62.39 3.51 -107.66
CA TYR I 494 61.25 2.72 -107.21
C TYR I 494 61.48 2.13 -105.84
N LEU I 495 62.69 1.62 -105.58
CA LEU I 495 62.97 1.11 -104.25
C LEU I 495 62.71 2.17 -103.20
N ASP I 496 63.31 3.36 -103.37
CA ASP I 496 62.99 4.49 -102.51
C ASP I 496 61.48 4.60 -102.33
N ALA I 497 60.75 4.65 -103.45
CA ALA I 497 59.29 4.72 -103.41
C ALA I 497 58.72 3.75 -102.38
N TYR I 498 59.01 2.46 -102.55
CA TYR I 498 58.41 1.46 -101.66
C TYR I 498 58.71 1.81 -100.20
N ASN I 499 59.98 2.06 -99.89
CA ASN I 499 60.34 2.30 -98.49
C ASN I 499 59.54 3.45 -97.92
N MET I 500 59.35 4.51 -98.72
CA MET I 500 58.70 5.71 -98.22
C MET I 500 57.31 5.40 -97.69
N MET I 501 56.63 4.42 -98.31
CA MET I 501 55.26 4.14 -97.91
C MET I 501 55.20 3.57 -96.50
N ILE I 502 56.22 2.79 -96.12
CA ILE I 502 56.22 2.24 -94.77
C ILE I 502 56.44 3.31 -93.72
N SER I 503 56.65 4.57 -94.13
CA SER I 503 56.73 5.67 -93.19
C SER I 503 55.37 6.32 -92.96
N ALA I 504 54.37 6.03 -93.78
CA ALA I 504 53.06 6.61 -93.57
C ALA I 504 52.22 5.80 -92.59
N GLY I 505 51.97 4.53 -92.90
CA GLY I 505 51.10 3.70 -92.08
C GLY I 505 50.30 2.71 -92.92
N PHE I 506 50.21 2.97 -94.22
CA PHE I 506 49.48 2.08 -95.13
C PHE I 506 50.25 0.79 -95.33
N SER I 507 49.56 -0.34 -95.18
CA SER I 507 50.15 -1.66 -95.28
C SER I 507 49.54 -2.41 -96.46
N LEU I 508 50.40 -3.06 -97.23
CA LEU I 508 50.05 -3.80 -98.44
C LEU I 508 50.18 -5.30 -98.19
N TRP I 509 49.19 -6.04 -98.65
CA TRP I 509 49.13 -7.49 -98.50
C TRP I 509 48.57 -8.06 -99.80
N VAL I 510 49.12 -9.21 -100.21
CA VAL I 510 48.60 -9.93 -101.38
C VAL I 510 48.51 -11.41 -101.02
N TYR I 511 47.47 -12.06 -101.54
CA TYR I 511 47.09 -13.41 -101.13
C TYR I 511 48.26 -14.39 -101.26
N LYS I 512 48.18 -15.47 -100.47
CA LYS I 512 49.22 -16.50 -100.42
C LYS I 512 49.54 -17.11 -101.77
N GLN I 513 48.52 -17.52 -102.54
CA GLN I 513 48.74 -18.22 -103.80
C GLN I 513 49.38 -17.35 -104.87
N PHE I 514 49.83 -16.15 -104.53
CA PHE I 514 50.67 -15.39 -105.45
C PHE I 514 52.07 -15.99 -105.48
N ASP I 515 52.73 -15.86 -106.62
CA ASP I 515 54.03 -16.48 -106.83
C ASP I 515 54.83 -15.62 -107.79
N THR I 516 56.14 -15.88 -107.84
CA THR I 516 57.07 -15.03 -108.59
C THR I 516 57.37 -15.54 -109.99
N TYR I 517 57.24 -16.84 -110.24
CA TYR I 517 57.74 -17.41 -111.48
C TYR I 517 56.81 -17.10 -112.65
N ASN I 518 55.58 -16.64 -112.37
CA ASN I 518 54.71 -16.22 -113.45
C ASN I 518 55.28 -15.02 -114.21
N LEU I 519 55.93 -14.08 -113.50
CA LEU I 519 56.60 -12.97 -114.19
C LEU I 519 57.78 -13.47 -115.02
N TRP I 520 58.57 -14.41 -114.47
CA TRP I 520 59.67 -15.01 -115.21
C TRP I 520 59.18 -15.61 -116.52
N ASN I 521 58.10 -16.39 -116.48
CA ASN I 521 57.59 -17.03 -117.69
C ASN I 521 56.91 -16.00 -118.60
N THR I 522 56.38 -14.93 -118.03
CA THR I 522 55.89 -13.82 -118.84
C THR I 522 57.03 -13.21 -119.65
N PHE I 523 58.24 -13.21 -119.08
CA PHE I 523 59.36 -12.53 -119.72
C PHE I 523 60.14 -13.44 -120.65
N THR I 524 59.75 -14.71 -120.77
CA THR I 524 60.48 -15.65 -121.62
C THR I 524 60.20 -15.40 -123.10
N ARG I 525 60.55 -14.22 -123.60
CA ARG I 525 60.33 -13.89 -125.01
C ARG I 525 61.52 -14.30 -125.86
N VAL J 2 -35.65 -15.50 13.53
CA VAL J 2 -35.09 -16.66 14.18
C VAL J 2 -35.54 -16.66 15.63
N GLY J 3 -36.83 -16.73 15.84
CA GLY J 3 -37.37 -16.57 17.19
C GLY J 3 -38.69 -17.29 17.35
N ALA J 4 -39.26 -17.13 18.54
CA ALA J 4 -40.44 -17.87 18.96
C ALA J 4 -41.55 -17.74 17.95
N CYS J 5 -42.17 -18.85 17.62
CA CYS J 5 -43.24 -18.79 16.66
C CYS J 5 -44.41 -18.02 17.25
N VAL J 6 -44.90 -17.04 16.49
CA VAL J 6 -46.00 -16.22 16.92
C VAL J 6 -47.28 -17.02 17.11
N LEU J 7 -47.23 -18.33 16.97
CA LEU J 7 -48.39 -19.16 17.20
C LEU J 7 -48.18 -20.21 18.27
N CYS J 8 -46.94 -20.55 18.61
CA CYS J 8 -46.69 -21.61 19.55
C CYS J 8 -45.65 -21.27 20.59
N ASN J 9 -44.97 -20.14 20.45
CA ASN J 9 -43.97 -19.63 21.39
C ASN J 9 -42.71 -20.47 21.44
N SER J 10 -42.73 -21.70 20.96
CA SER J 10 -41.50 -22.44 20.74
C SER J 10 -40.63 -21.62 19.79
N GLN J 11 -39.33 -21.75 19.94
CA GLN J 11 -38.42 -20.93 19.15
C GLN J 11 -38.15 -21.60 17.80
N THR J 12 -38.23 -20.83 16.73
CA THR J 12 -38.10 -21.40 15.40
C THR J 12 -37.53 -20.41 14.41
N SER J 13 -37.60 -20.73 13.13
CA SER J 13 -36.97 -19.86 12.15
C SER J 13 -37.59 -19.96 10.76
N LEU J 14 -38.89 -19.77 10.68
CA LEU J 14 -39.61 -19.82 9.42
C LEU J 14 -40.47 -18.58 9.27
N ARG J 15 -40.79 -18.24 8.03
CA ARG J 15 -41.56 -17.04 7.81
C ARG J 15 -42.51 -17.22 6.63
N CYS J 16 -43.80 -17.11 6.92
CA CYS J 16 -44.83 -17.23 5.90
C CYS J 16 -44.76 -16.04 4.97
N GLY J 17 -43.88 -16.11 3.99
CA GLY J 17 -43.78 -15.06 3.00
C GLY J 17 -45.06 -14.85 2.20
N ALA J 18 -46.10 -15.63 2.50
CA ALA J 18 -47.38 -15.39 1.84
C ALA J 18 -48.25 -14.47 2.66
N CYS J 19 -47.92 -14.25 3.92
CA CYS J 19 -48.49 -13.14 4.66
C CYS J 19 -47.56 -11.95 4.55
N ILE J 20 -48.07 -10.78 4.97
CA ILE J 20 -47.32 -9.56 4.73
C ILE J 20 -46.33 -9.29 5.84
N ARG J 21 -46.52 -9.91 6.99
CA ARG J 21 -45.71 -9.60 8.15
C ARG J 21 -44.70 -10.69 8.49
N ARG J 22 -44.49 -11.65 7.61
CA ARG J 22 -43.42 -12.62 7.74
C ARG J 22 -43.22 -13.09 9.17
N PRO J 23 -44.22 -13.62 9.83
CA PRO J 23 -44.02 -14.04 11.21
C PRO J 23 -43.23 -15.33 11.35
N PHE J 24 -43.03 -15.79 12.58
CA PHE J 24 -42.35 -17.07 12.79
C PHE J 24 -43.37 -18.14 13.13
N LEU J 25 -43.21 -19.31 12.54
CA LEU J 25 -44.16 -20.40 12.74
C LEU J 25 -43.42 -21.66 13.11
N CYS J 26 -43.82 -22.29 14.21
CA CYS J 26 -43.15 -23.52 14.61
C CYS J 26 -43.52 -24.59 13.60
N CYS J 27 -42.60 -25.53 13.39
CA CYS J 27 -42.75 -26.47 12.27
C CYS J 27 -44.17 -27.02 12.20
N LYS J 28 -44.73 -27.38 13.35
CA LYS J 28 -46.11 -27.85 13.36
C LYS J 28 -47.06 -26.77 12.89
N CYS J 29 -47.07 -25.65 13.59
CA CYS J 29 -48.02 -24.59 13.27
C CYS J 29 -47.78 -24.06 11.86
N CYS J 30 -46.52 -24.02 11.44
CA CYS J 30 -46.24 -23.65 10.07
C CYS J 30 -46.91 -24.61 9.11
N TYR J 31 -46.80 -25.91 9.39
CA TYR J 31 -47.46 -26.89 8.55
C TYR J 31 -48.95 -26.59 8.44
N ASP J 32 -49.56 -26.34 9.58
CA ASP J 32 -50.99 -26.06 9.60
C ASP J 32 -51.33 -24.90 8.69
N HIS J 33 -50.72 -23.73 8.94
CA HIS J 33 -51.11 -22.58 8.14
C HIS J 33 -50.75 -22.76 6.67
N VAL J 34 -49.66 -23.47 6.40
CA VAL J 34 -49.28 -23.73 5.03
C VAL J 34 -50.43 -24.39 4.31
N ILE J 35 -50.95 -25.47 4.87
CA ILE J 35 -52.05 -26.13 4.19
C ILE J 35 -53.31 -25.27 4.22
N SER J 36 -53.48 -24.44 5.25
CA SER J 36 -54.79 -23.87 5.55
C SER J 36 -55.32 -22.94 4.49
N THR J 37 -54.46 -22.36 3.66
CA THR J 37 -54.93 -21.61 2.49
C THR J 37 -54.03 -21.99 1.34
N SER J 38 -53.75 -21.01 0.49
CA SER J 38 -52.62 -21.10 -0.40
C SER J 38 -51.45 -20.29 0.10
N HIS J 39 -51.35 -20.10 1.40
CA HIS J 39 -50.14 -19.54 1.96
C HIS J 39 -49.03 -20.54 1.71
N LYS J 40 -48.40 -20.43 0.56
CA LYS J 40 -47.66 -21.56 0.06
C LYS J 40 -46.17 -21.34 0.06
N LEU J 41 -45.69 -20.13 -0.22
CA LEU J 41 -44.28 -19.83 -0.03
C LEU J 41 -43.99 -20.01 1.45
N VAL J 42 -42.74 -20.31 1.77
CA VAL J 42 -42.28 -20.32 3.14
C VAL J 42 -40.86 -19.84 3.17
N LEU J 43 -40.56 -18.95 4.09
CA LEU J 43 -39.23 -18.36 4.18
C LEU J 43 -38.60 -18.76 5.48
N SER J 44 -37.60 -19.63 5.39
CA SER J 44 -36.72 -19.87 6.52
C SER J 44 -35.47 -19.06 6.26
N VAL J 45 -34.31 -19.68 6.43
CA VAL J 45 -33.08 -19.04 6.03
C VAL J 45 -33.16 -18.62 4.57
N ASN J 46 -33.79 -19.41 3.78
CA ASN J 46 -33.68 -19.05 2.39
C ASN J 46 -35.03 -19.13 1.70
N PRO J 47 -35.08 -18.76 0.44
CA PRO J 47 -36.31 -19.01 -0.34
C PRO J 47 -36.55 -20.50 -0.50
N TYR J 48 -37.64 -20.98 0.09
CA TYR J 48 -38.14 -22.30 -0.23
C TYR J 48 -38.87 -22.19 -1.56
N VAL J 49 -38.11 -22.37 -2.64
CA VAL J 49 -38.66 -22.30 -3.99
C VAL J 49 -38.06 -23.42 -4.81
N CYS J 50 -38.66 -23.69 -5.96
CA CYS J 50 -38.05 -24.61 -6.91
C CYS J 50 -36.79 -23.97 -7.45
N ASN J 51 -35.77 -23.82 -6.61
CA ASN J 51 -34.54 -23.13 -7.01
C ASN J 51 -33.89 -23.89 -8.16
N ALA J 52 -34.44 -25.04 -8.46
CA ALA J 52 -34.22 -25.75 -9.71
C ALA J 52 -34.40 -24.81 -10.88
N PRO J 53 -33.33 -24.57 -11.64
CA PRO J 53 -33.33 -23.49 -12.64
C PRO J 53 -34.50 -23.64 -13.59
N GLY J 54 -34.98 -22.50 -14.10
CA GLY J 54 -36.21 -22.48 -14.82
C GLY J 54 -37.43 -22.78 -13.99
N CYS J 55 -37.43 -23.90 -13.26
CA CYS J 55 -38.52 -24.14 -12.33
C CYS J 55 -38.51 -23.09 -11.25
N ASP J 56 -39.67 -22.85 -10.67
CA ASP J 56 -39.90 -21.69 -9.84
C ASP J 56 -41.11 -21.94 -8.97
N VAL J 57 -41.77 -23.07 -9.22
CA VAL J 57 -42.95 -23.42 -8.46
C VAL J 57 -42.62 -23.36 -6.98
N THR J 58 -43.56 -22.85 -6.19
CA THR J 58 -43.24 -22.34 -4.87
C THR J 58 -43.72 -23.18 -3.73
N ASP J 59 -44.98 -23.60 -3.72
CA ASP J 59 -45.56 -24.26 -2.55
C ASP J 59 -44.64 -25.37 -2.04
N VAL J 60 -44.61 -25.53 -0.72
CA VAL J 60 -43.67 -26.46 -0.13
C VAL J 60 -44.05 -27.90 -0.40
N THR J 61 -45.35 -28.22 -0.30
CA THR J 61 -45.79 -29.60 -0.48
C THR J 61 -45.18 -30.20 -1.72
N GLN J 62 -45.36 -29.54 -2.86
CA GLN J 62 -44.78 -30.04 -4.09
C GLN J 62 -43.29 -29.74 -4.20
N LEU J 63 -42.73 -28.98 -3.27
CA LEU J 63 -41.31 -28.75 -3.30
C LEU J 63 -40.57 -29.99 -2.81
N TYR J 64 -39.32 -30.13 -3.25
CA TYR J 64 -38.54 -31.32 -2.99
C TYR J 64 -37.08 -30.99 -2.72
N LEU J 65 -36.63 -31.23 -1.50
CA LEU J 65 -35.21 -31.10 -1.22
C LEU J 65 -34.53 -32.13 -2.09
N GLY J 66 -33.98 -31.66 -3.20
CA GLY J 66 -33.15 -32.50 -4.02
C GLY J 66 -31.70 -32.13 -3.85
N GLY J 67 -31.01 -32.84 -2.97
CA GLY J 67 -29.67 -32.39 -2.67
C GLY J 67 -29.73 -31.02 -2.04
N MET J 68 -28.69 -30.22 -2.26
CA MET J 68 -28.52 -28.96 -1.56
C MET J 68 -29.42 -27.86 -2.13
N SER J 69 -30.54 -28.24 -2.71
CA SER J 69 -31.41 -27.24 -3.31
C SER J 69 -32.82 -27.79 -3.50
N TYR J 70 -33.80 -27.03 -3.00
CA TYR J 70 -35.18 -27.49 -2.96
C TYR J 70 -35.72 -27.58 -4.38
N TYR J 71 -36.22 -28.75 -4.75
CA TYR J 71 -36.51 -28.96 -6.16
C TYR J 71 -37.97 -29.27 -6.37
N CYS J 72 -38.36 -29.25 -7.64
CA CYS J 72 -39.70 -29.59 -8.06
C CYS J 72 -39.75 -31.08 -8.34
N LYS J 73 -40.17 -31.44 -9.54
CA LYS J 73 -39.98 -32.78 -10.06
C LYS J 73 -39.13 -32.78 -11.31
N SER J 74 -39.33 -31.79 -12.19
CA SER J 74 -38.57 -31.69 -13.42
C SER J 74 -37.08 -31.82 -13.19
N HIS J 75 -36.58 -31.25 -12.09
CA HIS J 75 -35.16 -31.26 -11.81
C HIS J 75 -34.80 -32.19 -10.65
N LYS J 76 -35.79 -32.76 -9.97
CA LYS J 76 -35.46 -33.40 -8.72
C LYS J 76 -34.58 -34.62 -8.95
N PRO J 77 -33.48 -34.73 -8.22
CA PRO J 77 -32.52 -35.80 -8.45
C PRO J 77 -33.08 -37.13 -7.98
N PRO J 78 -32.33 -38.24 -8.12
CA PRO J 78 -32.84 -39.54 -7.68
C PRO J 78 -33.26 -39.52 -6.23
N ILE J 79 -32.28 -39.61 -5.34
CA ILE J 79 -32.54 -39.37 -3.94
C ILE J 79 -32.95 -37.90 -3.77
N SER J 80 -34.13 -37.70 -3.22
CA SER J 80 -34.62 -36.35 -3.00
C SER J 80 -35.38 -36.36 -1.68
N PHE J 81 -36.13 -35.31 -1.44
CA PHE J 81 -36.65 -35.27 -0.09
C PHE J 81 -37.99 -34.57 -0.10
N PRO J 82 -39.00 -35.15 0.57
CA PRO J 82 -40.29 -34.45 0.71
C PRO J 82 -40.24 -33.48 1.87
N LEU J 83 -40.16 -32.19 1.56
CA LEU J 83 -40.12 -31.20 2.62
C LEU J 83 -41.40 -31.23 3.42
N CYS J 84 -42.46 -30.67 2.87
CA CYS J 84 -43.74 -30.58 3.54
C CYS J 84 -44.31 -31.99 3.62
N ALA J 85 -44.15 -32.60 4.80
CA ALA J 85 -44.68 -33.93 5.05
C ALA J 85 -44.65 -34.19 6.54
N ASN J 86 -45.13 -35.38 6.93
CA ASN J 86 -45.16 -35.80 8.32
C ASN J 86 -46.07 -34.89 9.15
N GLY J 87 -46.90 -34.11 8.48
CA GLY J 87 -47.70 -33.12 9.18
C GLY J 87 -46.86 -32.04 9.81
N GLN J 88 -45.57 -31.98 9.48
CA GLN J 88 -44.64 -31.05 10.11
C GLN J 88 -43.61 -30.60 9.09
N VAL J 89 -43.51 -29.27 8.89
CA VAL J 89 -42.58 -28.77 7.91
C VAL J 89 -41.16 -29.08 8.34
N PHE J 90 -40.30 -29.27 7.36
CA PHE J 90 -38.89 -29.49 7.64
C PHE J 90 -38.18 -28.16 7.82
N GLY J 91 -37.87 -27.84 9.08
CA GLY J 91 -37.22 -26.58 9.38
C GLY J 91 -36.48 -26.69 10.69
N LEU J 92 -35.69 -25.67 10.99
CA LEU J 92 -34.75 -25.74 12.09
C LEU J 92 -35.44 -26.13 13.39
N TYR J 93 -34.71 -26.81 14.26
CA TYR J 93 -35.26 -27.39 15.48
C TYR J 93 -36.42 -28.30 15.14
N LYS J 94 -36.17 -29.24 14.22
CA LYS J 94 -37.23 -30.01 13.59
C LYS J 94 -38.00 -30.86 14.56
N ASN J 95 -37.77 -30.70 15.86
CA ASN J 95 -38.54 -31.37 16.88
C ASN J 95 -39.36 -30.38 17.71
N THR J 96 -38.70 -29.40 18.30
CA THR J 96 -39.28 -28.64 19.41
C THR J 96 -40.29 -27.60 18.93
N CYS J 97 -41.26 -28.07 18.17
CA CYS J 97 -42.37 -27.23 17.70
C CYS J 97 -43.63 -27.77 18.37
N VAL J 98 -43.94 -27.25 19.56
CA VAL J 98 -45.07 -27.76 20.35
C VAL J 98 -46.38 -27.68 19.59
N GLY J 99 -46.46 -26.88 18.53
CA GLY J 99 -47.68 -26.80 17.77
C GLY J 99 -48.79 -26.12 18.53
N SER J 100 -49.85 -25.76 17.82
CA SER J 100 -51.00 -25.12 18.41
C SER J 100 -52.23 -25.42 17.56
N ASP J 101 -53.40 -25.11 18.11
CA ASP J 101 -54.66 -25.36 17.43
C ASP J 101 -55.41 -24.08 17.11
N ASN J 102 -55.25 -23.05 17.94
CA ASN J 102 -55.91 -21.78 17.65
C ASN J 102 -55.29 -21.17 16.41
N VAL J 103 -55.41 -21.86 15.28
CA VAL J 103 -54.72 -21.49 14.07
C VAL J 103 -55.71 -21.00 13.02
N THR J 104 -56.89 -21.60 13.00
CA THR J 104 -57.94 -21.19 12.09
C THR J 104 -58.14 -19.69 12.12
N ASP J 105 -58.51 -19.16 13.29
CA ASP J 105 -58.53 -17.72 13.51
C ASP J 105 -57.30 -17.08 12.92
N PHE J 106 -56.13 -17.61 13.26
CA PHE J 106 -54.90 -17.05 12.75
C PHE J 106 -54.91 -17.02 11.22
N ASN J 107 -55.44 -18.07 10.60
CA ASN J 107 -55.38 -18.15 9.15
C ASN J 107 -56.30 -17.12 8.51
N ALA J 108 -57.54 -17.04 8.97
CA ALA J 108 -58.43 -16.02 8.45
C ALA J 108 -57.83 -14.64 8.66
N ILE J 109 -57.24 -14.42 9.84
CA ILE J 109 -56.49 -13.20 10.09
C ILE J 109 -55.31 -13.10 9.14
N ALA J 110 -54.65 -14.23 8.88
CA ALA J 110 -53.54 -14.28 7.94
C ALA J 110 -53.96 -13.91 6.53
N THR J 111 -55.21 -13.50 6.35
CA THR J 111 -55.81 -13.33 5.04
C THR J 111 -56.91 -12.28 5.00
N CYS J 112 -57.39 -11.79 6.13
CA CYS J 112 -58.62 -11.01 6.18
C CYS J 112 -58.55 -9.78 5.29
N ASP J 113 -59.71 -9.21 5.01
CA ASP J 113 -59.78 -7.96 4.25
C ASP J 113 -59.63 -6.74 5.13
N TRP J 114 -60.01 -6.84 6.41
CA TRP J 114 -60.23 -5.66 7.23
C TRP J 114 -61.23 -4.74 6.56
N THR J 115 -62.51 -5.04 6.73
CA THR J 115 -63.58 -4.30 6.09
C THR J 115 -64.92 -4.42 6.78
N ASN J 116 -65.34 -5.64 7.08
CA ASN J 116 -66.60 -5.83 7.77
C ASN J 116 -66.37 -6.05 9.24
N ALA J 117 -67.46 -6.16 9.99
CA ALA J 117 -67.35 -6.24 11.44
C ALA J 117 -66.47 -7.39 11.88
N GLY J 118 -66.96 -8.63 11.75
CA GLY J 118 -66.23 -9.79 12.24
C GLY J 118 -64.73 -9.70 12.05
N ASP J 119 -64.29 -9.13 10.94
CA ASP J 119 -62.89 -8.79 10.78
C ASP J 119 -62.37 -8.12 12.04
N TYR J 120 -62.89 -6.94 12.35
CA TYR J 120 -62.39 -6.21 13.50
C TYR J 120 -62.86 -6.85 14.80
N ILE J 121 -64.01 -7.52 14.78
CA ILE J 121 -64.45 -8.25 15.97
C ILE J 121 -63.34 -9.18 16.42
N LEU J 122 -62.76 -9.92 15.49
CA LEU J 122 -61.70 -10.84 15.82
C LEU J 122 -60.40 -10.11 16.07
N ALA J 123 -60.07 -9.15 15.22
CA ALA J 123 -58.87 -8.36 15.40
C ALA J 123 -58.74 -7.84 16.82
N ASN J 124 -59.85 -7.46 17.44
CA ASN J 124 -59.87 -7.03 18.82
C ASN J 124 -60.24 -8.17 19.77
N THR J 125 -60.63 -9.32 19.24
CA THR J 125 -60.92 -10.48 20.07
C THR J 125 -60.15 -11.70 19.62
N CYS J 126 -58.88 -11.78 19.97
CA CYS J 126 -58.08 -12.99 19.86
C CYS J 126 -57.33 -13.18 21.18
N THR J 127 -56.03 -13.40 21.11
CA THR J 127 -55.20 -13.26 22.29
C THR J 127 -54.26 -12.08 22.08
N GLU J 128 -53.35 -11.90 23.02
CA GLU J 128 -52.42 -10.79 22.93
C GLU J 128 -51.65 -10.86 21.62
N ARG J 129 -50.72 -11.81 21.49
CA ARG J 129 -49.80 -11.79 20.35
C ARG J 129 -50.55 -11.82 19.04
N LEU J 130 -51.64 -12.59 19.00
CA LEU J 130 -52.45 -12.63 17.80
C LEU J 130 -52.99 -11.26 17.46
N LYS J 131 -53.44 -10.51 18.46
CA LYS J 131 -54.02 -9.20 18.18
C LYS J 131 -52.93 -8.19 17.85
N LEU J 132 -51.80 -8.25 18.56
CA LEU J 132 -50.60 -7.55 18.15
C LEU J 132 -50.42 -7.63 16.65
N PHE J 133 -50.19 -8.85 16.17
CA PHE J 133 -49.84 -9.06 14.78
C PHE J 133 -51.02 -8.75 13.87
N ALA J 134 -52.23 -8.98 14.34
CA ALA J 134 -53.41 -8.59 13.58
C ALA J 134 -53.37 -7.11 13.30
N ALA J 135 -53.12 -6.32 14.32
CA ALA J 135 -53.10 -4.87 14.16
C ALA J 135 -51.97 -4.47 13.23
N GLU J 136 -50.80 -5.06 13.44
CA GLU J 136 -49.69 -4.82 12.53
C GLU J 136 -50.13 -4.99 11.09
N THR J 137 -50.70 -6.15 10.79
CA THR J 137 -51.13 -6.43 9.44
C THR J 137 -52.19 -5.43 9.00
N LEU J 138 -53.09 -5.09 9.91
CA LEU J 138 -54.14 -4.13 9.61
C LEU J 138 -53.55 -2.84 9.08
N LYS J 139 -52.59 -2.30 9.81
CA LYS J 139 -51.99 -1.05 9.39
C LYS J 139 -51.22 -1.23 8.11
N ALA J 140 -50.59 -2.39 7.92
CA ALA J 140 -49.98 -2.66 6.63
C ALA J 140 -50.98 -2.49 5.52
N THR J 141 -52.15 -3.14 5.66
CA THR J 141 -53.20 -3.01 4.65
C THR J 141 -53.56 -1.56 4.43
N GLU J 142 -53.95 -0.88 5.49
CA GLU J 142 -54.47 0.48 5.34
C GLU J 142 -53.44 1.39 4.71
N GLU J 143 -52.17 1.24 5.07
CA GLU J 143 -51.16 2.11 4.51
C GLU J 143 -50.92 1.81 3.06
N THR J 144 -50.48 0.59 2.73
CA THR J 144 -50.15 0.28 1.35
C THR J 144 -51.34 0.50 0.43
N PHE J 145 -52.55 0.46 0.98
CA PHE J 145 -53.71 0.94 0.23
C PHE J 145 -53.49 2.37 -0.23
N LYS J 146 -52.91 3.19 0.62
CA LYS J 146 -52.74 4.61 0.31
C LYS J 146 -51.32 4.91 -0.11
N LEU J 147 -51.02 4.80 -1.40
CA LEU J 147 -49.68 5.07 -1.92
C LEU J 147 -49.75 5.70 -3.31
N SER J 148 -50.75 5.31 -4.09
CA SER J 148 -50.84 5.75 -5.48
C SER J 148 -51.86 6.85 -5.67
N TYR J 149 -51.62 8.02 -5.10
CA TYR J 149 -52.59 9.10 -5.15
C TYR J 149 -51.84 10.41 -5.40
N GLY J 150 -52.58 11.52 -5.44
CA GLY J 150 -52.08 12.73 -6.07
C GLY J 150 -51.03 13.49 -5.27
N ILE J 151 -50.14 14.13 -6.01
CA ILE J 151 -49.15 15.03 -5.43
C ILE J 151 -49.65 16.46 -5.64
N ALA J 152 -49.77 17.21 -4.54
CA ALA J 152 -50.42 18.52 -4.56
C ALA J 152 -49.42 19.61 -4.93
N THR J 153 -49.22 19.79 -6.24
CA THR J 153 -48.40 20.88 -6.76
C THR J 153 -49.14 22.20 -6.55
N VAL J 154 -48.61 23.03 -5.64
CA VAL J 154 -49.36 24.15 -5.11
C VAL J 154 -49.21 25.37 -6.01
N ARG J 155 -50.35 25.97 -6.36
CA ARG J 155 -50.41 27.27 -7.02
C ARG J 155 -51.56 28.04 -6.39
N GLU J 156 -51.64 29.35 -6.67
CA GLU J 156 -52.65 30.22 -6.07
C GLU J 156 -52.64 30.10 -4.55
N VAL J 157 -51.49 30.41 -3.97
CA VAL J 157 -51.33 30.39 -2.52
C VAL J 157 -52.11 31.58 -1.95
N LEU J 158 -53.44 31.45 -1.93
CA LEU J 158 -54.33 32.57 -1.62
C LEU J 158 -54.54 32.63 -0.12
N SER J 159 -54.61 33.84 0.43
CA SER J 159 -54.96 34.09 1.83
C SER J 159 -53.98 33.35 2.74
N ASP J 160 -54.35 33.15 4.00
CA ASP J 160 -53.54 32.41 4.96
C ASP J 160 -54.15 31.05 5.26
N ARG J 161 -55.04 30.59 4.37
CA ARG J 161 -55.78 29.36 4.59
C ARG J 161 -55.98 28.65 3.26
N GLU J 162 -56.15 29.44 2.21
CA GLU J 162 -56.72 28.99 0.94
C GLU J 162 -55.65 28.89 -0.14
N LEU J 163 -54.76 27.91 -0.01
CA LEU J 163 -53.82 27.62 -1.09
C LEU J 163 -54.50 27.21 -2.39
N HIS J 164 -55.83 27.09 -2.41
CA HIS J 164 -56.60 26.85 -3.64
C HIS J 164 -56.25 25.49 -4.23
N LEU J 165 -54.98 25.29 -4.56
CA LEU J 165 -54.42 24.01 -5.00
C LEU J 165 -54.86 23.60 -6.39
N SER J 166 -53.92 23.03 -7.14
CA SER J 166 -54.21 22.14 -8.26
C SER J 166 -53.46 20.85 -8.01
N TRP J 167 -53.28 20.05 -9.06
CA TRP J 167 -52.77 18.70 -8.86
C TRP J 167 -52.04 18.20 -10.09
N GLU J 168 -51.57 16.96 -9.99
CA GLU J 168 -50.96 16.25 -11.10
C GLU J 168 -52.00 15.50 -11.93
N VAL J 169 -53.12 16.16 -12.17
CA VAL J 169 -54.16 15.70 -13.10
C VAL J 169 -54.74 14.37 -12.65
N GLY J 170 -54.29 13.27 -13.26
CA GLY J 170 -54.87 11.97 -13.03
C GLY J 170 -54.17 11.19 -11.93
N LYS J 171 -54.52 11.50 -10.68
CA LYS J 171 -53.82 10.93 -9.53
C LYS J 171 -54.45 11.37 -8.20
N PRO J 172 -54.86 12.64 -8.03
CA PRO J 172 -55.43 13.04 -6.73
C PRO J 172 -56.73 12.31 -6.40
N ARG J 173 -56.80 11.81 -5.17
CA ARG J 173 -58.03 11.27 -4.60
C ARG J 173 -58.12 11.59 -3.11
N PRO J 174 -58.04 12.87 -2.74
CA PRO J 174 -57.98 13.21 -1.33
C PRO J 174 -59.31 13.72 -0.80
N PRO J 175 -59.77 13.21 0.33
CA PRO J 175 -60.81 13.91 1.13
C PRO J 175 -60.15 14.99 1.98
N LEU J 176 -60.96 15.89 2.55
CA LEU J 176 -60.40 17.15 2.99
C LEU J 176 -60.69 17.58 4.43
N ASN J 177 -61.70 17.01 5.08
CA ASN J 177 -62.09 17.48 6.41
C ASN J 177 -61.04 17.08 7.46
N ARG J 178 -61.45 17.11 8.73
CA ARG J 178 -60.65 16.65 9.86
C ARG J 178 -59.16 17.03 9.73
N ASN J 179 -58.28 16.06 9.46
CA ASN J 179 -56.87 16.29 9.10
C ASN J 179 -56.40 15.22 8.12
N TYR J 180 -55.99 15.65 6.92
CA TYR J 180 -55.45 14.76 5.87
C TYR J 180 -54.04 15.22 5.51
N VAL J 181 -53.04 14.54 6.06
CA VAL J 181 -51.68 15.04 6.06
C VAL J 181 -51.02 14.80 4.72
N PHE J 182 -50.55 15.88 4.09
CA PHE J 182 -49.60 15.83 2.98
C PHE J 182 -48.35 16.54 3.47
N THR J 183 -47.19 16.14 2.96
CA THR J 183 -45.98 16.90 3.27
C THR J 183 -45.60 17.77 2.08
N GLY J 184 -45.45 19.07 2.34
CA GLY J 184 -45.19 20.03 1.29
C GLY J 184 -43.72 20.02 0.92
N TYR J 185 -43.46 19.87 -0.37
CA TYR J 185 -42.13 20.08 -0.92
C TYR J 185 -42.10 21.38 -1.70
N ARG J 186 -41.16 22.26 -1.33
CA ARG J 186 -41.00 23.53 -2.01
C ARG J 186 -39.99 23.36 -3.14
N VAL J 187 -40.34 23.85 -4.32
CA VAL J 187 -39.48 23.70 -5.49
C VAL J 187 -38.19 24.46 -5.21
N THR J 188 -37.11 23.71 -5.06
CA THR J 188 -35.79 24.25 -4.77
C THR J 188 -34.85 23.75 -5.86
N LYS J 189 -33.65 24.34 -5.92
CA LYS J 189 -32.74 24.27 -7.07
C LYS J 189 -32.81 22.99 -7.89
N ASN J 190 -32.33 21.88 -7.35
CA ASN J 190 -32.26 20.65 -8.11
C ASN J 190 -32.96 19.48 -7.45
N SER J 191 -32.82 19.32 -6.14
CA SER J 191 -33.53 18.29 -5.41
C SER J 191 -34.85 18.85 -4.88
N LYS J 192 -35.29 18.30 -3.76
CA LYS J 192 -36.53 18.72 -3.15
C LYS J 192 -36.35 18.79 -1.65
N VAL J 193 -36.66 19.95 -1.07
CA VAL J 193 -36.68 20.10 0.38
C VAL J 193 -38.13 20.30 0.79
N GLN J 194 -38.50 19.71 1.92
CA GLN J 194 -39.88 19.78 2.34
C GLN J 194 -40.19 21.12 3.00
N ILE J 195 -41.44 21.24 3.45
CA ILE J 195 -41.97 22.47 4.05
C ILE J 195 -42.61 22.18 5.39
N GLY J 196 -43.19 21.01 5.54
CA GLY J 196 -43.93 20.67 6.73
C GLY J 196 -45.13 19.83 6.39
N GLU J 197 -45.77 19.31 7.42
CA GLU J 197 -46.97 18.52 7.26
C GLU J 197 -48.19 19.40 7.42
N TYR J 198 -49.11 19.27 6.46
CA TYR J 198 -50.30 20.11 6.46
C TYR J 198 -51.49 19.26 6.03
N THR J 199 -52.62 19.49 6.69
CA THR J 199 -53.70 18.51 6.72
C THR J 199 -54.91 18.91 5.89
N PHE J 200 -55.17 20.21 5.75
CA PHE J 200 -56.19 20.75 4.84
C PHE J 200 -57.61 20.51 5.35
N GLU J 201 -58.50 21.49 5.10
CA GLU J 201 -59.94 21.36 5.33
C GLU J 201 -60.65 21.25 3.98
N LYS J 202 -61.98 21.34 3.99
CA LYS J 202 -62.74 21.52 2.77
C LYS J 202 -62.73 22.96 2.29
N GLY J 203 -63.23 23.88 3.10
CA GLY J 203 -63.05 25.29 2.83
C GLY J 203 -64.15 25.97 2.05
N ASP J 204 -64.57 27.13 2.55
CA ASP J 204 -65.73 27.84 2.01
C ASP J 204 -65.50 28.24 0.56
N TYR J 205 -66.56 28.77 -0.06
CA TYR J 205 -66.53 29.27 -1.43
C TYR J 205 -65.96 28.22 -2.39
N GLY J 206 -65.21 28.67 -3.39
CA GLY J 206 -64.74 27.78 -4.44
C GLY J 206 -63.57 26.88 -4.06
N ASP J 207 -62.56 26.82 -4.93
CA ASP J 207 -61.42 25.94 -4.74
C ASP J 207 -60.52 26.38 -3.59
N ALA J 208 -60.94 27.39 -2.82
CA ALA J 208 -60.14 27.91 -1.72
C ALA J 208 -60.02 26.88 -0.59
N VAL J 209 -59.06 25.97 -0.71
CA VAL J 209 -58.95 24.85 0.23
C VAL J 209 -58.20 25.31 1.47
N VAL J 210 -58.88 25.26 2.63
CA VAL J 210 -58.29 25.59 3.91
C VAL J 210 -57.24 24.53 4.24
N TYR J 211 -56.19 24.92 4.96
CA TYR J 211 -55.15 23.99 5.36
C TYR J 211 -54.83 24.15 6.84
N ARG J 212 -54.00 23.25 7.36
CA ARG J 212 -53.60 23.25 8.76
C ARG J 212 -52.53 22.18 8.97
N GLY J 213 -51.52 22.50 9.75
CA GLY J 213 -50.51 21.53 10.11
C GLY J 213 -49.67 22.04 11.25
N THR J 214 -48.53 21.39 11.45
CA THR J 214 -47.54 21.91 12.39
C THR J 214 -46.50 22.68 11.61
N THR J 215 -45.32 22.89 12.21
CA THR J 215 -44.17 23.46 11.53
C THR J 215 -44.35 24.95 11.27
N THR J 216 -43.48 25.77 11.87
CA THR J 216 -43.57 27.20 11.69
C THR J 216 -42.82 27.65 10.44
N TYR J 217 -43.23 27.14 9.28
CA TYR J 217 -42.75 27.63 7.99
C TYR J 217 -43.81 28.46 7.30
N LYS J 218 -43.63 28.68 6.01
CA LYS J 218 -44.54 29.37 5.13
C LYS J 218 -44.82 28.48 3.91
N LEU J 219 -45.59 29.00 2.96
CA LEU J 219 -45.83 28.29 1.71
C LEU J 219 -45.40 29.18 0.54
N ASN J 220 -45.16 28.53 -0.59
CA ASN J 220 -44.70 29.21 -1.79
C ASN J 220 -45.48 28.69 -2.99
N VAL J 221 -45.61 29.53 -4.01
CA VAL J 221 -46.18 29.07 -5.25
C VAL J 221 -45.25 28.04 -5.90
N GLY J 222 -45.82 26.88 -6.24
CA GLY J 222 -45.05 25.74 -6.67
C GLY J 222 -44.71 24.74 -5.59
N ASP J 223 -45.11 25.00 -4.34
CA ASP J 223 -44.76 24.14 -3.20
C ASP J 223 -45.56 22.85 -3.26
N TYR J 224 -45.06 21.91 -4.06
CA TYR J 224 -45.84 20.70 -4.30
C TYR J 224 -45.87 19.80 -3.08
N PHE J 225 -47.09 19.51 -2.61
CA PHE J 225 -47.30 18.59 -1.51
C PHE J 225 -47.39 17.17 -2.05
N VAL J 226 -46.56 16.30 -1.47
CA VAL J 226 -46.63 14.87 -1.74
C VAL J 226 -47.49 14.25 -0.65
N LEU J 227 -48.45 13.43 -1.07
CA LEU J 227 -49.19 12.61 -0.13
C LEU J 227 -48.21 11.78 0.69
N THR J 228 -48.26 11.94 2.00
CA THR J 228 -47.29 11.35 2.90
C THR J 228 -47.22 9.82 2.73
N SER J 229 -46.05 9.26 3.03
CA SER J 229 -45.84 7.83 2.92
C SER J 229 -45.01 7.37 4.11
N HIS J 230 -45.31 6.17 4.59
CA HIS J 230 -44.68 5.64 5.80
C HIS J 230 -44.68 4.11 5.75
N THR J 231 -44.08 3.52 6.76
CA THR J 231 -44.01 2.07 6.95
C THR J 231 -44.23 1.76 8.42
N VAL J 232 -45.21 0.90 8.70
CA VAL J 232 -45.60 0.61 10.07
C VAL J 232 -44.45 -0.10 10.77
N MET J 233 -44.43 -0.02 12.10
CA MET J 233 -43.33 -0.60 12.83
C MET J 233 -43.82 -1.63 13.82
N PRO J 234 -43.08 -2.73 13.97
CA PRO J 234 -43.54 -3.82 14.83
C PRO J 234 -43.71 -3.35 16.26
N LEU J 235 -44.86 -3.67 16.84
CA LEU J 235 -45.07 -3.41 18.25
C LEU J 235 -44.35 -4.44 19.10
N SER J 236 -44.63 -4.39 20.40
CA SER J 236 -44.04 -5.33 21.34
C SER J 236 -44.84 -5.45 22.62
N ALA J 237 -44.68 -4.51 23.54
CA ALA J 237 -45.38 -4.54 24.80
C ALA J 237 -46.89 -4.64 24.57
N PRO J 238 -47.61 -5.28 25.47
CA PRO J 238 -49.03 -5.54 25.25
C PRO J 238 -49.81 -4.24 25.17
N THR J 239 -50.99 -4.35 24.58
CA THR J 239 -51.95 -3.24 24.65
C THR J 239 -52.17 -2.84 26.09
N LEU J 240 -52.49 -3.81 26.94
CA LEU J 240 -52.83 -3.53 28.33
C LEU J 240 -52.12 -4.51 29.23
N VAL J 241 -51.33 -3.97 30.15
CA VAL J 241 -50.56 -4.75 31.10
C VAL J 241 -51.49 -5.00 32.28
N PRO J 242 -51.36 -6.13 32.99
CA PRO J 242 -52.27 -6.41 34.10
C PRO J 242 -52.36 -5.27 35.10
N GLN J 243 -53.55 -5.13 35.68
CA GLN J 243 -53.82 -4.13 36.71
C GLN J 243 -53.50 -4.72 38.08
N GLU J 244 -52.93 -3.90 38.95
CA GLU J 244 -52.75 -4.30 40.33
C GLU J 244 -53.11 -3.13 41.22
N HIS J 245 -54.12 -3.32 42.04
CA HIS J 245 -54.57 -2.29 42.97
C HIS J 245 -53.74 -2.44 44.24
N TYR J 246 -52.97 -1.40 44.54
CA TYR J 246 -51.97 -1.47 45.59
C TYR J 246 -52.62 -1.43 46.96
N VAL J 247 -51.80 -1.74 47.98
CA VAL J 247 -52.17 -1.49 49.37
C VAL J 247 -51.71 -0.12 49.84
N ARG J 248 -51.16 0.70 48.96
CA ARG J 248 -50.69 2.03 49.31
C ARG J 248 -50.83 2.93 48.09
N ILE J 249 -50.55 4.21 48.29
CA ILE J 249 -50.30 5.14 47.19
C ILE J 249 -48.86 4.90 46.75
N THR J 250 -48.57 3.64 46.39
CA THR J 250 -47.19 3.16 46.29
C THR J 250 -46.36 4.07 45.41
N GLY J 251 -45.45 4.80 46.05
CA GLY J 251 -44.59 5.74 45.37
C GLY J 251 -45.09 7.17 45.34
N LEU J 252 -46.34 7.41 45.68
CA LEU J 252 -46.88 8.76 45.60
C LEU J 252 -47.41 9.19 46.95
N TYR J 253 -47.51 10.51 47.08
CA TYR J 253 -47.67 11.21 48.32
C TYR J 253 -48.83 12.16 48.09
N PRO J 254 -49.97 11.94 48.79
CA PRO J 254 -51.27 12.47 48.34
C PRO J 254 -51.26 13.92 47.90
N THR J 255 -51.69 14.84 48.77
CA THR J 255 -51.60 16.26 48.49
C THR J 255 -51.86 17.10 49.74
N LEU J 256 -51.16 18.22 49.81
CA LEU J 256 -51.25 19.16 50.92
C LEU J 256 -52.29 20.24 50.69
N ASN J 257 -53.00 20.20 49.58
CA ASN J 257 -54.01 21.19 49.27
C ASN J 257 -54.99 20.60 48.26
N ILE J 258 -56.27 20.70 48.57
CA ILE J 258 -57.31 20.11 47.74
C ILE J 258 -58.05 21.23 47.04
N SER J 259 -57.59 21.60 45.85
CA SER J 259 -58.17 22.72 45.13
C SER J 259 -59.59 22.38 44.72
N ASP J 260 -60.46 23.38 44.83
CA ASP J 260 -61.87 23.19 44.49
C ASP J 260 -62.05 22.58 43.11
N GLU J 261 -61.48 23.24 42.08
CA GLU J 261 -61.51 22.70 40.73
C GLU J 261 -60.96 21.29 40.68
N PHE J 262 -60.14 20.92 41.65
CA PHE J 262 -59.51 19.61 41.70
C PHE J 262 -60.19 18.70 42.72
N SER J 263 -60.97 19.28 43.63
CA SER J 263 -61.42 18.57 44.82
C SER J 263 -62.34 17.41 44.48
N SER J 264 -63.38 17.67 43.70
CA SER J 264 -64.23 16.59 43.23
C SER J 264 -63.42 15.49 42.56
N ASN J 265 -62.41 15.87 41.78
CA ASN J 265 -61.49 14.91 41.19
C ASN J 265 -60.45 14.42 42.19
N VAL J 266 -60.11 15.25 43.18
CA VAL J 266 -59.29 14.79 44.31
C VAL J 266 -59.84 13.51 44.89
N ALA J 267 -61.17 13.46 45.09
CA ALA J 267 -61.84 12.25 45.55
C ALA J 267 -61.25 11.04 44.83
N ASN J 268 -61.01 11.18 43.54
CA ASN J 268 -60.34 10.15 42.77
C ASN J 268 -58.84 10.18 42.95
N TYR J 269 -58.24 11.35 43.14
CA TYR J 269 -56.79 11.49 43.11
C TYR J 269 -56.08 10.68 44.18
N GLN J 270 -56.81 10.10 45.13
CA GLN J 270 -56.20 9.23 46.13
C GLN J 270 -56.00 7.83 45.57
N LYS J 271 -57.11 7.17 45.23
CA LYS J 271 -57.08 5.76 44.88
C LYS J 271 -56.40 5.52 43.54
N VAL J 272 -55.97 6.57 42.84
CA VAL J 272 -55.24 6.40 41.59
C VAL J 272 -53.84 5.85 41.86
N GLY J 273 -53.21 6.31 42.93
CA GLY J 273 -51.99 5.71 43.38
C GLY J 273 -52.18 4.36 44.01
N MET J 274 -53.43 3.99 44.27
CA MET J 274 -53.79 2.71 44.84
C MET J 274 -53.83 1.60 43.80
N GLN J 275 -53.64 1.90 42.53
CA GLN J 275 -53.56 0.90 41.49
C GLN J 275 -52.64 1.38 40.38
N LYS J 276 -52.05 0.42 39.66
CA LYS J 276 -51.01 0.73 38.70
C LYS J 276 -51.48 1.76 37.68
N TYR J 277 -52.77 1.79 37.40
CA TYR J 277 -53.28 2.66 36.36
C TYR J 277 -54.79 2.78 36.51
N SER J 278 -55.33 3.88 36.02
CA SER J 278 -56.71 4.26 36.32
C SER J 278 -57.53 4.37 35.05
N THR J 279 -58.70 3.76 35.05
CA THR J 279 -59.59 3.77 33.92
C THR J 279 -60.76 4.69 34.20
N LEU J 280 -61.10 5.54 33.24
CA LEU J 280 -62.08 6.60 33.48
C LEU J 280 -62.99 6.81 32.28
N GLN J 281 -64.27 6.98 32.55
CA GLN J 281 -65.21 7.55 31.59
C GLN J 281 -65.27 9.06 31.77
N GLY J 282 -65.27 9.80 30.67
CA GLY J 282 -65.33 11.24 30.74
C GLY J 282 -66.46 11.85 29.94
N PRO J 283 -67.40 12.51 30.62
CA PRO J 283 -68.33 13.38 29.92
C PRO J 283 -67.58 14.48 29.23
N PRO J 284 -67.95 14.79 28.00
CA PRO J 284 -67.00 15.46 27.09
C PRO J 284 -66.44 16.75 27.65
N GLY J 285 -65.10 16.79 27.72
CA GLY J 285 -64.38 17.96 28.19
C GLY J 285 -64.77 18.44 29.56
N THR J 286 -65.63 17.71 30.26
CA THR J 286 -66.19 18.19 31.50
C THR J 286 -65.08 18.27 32.54
N GLY J 287 -64.22 19.28 32.39
CA GLY J 287 -63.02 19.37 33.20
C GLY J 287 -62.12 18.17 33.04
N LYS J 288 -62.01 17.65 31.83
CA LYS J 288 -61.08 16.54 31.58
C LYS J 288 -59.64 16.96 31.81
N SER J 289 -59.16 17.89 31.00
CA SER J 289 -57.90 18.55 31.28
C SER J 289 -57.88 19.10 32.71
N HIS J 290 -59.04 19.51 33.23
CA HIS J 290 -59.12 19.93 34.64
C HIS J 290 -58.83 18.76 35.57
N PHE J 291 -59.40 17.59 35.30
CA PHE J 291 -59.07 16.42 36.08
C PHE J 291 -57.57 16.15 36.08
N ALA J 292 -56.95 16.15 34.91
CA ALA J 292 -55.54 15.79 34.80
C ALA J 292 -54.66 16.79 35.53
N ILE J 293 -54.90 18.08 35.31
CA ILE J 293 -54.08 19.09 35.98
C ILE J 293 -54.35 19.10 37.47
N GLY J 294 -55.56 18.75 37.87
CA GLY J 294 -55.83 18.64 39.28
C GLY J 294 -55.06 17.51 39.91
N LEU J 295 -54.91 16.40 39.18
CA LEU J 295 -54.07 15.34 39.70
C LEU J 295 -52.60 15.73 39.66
N ALA J 296 -52.23 16.59 38.72
CA ALA J 296 -50.85 17.07 38.63
C ALA J 296 -50.48 17.88 39.85
N LEU J 297 -51.14 19.03 40.05
CA LEU J 297 -50.97 19.75 41.31
C LEU J 297 -51.35 18.90 42.51
N TYR J 298 -52.07 17.80 42.29
CA TYR J 298 -52.37 16.89 43.38
C TYR J 298 -51.13 16.12 43.79
N TYR J 299 -50.42 15.53 42.82
CA TYR J 299 -49.13 14.91 43.06
C TYR J 299 -48.09 15.79 42.38
N PRO J 300 -47.70 16.89 43.02
CA PRO J 300 -46.71 17.79 42.42
C PRO J 300 -45.31 17.20 42.39
N SER J 301 -45.14 15.94 42.76
CA SER J 301 -43.82 15.34 42.86
C SER J 301 -43.43 14.51 41.65
N ALA J 302 -44.41 14.00 40.90
CA ALA J 302 -44.13 12.99 39.87
C ALA J 302 -43.95 13.62 38.50
N ARG J 303 -43.17 12.96 37.65
CA ARG J 303 -43.03 13.37 36.26
C ARG J 303 -44.30 12.99 35.51
N ILE J 304 -45.27 13.89 35.49
CA ILE J 304 -46.61 13.58 35.02
C ILE J 304 -46.72 13.96 33.55
N VAL J 305 -47.07 12.97 32.74
CA VAL J 305 -47.02 13.07 31.30
C VAL J 305 -48.46 12.97 30.81
N TYR J 306 -48.79 13.78 29.83
CA TYR J 306 -50.09 13.73 29.19
C TYR J 306 -49.85 13.34 27.74
N THR J 307 -50.62 12.38 27.22
CA THR J 307 -50.56 12.09 25.80
C THR J 307 -51.96 11.92 25.25
N ALA J 308 -52.10 12.31 24.00
CA ALA J 308 -53.38 12.16 23.33
C ALA J 308 -53.15 11.86 21.85
N CYS J 309 -54.24 11.89 21.08
CA CYS J 309 -54.19 11.60 19.66
C CYS J 309 -53.22 12.52 18.94
N SER J 310 -53.59 13.79 18.81
CA SER J 310 -52.75 14.80 18.18
C SER J 310 -52.57 15.98 19.10
N HIS J 311 -51.94 17.03 18.58
CA HIS J 311 -51.82 18.27 19.33
C HIS J 311 -53.17 18.93 19.55
N ALA J 312 -54.24 18.39 18.96
CA ALA J 312 -55.55 19.00 19.07
C ALA J 312 -56.30 18.57 20.32
N ALA J 313 -56.13 17.32 20.75
CA ALA J 313 -56.62 16.96 22.06
C ALA J 313 -55.67 17.41 23.15
N VAL J 314 -54.40 17.59 22.82
CA VAL J 314 -53.44 18.18 23.75
C VAL J 314 -53.51 19.70 23.74
N ASP J 315 -54.34 20.27 22.85
CA ASP J 315 -54.53 21.71 22.84
C ASP J 315 -55.04 22.21 24.19
N ALA J 316 -56.28 21.85 24.52
CA ALA J 316 -56.82 22.19 25.82
C ALA J 316 -55.91 21.71 26.94
N LEU J 317 -55.15 20.65 26.71
CA LEU J 317 -54.27 20.12 27.75
C LEU J 317 -53.18 21.12 28.11
N CYS J 318 -52.43 21.57 27.10
CA CYS J 318 -51.41 22.59 27.34
C CYS J 318 -52.04 23.90 27.81
N GLU J 319 -53.27 24.18 27.38
CA GLU J 319 -54.00 25.31 27.94
C GLU J 319 -54.13 25.16 29.45
N LYS J 320 -54.58 24.00 29.89
CA LYS J 320 -54.75 23.77 31.32
C LYS J 320 -53.41 23.77 32.03
N ALA J 321 -52.34 23.42 31.32
CA ALA J 321 -50.99 23.59 31.85
C ALA J 321 -50.73 25.04 32.18
N LEU J 322 -50.76 25.91 31.17
CA LEU J 322 -50.57 27.34 31.44
C LEU J 322 -51.53 27.83 32.51
N LYS J 323 -52.73 27.25 32.57
CA LYS J 323 -53.67 27.55 33.64
C LYS J 323 -53.03 27.33 35.01
N TYR J 324 -52.68 26.09 35.32
CA TYR J 324 -52.25 25.83 36.68
C TYR J 324 -50.91 25.11 36.76
N LEU J 325 -50.45 24.51 35.68
CA LEU J 325 -49.12 23.94 35.64
C LEU J 325 -48.14 25.01 35.21
N PRO J 326 -47.40 25.63 36.13
CA PRO J 326 -46.53 26.74 35.75
C PRO J 326 -45.53 26.32 34.68
N ILE J 327 -45.07 27.31 33.90
CA ILE J 327 -44.27 27.06 32.71
C ILE J 327 -42.94 26.40 33.06
N ASP J 328 -42.59 26.37 34.34
CA ASP J 328 -41.36 25.71 34.77
C ASP J 328 -41.43 24.20 34.58
N LYS J 329 -42.30 23.54 35.36
CA LYS J 329 -42.31 22.10 35.51
C LYS J 329 -43.06 21.39 34.40
N CYS J 330 -42.96 21.92 33.19
CA CYS J 330 -43.73 21.43 32.07
C CYS J 330 -42.86 21.47 30.82
N SER J 331 -43.01 20.45 30.00
CA SER J 331 -42.32 20.33 28.74
C SER J 331 -43.35 20.15 27.62
N ARG J 332 -43.13 20.87 26.53
CA ARG J 332 -44.05 20.84 25.41
C ARG J 332 -43.22 20.47 24.18
N ILE J 333 -43.72 19.50 23.43
CA ILE J 333 -42.90 18.77 22.47
C ILE J 333 -43.57 18.79 21.11
N ILE J 334 -42.79 19.08 20.06
CA ILE J 334 -43.30 19.13 18.69
C ILE J 334 -42.43 18.30 17.76
N PRO J 335 -43.04 17.54 16.84
CA PRO J 335 -42.26 16.81 15.83
C PRO J 335 -41.70 17.70 14.73
N ALA J 336 -41.31 17.09 13.63
CA ALA J 336 -40.77 17.83 12.49
C ALA J 336 -41.86 18.14 11.47
N CYS J 342 -46.49 22.18 16.18
CA CYS J 342 -47.60 22.83 16.84
C CYS J 342 -47.15 23.40 18.18
N PHE J 343 -47.67 22.84 19.27
CA PHE J 343 -47.45 23.41 20.58
C PHE J 343 -46.08 23.05 21.13
N ASP J 344 -45.25 24.09 21.31
CA ASP J 344 -44.01 23.95 22.07
C ASP J 344 -43.85 25.07 23.08
N LYS J 345 -44.92 25.50 23.73
CA LYS J 345 -44.93 26.57 24.71
C LYS J 345 -43.95 26.34 25.83
N PHE J 346 -43.72 25.09 26.19
CA PHE J 346 -42.70 24.75 27.17
C PHE J 346 -41.45 24.29 26.46
N LYS J 347 -40.54 23.64 27.18
CA LYS J 347 -39.29 23.20 26.59
C LYS J 347 -39.55 22.11 25.56
N VAL J 348 -39.01 22.29 24.36
CA VAL J 348 -39.08 21.30 23.31
C VAL J 348 -38.22 20.13 23.76
N ASN J 349 -38.86 18.98 23.97
CA ASN J 349 -38.16 17.72 24.26
C ASN J 349 -37.49 17.77 25.64
N SER J 350 -38.23 17.30 26.64
CA SER J 350 -37.67 17.04 27.95
C SER J 350 -38.66 16.18 28.72
N THR J 351 -38.51 14.86 28.63
CA THR J 351 -39.21 13.98 29.55
C THR J 351 -38.67 14.14 30.98
N LEU J 352 -37.47 14.68 31.12
CA LEU J 352 -36.94 15.08 32.42
C LEU J 352 -37.75 16.30 32.83
N GLU J 353 -38.96 16.05 33.31
CA GLU J 353 -39.90 17.13 33.54
C GLU J 353 -41.01 16.62 34.44
N GLN J 354 -41.39 17.46 35.39
CA GLN J 354 -42.53 17.19 36.25
C GLN J 354 -43.76 16.88 35.40
N TYR J 355 -43.95 17.63 34.33
CA TYR J 355 -45.08 17.43 33.43
C TYR J 355 -44.58 17.47 31.98
N VAL J 356 -45.12 16.58 31.14
CA VAL J 356 -44.64 16.38 29.78
C VAL J 356 -45.83 16.16 28.87
N PHE J 357 -46.06 17.07 27.93
CA PHE J 357 -47.31 17.09 27.18
C PHE J 357 -47.05 16.69 25.74
N CYS J 358 -47.87 15.79 25.20
CA CYS J 358 -47.50 15.19 23.93
C CYS J 358 -48.67 14.45 23.29
N THR J 359 -48.55 14.24 21.99
CA THR J 359 -49.30 13.26 21.24
C THR J 359 -48.50 11.97 21.13
N VAL J 360 -49.21 10.85 21.27
CA VAL J 360 -48.58 9.54 21.31
C VAL J 360 -47.53 9.36 20.21
N ASN J 361 -47.80 9.89 19.02
CA ASN J 361 -46.84 9.81 17.92
C ASN J 361 -45.57 10.59 18.20
N ALA J 362 -45.67 11.81 18.72
CA ALA J 362 -44.50 12.58 19.08
C ALA J 362 -43.85 12.10 20.36
N LEU J 363 -44.48 11.17 21.06
CA LEU J 363 -43.86 10.60 22.23
C LEU J 363 -42.99 9.41 21.83
N PRO J 364 -41.71 9.41 22.20
CA PRO J 364 -40.92 8.19 22.06
C PRO J 364 -41.03 7.32 23.30
N GLU J 365 -40.12 6.38 23.44
CA GLU J 365 -40.04 5.58 24.67
C GLU J 365 -39.76 6.48 25.86
N THR J 366 -40.32 6.13 27.02
CA THR J 366 -40.17 6.91 28.23
C THR J 366 -40.44 5.98 29.42
N THR J 367 -40.21 6.48 30.63
CA THR J 367 -40.63 5.80 31.85
C THR J 367 -40.59 6.76 33.03
N ALA J 368 -41.71 6.93 33.72
CA ALA J 368 -41.81 7.89 34.80
C ALA J 368 -42.78 7.41 35.87
N ASP J 369 -43.84 8.18 36.11
CA ASP J 369 -44.93 7.76 36.97
C ASP J 369 -46.26 7.65 36.24
N ILE J 370 -46.96 8.76 36.05
CA ILE J 370 -48.32 8.75 35.52
C ILE J 370 -48.37 9.50 34.21
N VAL J 371 -49.04 8.90 33.23
CA VAL J 371 -49.38 9.57 31.98
C VAL J 371 -50.88 9.40 31.75
N VAL J 372 -51.51 10.44 31.25
CA VAL J 372 -52.92 10.37 30.88
C VAL J 372 -52.98 9.87 29.46
N PHE J 373 -53.95 9.00 29.20
CA PHE J 373 -54.13 8.33 27.93
C PHE J 373 -55.59 8.49 27.55
N ASP J 374 -55.86 9.33 26.58
CA ASP J 374 -57.12 10.05 26.54
C ASP J 374 -57.92 9.70 25.29
N GLU J 375 -59.07 10.36 25.15
CA GLU J 375 -59.97 10.27 24.00
C GLU J 375 -60.09 8.82 23.49
N ILE J 376 -60.06 7.87 24.43
CA ILE J 376 -59.92 6.46 24.08
C ILE J 376 -60.94 6.00 23.05
N SER J 377 -62.05 6.73 22.91
CA SER J 377 -62.97 6.44 21.82
C SER J 377 -62.28 6.53 20.46
N MET J 378 -61.16 7.23 20.40
CA MET J 378 -60.31 7.22 19.23
C MET J 378 -59.05 6.39 19.39
N ALA J 379 -58.99 5.52 20.39
CA ALA J 379 -57.78 4.75 20.65
C ALA J 379 -57.84 3.38 19.98
N THR J 380 -56.65 2.86 19.64
CA THR J 380 -56.51 1.54 19.03
C THR J 380 -55.58 0.68 19.86
N ASN J 381 -55.87 -0.63 19.88
CA ASN J 381 -54.96 -1.55 20.54
C ASN J 381 -53.58 -1.50 19.93
N TYR J 382 -53.50 -1.13 18.65
CA TYR J 382 -52.22 -0.79 18.08
C TYR J 382 -51.50 0.23 18.95
N ASP J 383 -52.13 1.38 19.14
CA ASP J 383 -51.49 2.39 19.97
C ASP J 383 -51.57 2.01 21.44
N LEU J 384 -52.61 1.29 21.83
CA LEU J 384 -52.67 0.78 23.19
C LEU J 384 -51.44 -0.04 23.53
N SER J 385 -50.82 -0.63 22.53
CA SER J 385 -49.50 -1.24 22.70
C SER J 385 -48.39 -0.23 22.53
N VAL J 386 -48.49 0.66 21.54
CA VAL J 386 -47.44 1.64 21.29
C VAL J 386 -47.06 2.35 22.59
N VAL J 387 -48.04 2.60 23.44
CA VAL J 387 -47.77 3.27 24.71
C VAL J 387 -46.94 2.38 25.63
N ASN J 388 -47.46 1.22 26.00
CA ASN J 388 -46.68 0.27 26.77
C ASN J 388 -45.38 -0.03 26.06
N ALA J 389 -45.41 -0.02 24.73
CA ALA J 389 -44.21 -0.04 23.91
C ALA J 389 -43.48 1.28 23.92
N ARG J 390 -43.76 2.16 24.88
CA ARG J 390 -42.96 3.36 25.02
C ARG J 390 -42.87 3.82 26.47
N LEU J 391 -43.67 3.24 27.36
CA LEU J 391 -43.61 3.66 28.75
C LEU J 391 -43.63 2.46 29.69
N ARG J 392 -42.98 2.64 30.84
CA ARG J 392 -43.00 1.73 31.98
C ARG J 392 -43.25 2.53 33.26
N ALA J 393 -43.97 3.64 33.11
CA ALA J 393 -44.16 4.58 34.21
C ALA J 393 -45.05 3.97 35.30
N LYS J 394 -44.93 4.53 36.51
CA LYS J 394 -45.63 3.98 37.67
C LYS J 394 -47.13 4.02 37.51
N HIS J 395 -47.65 4.91 36.69
CA HIS J 395 -49.09 5.02 36.53
C HIS J 395 -49.46 5.42 35.11
N TYR J 396 -50.47 4.76 34.60
CA TYR J 396 -51.21 5.25 33.46
C TYR J 396 -52.58 5.64 33.93
N VAL J 397 -53.32 6.35 33.08
CA VAL J 397 -54.70 6.62 33.39
C VAL J 397 -55.44 6.71 32.07
N TYR J 398 -56.71 6.30 32.08
CA TYR J 398 -57.41 5.94 30.86
C TYR J 398 -58.70 6.75 30.82
N ILE J 399 -58.76 7.67 29.87
CA ILE J 399 -59.71 8.76 29.92
C ILE J 399 -60.59 8.72 28.69
N GLY J 400 -61.89 8.66 28.91
CA GLY J 400 -62.83 8.72 27.82
C GLY J 400 -63.83 7.59 27.87
N ASP J 401 -65.08 7.91 27.54
CA ASP J 401 -66.11 6.91 27.32
C ASP J 401 -65.93 6.40 25.92
N PRO J 402 -65.82 5.08 25.69
CA PRO J 402 -65.95 4.58 24.33
C PRO J 402 -67.09 5.26 23.60
N ALA J 403 -68.21 5.52 24.28
CA ALA J 403 -69.24 6.38 23.72
C ALA J 403 -68.77 7.81 23.57
N GLN J 404 -68.19 8.14 22.42
CA GLN J 404 -67.81 9.50 22.10
C GLN J 404 -67.65 9.64 20.60
N LEU J 405 -66.73 8.88 20.03
CA LEU J 405 -66.51 8.83 18.59
C LEU J 405 -65.73 7.56 18.30
N PRO J 406 -65.46 7.26 17.04
CA PRO J 406 -64.48 6.21 16.76
C PRO J 406 -63.13 6.82 16.48
N ALA J 407 -62.06 6.07 16.63
CA ALA J 407 -60.94 6.34 15.78
C ALA J 407 -61.41 6.12 14.34
N PRO J 408 -61.04 6.98 13.44
CA PRO J 408 -61.62 6.91 12.10
C PRO J 408 -61.27 5.62 11.39
N ARG J 409 -62.04 4.57 11.67
CA ARG J 409 -61.90 3.31 10.95
C ARG J 409 -62.28 3.55 9.50
N THR J 410 -61.26 3.83 8.68
CA THR J 410 -61.52 4.19 7.30
C THR J 410 -61.71 2.97 6.41
N LEU J 411 -61.25 1.79 6.84
CA LEU J 411 -61.53 0.58 6.08
C LEU J 411 -62.66 -0.24 6.67
N LEU J 412 -63.08 0.04 7.89
CA LEU J 412 -64.28 -0.57 8.42
C LEU J 412 -65.45 -0.12 7.57
N THR J 413 -65.78 -0.91 6.55
CA THR J 413 -66.73 -0.49 5.52
C THR J 413 -68.15 -0.94 5.80
N LYS J 414 -68.54 -2.11 5.31
CA LYS J 414 -69.88 -2.61 5.55
C LYS J 414 -70.01 -3.07 6.99
N GLY J 415 -71.06 -2.58 7.65
CA GLY J 415 -71.18 -2.74 9.09
C GLY J 415 -70.51 -1.59 9.81
N THR J 416 -70.65 -1.60 11.13
CA THR J 416 -70.08 -0.57 11.97
C THR J 416 -69.06 -1.19 12.91
N LEU J 417 -69.06 -0.71 14.14
CA LEU J 417 -68.34 -1.38 15.23
C LEU J 417 -68.90 -0.92 16.57
N GLU J 418 -68.89 -1.83 17.53
CA GLU J 418 -69.25 -1.43 18.87
C GLU J 418 -68.09 -0.71 19.53
N PRO J 419 -68.37 0.43 20.17
CA PRO J 419 -67.29 1.26 20.71
C PRO J 419 -66.31 0.48 21.58
N GLU J 420 -66.81 -0.48 22.34
CA GLU J 420 -65.93 -1.45 22.99
C GLU J 420 -64.89 -1.99 22.03
N TYR J 421 -65.32 -2.56 20.93
CA TYR J 421 -64.42 -3.13 19.96
C TYR J 421 -63.50 -2.10 19.31
N PHE J 422 -63.64 -0.82 19.65
CA PHE J 422 -62.74 0.16 19.05
C PHE J 422 -61.31 -0.07 19.50
N ASN J 423 -61.14 -0.59 20.72
CA ASN J 423 -59.95 -1.37 21.07
C ASN J 423 -60.18 -2.00 22.44
N SER J 424 -59.21 -2.79 22.90
CA SER J 424 -59.37 -3.60 24.10
C SER J 424 -59.63 -2.76 25.33
N VAL J 425 -59.04 -1.56 25.42
CA VAL J 425 -59.46 -0.70 26.51
C VAL J 425 -60.93 -0.37 26.36
N CYS J 426 -61.31 0.25 25.24
CA CYS J 426 -62.72 0.39 24.91
C CYS J 426 -63.46 -0.91 25.08
N ARG J 427 -62.90 -2.02 24.59
CA ARG J 427 -63.49 -3.32 24.88
C ARG J 427 -63.62 -3.52 26.39
N LEU J 428 -62.51 -3.43 27.12
CA LEU J 428 -62.63 -3.62 28.57
C LEU J 428 -63.35 -2.47 29.23
N MET J 429 -63.28 -1.26 28.67
CA MET J 429 -64.05 -0.16 29.24
C MET J 429 -65.53 -0.34 29.04
N LYS J 430 -65.94 -1.26 28.17
CA LYS J 430 -67.33 -1.70 28.16
C LYS J 430 -67.53 -3.01 28.89
N THR J 431 -66.46 -3.57 29.45
CA THR J 431 -66.58 -4.63 30.41
C THR J 431 -66.59 -4.03 31.80
N ILE J 432 -65.55 -3.24 32.11
CA ILE J 432 -65.40 -2.71 33.46
C ILE J 432 -65.92 -1.29 33.62
N GLY J 433 -66.39 -0.66 32.56
CA GLY J 433 -66.85 0.71 32.64
C GLY J 433 -65.76 1.61 33.18
N PRO J 434 -66.15 2.66 33.89
CA PRO J 434 -65.18 3.53 34.54
C PRO J 434 -64.71 2.96 35.86
N ASP J 435 -63.45 3.23 36.18
CA ASP J 435 -63.05 3.26 37.58
C ASP J 435 -63.36 4.60 38.21
N MET J 436 -63.16 5.70 37.49
CA MET J 436 -63.49 7.05 37.95
C MET J 436 -64.13 7.83 36.79
N PHE J 437 -64.60 9.05 37.06
CA PHE J 437 -65.58 9.65 36.16
C PHE J 437 -65.66 11.17 36.32
N LEU J 438 -66.01 11.88 35.23
CA LEU J 438 -66.06 13.35 35.21
C LEU J 438 -67.45 13.87 34.84
N GLY J 439 -68.48 13.39 35.53
CA GLY J 439 -69.84 13.86 35.29
C GLY J 439 -70.02 15.36 35.43
N THR J 440 -68.97 16.05 35.86
CA THR J 440 -69.04 17.48 36.11
C THR J 440 -69.09 18.29 34.82
N CYS J 441 -70.30 18.52 34.33
CA CYS J 441 -70.53 19.10 33.01
C CYS J 441 -70.06 20.56 32.99
N ARG J 442 -68.81 20.78 33.38
CA ARG J 442 -68.22 22.11 33.50
C ARG J 442 -68.33 22.93 32.23
N ARG J 443 -69.38 22.77 31.43
CA ARG J 443 -69.40 23.42 30.12
C ARG J 443 -70.82 23.82 29.75
N CYS J 444 -71.72 22.84 29.66
CA CYS J 444 -73.07 23.09 29.20
C CYS J 444 -74.00 23.48 30.34
N PRO J 445 -74.98 24.32 30.05
CA PRO J 445 -76.09 24.52 30.98
C PRO J 445 -76.93 23.27 31.07
N ALA J 446 -78.09 23.36 31.75
CA ALA J 446 -78.91 22.15 31.91
C ALA J 446 -79.67 21.81 30.64
N GLU J 447 -79.96 22.80 29.78
CA GLU J 447 -80.66 22.59 28.51
C GLU J 447 -80.15 21.36 27.79
N ILE J 448 -78.91 21.44 27.30
CA ILE J 448 -78.26 20.29 26.70
C ILE J 448 -78.15 19.15 27.71
N VAL J 449 -77.52 19.41 28.87
CA VAL J 449 -77.06 18.36 29.77
C VAL J 449 -78.15 17.35 30.08
N ASP J 450 -79.29 17.80 30.58
CA ASP J 450 -80.31 16.84 31.03
C ASP J 450 -80.76 15.94 29.88
N THR J 451 -81.04 16.53 28.72
CA THR J 451 -81.59 15.74 27.62
C THR J 451 -80.54 14.83 26.99
N VAL J 452 -79.36 15.38 26.71
CA VAL J 452 -78.28 14.58 26.13
C VAL J 452 -77.71 13.61 27.13
N SER J 453 -78.08 13.74 28.40
CA SER J 453 -77.78 12.70 29.36
C SER J 453 -78.85 11.62 29.33
N ALA J 454 -80.11 12.03 29.18
CA ALA J 454 -81.16 11.07 28.87
C ALA J 454 -80.82 10.26 27.63
N LEU J 455 -80.04 10.83 26.71
CA LEU J 455 -79.67 10.15 25.48
C LEU J 455 -79.01 8.79 25.74
N VAL J 456 -77.77 8.80 26.21
CA VAL J 456 -76.98 7.59 26.30
C VAL J 456 -76.23 7.47 27.62
N TYR J 457 -75.67 8.55 28.14
CA TYR J 457 -75.20 8.52 29.50
C TYR J 457 -76.30 8.08 30.47
N ASP J 458 -77.57 8.09 30.02
CA ASP J 458 -78.73 7.74 30.85
C ASP J 458 -78.87 8.66 32.05
N ASN J 459 -78.75 9.96 31.81
CA ASN J 459 -78.96 11.01 32.79
C ASN J 459 -77.87 11.05 33.86
N LYS J 460 -76.78 10.31 33.68
CA LYS J 460 -75.71 10.34 34.67
C LYS J 460 -75.01 11.68 34.73
N LEU J 461 -75.37 12.60 33.85
CA LEU J 461 -74.91 13.98 33.97
C LEU J 461 -75.92 14.76 34.80
N LYS J 462 -75.55 15.06 36.05
CA LYS J 462 -76.27 16.02 36.84
C LYS J 462 -76.57 17.25 36.00
N ALA J 463 -77.79 17.79 36.13
CA ALA J 463 -78.06 19.06 35.49
C ALA J 463 -77.03 20.04 36.05
N HIS J 464 -75.99 20.32 35.28
CA HIS J 464 -74.77 20.86 35.84
C HIS J 464 -74.96 22.22 36.49
N LYS J 465 -75.21 23.23 35.68
CA LYS J 465 -75.30 24.59 36.20
C LYS J 465 -76.75 25.04 36.25
N ASP J 466 -77.20 25.64 35.16
CA ASP J 466 -78.50 26.30 35.07
C ASP J 466 -79.10 26.11 33.69
N LYS J 467 -80.25 26.74 33.47
CA LYS J 467 -81.02 26.52 32.25
C LYS J 467 -80.77 27.64 31.24
N SER J 468 -79.92 27.40 30.24
CA SER J 468 -79.78 28.38 29.16
C SER J 468 -80.94 28.30 28.18
N ALA J 469 -81.25 27.10 27.69
CA ALA J 469 -82.39 26.83 26.81
C ALA J 469 -82.22 27.35 25.39
N GLN J 470 -81.23 28.24 25.14
CA GLN J 470 -81.10 28.89 23.84
C GLN J 470 -80.59 27.95 22.76
N CYS J 471 -80.93 26.67 22.84
CA CYS J 471 -80.74 25.68 21.79
C CYS J 471 -82.05 25.53 21.04
N PHE J 472 -82.00 25.54 19.70
CA PHE J 472 -83.22 25.40 18.92
C PHE J 472 -83.16 24.17 18.03
N LYS J 473 -83.98 23.17 18.34
CA LYS J 473 -84.22 22.06 17.43
C LYS J 473 -85.28 22.49 16.43
N MET J 474 -84.83 23.06 15.31
N MET J 474 -84.84 23.01 15.28
CA MET J 474 -85.73 23.53 14.27
CA MET J 474 -85.73 23.55 14.26
C MET J 474 -86.10 22.34 13.40
C MET J 474 -86.10 22.45 13.29
N PHE J 475 -87.40 22.14 13.19
CA PHE J 475 -87.87 21.06 12.35
C PHE J 475 -87.49 21.35 10.92
N TYR J 476 -86.54 20.59 10.39
CA TYR J 476 -86.27 20.65 8.96
C TYR J 476 -86.65 19.33 8.34
N LYS J 477 -86.81 19.39 7.03
CA LYS J 477 -87.12 18.26 6.18
C LYS J 477 -85.83 17.64 5.66
N GLY J 478 -85.16 18.37 4.78
CA GLY J 478 -83.82 18.02 4.37
C GLY J 478 -83.55 18.16 2.88
N VAL J 479 -83.15 19.34 2.44
CA VAL J 479 -82.69 19.53 1.06
C VAL J 479 -81.17 19.61 1.17
N ILE J 480 -80.53 18.44 1.13
CA ILE J 480 -79.10 18.33 1.36
C ILE J 480 -78.50 17.74 0.09
N THR J 481 -77.29 18.19 -0.25
CA THR J 481 -76.67 17.70 -1.46
C THR J 481 -75.22 17.36 -1.20
N HIS J 482 -74.68 16.47 -2.03
CA HIS J 482 -73.27 16.14 -2.04
C HIS J 482 -72.88 15.89 -3.49
N ASP J 483 -72.13 16.82 -4.06
CA ASP J 483 -71.86 16.78 -5.49
C ASP J 483 -70.87 15.66 -5.86
N VAL J 484 -69.58 15.90 -5.69
CA VAL J 484 -68.58 14.89 -6.01
C VAL J 484 -68.06 14.23 -4.74
N SER J 485 -67.76 15.04 -3.72
CA SER J 485 -67.42 14.56 -2.39
C SER J 485 -67.58 15.73 -1.44
N SER J 486 -68.26 16.77 -1.91
CA SER J 486 -68.41 18.02 -1.17
C SER J 486 -69.87 18.20 -0.75
N ALA J 487 -70.09 18.28 0.56
CA ALA J 487 -71.42 18.55 1.09
C ALA J 487 -71.83 19.98 0.78
N ILE J 488 -73.07 20.14 0.35
CA ILE J 488 -73.70 21.43 0.10
C ILE J 488 -75.20 21.22 0.28
N ASN J 489 -75.90 22.18 0.85
CA ASN J 489 -77.35 22.03 1.01
C ASN J 489 -78.05 23.38 0.95
N ARG J 490 -78.23 23.85 -0.29
CA ARG J 490 -78.71 25.20 -0.53
C ARG J 490 -79.93 25.59 0.29
N PRO J 491 -81.02 24.82 0.36
CA PRO J 491 -82.12 25.24 1.25
C PRO J 491 -81.84 25.03 2.73
N GLN J 492 -81.03 24.06 3.13
CA GLN J 492 -80.61 24.14 4.53
C GLN J 492 -79.49 25.15 4.72
N ILE J 493 -78.67 25.40 3.70
CA ILE J 493 -77.79 26.58 3.74
C ILE J 493 -78.61 27.83 4.10
N GLY J 494 -79.70 28.05 3.35
CA GLY J 494 -80.47 29.27 3.51
C GLY J 494 -81.46 29.23 4.66
N VAL J 495 -81.77 28.05 5.19
CA VAL J 495 -82.63 27.99 6.36
C VAL J 495 -81.82 28.18 7.64
N VAL J 496 -80.61 27.61 7.71
CA VAL J 496 -79.77 28.03 8.81
C VAL J 496 -79.49 29.53 8.67
N ARG J 497 -79.28 30.00 7.45
CA ARG J 497 -79.21 31.44 7.19
C ARG J 497 -80.38 32.19 7.81
N GLU J 498 -81.58 32.00 7.26
CA GLU J 498 -82.69 32.86 7.68
C GLU J 498 -83.10 32.59 9.11
N PHE J 499 -83.01 31.33 9.57
CA PHE J 499 -83.25 31.03 10.96
C PHE J 499 -82.26 31.77 11.85
N LEU J 500 -81.10 32.18 11.32
CA LEU J 500 -80.37 33.24 11.99
C LEU J 500 -81.01 34.59 11.75
N THR J 501 -81.53 34.83 10.55
CA THR J 501 -81.95 36.18 10.18
C THR J 501 -83.07 36.74 11.03
N ARG J 502 -84.19 36.03 11.17
CA ARG J 502 -85.30 36.60 11.94
C ARG J 502 -84.91 36.81 13.41
N ASN J 503 -83.63 36.61 13.74
CA ASN J 503 -83.00 37.20 14.94
C ASN J 503 -81.57 37.57 14.56
N PRO J 504 -81.35 38.75 13.99
CA PRO J 504 -80.06 39.06 13.36
C PRO J 504 -78.87 39.02 14.28
N ALA J 505 -78.97 39.61 15.48
CA ALA J 505 -77.81 39.90 16.33
C ALA J 505 -77.02 38.66 16.69
N TRP J 506 -77.48 37.46 16.36
CA TRP J 506 -76.72 36.24 16.53
C TRP J 506 -75.43 36.24 15.72
N ARG J 507 -75.10 37.35 15.07
CA ARG J 507 -73.95 37.48 14.18
C ARG J 507 -72.65 37.34 14.96
N LYS J 508 -72.32 36.10 15.30
CA LYS J 508 -71.20 35.80 16.18
C LYS J 508 -70.76 34.34 16.03
N ALA J 509 -71.72 33.47 15.75
CA ALA J 509 -71.50 32.03 15.84
C ALA J 509 -70.69 31.52 14.66
N VAL J 510 -69.88 30.49 14.91
CA VAL J 510 -69.28 29.73 13.83
C VAL J 510 -70.31 28.71 13.33
N PHE J 511 -70.24 28.40 12.05
CA PHE J 511 -71.07 27.35 11.48
C PHE J 511 -70.34 26.01 11.62
N ILE J 512 -71.05 24.98 12.04
CA ILE J 512 -70.49 23.65 12.29
C ILE J 512 -71.21 22.63 11.44
N SER J 513 -70.44 21.75 10.82
CA SER J 513 -71.03 20.81 9.89
C SER J 513 -70.37 19.44 9.95
N PRO J 514 -71.13 18.38 9.69
CA PRO J 514 -70.51 17.05 9.57
C PRO J 514 -69.44 17.04 8.51
N TYR J 515 -69.71 17.73 7.40
CA TYR J 515 -68.70 18.00 6.39
C TYR J 515 -68.48 19.50 6.34
N ASN J 516 -67.26 19.94 6.63
CA ASN J 516 -66.94 21.34 6.38
C ASN J 516 -66.99 21.70 4.92
N SER J 517 -67.48 20.81 4.05
CA SER J 517 -67.97 21.24 2.77
C SER J 517 -69.36 21.83 2.84
N GLN J 518 -70.26 21.19 3.59
CA GLN J 518 -71.54 21.83 3.88
C GLN J 518 -71.32 23.14 4.61
N ASN J 519 -70.47 23.12 5.64
CA ASN J 519 -70.00 24.33 6.28
C ASN J 519 -69.24 25.24 5.34
N ALA J 520 -68.59 24.68 4.33
CA ALA J 520 -67.85 25.50 3.38
C ALA J 520 -68.79 26.36 2.55
N VAL J 521 -69.74 25.72 1.86
CA VAL J 521 -70.67 26.50 1.06
C VAL J 521 -71.59 27.32 1.96
N ALA J 522 -71.75 26.92 3.22
CA ALA J 522 -72.47 27.76 4.18
C ALA J 522 -71.72 29.06 4.42
N SER J 523 -70.48 28.96 4.89
CA SER J 523 -69.60 30.12 4.98
C SER J 523 -69.49 30.83 3.64
N LYS J 524 -69.90 30.17 2.55
CA LYS J 524 -70.00 30.82 1.26
C LYS J 524 -71.35 31.52 1.09
N ILE J 525 -72.34 31.22 1.91
CA ILE J 525 -73.62 31.93 1.89
C ILE J 525 -73.95 32.57 3.25
N LEU J 526 -73.30 32.11 4.32
CA LEU J 526 -73.60 32.61 5.66
C LEU J 526 -72.84 33.89 5.99
N GLY J 527 -71.53 33.88 5.79
CA GLY J 527 -70.66 34.84 6.42
C GLY J 527 -70.14 34.38 7.76
N LEU J 528 -70.45 33.16 8.15
CA LEU J 528 -70.04 32.67 9.45
C LEU J 528 -68.83 31.74 9.32
N PRO J 529 -67.99 31.66 10.36
CA PRO J 529 -66.80 30.80 10.29
C PRO J 529 -67.12 29.32 10.18
N THR J 530 -66.10 28.48 10.06
CA THR J 530 -66.28 27.06 9.82
C THR J 530 -65.71 26.22 10.96
N GLN J 531 -66.37 25.10 11.24
CA GLN J 531 -65.93 24.09 12.18
C GLN J 531 -66.54 22.75 11.77
N THR J 532 -65.74 21.69 11.82
CA THR J 532 -66.31 20.37 11.69
C THR J 532 -67.04 20.00 12.96
N VAL J 533 -68.14 19.27 12.82
CA VAL J 533 -68.68 18.56 13.97
C VAL J 533 -67.58 17.75 14.62
N ASP J 534 -66.61 17.31 13.83
CA ASP J 534 -65.47 16.53 14.29
C ASP J 534 -64.50 17.42 15.04
N SER J 535 -64.04 18.49 14.39
CA SER J 535 -63.10 19.40 15.02
C SER J 535 -63.78 20.10 16.18
N SER J 536 -63.90 19.39 17.31
CA SER J 536 -64.88 19.74 18.33
C SER J 536 -64.33 19.87 19.74
N GLN J 537 -63.83 18.79 20.35
CA GLN J 537 -63.49 18.83 21.76
C GLN J 537 -62.43 19.89 22.04
N GLY J 538 -62.55 20.55 23.18
CA GLY J 538 -61.75 21.71 23.49
C GLY J 538 -62.45 22.95 22.95
N SER J 539 -62.70 22.93 21.65
CA SER J 539 -63.44 24.01 21.01
C SER J 539 -64.88 24.04 21.50
N GLU J 540 -65.43 25.24 21.63
CA GLU J 540 -66.79 25.44 22.08
C GLU J 540 -67.10 26.94 22.07
N TYR J 541 -68.12 27.31 21.29
CA TYR J 541 -68.51 28.71 21.21
C TYR J 541 -69.79 28.91 22.01
N ASP J 542 -70.00 30.15 22.43
CA ASP J 542 -71.17 30.48 23.24
C ASP J 542 -72.47 30.15 22.51
N TYR J 543 -72.67 30.72 21.33
CA TYR J 543 -73.74 30.31 20.44
C TYR J 543 -73.11 29.55 19.28
N VAL J 544 -73.50 28.28 19.14
CA VAL J 544 -72.95 27.38 18.14
C VAL J 544 -74.11 26.86 17.32
N ILE J 545 -73.96 26.86 16.00
CA ILE J 545 -75.02 26.35 15.14
C ILE J 545 -74.57 25.06 14.50
N PHE J 546 -75.48 24.11 14.37
CA PHE J 546 -75.21 22.90 13.60
C PHE J 546 -76.43 22.52 12.79
N THR J 547 -76.19 22.01 11.60
CA THR J 547 -77.23 21.60 10.68
C THR J 547 -77.20 20.09 10.56
N GLN J 548 -78.28 19.43 10.94
CA GLN J 548 -78.30 17.98 10.81
C GLN J 548 -78.03 17.51 9.40
N THR J 549 -78.18 18.40 8.40
CA THR J 549 -77.64 18.19 7.07
C THR J 549 -78.15 16.85 6.54
N THR J 550 -77.24 15.97 6.14
CA THR J 550 -77.62 14.65 5.65
C THR J 550 -77.85 13.74 6.85
N GLU J 551 -78.92 12.95 6.78
CA GLU J 551 -79.29 12.07 7.86
C GLU J 551 -78.37 10.85 7.96
N THR J 552 -77.06 11.05 7.87
CA THR J 552 -76.11 9.96 7.88
C THR J 552 -75.57 9.72 9.29
N ALA J 553 -74.93 8.55 9.45
CA ALA J 553 -74.28 8.24 10.72
C ALA J 553 -73.17 9.24 11.02
N HIS J 554 -72.51 9.74 9.99
CA HIS J 554 -71.60 10.86 10.19
C HIS J 554 -72.33 12.17 10.43
N SER J 555 -73.49 12.14 11.07
CA SER J 555 -74.21 13.36 11.37
C SER J 555 -75.26 13.19 12.47
N CYS J 556 -75.82 12.00 12.63
CA CYS J 556 -77.03 11.85 13.42
C CYS J 556 -76.93 10.83 14.55
N ASN J 557 -75.74 10.38 14.92
CA ASN J 557 -75.68 9.33 15.91
C ASN J 557 -75.91 9.88 17.31
N VAL J 558 -75.50 9.08 18.29
CA VAL J 558 -75.48 9.56 19.66
C VAL J 558 -74.14 10.24 19.97
N ASN J 559 -73.04 9.58 19.64
CA ASN J 559 -71.75 10.01 20.19
C ASN J 559 -71.12 11.12 19.37
N ARG J 560 -71.30 11.09 18.04
CA ARG J 560 -70.73 12.14 17.21
C ARG J 560 -71.21 13.51 17.68
N PHE J 561 -72.50 13.78 17.55
CA PHE J 561 -72.99 15.05 18.09
C PHE J 561 -73.18 14.99 19.61
N ASN J 562 -72.72 13.93 20.27
CA ASN J 562 -72.67 13.93 21.72
C ASN J 562 -71.44 14.68 22.22
N VAL J 563 -70.27 14.30 21.70
CA VAL J 563 -69.08 15.09 21.98
C VAL J 563 -69.12 16.42 21.24
N ALA J 564 -69.92 16.52 20.18
CA ALA J 564 -70.15 17.85 19.61
C ALA J 564 -71.39 18.51 20.21
N ILE J 565 -72.00 17.90 21.22
CA ILE J 565 -73.16 18.51 21.86
C ILE J 565 -72.84 19.00 23.28
N THR J 566 -71.80 18.46 23.91
CA THR J 566 -71.34 19.02 25.17
C THR J 566 -70.41 20.21 24.96
N ARG J 567 -70.12 20.57 23.71
CA ARG J 567 -69.42 21.81 23.42
C ARG J 567 -70.34 23.01 23.46
N ALA J 568 -71.54 22.87 24.03
CA ALA J 568 -72.50 23.95 24.09
C ALA J 568 -72.38 24.66 25.43
N LYS J 569 -71.41 25.58 25.53
CA LYS J 569 -71.18 26.28 26.78
C LYS J 569 -72.39 27.06 27.24
N VAL J 570 -73.18 27.61 26.31
CA VAL J 570 -74.42 28.28 26.67
C VAL J 570 -75.51 27.86 25.72
N GLY J 571 -75.25 27.94 24.41
CA GLY J 571 -76.34 27.78 23.47
C GLY J 571 -76.02 27.18 22.12
N ILE J 572 -76.95 26.41 21.59
CA ILE J 572 -76.81 25.82 20.27
C ILE J 572 -78.07 26.06 19.47
N LEU J 573 -77.91 26.03 18.17
CA LEU J 573 -78.97 25.95 17.19
C LEU J 573 -78.71 24.63 16.47
N CYS J 574 -79.76 24.00 15.98
CA CYS J 574 -79.64 22.79 15.19
C CYS J 574 -80.85 22.71 14.27
N ILE J 575 -80.56 22.71 12.97
CA ILE J 575 -81.61 22.63 11.95
C ILE J 575 -81.70 21.19 11.48
N MET J 576 -82.71 20.48 11.98
CA MET J 576 -82.75 19.03 11.91
C MET J 576 -83.55 18.58 10.70
N SER J 577 -82.85 18.15 9.66
CA SER J 577 -83.51 17.26 8.73
C SER J 577 -83.91 15.96 9.40
N ASP J 578 -83.34 15.66 10.56
CA ASP J 578 -83.50 14.43 11.29
C ASP J 578 -84.58 14.59 12.35
N ARG J 579 -85.21 13.46 12.71
CA ARG J 579 -86.44 13.44 13.49
C ARG J 579 -86.34 12.79 14.86
N ASP J 580 -85.64 11.66 15.00
CA ASP J 580 -85.54 10.99 16.29
C ASP J 580 -85.16 11.95 17.40
N LEU J 581 -83.91 12.42 17.40
CA LEU J 581 -83.42 13.33 18.42
C LEU J 581 -84.25 14.59 18.50
N TYR J 582 -84.78 15.05 17.36
CA TYR J 582 -85.88 15.99 17.39
C TYR J 582 -87.04 15.43 18.21
N ASP J 583 -87.51 14.23 17.85
CA ASP J 583 -88.68 13.67 18.51
C ASP J 583 -88.33 12.99 19.83
N LYS J 584 -87.03 12.89 20.16
CA LYS J 584 -86.65 12.40 21.47
C LYS J 584 -86.03 13.50 22.33
N LEU J 585 -84.88 14.03 21.92
CA LEU J 585 -84.17 15.01 22.74
C LEU J 585 -85.01 16.27 22.87
N GLN J 586 -84.83 16.98 23.97
CA GLN J 586 -85.77 17.97 24.43
C GLN J 586 -85.18 19.37 24.55
N PHE J 587 -84.54 19.85 23.51
CA PHE J 587 -84.27 21.28 23.40
C PHE J 587 -85.58 22.04 23.25
N THR J 588 -85.45 23.33 22.97
CA THR J 588 -86.60 24.12 22.56
C THR J 588 -86.96 23.75 21.12
N SER J 589 -88.21 23.35 20.93
CA SER J 589 -88.72 22.95 19.62
C SER J 589 -89.09 24.17 18.80
N LEU J 590 -88.51 24.24 17.60
CA LEU J 590 -88.71 25.41 16.76
C LEU J 590 -89.03 24.99 15.33
N GLU J 591 -89.39 25.99 14.52
CA GLU J 591 -90.22 25.81 13.33
C GLU J 591 -89.46 25.55 12.04
N ILE J 592 -89.80 26.32 11.01
CA ILE J 592 -89.13 26.31 9.71
C ILE J 592 -89.54 27.56 8.94
N PRO J 593 -88.71 28.63 8.96
CA PRO J 593 -88.87 29.66 7.95
C PRO J 593 -88.69 29.08 6.54
N ALA K 1 -9.20 -30.19 37.05
CA ALA K 1 -8.16 -30.72 37.91
C ALA K 1 -8.44 -32.20 38.23
N VAL K 2 -7.60 -32.81 39.08
CA VAL K 2 -7.74 -34.20 39.48
C VAL K 2 -7.62 -34.26 41.00
N GLY K 3 -7.79 -35.45 41.55
CA GLY K 3 -7.77 -35.59 43.00
C GLY K 3 -8.04 -37.01 43.40
N ALA K 4 -8.66 -37.16 44.57
CA ALA K 4 -9.07 -38.47 45.05
C ALA K 4 -10.57 -38.49 45.31
N CYS K 5 -11.15 -39.69 45.32
CA CYS K 5 -12.58 -39.80 45.55
C CYS K 5 -12.88 -39.35 46.98
N VAL K 6 -13.55 -38.21 47.10
CA VAL K 6 -13.84 -37.62 48.40
C VAL K 6 -14.40 -38.65 49.36
N LEU K 7 -15.11 -39.64 48.83
CA LEU K 7 -15.52 -40.75 49.67
C LEU K 7 -14.64 -41.99 49.45
N CYS K 8 -14.71 -42.58 48.27
CA CYS K 8 -14.02 -43.83 48.02
C CYS K 8 -12.51 -43.61 47.83
N ASN K 9 -12.02 -42.41 48.10
CA ASN K 9 -10.58 -42.14 48.14
C ASN K 9 -9.93 -42.34 46.78
N SER K 10 -10.59 -43.08 45.91
CA SER K 10 -10.03 -43.43 44.62
C SER K 10 -9.68 -42.13 43.90
N GLN K 11 -8.49 -42.10 43.33
CA GLN K 11 -8.08 -40.94 42.57
C GLN K 11 -8.89 -40.93 41.28
N THR K 12 -9.38 -39.76 40.88
CA THR K 12 -10.49 -39.75 39.95
C THR K 12 -10.40 -38.51 39.09
N SER K 13 -11.51 -38.13 38.49
CA SER K 13 -11.53 -36.94 37.66
C SER K 13 -12.95 -36.50 37.36
N LEU K 14 -13.82 -36.57 38.36
CA LEU K 14 -15.22 -36.26 38.18
C LEU K 14 -15.65 -35.26 39.23
N ARG K 15 -16.79 -34.61 38.97
CA ARG K 15 -17.38 -33.73 39.96
C ARG K 15 -18.88 -33.69 39.73
N CYS K 16 -19.62 -34.27 40.67
CA CYS K 16 -21.05 -34.41 40.51
C CYS K 16 -21.70 -33.04 40.48
N GLY K 17 -21.57 -32.36 39.34
CA GLY K 17 -22.02 -30.98 39.23
C GLY K 17 -23.39 -30.73 39.81
N ALA K 18 -24.26 -31.74 39.80
CA ALA K 18 -25.56 -31.61 40.44
C ALA K 18 -25.40 -31.23 41.91
N CYS K 19 -24.30 -31.61 42.52
CA CYS K 19 -24.05 -31.21 43.90
C CYS K 19 -23.81 -29.71 43.97
N ILE K 20 -23.78 -29.19 45.21
CA ILE K 20 -23.38 -27.81 45.43
C ILE K 20 -21.90 -27.71 45.74
N ARG K 21 -21.29 -28.82 46.13
CA ARG K 21 -19.88 -28.85 46.44
C ARG K 21 -19.04 -29.38 45.29
N ARG K 22 -19.63 -30.12 44.38
CA ARG K 22 -18.94 -30.78 43.27
C ARG K 22 -17.61 -31.36 43.72
N PRO K 23 -17.61 -32.47 44.42
CA PRO K 23 -16.36 -33.05 44.88
C PRO K 23 -15.82 -34.10 43.93
N PHE K 24 -14.65 -34.66 44.23
CA PHE K 24 -14.02 -35.67 43.39
C PHE K 24 -14.50 -37.05 43.75
N LEU K 25 -15.09 -37.72 42.77
CA LEU K 25 -15.77 -38.99 42.98
C LEU K 25 -15.08 -40.04 42.13
N CYS K 26 -14.90 -41.23 42.67
CA CYS K 26 -14.38 -42.26 41.80
C CYS K 26 -15.42 -42.58 40.73
N CYS K 27 -15.01 -43.36 39.74
CA CYS K 27 -15.97 -43.77 38.72
C CYS K 27 -17.10 -44.58 39.34
N LYS K 28 -16.75 -45.57 40.17
CA LYS K 28 -17.77 -46.42 40.78
C LYS K 28 -18.68 -45.62 41.70
N CYS K 29 -18.08 -44.87 42.63
CA CYS K 29 -18.85 -44.07 43.59
C CYS K 29 -19.72 -43.06 42.86
N CYS K 30 -19.18 -42.43 41.82
CA CYS K 30 -20.02 -41.54 41.00
C CYS K 30 -21.18 -42.30 40.41
N TYR K 31 -20.92 -43.50 39.91
CA TYR K 31 -22.00 -44.30 39.36
C TYR K 31 -23.08 -44.50 40.41
N ASP K 32 -22.68 -44.85 41.62
CA ASP K 32 -23.65 -45.13 42.64
C ASP K 32 -24.47 -43.90 42.98
N HIS K 33 -23.81 -42.75 43.13
CA HIS K 33 -24.53 -41.50 43.32
C HIS K 33 -25.56 -41.28 42.23
N VAL K 34 -25.11 -41.18 40.98
CA VAL K 34 -26.01 -40.87 39.88
C VAL K 34 -27.09 -41.90 39.70
N ILE K 35 -26.94 -43.08 40.29
CA ILE K 35 -28.05 -44.02 40.27
C ILE K 35 -28.95 -43.85 41.47
N SER K 36 -28.40 -43.40 42.60
CA SER K 36 -29.11 -43.36 43.86
C SER K 36 -30.03 -42.15 43.95
N THR K 37 -29.50 -40.98 44.30
CA THR K 37 -30.34 -39.86 44.65
C THR K 37 -30.86 -39.13 43.44
N SER K 38 -31.00 -37.82 43.59
CA SER K 38 -31.47 -36.96 42.51
C SER K 38 -30.34 -36.34 41.72
N HIS K 39 -29.13 -36.34 42.28
CA HIS K 39 -28.03 -35.66 41.62
C HIS K 39 -27.69 -36.34 40.32
N LYS K 40 -27.98 -35.65 39.23
CA LYS K 40 -27.74 -36.16 37.89
C LYS K 40 -27.08 -35.09 37.04
N LEU K 41 -25.84 -34.75 37.36
CA LEU K 41 -25.05 -33.85 36.51
C LEU K 41 -23.59 -34.19 36.74
N VAL K 42 -22.88 -34.52 35.67
CA VAL K 42 -21.53 -35.06 35.77
C VAL K 42 -20.58 -34.22 34.93
N LEU K 43 -19.48 -33.78 35.53
CA LEU K 43 -18.51 -32.93 34.88
C LEU K 43 -17.14 -33.58 34.89
N SER K 44 -16.45 -33.47 33.77
CA SER K 44 -15.04 -33.78 33.71
C SER K 44 -14.37 -32.69 32.93
N VAL K 45 -13.36 -33.02 32.14
CA VAL K 45 -12.61 -31.97 31.46
C VAL K 45 -13.48 -31.22 30.48
N ASN K 46 -14.71 -31.66 30.28
CA ASN K 46 -15.80 -30.75 29.98
C ASN K 46 -17.02 -31.26 30.72
N PRO K 47 -18.15 -30.57 30.61
CA PRO K 47 -19.37 -31.14 31.17
C PRO K 47 -19.85 -32.28 30.30
N TYR K 48 -20.68 -33.12 30.88
CA TYR K 48 -21.35 -34.19 30.16
C TYR K 48 -22.79 -33.74 29.93
N VAL K 49 -23.08 -33.25 28.73
CA VAL K 49 -24.42 -32.80 28.40
C VAL K 49 -24.71 -33.10 26.94
N CYS K 50 -25.95 -32.88 26.55
CA CYS K 50 -26.37 -33.14 25.19
C CYS K 50 -25.80 -32.08 24.26
N ASN K 51 -24.58 -32.30 23.78
CA ASN K 51 -23.92 -31.32 22.92
C ASN K 51 -24.60 -31.15 21.59
N ALA K 52 -25.79 -31.69 21.42
CA ALA K 52 -26.66 -31.20 20.38
C ALA K 52 -26.92 -29.72 20.62
N PRO K 53 -27.09 -28.93 19.58
CA PRO K 53 -27.39 -27.52 19.78
C PRO K 53 -28.59 -27.32 20.69
N GLY K 54 -29.72 -27.92 20.35
CA GLY K 54 -30.89 -27.68 21.15
C GLY K 54 -31.07 -28.58 22.36
N CYS K 55 -30.57 -29.81 22.33
CA CYS K 55 -30.89 -30.81 23.34
C CYS K 55 -30.13 -30.55 24.63
N ASP K 56 -30.83 -30.67 25.75
CA ASP K 56 -30.31 -30.37 27.09
C ASP K 56 -30.69 -31.54 28.01
N VAL K 57 -29.69 -32.18 28.60
CA VAL K 57 -29.90 -33.36 29.44
C VAL K 57 -29.11 -33.18 30.73
N THR K 58 -29.72 -33.56 31.85
CA THR K 58 -29.03 -33.53 33.12
C THR K 58 -28.22 -34.79 33.39
N ASP K 59 -28.87 -35.94 33.52
CA ASP K 59 -28.16 -37.18 33.81
C ASP K 59 -27.28 -37.55 32.63
N VAL K 60 -26.30 -38.41 32.86
CA VAL K 60 -25.48 -38.84 31.74
C VAL K 60 -25.99 -40.14 31.17
N THR K 61 -27.07 -40.68 31.74
CA THR K 61 -27.64 -41.93 31.25
C THR K 61 -27.89 -41.89 29.75
N GLN K 62 -28.87 -41.09 29.31
CA GLN K 62 -29.24 -41.01 27.90
C GLN K 62 -28.21 -40.16 27.18
N LEU K 63 -27.04 -40.02 27.79
CA LEU K 63 -25.97 -39.30 27.13
C LEU K 63 -25.09 -40.32 26.45
N TYR K 64 -24.79 -40.08 25.18
CA TYR K 64 -24.08 -41.08 24.40
C TYR K 64 -22.85 -40.46 23.78
N LEU K 65 -21.76 -41.20 23.79
CA LEU K 65 -20.51 -40.73 23.21
C LEU K 65 -20.72 -40.63 21.73
N GLY K 66 -20.71 -39.41 21.20
CA GLY K 66 -20.97 -39.23 19.79
C GLY K 66 -19.83 -38.56 19.05
N GLY K 67 -19.13 -39.32 18.24
CA GLY K 67 -17.97 -38.82 17.53
C GLY K 67 -16.83 -38.53 18.48
N MET K 68 -16.80 -37.31 19.02
CA MET K 68 -15.88 -36.99 20.10
C MET K 68 -16.60 -36.18 21.16
N SER K 69 -17.83 -35.79 20.90
CA SER K 69 -18.61 -35.03 21.85
C SER K 69 -19.58 -35.96 22.53
N TYR K 70 -20.67 -35.40 23.04
CA TYR K 70 -21.72 -36.17 23.70
C TYR K 70 -23.06 -35.79 23.07
N TYR K 71 -24.04 -36.68 23.20
CA TYR K 71 -25.37 -36.38 22.72
C TYR K 71 -26.39 -37.06 23.62
N CYS K 72 -27.59 -36.48 23.61
CA CYS K 72 -28.74 -37.13 24.21
C CYS K 72 -29.08 -38.34 23.35
N LYS K 73 -30.27 -38.89 23.57
CA LYS K 73 -30.67 -40.00 22.73
C LYS K 73 -30.88 -39.55 21.29
N SER K 74 -31.44 -38.37 21.09
CA SER K 74 -32.01 -38.02 19.79
C SER K 74 -30.95 -37.69 18.76
N HIS K 75 -29.69 -37.57 19.15
CA HIS K 75 -28.68 -37.15 18.19
C HIS K 75 -27.62 -38.22 18.09
N LYS K 76 -27.81 -39.31 18.81
CA LYS K 76 -26.88 -40.43 18.83
C LYS K 76 -26.48 -40.81 17.42
N PRO K 77 -25.34 -40.37 16.91
CA PRO K 77 -24.94 -40.81 15.61
C PRO K 77 -24.57 -42.28 15.67
N PRO K 78 -24.92 -43.06 14.65
CA PRO K 78 -24.85 -44.53 14.77
C PRO K 78 -23.49 -45.07 15.17
N ILE K 79 -22.47 -44.23 15.28
CA ILE K 79 -21.16 -44.62 15.80
C ILE K 79 -21.22 -44.38 17.31
N SER K 80 -22.43 -44.39 17.86
CA SER K 80 -22.68 -44.03 19.25
C SER K 80 -22.19 -45.11 20.19
N PHE K 81 -22.43 -44.86 21.48
CA PHE K 81 -21.81 -45.59 22.58
C PHE K 81 -22.26 -44.93 23.85
N PRO K 82 -23.04 -45.61 24.68
CA PRO K 82 -23.57 -44.98 25.88
C PRO K 82 -22.42 -44.63 26.80
N LEU K 83 -22.63 -43.64 27.65
CA LEU K 83 -21.63 -43.35 28.65
C LEU K 83 -21.85 -44.20 29.88
N CYS K 84 -23.01 -44.05 30.51
CA CYS K 84 -23.33 -44.85 31.68
C CYS K 84 -23.27 -46.31 31.26
N ALA K 85 -22.38 -47.06 31.89
CA ALA K 85 -22.07 -48.39 31.42
C ALA K 85 -21.81 -49.32 32.59
N ASN K 86 -22.51 -50.44 32.57
CA ASN K 86 -22.31 -51.59 33.45
C ASN K 86 -21.67 -51.27 34.79
N GLY K 87 -22.33 -50.46 35.60
CA GLY K 87 -21.82 -50.21 36.93
C GLY K 87 -20.53 -49.43 36.98
N GLN K 88 -20.34 -48.51 36.03
CA GLN K 88 -19.26 -47.53 36.05
C GLN K 88 -19.67 -46.38 35.18
N VAL K 89 -18.97 -45.26 35.28
CA VAL K 89 -19.18 -44.19 34.34
C VAL K 89 -17.85 -43.79 33.74
N PHE K 90 -17.83 -43.67 32.43
CA PHE K 90 -16.58 -43.42 31.73
C PHE K 90 -16.03 -42.08 32.17
N GLY K 91 -14.72 -42.02 32.34
CA GLY K 91 -14.05 -40.83 32.81
C GLY K 91 -12.54 -40.97 32.70
N LEU K 92 -11.85 -41.17 33.81
CA LEU K 92 -10.46 -41.56 33.84
C LEU K 92 -10.30 -42.55 34.98
N TYR K 93 -9.04 -42.95 35.26
CA TYR K 93 -8.78 -43.97 36.27
C TYR K 93 -9.68 -45.20 36.08
N LYS K 94 -10.14 -45.40 34.83
CA LYS K 94 -11.10 -46.44 34.45
C LYS K 94 -11.00 -47.66 35.32
N ASN K 95 -9.79 -48.14 35.52
CA ASN K 95 -9.45 -49.42 36.10
C ASN K 95 -8.77 -49.30 37.45
N THR K 96 -8.27 -48.11 37.80
CA THR K 96 -7.70 -47.88 39.10
C THR K 96 -8.71 -47.72 40.21
N CYS K 97 -9.73 -46.90 40.02
CA CYS K 97 -10.58 -46.47 41.12
C CYS K 97 -11.19 -47.65 41.82
N VAL K 98 -11.15 -47.65 43.11
CA VAL K 98 -11.85 -48.65 43.90
C VAL K 98 -13.03 -48.00 44.60
N GLY K 99 -14.22 -48.49 44.30
CA GLY K 99 -15.41 -47.93 44.88
C GLY K 99 -15.44 -48.14 46.38
N SER K 100 -16.43 -47.53 47.02
CA SER K 100 -16.63 -47.76 48.43
C SER K 100 -18.13 -47.75 48.71
N ASP K 101 -18.50 -48.33 49.84
CA ASP K 101 -19.90 -48.59 50.14
C ASP K 101 -20.52 -47.64 51.15
N ASN K 102 -19.90 -46.50 51.44
CA ASN K 102 -20.66 -45.49 52.16
C ASN K 102 -21.47 -44.66 51.17
N VAL K 103 -22.02 -45.33 50.14
CA VAL K 103 -23.07 -44.72 49.36
C VAL K 103 -24.14 -44.19 50.30
N THR K 104 -24.33 -44.87 51.43
CA THR K 104 -25.40 -44.54 52.35
C THR K 104 -25.32 -43.10 52.81
N ASP K 105 -24.36 -42.80 53.69
CA ASP K 105 -24.28 -41.45 54.24
C ASP K 105 -23.87 -40.45 53.19
N PHE K 106 -23.21 -40.92 52.13
CA PHE K 106 -22.93 -40.04 51.01
C PHE K 106 -24.23 -39.45 50.50
N ASN K 107 -25.19 -40.31 50.14
CA ASN K 107 -26.51 -39.83 49.75
C ASN K 107 -27.12 -39.02 50.87
N ALA K 108 -26.91 -39.47 52.11
CA ALA K 108 -27.61 -38.89 53.25
C ALA K 108 -27.23 -37.42 53.41
N ILE K 109 -25.99 -37.08 53.12
CA ILE K 109 -25.56 -35.68 53.23
C ILE K 109 -25.82 -34.94 51.93
N ALA K 110 -25.50 -35.59 50.80
CA ALA K 110 -25.72 -34.97 49.50
C ALA K 110 -27.18 -34.60 49.27
N THR K 111 -28.09 -35.26 49.98
CA THR K 111 -29.50 -35.05 49.78
C THR K 111 -30.12 -34.14 50.82
N CYS K 112 -29.69 -34.25 52.08
CA CYS K 112 -30.37 -33.58 53.19
C CYS K 112 -30.06 -32.08 53.19
N ASP K 113 -30.33 -31.43 54.33
CA ASP K 113 -30.18 -29.99 54.41
C ASP K 113 -30.07 -29.48 55.84
N TRP K 114 -29.56 -30.27 56.77
CA TRP K 114 -29.25 -29.81 58.13
C TRP K 114 -30.50 -29.41 58.89
N THR K 115 -31.65 -29.68 58.31
CA THR K 115 -32.91 -29.54 59.01
C THR K 115 -32.95 -30.38 60.27
N ASN K 116 -32.17 -31.45 60.31
CA ASN K 116 -32.37 -32.55 61.24
C ASN K 116 -31.24 -32.60 62.26
N ALA K 117 -31.63 -32.80 63.52
CA ALA K 117 -30.66 -33.26 64.50
C ALA K 117 -30.00 -34.54 64.03
N GLY K 118 -30.74 -35.38 63.30
CA GLY K 118 -30.12 -36.52 62.66
C GLY K 118 -29.08 -36.11 61.64
N ASP K 119 -29.39 -35.11 60.82
CA ASP K 119 -28.43 -34.66 59.82
C ASP K 119 -27.15 -34.23 60.49
N TYR K 120 -27.26 -33.51 61.62
CA TYR K 120 -26.05 -33.14 62.35
C TYR K 120 -25.34 -34.36 62.88
N ILE K 121 -26.04 -35.18 63.67
CA ILE K 121 -25.35 -36.25 64.38
C ILE K 121 -24.64 -37.16 63.40
N LEU K 122 -25.22 -37.39 62.23
CA LEU K 122 -24.47 -38.09 61.20
C LEU K 122 -23.27 -37.26 60.76
N ALA K 123 -23.51 -35.98 60.43
CA ALA K 123 -22.42 -35.13 59.96
C ALA K 123 -21.27 -35.09 60.96
N ASN K 124 -21.59 -35.09 62.25
CA ASN K 124 -20.56 -35.14 63.26
C ASN K 124 -20.21 -36.56 63.68
N THR K 125 -20.83 -37.57 63.09
CA THR K 125 -20.43 -38.94 63.31
C THR K 125 -20.25 -39.73 62.02
N CYS K 126 -19.99 -39.07 60.90
CA CYS K 126 -19.67 -39.76 59.65
C CYS K 126 -18.16 -39.98 59.56
N THR K 127 -17.64 -40.09 58.35
CA THR K 127 -16.21 -40.21 58.14
C THR K 127 -15.57 -38.83 58.18
N GLU K 128 -14.28 -38.82 58.44
CA GLU K 128 -13.54 -37.57 58.56
C GLU K 128 -13.64 -36.74 57.28
N ARG K 129 -13.26 -37.33 56.15
CA ARG K 129 -13.39 -36.60 54.89
C ARG K 129 -14.82 -36.15 54.68
N LEU K 130 -15.78 -37.04 54.91
CA LEU K 130 -17.17 -36.64 54.89
C LEU K 130 -17.48 -35.67 56.02
N LYS K 131 -16.72 -35.72 57.12
CA LYS K 131 -16.99 -34.76 58.18
C LYS K 131 -16.73 -33.34 57.71
N LEU K 132 -15.52 -33.09 57.21
CA LEU K 132 -15.24 -31.78 56.64
C LEU K 132 -16.18 -31.46 55.50
N PHE K 133 -16.54 -32.47 54.70
CA PHE K 133 -17.43 -32.20 53.59
C PHE K 133 -18.79 -31.73 54.09
N ALA K 134 -19.37 -32.49 55.01
CA ALA K 134 -20.56 -32.06 55.71
C ALA K 134 -20.37 -30.65 56.22
N ALA K 135 -19.18 -30.35 56.73
CA ALA K 135 -18.93 -29.04 57.29
C ALA K 135 -19.07 -27.96 56.24
N GLU K 136 -18.45 -28.16 55.08
CA GLU K 136 -18.45 -27.11 54.08
C GLU K 136 -19.80 -27.01 53.40
N THR K 137 -20.48 -28.14 53.22
CA THR K 137 -21.82 -28.04 52.65
C THR K 137 -22.78 -27.48 53.67
N LEU K 138 -22.46 -27.61 54.96
CA LEU K 138 -23.18 -26.91 56.01
C LEU K 138 -23.03 -25.40 55.83
N LYS K 139 -21.79 -24.93 55.74
CA LYS K 139 -21.57 -23.51 55.52
C LYS K 139 -22.19 -23.06 54.20
N ALA K 140 -22.25 -23.95 53.23
CA ALA K 140 -22.84 -23.62 51.94
C ALA K 140 -24.34 -23.43 52.07
N THR K 141 -24.99 -24.36 52.76
CA THR K 141 -26.39 -24.17 53.10
C THR K 141 -26.59 -22.86 53.82
N GLU K 142 -25.68 -22.53 54.74
CA GLU K 142 -25.79 -21.28 55.48
C GLU K 142 -25.72 -20.10 54.54
N GLU K 143 -24.81 -20.15 53.59
CA GLU K 143 -24.63 -19.01 52.69
C GLU K 143 -25.79 -18.87 51.73
N THR K 144 -26.28 -19.98 51.20
CA THR K 144 -27.49 -19.93 50.39
C THR K 144 -28.65 -19.35 51.19
N PHE K 145 -28.76 -19.78 52.45
CA PHE K 145 -29.78 -19.26 53.35
C PHE K 145 -29.67 -17.75 53.46
N LYS K 146 -28.48 -17.25 53.78
CA LYS K 146 -28.27 -15.81 53.87
C LYS K 146 -28.59 -15.12 52.55
N LEU K 147 -28.30 -15.79 51.43
CA LEU K 147 -28.57 -15.22 50.12
C LEU K 147 -30.06 -15.08 49.87
N SER K 148 -30.86 -15.99 50.37
CA SER K 148 -32.29 -16.03 50.10
C SER K 148 -32.99 -14.72 50.46
N TYR K 149 -32.37 -13.91 51.32
CA TYR K 149 -33.03 -12.75 51.89
C TYR K 149 -33.22 -11.64 50.86
N GLY K 150 -33.48 -10.43 51.35
CA GLY K 150 -33.96 -9.34 50.54
C GLY K 150 -33.03 -8.15 50.49
N ILE K 151 -33.63 -7.00 50.17
CA ILE K 151 -32.90 -5.77 49.87
C ILE K 151 -33.48 -4.66 50.75
N ALA K 152 -32.69 -3.63 51.01
CA ALA K 152 -33.14 -2.47 51.74
C ALA K 152 -32.89 -1.20 50.91
N THR K 153 -33.95 -0.44 50.72
CA THR K 153 -33.88 0.85 50.03
C THR K 153 -34.31 1.94 51.00
N VAL K 154 -34.23 3.19 50.56
CA VAL K 154 -34.48 4.32 51.46
C VAL K 154 -35.84 4.92 51.15
N ARG K 155 -36.52 5.40 52.20
CA ARG K 155 -37.69 6.26 52.04
C ARG K 155 -37.19 7.70 52.02
N GLU K 156 -36.31 8.02 52.97
CA GLU K 156 -35.64 9.30 53.01
C GLU K 156 -34.47 9.19 54.00
N VAL K 157 -33.47 10.01 53.80
CA VAL K 157 -32.34 10.11 54.71
C VAL K 157 -32.64 11.18 55.74
N LEU K 158 -32.97 10.76 56.95
CA LEU K 158 -33.24 11.70 58.03
C LEU K 158 -32.03 12.52 58.43
N SER K 159 -30.93 11.88 58.80
CA SER K 159 -29.67 12.57 59.09
C SER K 159 -28.58 11.90 58.29
N ASP K 160 -27.44 12.56 58.20
CA ASP K 160 -26.24 11.93 57.66
C ASP K 160 -25.85 10.68 58.44
N ARG K 161 -26.36 10.53 59.66
CA ARG K 161 -26.17 9.33 60.46
C ARG K 161 -27.46 8.56 60.66
N GLU K 162 -28.61 9.24 60.65
CA GLU K 162 -29.91 8.62 60.88
C GLU K 162 -30.67 8.57 59.57
N LEU K 163 -31.13 7.37 59.21
CA LEU K 163 -31.80 7.21 57.94
C LEU K 163 -33.15 6.51 58.15
N HIS K 164 -34.06 6.76 57.23
CA HIS K 164 -35.40 6.20 57.24
C HIS K 164 -35.51 5.25 56.05
N LEU K 165 -35.56 3.95 56.33
CA LEU K 165 -35.51 2.99 55.22
C LEU K 165 -36.68 2.03 55.21
N SER K 166 -36.74 1.21 54.16
CA SER K 166 -37.69 0.12 54.04
C SER K 166 -37.01 -0.99 53.24
N TRP K 167 -37.75 -2.05 52.98
CA TRP K 167 -37.27 -3.16 52.18
C TRP K 167 -38.13 -3.29 50.94
N GLU K 168 -37.92 -4.36 50.18
CA GLU K 168 -38.78 -4.58 49.03
C GLU K 168 -40.04 -5.32 49.46
N VAL K 169 -40.76 -5.82 48.49
CA VAL K 169 -42.05 -6.45 48.71
C VAL K 169 -41.86 -7.68 49.57
N GLY K 170 -42.05 -7.51 50.87
CA GLY K 170 -42.13 -8.64 51.79
C GLY K 170 -40.85 -9.27 52.28
N LYS K 171 -39.79 -9.20 51.47
CA LYS K 171 -38.56 -9.96 51.71
C LYS K 171 -38.07 -9.76 53.14
N PRO K 172 -37.68 -10.85 53.80
CA PRO K 172 -37.58 -10.83 55.26
C PRO K 172 -36.48 -9.90 55.75
N ARG K 173 -36.85 -9.00 56.65
CA ARG K 173 -35.90 -8.10 57.26
C ARG K 173 -35.17 -8.82 58.39
N PRO K 174 -33.84 -8.92 58.35
CA PRO K 174 -33.14 -9.66 59.39
C PRO K 174 -33.22 -8.92 60.72
N PRO K 175 -32.69 -9.53 61.80
CA PRO K 175 -32.59 -8.81 63.07
C PRO K 175 -31.66 -7.61 62.97
N LEU K 176 -31.33 -6.98 64.10
CA LEU K 176 -30.53 -5.76 64.07
C LEU K 176 -29.39 -5.81 65.07
N ASN K 177 -28.19 -5.59 64.55
CA ASN K 177 -26.99 -5.42 65.36
C ASN K 177 -25.96 -4.69 64.48
N ARG K 178 -24.70 -5.10 64.57
CA ARG K 178 -23.72 -4.73 63.58
C ARG K 178 -23.41 -5.84 62.60
N ASN K 179 -23.86 -7.06 62.88
CA ASN K 179 -23.64 -8.21 62.01
C ASN K 179 -24.50 -8.17 60.76
N TYR K 180 -24.98 -6.99 60.36
CA TYR K 180 -25.75 -6.80 59.14
C TYR K 180 -25.22 -5.58 58.42
N VAL K 181 -24.48 -5.82 57.33
CA VAL K 181 -23.72 -4.77 56.67
C VAL K 181 -24.11 -4.74 55.20
N PHE K 182 -24.20 -3.53 54.66
CA PHE K 182 -24.78 -3.33 53.35
C PHE K 182 -23.90 -2.40 52.53
N THR K 183 -24.20 -2.34 51.23
CA THR K 183 -23.47 -1.52 50.27
C THR K 183 -24.43 -1.11 49.17
N GLY K 184 -24.51 0.20 48.91
CA GLY K 184 -25.56 0.75 48.09
C GLY K 184 -25.10 1.21 46.74
N TYR K 185 -26.03 1.80 46.00
CA TYR K 185 -25.74 2.35 44.69
C TYR K 185 -26.65 3.54 44.42
N ARG K 186 -26.07 4.59 43.86
CA ARG K 186 -26.82 5.70 43.29
C ARG K 186 -26.88 5.41 41.80
N VAL K 187 -27.83 4.56 41.44
CA VAL K 187 -27.96 4.07 40.08
C VAL K 187 -28.77 5.07 39.26
N THR K 188 -28.08 5.84 38.43
CA THR K 188 -28.70 6.74 37.47
C THR K 188 -28.98 5.91 36.21
N LYS K 189 -29.77 4.85 36.40
CA LYS K 189 -29.88 3.73 35.46
C LYS K 189 -28.52 3.04 35.32
N ASN K 190 -27.48 3.79 34.95
CA ASN K 190 -26.11 3.33 35.10
C ASN K 190 -25.56 3.88 36.41
N SER K 191 -24.25 4.15 36.48
CA SER K 191 -23.59 4.66 37.68
C SER K 191 -23.76 3.74 38.88
N LYS K 192 -23.97 2.45 38.64
CA LYS K 192 -24.24 1.50 39.71
C LYS K 192 -22.94 0.96 40.30
N VAL K 193 -22.17 1.85 40.91
CA VAL K 193 -20.90 1.50 41.52
C VAL K 193 -21.09 1.31 43.02
N GLN K 194 -20.29 0.42 43.60
CA GLN K 194 -20.28 0.24 45.04
C GLN K 194 -20.16 1.60 45.73
N ILE K 195 -21.07 1.88 46.65
CA ILE K 195 -20.95 3.10 47.42
C ILE K 195 -20.40 2.86 48.82
N GLY K 196 -19.84 1.70 49.08
CA GLY K 196 -19.08 1.46 50.28
C GLY K 196 -19.84 0.59 51.24
N GLU K 197 -19.20 0.28 52.35
CA GLU K 197 -19.78 -0.56 53.38
C GLU K 197 -20.67 0.27 54.29
N TYR K 198 -21.79 -0.31 54.68
CA TYR K 198 -22.73 0.36 55.57
C TYR K 198 -23.33 -0.69 56.47
N THR K 199 -23.23 -0.49 57.77
CA THR K 199 -24.00 -1.31 58.69
C THR K 199 -25.11 -0.45 59.26
N PHE K 200 -26.12 -1.12 59.79
CA PHE K 200 -27.39 -0.48 60.07
C PHE K 200 -27.87 -0.92 61.44
N GLU K 201 -28.46 0.02 62.17
CA GLU K 201 -28.90 -0.22 63.54
C GLU K 201 -30.21 0.50 63.80
N LYS K 202 -30.86 0.12 64.90
CA LYS K 202 -32.16 0.68 65.26
C LYS K 202 -32.02 2.17 65.54
N GLY K 203 -32.95 2.95 64.99
CA GLY K 203 -33.05 4.35 65.36
C GLY K 203 -33.51 4.51 66.80
N ASP K 204 -33.42 5.75 67.27
CA ASP K 204 -33.72 6.02 68.67
C ASP K 204 -35.21 6.05 68.96
N TYR K 205 -36.05 6.26 67.95
CA TYR K 205 -37.49 6.29 68.18
C TYR K 205 -38.23 6.16 66.86
N GLY K 206 -39.07 5.14 66.75
CA GLY K 206 -39.96 5.00 65.61
C GLY K 206 -39.29 4.39 64.39
N ASP K 207 -39.49 5.04 63.25
CA ASP K 207 -38.93 4.59 61.97
C ASP K 207 -37.64 5.36 61.72
N ALA K 208 -36.55 4.79 62.23
CA ALA K 208 -35.23 5.35 62.02
C ALA K 208 -34.23 4.21 62.01
N VAL K 209 -33.25 4.33 61.12
CA VAL K 209 -32.16 3.35 61.04
C VAL K 209 -30.85 4.11 60.94
N VAL K 210 -30.05 4.02 61.98
CA VAL K 210 -28.73 4.65 62.07
C VAL K 210 -27.76 3.85 61.22
N TYR K 211 -27.19 4.49 60.20
CA TYR K 211 -26.26 3.83 59.30
C TYR K 211 -24.86 4.38 59.52
N ARG K 212 -23.90 3.48 59.66
CA ARG K 212 -22.50 3.90 59.60
C ARG K 212 -22.01 3.45 58.24
N GLY K 213 -21.56 4.42 57.44
CA GLY K 213 -20.98 4.13 56.15
C GLY K 213 -19.48 4.32 56.13
N THR K 214 -18.78 3.40 55.48
CA THR K 214 -17.35 3.54 55.32
C THR K 214 -16.99 4.62 54.32
N THR K 215 -17.78 4.74 53.26
CA THR K 215 -17.59 5.81 52.29
C THR K 215 -18.21 7.10 52.80
N THR K 216 -18.10 8.16 52.00
CA THR K 216 -18.65 9.47 52.33
C THR K 216 -19.73 9.89 51.33
N TYR K 217 -20.45 8.91 50.79
CA TYR K 217 -21.53 9.20 49.86
C TYR K 217 -22.76 9.66 50.61
N LYS K 218 -23.17 10.91 50.38
CA LYS K 218 -24.41 11.39 50.96
C LYS K 218 -25.59 10.68 50.28
N LEU K 219 -26.34 9.93 51.06
CA LEU K 219 -27.48 9.17 50.58
C LEU K 219 -28.61 10.13 50.28
N ASN K 220 -29.47 9.77 49.33
CA ASN K 220 -30.65 10.57 49.08
C ASN K 220 -31.92 9.73 49.15
N VAL K 221 -32.91 10.05 48.32
CA VAL K 221 -34.19 9.35 48.36
C VAL K 221 -34.27 8.21 47.35
N GLY K 222 -33.58 8.30 46.22
CA GLY K 222 -33.54 7.18 45.30
C GLY K 222 -32.34 6.29 45.54
N ASP K 223 -32.22 5.75 46.76
CA ASP K 223 -31.00 5.05 47.18
C ASP K 223 -31.34 3.72 47.84
N TYR K 224 -30.36 2.83 47.80
CA TYR K 224 -30.54 1.45 48.26
C TYR K 224 -29.17 0.83 48.50
N PHE K 225 -29.16 -0.20 49.35
CA PHE K 225 -27.99 -1.02 49.59
C PHE K 225 -28.36 -2.49 49.43
N VAL K 226 -27.33 -3.32 49.48
CA VAL K 226 -27.46 -4.77 49.44
C VAL K 226 -26.73 -5.31 50.65
N LEU K 227 -27.29 -6.33 51.27
CA LEU K 227 -26.60 -6.99 52.38
C LEU K 227 -25.40 -7.75 51.83
N THR K 228 -24.20 -7.25 52.13
CA THR K 228 -22.97 -7.80 51.56
C THR K 228 -22.48 -9.00 52.37
N SER K 229 -21.80 -9.90 51.69
CA SER K 229 -21.41 -11.18 52.26
C SER K 229 -20.09 -11.65 51.68
N HIS K 230 -19.46 -12.60 52.37
CA HIS K 230 -18.23 -13.23 51.95
C HIS K 230 -18.54 -14.40 51.01
N THR K 231 -17.59 -15.32 50.89
CA THR K 231 -17.78 -16.60 50.22
C THR K 231 -16.89 -17.64 50.88
N VAL K 232 -17.51 -18.64 51.51
CA VAL K 232 -16.76 -19.63 52.27
C VAL K 232 -15.88 -20.43 51.34
N MET K 233 -14.83 -20.88 51.83
CA MET K 233 -13.86 -21.57 51.02
C MET K 233 -13.70 -23.01 51.49
N PRO K 234 -13.24 -23.88 50.61
CA PRO K 234 -12.95 -25.25 51.02
C PRO K 234 -11.73 -25.32 51.92
N LEU K 235 -11.62 -26.42 52.66
CA LEU K 235 -10.48 -26.67 53.51
C LEU K 235 -9.95 -28.07 53.24
N SER K 236 -9.08 -28.57 54.11
CA SER K 236 -8.55 -29.90 53.92
C SER K 236 -8.01 -30.49 55.22
N ALA K 237 -7.81 -29.65 56.23
CA ALA K 237 -7.20 -30.13 57.45
C ALA K 237 -8.15 -31.06 58.20
N PRO K 238 -7.64 -32.09 58.86
CA PRO K 238 -8.52 -32.96 59.63
C PRO K 238 -9.06 -32.24 60.85
N THR K 239 -10.23 -32.63 61.32
CA THR K 239 -10.80 -32.00 62.50
C THR K 239 -9.97 -32.34 63.73
N LEU K 240 -9.26 -33.46 63.68
CA LEU K 240 -8.41 -33.89 64.77
C LEU K 240 -7.06 -34.35 64.23
N VAL K 241 -6.06 -34.35 65.10
CA VAL K 241 -4.72 -34.77 64.76
C VAL K 241 -4.38 -36.00 65.61
N PRO K 242 -3.35 -36.77 65.28
CA PRO K 242 -3.09 -38.00 66.04
C PRO K 242 -2.47 -37.72 67.40
N GLN K 243 -3.15 -38.19 68.44
CA GLN K 243 -2.56 -38.15 69.77
C GLN K 243 -1.55 -39.26 69.95
N GLU K 244 -0.35 -38.89 70.38
CA GLU K 244 0.72 -39.86 70.55
C GLU K 244 1.51 -39.50 71.80
N HIS K 245 2.27 -40.47 72.30
CA HIS K 245 3.18 -40.23 73.39
C HIS K 245 4.56 -39.85 72.86
N TYR K 246 5.48 -39.63 73.80
CA TYR K 246 6.89 -39.40 73.55
C TYR K 246 7.71 -40.28 74.49
N VAL K 247 8.73 -39.68 75.12
CA VAL K 247 9.27 -40.26 76.33
C VAL K 247 9.05 -39.33 77.51
N ARG K 248 9.00 -38.02 77.26
CA ARG K 248 8.83 -37.01 78.28
C ARG K 248 8.48 -35.69 77.59
N ILE K 249 9.00 -34.57 78.10
CA ILE K 249 8.96 -33.31 77.38
C ILE K 249 10.39 -32.99 76.95
N THR K 250 10.66 -33.09 75.64
CA THR K 250 12.01 -32.93 75.13
C THR K 250 12.09 -31.70 74.24
N GLY K 251 13.26 -31.07 74.21
CA GLY K 251 13.51 -29.95 73.34
C GLY K 251 13.02 -28.61 73.84
N LEU K 252 12.48 -28.54 75.05
CA LEU K 252 11.98 -27.29 75.61
C LEU K 252 12.50 -27.13 77.03
N TYR K 253 12.15 -25.99 77.64
CA TYR K 253 12.64 -25.68 78.98
C TYR K 253 11.54 -24.98 79.76
N PRO K 254 10.97 -25.63 80.77
CA PRO K 254 9.77 -25.09 81.43
C PRO K 254 10.06 -24.02 82.47
N THR K 255 9.09 -23.82 83.37
CA THR K 255 9.22 -22.91 84.51
C THR K 255 9.41 -23.72 85.78
N LEU K 256 10.68 -23.87 86.18
CA LEU K 256 11.04 -24.67 87.34
C LEU K 256 10.55 -24.01 88.62
N ASN K 257 9.65 -24.68 89.32
CA ASN K 257 9.07 -24.17 90.55
C ASN K 257 8.40 -22.83 90.29
N ILE K 258 7.13 -22.84 89.90
CA ILE K 258 6.50 -21.64 89.36
C ILE K 258 5.97 -20.74 90.48
N SER K 259 4.89 -21.14 91.13
CA SER K 259 4.22 -20.32 92.14
C SER K 259 3.05 -21.09 92.74
N ASP K 260 2.21 -20.42 93.52
CA ASP K 260 1.15 -21.10 94.26
C ASP K 260 -0.21 -20.92 93.61
N GLU K 261 -0.53 -19.72 93.12
CA GLU K 261 -1.75 -19.57 92.33
C GLU K 261 -1.70 -20.43 91.08
N PHE K 262 -0.50 -20.90 90.72
CA PHE K 262 -0.32 -21.90 89.69
C PHE K 262 0.22 -23.22 90.26
N SER K 263 0.11 -23.41 91.57
CA SER K 263 0.67 -24.61 92.20
C SER K 263 -0.13 -25.85 91.84
N SER K 264 -1.46 -25.76 91.87
CA SER K 264 -2.28 -26.95 91.63
C SER K 264 -2.28 -27.36 90.16
N ASN K 265 -1.21 -27.05 89.42
CA ASN K 265 -1.27 -27.10 87.95
C ASN K 265 -0.07 -27.77 87.29
N VAL K 266 1.13 -27.69 87.88
CA VAL K 266 2.36 -28.06 87.16
C VAL K 266 2.35 -29.52 86.75
N ALA K 267 1.88 -30.40 87.64
CA ALA K 267 1.64 -31.78 87.25
C ALA K 267 0.88 -31.83 85.94
N ASN K 268 -0.36 -31.30 85.94
CA ASN K 268 -1.09 -31.10 84.71
C ASN K 268 -0.18 -30.50 83.64
N TYR K 269 0.51 -29.40 84.01
CA TYR K 269 1.39 -28.70 83.07
C TYR K 269 2.39 -29.64 82.41
N GLN K 270 3.05 -30.48 83.20
CA GLN K 270 4.02 -31.39 82.60
C GLN K 270 3.33 -32.46 81.76
N LYS K 271 2.12 -32.86 82.17
CA LYS K 271 1.32 -33.75 81.33
C LYS K 271 1.20 -33.21 79.92
N VAL K 272 1.29 -31.88 79.77
CA VAL K 272 1.29 -31.27 78.46
C VAL K 272 2.29 -31.94 77.53
N GLY K 273 3.54 -32.06 77.96
CA GLY K 273 4.56 -32.61 77.10
C GLY K 273 4.43 -34.10 76.88
N MET K 274 3.54 -34.76 77.64
CA MET K 274 3.43 -36.21 77.51
C MET K 274 2.39 -36.58 76.45
N GLN K 275 1.22 -35.95 76.49
CA GLN K 275 0.24 -36.14 75.43
C GLN K 275 0.49 -35.13 74.31
N LYS K 276 0.35 -35.58 73.06
CA LYS K 276 0.71 -34.73 71.91
C LYS K 276 -0.09 -33.44 71.93
N TYR K 277 -1.36 -33.52 72.25
CA TYR K 277 -2.14 -32.33 72.50
C TYR K 277 -2.82 -32.53 73.85
N SER K 278 -3.27 -31.45 74.46
CA SER K 278 -3.90 -31.58 75.74
C SER K 278 -5.20 -30.79 75.75
N THR K 279 -5.98 -31.03 76.79
CA THR K 279 -7.30 -30.44 76.97
C THR K 279 -7.55 -30.28 78.46
N LEU K 280 -8.60 -29.53 78.79
CA LEU K 280 -8.99 -29.36 80.19
C LEU K 280 -10.51 -29.27 80.28
N GLN K 281 -11.10 -30.19 81.04
CA GLN K 281 -12.47 -30.07 81.51
C GLN K 281 -12.40 -29.45 82.90
N GLY K 282 -13.21 -28.41 83.13
CA GLY K 282 -13.28 -27.78 84.42
C GLY K 282 -14.55 -26.98 84.53
N PRO K 283 -14.95 -26.64 85.75
CA PRO K 283 -16.19 -25.88 85.95
C PRO K 283 -16.03 -24.46 85.47
N PRO K 284 -17.14 -23.71 85.28
CA PRO K 284 -17.06 -22.44 84.55
C PRO K 284 -16.35 -21.35 85.34
N GLY K 285 -15.14 -21.02 84.89
CA GLY K 285 -14.31 -20.09 85.63
C GLY K 285 -13.73 -20.75 86.87
N THR K 286 -12.72 -21.59 86.68
CA THR K 286 -12.20 -22.41 87.77
C THR K 286 -10.70 -22.47 87.73
N GLY K 287 -10.06 -21.32 87.91
CA GLY K 287 -8.65 -21.26 87.60
C GLY K 287 -8.38 -21.70 86.18
N LYS K 288 -9.42 -21.75 85.34
CA LYS K 288 -9.32 -22.46 84.07
C LYS K 288 -8.43 -21.70 83.10
N SER K 289 -8.87 -20.52 82.65
CA SER K 289 -8.01 -19.63 81.88
C SER K 289 -6.81 -19.22 82.71
N HIS K 290 -6.99 -19.15 84.02
CA HIS K 290 -5.88 -19.01 84.95
C HIS K 290 -4.87 -20.15 84.80
N PHE K 291 -5.36 -21.39 84.78
CA PHE K 291 -4.49 -22.55 84.56
C PHE K 291 -3.74 -22.40 83.25
N ALA K 292 -4.45 -22.00 82.19
CA ALA K 292 -3.79 -21.84 80.90
C ALA K 292 -2.70 -20.78 80.97
N ILE K 293 -2.94 -19.72 81.73
CA ILE K 293 -1.90 -18.72 81.93
C ILE K 293 -0.68 -19.34 82.57
N GLY K 294 -0.89 -20.01 83.70
CA GLY K 294 0.24 -20.60 84.41
C GLY K 294 0.95 -21.65 83.59
N LEU K 295 0.26 -22.25 82.64
CA LEU K 295 0.89 -23.24 81.79
C LEU K 295 1.73 -22.58 80.70
N ALA K 296 1.12 -21.65 79.97
CA ALA K 296 1.87 -20.97 78.91
C ALA K 296 3.12 -20.32 79.46
N LEU K 297 3.04 -19.72 80.66
CA LEU K 297 4.27 -19.23 81.26
C LEU K 297 5.06 -20.36 81.89
N TYR K 298 4.41 -21.48 82.21
CA TYR K 298 5.16 -22.62 82.69
C TYR K 298 6.24 -23.00 81.70
N TYR K 299 6.06 -22.64 80.44
CA TYR K 299 7.28 -22.49 79.68
C TYR K 299 7.49 -21.01 79.36
N PRO K 300 8.47 -20.41 80.01
CA PRO K 300 8.50 -18.95 80.19
C PRO K 300 8.49 -18.15 78.90
N SER K 301 9.26 -18.59 77.90
CA SER K 301 9.40 -17.86 76.65
C SER K 301 9.18 -18.82 75.49
N ALA K 302 8.03 -18.69 74.82
CA ALA K 302 7.68 -19.59 73.74
C ALA K 302 6.70 -18.90 72.81
N ARG K 303 6.59 -19.41 71.58
CA ARG K 303 5.66 -18.86 70.61
C ARG K 303 4.25 -19.27 70.99
N ILE K 304 3.63 -18.51 71.87
CA ILE K 304 2.34 -18.85 72.44
C ILE K 304 1.28 -17.97 71.79
N VAL K 305 0.05 -18.45 71.77
CA VAL K 305 -1.09 -17.69 71.31
C VAL K 305 -2.26 -18.02 72.23
N TYR K 306 -2.93 -16.99 72.71
CA TYR K 306 -4.21 -17.19 73.36
C TYR K 306 -5.33 -16.84 72.40
N THR K 307 -6.26 -17.77 72.25
CA THR K 307 -7.30 -17.62 71.25
C THR K 307 -8.51 -18.45 71.65
N ALA K 308 -9.67 -17.97 71.24
CA ALA K 308 -10.93 -18.60 71.59
C ALA K 308 -11.92 -18.34 70.46
N CYS K 309 -13.19 -18.59 70.74
CA CYS K 309 -14.22 -18.54 69.71
C CYS K 309 -14.71 -17.12 69.49
N SER K 310 -14.97 -16.38 70.56
CA SER K 310 -15.77 -15.17 70.49
C SER K 310 -14.92 -13.92 70.68
N HIS K 311 -15.62 -12.83 70.97
CA HIS K 311 -14.95 -11.55 71.23
C HIS K 311 -14.62 -11.40 72.70
N ALA K 312 -15.65 -11.15 73.53
CA ALA K 312 -15.41 -10.86 74.94
C ALA K 312 -14.66 -11.99 75.65
N ALA K 313 -14.80 -13.22 75.16
CA ALA K 313 -14.10 -14.35 75.77
C ALA K 313 -12.59 -14.17 75.67
N VAL K 314 -12.06 -14.14 74.45
CA VAL K 314 -10.64 -13.90 74.28
C VAL K 314 -10.25 -12.55 74.87
N ASP K 315 -11.18 -11.59 74.92
CA ASP K 315 -10.88 -10.28 75.49
C ASP K 315 -10.54 -10.40 76.98
N ALA K 316 -11.43 -11.01 77.76
CA ALA K 316 -11.17 -11.20 79.17
C ALA K 316 -10.00 -12.16 79.38
N LEU K 317 -9.80 -13.11 78.48
CA LEU K 317 -8.68 -14.04 78.62
C LEU K 317 -7.35 -13.31 78.45
N CYS K 318 -7.31 -12.35 77.53
CA CYS K 318 -6.07 -11.64 77.28
C CYS K 318 -5.84 -10.56 78.34
N GLU K 319 -6.92 -10.02 78.90
CA GLU K 319 -6.78 -9.24 80.13
C GLU K 319 -6.23 -10.12 81.24
N LYS K 320 -6.62 -11.39 81.27
CA LYS K 320 -6.05 -12.32 82.24
C LYS K 320 -4.55 -12.49 82.00
N ALA K 321 -4.16 -12.66 80.74
CA ALA K 321 -2.74 -12.70 80.41
C ALA K 321 -2.02 -11.46 80.94
N LEU K 322 -2.38 -10.29 80.39
CA LEU K 322 -2.06 -8.99 80.98
C LEU K 322 -1.87 -9.07 82.49
N LYS K 323 -2.90 -9.50 83.20
CA LYS K 323 -2.95 -9.44 84.65
C LYS K 323 -1.90 -10.34 85.28
N TYR K 324 -1.64 -11.49 84.67
CA TYR K 324 -0.51 -12.32 85.06
C TYR K 324 0.72 -12.08 84.20
N LEU K 325 0.67 -12.49 82.93
CA LEU K 325 1.78 -12.41 82.02
C LEU K 325 2.30 -10.99 81.91
N PRO K 326 3.60 -10.82 81.72
CA PRO K 326 4.13 -9.49 81.42
C PRO K 326 3.62 -8.98 80.08
N ILE K 327 3.05 -7.78 80.10
CA ILE K 327 2.44 -7.22 78.90
C ILE K 327 3.47 -6.95 77.83
N ASP K 328 4.73 -6.79 78.21
CA ASP K 328 5.81 -6.44 77.30
C ASP K 328 6.06 -7.51 76.26
N LYS K 329 5.73 -8.77 76.57
CA LYS K 329 5.85 -9.89 75.65
C LYS K 329 4.48 -10.31 75.13
N CYS K 330 3.57 -9.35 75.01
CA CYS K 330 2.17 -9.67 74.73
C CYS K 330 1.60 -8.68 73.73
N SER K 331 0.80 -9.19 72.79
CA SER K 331 0.14 -8.39 71.78
C SER K 331 -1.22 -8.97 71.46
N ARG K 332 -2.25 -8.17 71.65
CA ARG K 332 -3.61 -8.54 71.36
C ARG K 332 -3.95 -8.10 69.95
N ILE K 333 -4.30 -9.06 69.10
CA ILE K 333 -4.63 -8.77 67.70
C ILE K 333 -6.14 -8.60 67.61
N ILE K 334 -6.59 -7.70 66.75
CA ILE K 334 -8.02 -7.52 66.52
C ILE K 334 -8.28 -7.57 65.01
N PRO K 335 -9.54 -7.60 64.57
CA PRO K 335 -9.79 -7.67 63.13
C PRO K 335 -9.51 -6.35 62.44
N ALA K 336 -9.66 -6.39 61.11
CA ALA K 336 -9.37 -5.22 60.28
C ALA K 336 -10.46 -4.16 60.38
N ARG K 337 -11.57 -4.34 59.66
CA ARG K 337 -12.64 -3.36 59.71
C ARG K 337 -13.11 -3.13 61.14
N ALA K 338 -13.05 -4.18 61.96
CA ALA K 338 -13.06 -4.09 63.42
C ALA K 338 -14.12 -3.13 63.95
N ARG K 339 -15.38 -3.34 63.57
CA ARG K 339 -16.44 -2.52 64.15
C ARG K 339 -16.70 -2.85 65.62
N VAL K 340 -15.94 -3.78 66.19
CA VAL K 340 -16.01 -4.13 67.60
C VAL K 340 -14.78 -3.57 68.29
N GLU K 341 -15.02 -2.96 69.45
CA GLU K 341 -13.98 -2.28 70.20
C GLU K 341 -13.79 -2.97 71.55
N CYS K 342 -12.58 -3.44 71.79
CA CYS K 342 -12.37 -4.46 72.81
C CYS K 342 -11.13 -4.15 73.64
N PHE K 343 -10.83 -5.05 74.58
CA PHE K 343 -9.61 -4.98 75.36
C PHE K 343 -8.39 -4.97 74.44
N ASP K 344 -7.72 -3.83 74.40
CA ASP K 344 -6.66 -3.63 73.40
C ASP K 344 -5.47 -3.02 74.11
N LYS K 345 -5.12 -3.57 75.27
CA LYS K 345 -4.16 -2.89 76.13
C LYS K 345 -2.73 -3.12 75.70
N PHE K 346 -2.44 -4.09 74.85
CA PHE K 346 -1.09 -4.37 74.43
C PHE K 346 -0.81 -3.62 73.13
N LYS K 347 0.36 -3.88 72.56
CA LYS K 347 0.59 -3.56 71.17
C LYS K 347 -0.45 -4.26 70.31
N VAL K 348 -1.40 -3.47 69.80
CA VAL K 348 -2.58 -4.00 69.11
C VAL K 348 -2.20 -4.39 67.69
N ASN K 349 -2.65 -5.58 67.26
CA ASN K 349 -2.48 -6.06 65.88
C ASN K 349 -1.00 -6.21 65.51
N SER K 350 -0.11 -5.88 66.45
CA SER K 350 1.33 -6.06 66.25
C SER K 350 1.54 -7.55 66.04
N THR K 351 1.80 -7.91 64.78
CA THR K 351 1.79 -9.32 64.41
C THR K 351 2.83 -10.13 65.17
N LEU K 352 4.11 -9.77 65.05
CA LEU K 352 5.18 -10.61 65.54
C LEU K 352 5.35 -10.56 67.06
N GLU K 353 4.28 -10.78 67.81
CA GLU K 353 4.44 -11.03 69.23
C GLU K 353 4.93 -12.46 69.44
N GLN K 354 5.46 -12.73 70.64
CA GLN K 354 5.67 -14.13 70.99
C GLN K 354 4.43 -14.73 71.65
N TYR K 355 3.67 -13.92 72.39
CA TYR K 355 2.38 -14.34 72.95
C TYR K 355 1.30 -13.58 72.20
N VAL K 356 0.90 -14.13 71.06
CA VAL K 356 -0.04 -13.48 70.17
C VAL K 356 -1.45 -13.88 70.57
N PHE K 357 -2.41 -12.98 70.37
CA PHE K 357 -3.78 -13.20 70.78
C PHE K 357 -4.72 -12.73 69.68
N CYS K 358 -5.61 -13.62 69.23
CA CYS K 358 -6.50 -13.27 68.13
C CYS K 358 -7.66 -14.25 68.07
N THR K 359 -8.79 -13.79 67.55
CA THR K 359 -9.95 -14.65 67.40
C THR K 359 -9.87 -15.42 66.09
N VAL K 360 -10.64 -16.51 66.01
CA VAL K 360 -10.63 -17.36 64.83
C VAL K 360 -11.04 -16.60 63.59
N ASN K 361 -11.81 -15.51 63.75
CA ASN K 361 -12.47 -14.87 62.62
C ASN K 361 -11.48 -14.46 61.55
N ALA K 362 -10.20 -14.36 61.91
CA ALA K 362 -9.11 -14.20 60.97
C ALA K 362 -7.78 -14.52 61.64
N LEU K 363 -7.73 -15.65 62.35
CA LEU K 363 -6.47 -16.10 62.94
C LEU K 363 -5.40 -16.21 61.88
N PRO K 364 -4.37 -15.36 61.91
CA PRO K 364 -3.37 -15.39 60.84
C PRO K 364 -2.64 -16.72 60.82
N GLU K 365 -2.66 -17.36 59.67
CA GLU K 365 -2.20 -18.74 59.54
C GLU K 365 -0.69 -18.82 59.72
N THR K 366 -0.27 -19.11 60.95
CA THR K 366 1.16 -19.14 61.27
C THR K 366 1.53 -20.42 61.98
N THR K 367 2.81 -20.64 62.18
CA THR K 367 3.28 -21.66 63.10
C THR K 367 3.45 -21.05 64.49
N ALA K 368 3.60 -21.92 65.48
CA ALA K 368 3.67 -21.45 66.86
C ALA K 368 4.32 -22.53 67.72
N ASP K 369 4.27 -22.30 69.02
CA ASP K 369 4.54 -23.34 70.00
C ASP K 369 3.21 -23.75 70.60
N ILE K 370 3.21 -24.23 71.84
CA ILE K 370 1.98 -24.73 72.43
C ILE K 370 0.94 -23.62 72.44
N VAL K 371 0.02 -23.70 71.49
CA VAL K 371 -1.12 -22.79 71.44
C VAL K 371 -2.25 -23.48 72.18
N VAL K 372 -3.09 -22.68 72.81
CA VAL K 372 -4.29 -23.17 73.47
C VAL K 372 -5.48 -22.65 72.71
N PHE K 373 -6.49 -23.49 72.56
CA PHE K 373 -7.79 -22.98 72.19
C PHE K 373 -8.68 -22.99 73.40
N ASP K 374 -9.61 -22.04 73.42
CA ASP K 374 -10.43 -21.77 74.56
C ASP K 374 -11.88 -21.80 74.11
N GLU K 375 -12.72 -22.42 74.94
CA GLU K 375 -14.14 -22.64 74.65
C GLU K 375 -14.32 -23.49 73.39
N ILE K 376 -13.63 -24.62 73.40
CA ILE K 376 -13.82 -25.61 72.36
C ILE K 376 -15.27 -25.97 72.22
N SER K 377 -15.98 -26.07 73.34
CA SER K 377 -17.38 -26.49 73.30
C SER K 377 -18.29 -25.46 72.63
N MET K 378 -17.73 -24.47 71.94
CA MET K 378 -18.57 -23.49 71.27
C MET K 378 -18.69 -23.73 69.78
N ALA K 379 -17.57 -23.87 69.08
CA ALA K 379 -17.53 -23.79 67.62
C ALA K 379 -17.83 -25.13 66.96
N THR K 380 -17.74 -25.15 65.63
CA THR K 380 -18.05 -26.30 64.81
C THR K 380 -16.77 -26.98 64.33
N ASN K 381 -16.91 -28.24 63.90
CA ASN K 381 -15.77 -29.03 63.45
C ASN K 381 -15.05 -28.39 62.27
N TYR K 382 -15.81 -27.77 61.37
CA TYR K 382 -15.24 -26.91 60.36
C TYR K 382 -14.16 -26.01 60.94
N ASP K 383 -14.50 -25.27 61.99
CA ASP K 383 -13.56 -24.34 62.61
C ASP K 383 -12.32 -25.06 63.10
N LEU K 384 -12.50 -26.24 63.68
CA LEU K 384 -11.37 -26.98 64.25
C LEU K 384 -10.42 -27.39 63.15
N SER K 385 -10.98 -27.84 62.03
CA SER K 385 -10.15 -28.08 60.86
C SER K 385 -9.44 -26.82 60.42
N VAL K 386 -10.16 -25.70 60.37
CA VAL K 386 -9.58 -24.46 59.85
C VAL K 386 -8.37 -24.07 60.68
N VAL K 387 -8.51 -24.18 62.00
CA VAL K 387 -7.43 -23.77 62.88
C VAL K 387 -6.30 -24.78 62.86
N ASN K 388 -6.63 -26.07 62.76
CA ASN K 388 -5.61 -27.08 62.57
C ASN K 388 -4.76 -26.75 61.35
N ALA K 389 -5.40 -26.30 60.28
CA ALA K 389 -4.68 -25.93 59.06
C ALA K 389 -3.82 -24.70 59.29
N ARG K 390 -4.44 -23.60 59.70
CA ARG K 390 -3.72 -22.35 59.85
C ARG K 390 -2.52 -22.48 60.77
N LEU K 391 -2.53 -23.45 61.69
CA LEU K 391 -1.56 -23.49 62.76
C LEU K 391 -0.61 -24.67 62.62
N ARG K 392 0.60 -24.49 63.17
CA ARG K 392 1.65 -25.50 63.22
C ARG K 392 2.44 -25.27 64.50
N ALA K 393 2.65 -26.33 65.28
CA ALA K 393 3.33 -26.16 66.55
C ALA K 393 3.73 -27.50 67.13
N LYS K 394 3.67 -27.56 68.46
CA LYS K 394 4.17 -28.68 69.23
C LYS K 394 3.09 -29.36 70.06
N HIS K 395 2.18 -28.60 70.66
CA HIS K 395 1.15 -29.17 71.53
C HIS K 395 -0.06 -28.28 71.45
N TYR K 396 -1.23 -28.87 71.39
CA TYR K 396 -2.45 -28.14 71.07
C TYR K 396 -3.48 -28.31 72.17
N VAL K 397 -3.74 -27.24 72.89
CA VAL K 397 -4.51 -27.28 74.12
C VAL K 397 -5.94 -26.83 73.83
N TYR K 398 -6.88 -27.74 74.03
CA TYR K 398 -8.26 -27.48 73.68
C TYR K 398 -9.13 -27.60 74.92
N ILE K 399 -9.50 -26.45 75.46
CA ILE K 399 -10.16 -26.42 76.75
C ILE K 399 -11.63 -26.09 76.56
N GLY K 400 -12.47 -26.77 77.30
CA GLY K 400 -13.89 -26.50 77.25
C GLY K 400 -14.65 -27.48 78.12
N ASP K 401 -15.94 -27.17 78.27
CA ASP K 401 -16.88 -27.97 79.01
C ASP K 401 -18.23 -27.90 78.31
N PRO K 402 -18.62 -28.93 77.55
CA PRO K 402 -19.84 -28.83 76.75
C PRO K 402 -21.09 -28.51 77.54
N ALA K 403 -21.02 -28.45 78.86
CA ALA K 403 -22.12 -27.80 79.57
C ALA K 403 -22.12 -26.30 79.35
N GLN K 404 -21.10 -25.76 78.69
CA GLN K 404 -21.09 -24.37 78.27
C GLN K 404 -21.68 -24.30 76.86
N LEU K 405 -22.45 -23.28 76.61
CA LEU K 405 -23.20 -23.27 75.36
C LEU K 405 -22.27 -23.22 74.17
N PRO K 406 -22.72 -23.68 73.03
CA PRO K 406 -21.86 -23.70 71.85
C PRO K 406 -22.22 -22.66 70.81
N ALA K 407 -22.14 -23.07 69.56
CA ALA K 407 -22.43 -22.18 68.45
C ALA K 407 -23.89 -21.76 68.47
N PRO K 408 -24.22 -20.65 67.80
CA PRO K 408 -25.63 -20.31 67.59
C PRO K 408 -26.35 -21.40 66.84
N ARG K 409 -25.76 -21.84 65.72
CA ARG K 409 -26.36 -22.83 64.84
C ARG K 409 -27.78 -22.41 64.47
N THR K 410 -27.93 -21.13 64.14
CA THR K 410 -29.25 -20.56 63.89
C THR K 410 -29.98 -21.28 62.76
N LEU K 411 -29.29 -22.16 62.04
CA LEU K 411 -30.00 -23.13 61.22
C LEU K 411 -30.57 -24.26 62.06
N LEU K 412 -29.83 -24.76 63.06
CA LEU K 412 -30.35 -25.79 63.94
C LEU K 412 -31.53 -25.24 64.74
N THR K 413 -32.74 -25.66 64.34
CA THR K 413 -33.95 -25.09 64.90
C THR K 413 -34.84 -26.12 65.56
N LYS K 414 -35.03 -27.28 64.92
CA LYS K 414 -35.88 -28.35 65.44
C LYS K 414 -35.01 -29.56 65.69
N GLY K 415 -35.14 -30.14 66.88
CA GLY K 415 -34.23 -31.22 67.21
C GLY K 415 -32.83 -30.71 67.43
N THR K 416 -32.57 -30.30 68.67
CA THR K 416 -31.32 -29.66 69.05
C THR K 416 -30.15 -30.62 68.83
N LEU K 417 -28.96 -30.13 69.15
CA LEU K 417 -27.77 -30.96 69.13
C LEU K 417 -27.54 -31.53 70.52
N GLU K 418 -26.79 -32.60 70.59
CA GLU K 418 -26.48 -33.20 71.86
C GLU K 418 -24.98 -33.11 72.13
N PRO K 419 -24.57 -33.20 73.40
CA PRO K 419 -23.33 -32.53 73.81
C PRO K 419 -22.11 -32.84 72.97
N GLU K 420 -21.62 -34.08 73.01
CA GLU K 420 -20.42 -34.41 72.25
C GLU K 420 -20.57 -34.13 70.77
N TYR K 421 -21.79 -34.25 70.26
CA TYR K 421 -22.05 -34.04 68.84
C TYR K 421 -21.92 -32.58 68.43
N PHE K 422 -21.49 -31.71 69.34
CA PHE K 422 -21.21 -30.34 68.95
C PHE K 422 -20.05 -30.30 67.96
N ASN K 423 -18.94 -30.94 68.31
CA ASN K 423 -17.80 -30.99 67.43
C ASN K 423 -16.94 -32.19 67.84
N SER K 424 -15.71 -32.24 67.33
CA SER K 424 -14.88 -33.42 67.53
C SER K 424 -14.38 -33.52 68.96
N VAL K 425 -13.70 -32.48 69.46
CA VAL K 425 -13.13 -32.57 70.80
C VAL K 425 -14.22 -32.64 71.85
N CYS K 426 -15.43 -32.20 71.50
CA CYS K 426 -16.58 -32.50 72.36
C CYS K 426 -16.79 -34.00 72.48
N ARG K 427 -16.68 -34.70 71.35
CA ARG K 427 -16.64 -36.16 71.39
C ARG K 427 -15.48 -36.63 72.26
N LEU K 428 -14.32 -35.99 72.12
CA LEU K 428 -13.15 -36.41 72.90
C LEU K 428 -13.44 -36.36 74.39
N MET K 429 -13.81 -35.18 74.90
CA MET K 429 -14.05 -35.01 76.33
C MET K 429 -15.24 -35.82 76.81
N LYS K 430 -16.35 -35.81 76.07
CA LYS K 430 -17.50 -36.62 76.48
C LYS K 430 -17.18 -38.10 76.49
N THR K 431 -16.13 -38.51 75.77
CA THR K 431 -15.71 -39.90 75.76
C THR K 431 -14.38 -40.09 76.48
N ILE K 432 -13.29 -39.70 75.83
CA ILE K 432 -11.95 -39.95 76.34
C ILE K 432 -11.65 -38.95 77.45
N GLY K 433 -12.64 -38.16 77.82
CA GLY K 433 -12.47 -37.18 78.86
C GLY K 433 -11.58 -36.06 78.41
N PRO K 434 -11.30 -35.12 79.30
CA PRO K 434 -10.29 -34.10 79.00
C PRO K 434 -8.91 -34.74 78.93
N ASP K 435 -7.90 -33.89 78.96
CA ASP K 435 -6.58 -34.44 79.14
C ASP K 435 -6.02 -34.08 80.50
N MET K 436 -6.60 -33.08 81.17
CA MET K 436 -6.30 -32.73 82.55
C MET K 436 -7.57 -32.32 83.26
N PHE K 437 -7.47 -32.07 84.56
CA PHE K 437 -8.68 -31.68 85.28
C PHE K 437 -8.33 -30.89 86.53
N LEU K 438 -9.17 -29.89 86.81
CA LEU K 438 -9.29 -29.26 88.12
C LEU K 438 -10.76 -28.87 88.29
N GLY K 439 -11.31 -29.12 89.47
CA GLY K 439 -12.75 -29.08 89.60
C GLY K 439 -13.37 -28.28 90.73
N THR K 440 -13.05 -26.99 90.83
CA THR K 440 -13.75 -26.08 91.74
C THR K 440 -13.34 -24.65 91.42
N CYS K 441 -14.12 -23.69 91.91
CA CYS K 441 -14.01 -22.31 91.44
C CYS K 441 -13.32 -21.42 92.47
N ARG K 442 -13.15 -20.17 92.11
CA ARG K 442 -12.87 -19.09 93.06
C ARG K 442 -13.81 -17.93 92.86
N ARG K 443 -14.93 -18.14 92.16
CA ARG K 443 -15.48 -17.07 91.34
C ARG K 443 -16.98 -16.83 91.48
N CYS K 444 -17.75 -17.68 92.15
CA CYS K 444 -19.19 -17.43 92.16
C CYS K 444 -19.83 -17.95 93.43
N PRO K 445 -20.94 -17.32 93.88
CA PRO K 445 -21.53 -17.65 95.18
C PRO K 445 -21.94 -19.09 95.41
N ALA K 446 -22.40 -19.40 96.61
CA ALA K 446 -22.77 -20.76 96.97
C ALA K 446 -24.21 -21.09 96.66
N GLU K 447 -25.14 -20.21 97.01
CA GLU K 447 -26.53 -20.43 96.63
C GLU K 447 -26.66 -20.51 95.12
N ILE K 448 -25.84 -19.76 94.39
CA ILE K 448 -25.93 -19.74 92.93
C ILE K 448 -25.40 -21.05 92.37
N VAL K 449 -24.39 -21.64 93.00
CA VAL K 449 -23.94 -22.93 92.50
C VAL K 449 -24.92 -24.01 92.93
N ASP K 450 -25.68 -23.78 94.00
CA ASP K 450 -26.81 -24.67 94.29
C ASP K 450 -27.87 -24.57 93.20
N THR K 451 -28.08 -23.36 92.69
CA THR K 451 -28.98 -23.19 91.55
C THR K 451 -28.48 -23.99 90.36
N VAL K 452 -27.23 -23.78 89.96
CA VAL K 452 -26.70 -24.39 88.75
C VAL K 452 -26.50 -25.89 88.91
N SER K 453 -26.51 -26.39 90.15
CA SER K 453 -26.19 -27.80 90.38
C SER K 453 -27.38 -28.74 90.24
N ALA K 454 -28.61 -28.24 90.38
CA ALA K 454 -29.79 -29.08 90.17
C ALA K 454 -30.34 -28.97 88.76
N LEU K 455 -29.80 -28.07 87.95
CA LEU K 455 -30.24 -27.84 86.58
C LEU K 455 -29.28 -28.49 85.58
N VAL K 456 -28.44 -27.68 84.94
CA VAL K 456 -27.50 -28.21 83.95
C VAL K 456 -26.49 -29.15 84.58
N TYR K 457 -25.58 -28.62 85.40
CA TYR K 457 -24.61 -29.47 86.09
C TYR K 457 -25.30 -30.36 87.11
N ASP K 458 -24.57 -31.32 87.64
CA ASP K 458 -25.03 -32.07 88.79
C ASP K 458 -24.68 -31.34 90.08
N ASN K 459 -25.30 -31.77 91.18
CA ASN K 459 -24.96 -31.27 92.50
C ASN K 459 -23.49 -31.52 92.78
N LYS K 460 -22.91 -32.51 92.10
CA LYS K 460 -21.48 -32.78 92.22
C LYS K 460 -20.61 -31.56 91.95
N LEU K 461 -21.10 -30.55 91.22
CA LEU K 461 -20.36 -29.31 91.07
C LEU K 461 -20.48 -28.48 92.34
N LYS K 462 -19.33 -28.27 92.99
CA LYS K 462 -19.25 -27.51 94.25
C LYS K 462 -18.07 -26.56 94.12
N ALA K 463 -18.34 -25.26 94.19
CA ALA K 463 -17.34 -24.24 93.95
C ALA K 463 -16.59 -23.88 95.24
N HIS K 464 -16.06 -22.66 95.26
CA HIS K 464 -15.42 -22.13 96.46
C HIS K 464 -15.69 -20.63 96.62
N LYS K 465 -16.76 -20.31 97.36
CA LYS K 465 -17.14 -18.94 97.69
C LYS K 465 -18.06 -19.04 98.90
N ASP K 466 -19.10 -18.23 98.91
CA ASP K 466 -20.10 -18.25 99.96
C ASP K 466 -21.44 -17.79 99.40
N LYS K 467 -22.43 -17.74 100.29
CA LYS K 467 -23.61 -16.94 100.01
C LYS K 467 -23.40 -15.55 100.57
N SER K 468 -23.38 -14.56 99.68
CA SER K 468 -23.34 -13.17 100.10
C SER K 468 -24.73 -12.55 100.11
N ALA K 469 -25.73 -13.24 99.57
CA ALA K 469 -27.09 -12.73 99.50
C ALA K 469 -27.17 -11.45 98.67
N GLN K 470 -26.34 -11.36 97.63
CA GLN K 470 -26.46 -10.28 96.65
C GLN K 470 -27.18 -10.84 95.43
N CYS K 471 -28.15 -11.72 95.67
CA CYS K 471 -28.87 -12.39 94.61
C CYS K 471 -30.35 -12.34 94.95
N PHE K 472 -31.15 -11.72 94.08
CA PHE K 472 -32.56 -11.52 94.34
C PHE K 472 -33.33 -11.67 93.03
N LYS K 473 -34.63 -11.95 93.17
CA LYS K 473 -35.47 -12.25 92.02
C LYS K 473 -36.55 -11.18 91.84
N MET K 474 -37.44 -11.44 90.90
CA MET K 474 -38.80 -10.88 90.80
C MET K 474 -39.53 -11.67 89.73
N PHE K 475 -40.80 -11.34 89.52
CA PHE K 475 -41.58 -12.08 88.53
C PHE K 475 -42.52 -11.17 87.74
N TYR K 476 -42.28 -9.86 87.78
CA TYR K 476 -43.23 -8.92 87.21
C TYR K 476 -43.05 -8.76 85.70
N LYS K 477 -44.15 -8.47 85.01
CA LYS K 477 -44.23 -8.35 83.56
C LYS K 477 -44.91 -7.05 83.15
N GLY K 478 -45.05 -6.81 81.86
CA GLY K 478 -45.69 -5.60 81.37
C GLY K 478 -45.53 -5.49 79.85
N VAL K 479 -44.72 -4.52 79.45
CA VAL K 479 -44.53 -4.23 78.03
C VAL K 479 -43.54 -5.21 77.42
N ILE K 480 -43.87 -5.72 76.24
CA ILE K 480 -42.92 -6.42 75.37
C ILE K 480 -43.26 -5.98 73.95
N THR K 481 -42.71 -4.84 73.54
CA THR K 481 -42.97 -4.35 72.19
C THR K 481 -42.42 -5.31 71.15
N HIS K 482 -41.16 -5.73 71.33
CA HIS K 482 -40.42 -6.58 70.40
C HIS K 482 -40.18 -5.85 69.08
N ASP K 483 -39.11 -6.23 68.37
CA ASP K 483 -38.81 -5.57 67.12
C ASP K 483 -38.54 -6.57 66.00
N VAL K 484 -37.28 -6.95 65.78
CA VAL K 484 -36.97 -7.99 64.81
C VAL K 484 -35.95 -8.96 65.40
N SER K 485 -36.43 -10.12 65.86
CA SER K 485 -35.58 -11.21 66.35
C SER K 485 -34.69 -10.77 67.51
N SER K 486 -35.24 -9.91 68.36
CA SER K 486 -34.59 -9.51 69.61
C SER K 486 -35.53 -8.62 70.42
N ALA K 487 -36.34 -9.22 71.29
CA ALA K 487 -37.39 -8.50 72.00
C ALA K 487 -36.89 -7.94 73.32
N ILE K 488 -37.53 -6.85 73.75
CA ILE K 488 -37.04 -5.98 74.81
C ILE K 488 -38.07 -5.93 75.93
N ASN K 489 -37.67 -5.34 77.05
CA ASN K 489 -38.57 -5.05 78.16
C ASN K 489 -38.47 -3.56 78.44
N ARG K 490 -39.61 -2.92 78.73
CA ARG K 490 -39.57 -1.55 79.21
C ARG K 490 -39.92 -1.43 80.70
N PRO K 491 -41.01 -2.02 81.20
CA PRO K 491 -41.34 -1.78 82.61
C PRO K 491 -40.47 -2.57 83.56
N GLN K 492 -40.04 -3.77 83.17
CA GLN K 492 -39.07 -4.48 84.00
C GLN K 492 -37.78 -3.71 84.11
N ILE K 493 -37.29 -3.16 82.99
CA ILE K 493 -36.03 -2.42 83.03
C ILE K 493 -36.21 -1.07 83.69
N GLY K 494 -37.45 -0.53 83.71
CA GLY K 494 -37.69 0.73 84.40
C GLY K 494 -37.81 0.58 85.90
N VAL K 495 -38.44 -0.51 86.34
CA VAL K 495 -38.31 -0.91 87.73
C VAL K 495 -36.85 -1.14 88.09
N VAL K 496 -36.06 -1.66 87.14
CA VAL K 496 -34.61 -1.75 87.37
C VAL K 496 -33.98 -0.36 87.47
N ARG K 497 -34.47 0.60 86.68
CA ARG K 497 -33.90 1.96 86.71
C ARG K 497 -34.14 2.61 88.06
N GLU K 498 -35.35 2.47 88.60
CA GLU K 498 -35.57 2.93 89.96
C GLU K 498 -34.87 2.05 90.98
N PHE K 499 -34.67 0.77 90.66
CA PHE K 499 -33.96 -0.19 91.50
C PHE K 499 -32.47 0.09 91.55
N LEU K 500 -31.98 0.91 90.63
CA LEU K 500 -30.61 1.36 90.56
C LEU K 500 -30.35 2.27 91.75
N THR K 501 -31.44 2.72 92.37
CA THR K 501 -31.33 3.51 93.59
C THR K 501 -31.43 2.63 94.84
N ARG K 502 -31.77 1.35 94.69
CA ARG K 502 -32.12 0.55 95.85
C ARG K 502 -30.91 0.08 96.64
N ASN K 503 -30.02 -0.71 96.05
CA ASN K 503 -28.88 -1.23 96.79
C ASN K 503 -27.60 -0.73 96.15
N PRO K 504 -26.68 -0.19 96.96
CA PRO K 504 -25.55 0.58 96.39
C PRO K 504 -24.69 -0.25 95.44
N ALA K 505 -24.24 -1.40 95.94
CA ALA K 505 -23.27 -2.21 95.20
C ALA K 505 -23.74 -2.50 93.79
N TRP K 506 -24.98 -2.15 93.47
CA TRP K 506 -25.54 -2.32 92.14
C TRP K 506 -25.60 -1.03 91.33
N ARG K 507 -24.53 -0.23 91.30
CA ARG K 507 -24.43 0.79 90.25
C ARG K 507 -23.40 0.40 89.20
N LYS K 508 -22.80 -0.79 89.33
CA LYS K 508 -21.88 -1.35 88.34
C LYS K 508 -22.21 -2.79 87.97
N ALA K 509 -23.48 -3.13 87.80
CA ALA K 509 -23.81 -4.46 87.36
C ALA K 509 -23.53 -4.62 85.87
N VAL K 510 -24.11 -5.65 85.26
CA VAL K 510 -24.05 -5.85 83.82
C VAL K 510 -25.41 -6.31 83.34
N PHE K 511 -26.03 -5.54 82.45
CA PHE K 511 -27.36 -5.87 81.95
C PHE K 511 -27.29 -7.06 80.98
N ILE K 512 -27.86 -8.18 81.43
CA ILE K 512 -27.83 -9.42 80.67
C ILE K 512 -29.25 -9.97 80.61
N SER K 513 -29.59 -10.55 79.47
CA SER K 513 -30.89 -11.11 79.19
C SER K 513 -30.77 -11.77 77.82
N PRO K 514 -31.48 -12.88 77.60
CA PRO K 514 -31.30 -13.64 76.35
C PRO K 514 -31.78 -12.93 75.09
N TYR K 515 -31.48 -11.65 74.90
CA TYR K 515 -31.81 -10.95 73.66
C TYR K 515 -30.75 -9.91 73.33
N ASN K 516 -30.64 -9.60 72.03
CA ASN K 516 -29.66 -8.63 71.55
C ASN K 516 -30.21 -7.21 71.58
N SER K 517 -31.21 -6.91 70.74
CA SER K 517 -31.76 -5.56 70.70
C SER K 517 -32.33 -5.15 72.05
N GLN K 518 -32.70 -6.13 72.88
CA GLN K 518 -33.07 -5.82 74.25
C GLN K 518 -31.94 -5.11 74.98
N ASN K 519 -30.76 -5.74 75.02
CA ASN K 519 -29.63 -5.14 75.71
C ASN K 519 -29.14 -3.90 74.97
N ALA K 520 -29.43 -3.81 73.67
CA ALA K 520 -29.11 -2.60 72.92
C ALA K 520 -29.96 -1.42 73.40
N VAL K 521 -31.27 -1.61 73.49
CA VAL K 521 -32.14 -0.60 74.05
C VAL K 521 -31.77 -0.33 75.51
N ALA K 522 -31.22 -1.33 76.21
CA ALA K 522 -30.81 -1.14 77.60
C ALA K 522 -29.84 0.03 77.77
N SER K 523 -29.06 0.34 76.73
CA SER K 523 -28.22 1.53 76.78
C SER K 523 -29.07 2.79 76.76
N LYS K 524 -30.20 2.76 76.04
CA LYS K 524 -31.15 3.86 76.08
C LYS K 524 -31.90 3.89 77.41
N ILE K 525 -31.95 2.76 78.10
CA ILE K 525 -32.74 2.64 79.32
C ILE K 525 -32.18 3.53 80.42
N LEU K 526 -31.00 3.19 80.95
CA LEU K 526 -30.36 4.08 81.91
C LEU K 526 -28.88 4.26 81.66
N GLY K 527 -28.32 3.71 80.59
CA GLY K 527 -26.89 3.76 80.37
C GLY K 527 -26.15 2.81 81.30
N LEU K 528 -26.75 1.65 81.51
CA LEU K 528 -26.41 0.49 82.33
C LEU K 528 -25.40 -0.40 81.61
N PRO K 529 -24.36 -0.87 82.28
CA PRO K 529 -23.47 -1.86 81.65
C PRO K 529 -24.29 -3.09 81.26
N THR K 530 -24.01 -3.61 80.06
CA THR K 530 -24.84 -4.67 79.52
C THR K 530 -23.96 -5.76 78.90
N GLN K 531 -24.64 -6.77 78.37
CA GLN K 531 -24.03 -7.97 77.79
C GLN K 531 -25.18 -8.85 77.33
N THR K 532 -25.13 -9.27 76.08
CA THR K 532 -26.05 -10.32 75.68
C THR K 532 -25.52 -11.62 76.25
N VAL K 533 -26.45 -12.52 76.58
CA VAL K 533 -26.11 -13.70 77.37
C VAL K 533 -24.88 -14.39 76.78
N ASP K 534 -24.81 -14.47 75.45
CA ASP K 534 -23.67 -15.10 74.81
C ASP K 534 -22.41 -14.27 75.00
N SER K 535 -22.53 -12.94 74.90
CA SER K 535 -21.37 -12.08 75.05
C SER K 535 -20.75 -12.17 76.44
N SER K 536 -21.35 -12.92 77.35
CA SER K 536 -20.73 -13.21 78.63
C SER K 536 -19.89 -14.47 78.53
N GLN K 537 -20.22 -15.49 79.33
CA GLN K 537 -19.71 -16.85 79.20
C GLN K 537 -18.27 -16.98 79.69
N GLY K 538 -17.98 -18.03 80.48
CA GLY K 538 -16.65 -18.30 80.97
C GLY K 538 -16.08 -17.27 81.90
N SER K 539 -16.39 -15.99 81.70
CA SER K 539 -15.85 -14.87 82.46
C SER K 539 -16.33 -14.93 83.89
N GLU K 540 -15.98 -13.88 84.65
CA GLU K 540 -16.58 -13.66 85.96
C GLU K 540 -16.50 -12.19 86.30
N TYR K 541 -17.65 -11.56 86.43
CA TYR K 541 -17.78 -10.19 86.88
C TYR K 541 -18.61 -10.21 88.17
N ASP K 542 -18.64 -9.08 88.88
CA ASP K 542 -19.31 -9.08 90.17
C ASP K 542 -20.83 -9.20 90.01
N TYR K 543 -21.46 -8.20 89.40
CA TYR K 543 -22.91 -8.08 89.40
C TYR K 543 -23.44 -8.18 87.97
N VAL K 544 -24.57 -8.85 87.81
CA VAL K 544 -25.27 -8.91 86.55
C VAL K 544 -26.75 -8.67 86.79
N ILE K 545 -27.26 -7.60 86.21
CA ILE K 545 -28.69 -7.31 86.16
C ILE K 545 -29.29 -8.16 85.05
N PHE K 546 -29.78 -9.34 85.40
CA PHE K 546 -30.48 -10.19 84.46
C PHE K 546 -31.96 -9.82 84.44
N THR K 547 -32.43 -9.46 83.26
CA THR K 547 -33.86 -9.18 83.08
C THR K 547 -34.39 -10.13 82.03
N GLN K 548 -34.52 -11.39 82.41
CA GLN K 548 -35.13 -12.38 81.53
C GLN K 548 -36.48 -11.86 81.06
N THR K 549 -36.51 -11.40 79.82
CA THR K 549 -37.66 -10.65 79.34
C THR K 549 -38.73 -11.61 78.83
N THR K 550 -38.61 -12.05 77.58
CA THR K 550 -39.63 -12.87 76.98
C THR K 550 -39.55 -14.26 77.60
N GLU K 551 -40.44 -15.14 77.13
CA GLU K 551 -40.53 -16.48 77.68
C GLU K 551 -40.61 -17.51 76.56
N THR K 552 -39.79 -17.31 75.54
CA THR K 552 -39.47 -18.33 74.55
C THR K 552 -38.34 -19.20 75.09
N ALA K 553 -38.10 -20.32 74.41
CA ALA K 553 -37.05 -21.24 74.85
C ALA K 553 -35.68 -20.56 74.83
N HIS K 554 -35.42 -19.76 73.80
CA HIS K 554 -34.19 -18.99 73.77
C HIS K 554 -34.15 -17.98 74.91
N SER K 555 -35.32 -17.62 75.43
CA SER K 555 -35.39 -16.67 76.52
C SER K 555 -35.38 -17.33 77.89
N CYS K 556 -35.78 -18.60 77.99
CA CYS K 556 -35.83 -19.27 79.28
C CYS K 556 -35.04 -20.57 79.27
N ASN K 557 -34.12 -20.73 78.34
CA ASN K 557 -33.24 -21.89 78.34
C ASN K 557 -32.56 -22.04 79.69
N VAL K 558 -32.40 -23.28 80.12
CA VAL K 558 -31.67 -23.55 81.35
C VAL K 558 -30.20 -23.24 81.17
N ASN K 559 -29.66 -23.45 79.97
CA ASN K 559 -28.24 -23.22 79.75
C ASN K 559 -27.93 -21.74 79.54
N ARG K 560 -28.82 -21.00 78.88
CA ARG K 560 -28.60 -19.57 78.78
C ARG K 560 -28.67 -18.91 80.14
N PHE K 561 -29.63 -19.34 80.97
CA PHE K 561 -29.67 -18.88 82.35
C PHE K 561 -28.41 -19.32 83.11
N ASN K 562 -27.92 -20.53 82.85
CA ASN K 562 -26.77 -20.99 83.59
C ASN K 562 -25.52 -20.18 83.24
N VAL K 563 -25.37 -19.83 81.97
CA VAL K 563 -24.19 -19.06 81.58
C VAL K 563 -24.37 -17.61 81.98
N ALA K 564 -25.60 -17.16 82.20
CA ALA K 564 -25.80 -15.87 82.84
C ALA K 564 -25.38 -15.91 84.30
N ILE K 565 -25.56 -17.06 84.96
CA ILE K 565 -25.32 -17.10 86.42
C ILE K 565 -23.95 -17.67 86.77
N THR K 566 -23.19 -18.15 85.79
CA THR K 566 -21.89 -18.72 86.10
C THR K 566 -20.80 -17.67 86.09
N ARG K 567 -21.18 -16.41 85.93
CA ARG K 567 -20.24 -15.32 85.73
C ARG K 567 -20.27 -14.32 86.87
N ALA K 568 -21.10 -14.53 87.88
CA ALA K 568 -21.25 -13.58 88.97
C ALA K 568 -20.19 -13.81 90.03
N LYS K 569 -19.26 -12.87 90.12
CA LYS K 569 -18.28 -12.88 91.21
C LYS K 569 -18.95 -12.74 92.57
N VAL K 570 -20.03 -11.96 92.65
CA VAL K 570 -20.55 -11.55 93.95
C VAL K 570 -22.06 -11.79 94.06
N GLY K 571 -22.81 -11.61 92.98
CA GLY K 571 -24.26 -11.74 93.06
C GLY K 571 -24.94 -11.49 91.73
N ILE K 572 -26.26 -11.59 91.74
CA ILE K 572 -27.06 -11.50 90.52
C ILE K 572 -28.35 -10.73 90.79
N LEU K 573 -28.72 -9.88 89.85
CA LEU K 573 -30.10 -9.43 89.71
C LEU K 573 -30.74 -10.27 88.63
N CYS K 574 -31.97 -10.70 88.85
CA CYS K 574 -32.67 -11.55 87.91
C CYS K 574 -34.16 -11.53 88.24
N ILE K 575 -34.88 -10.63 87.57
CA ILE K 575 -36.32 -10.49 87.73
C ILE K 575 -37.02 -11.48 86.83
N MET K 576 -37.36 -12.65 87.39
CA MET K 576 -37.46 -13.89 86.63
C MET K 576 -38.61 -13.98 85.64
N SER K 577 -38.80 -15.18 85.06
CA SER K 577 -39.64 -15.41 83.88
C SER K 577 -40.57 -16.60 84.03
N ASP K 578 -40.00 -17.77 84.28
CA ASP K 578 -40.80 -18.97 84.51
C ASP K 578 -40.96 -19.21 86.01
N ARG K 579 -42.19 -19.06 86.51
CA ARG K 579 -42.45 -19.20 87.94
C ARG K 579 -41.87 -20.51 88.47
N ASP K 580 -41.99 -21.58 87.69
CA ASP K 580 -41.23 -22.78 88.04
C ASP K 580 -39.77 -22.45 88.22
N LEU K 581 -39.13 -21.89 87.19
CA LEU K 581 -37.73 -21.50 87.31
C LEU K 581 -37.58 -20.32 88.26
N TYR K 582 -38.52 -19.37 88.21
CA TYR K 582 -38.49 -18.22 89.12
C TYR K 582 -38.40 -18.65 90.57
N ASP K 583 -38.88 -19.84 90.89
CA ASP K 583 -38.67 -20.37 92.22
C ASP K 583 -37.54 -21.39 92.25
N LYS K 584 -37.06 -21.83 91.08
CA LYS K 584 -35.91 -22.73 91.08
C LYS K 584 -34.67 -22.05 91.67
N LEU K 585 -34.50 -20.75 91.43
CA LEU K 585 -33.44 -19.97 92.06
C LEU K 585 -34.01 -19.33 93.32
N GLN K 586 -33.19 -19.28 94.37
CA GLN K 586 -33.68 -19.21 95.74
C GLN K 586 -33.28 -17.92 96.42
N PHE K 587 -34.09 -16.87 96.22
CA PHE K 587 -33.79 -15.54 96.76
C PHE K 587 -35.04 -14.84 97.26
N THR K 588 -34.94 -13.53 97.50
CA THR K 588 -36.08 -12.67 97.78
C THR K 588 -36.30 -11.75 96.57
N SER K 589 -37.53 -11.29 96.38
CA SER K 589 -37.88 -10.76 95.07
C SER K 589 -38.24 -9.28 95.07
N LEU K 590 -39.33 -8.90 95.74
CA LEU K 590 -39.96 -7.56 95.67
C LEU K 590 -40.63 -7.33 94.31
#